data_2Q4Q
#
_entry.id   2Q4Q
#
_cell.length_a   45.912
_cell.length_b   57.731
_cell.length_c   89.195
_cell.angle_alpha   90.000
_cell.angle_beta   90.000
_cell.angle_gamma   90.000
#
_symmetry.space_group_name_H-M   'P 21 21 21'
#
loop_
_entity.id
_entity.type
_entity.pdbx_description
1 polymer 'UPF0366 protein C11orf67'
2 water water
#
_entity_poly.entity_id   1
_entity_poly.type   'polypeptide(L)'
_entity_poly.pdbx_seq_one_letter_code
;STSPEIASLSWGQ(MSE)KVKGSNTTYKDCKVWPGGSRTWDWRETGTEHSPGVQPADVKEVVEKGVQTLVIGRG(MSE)S
EALKVPSSTVEYLKKHGIDVRVLQTEQAVKEYNALVAQGVRVGGVFHSTC
;
_entity_poly.pdbx_strand_id   A,B
#
# COMPACT_ATOMS: atom_id res chain seq x y z
N SER A 1 -1.88 18.25 -3.85
CA SER A 1 -1.18 18.27 -2.54
C SER A 1 -0.32 17.02 -2.33
N THR A 2 -0.86 16.05 -1.59
CA THR A 2 -0.12 14.83 -1.31
C THR A 2 -0.71 13.62 -2.03
N SER A 3 0.10 12.57 -2.18
CA SER A 3 -0.32 11.34 -2.85
C SER A 3 -1.11 10.43 -1.92
N PRO A 4 -2.37 10.10 -2.31
CA PRO A 4 -3.27 9.24 -1.55
C PRO A 4 -2.91 7.77 -1.64
N GLU A 5 -3.72 6.94 -0.98
CA GLU A 5 -3.49 5.50 -0.99
C GLU A 5 -4.56 4.80 -1.82
N ILE A 6 -4.16 3.77 -2.55
CA ILE A 6 -5.11 2.99 -3.33
C ILE A 6 -5.52 1.86 -2.38
N ALA A 7 -6.53 2.14 -1.58
CA ALA A 7 -7.06 1.23 -0.57
C ALA A 7 -7.29 -0.22 -0.99
N SER A 8 -7.96 -0.44 -2.12
CA SER A 8 -8.21 -1.81 -2.57
C SER A 8 -8.32 -1.95 -4.08
N LEU A 9 -7.96 -3.13 -4.58
CA LEU A 9 -8.01 -3.41 -6.01
C LEU A 9 -8.51 -4.82 -6.32
N SER A 10 -9.58 -4.90 -7.10
CA SER A 10 -10.17 -6.17 -7.52
C SER A 10 -10.67 -5.96 -8.95
N TRP A 11 -11.02 -7.03 -9.63
CA TRP A 11 -11.47 -6.92 -11.01
C TRP A 11 -12.53 -5.86 -11.24
N GLY A 12 -12.24 -4.94 -12.15
CA GLY A 12 -13.19 -3.87 -12.47
C GLY A 12 -13.57 -2.97 -11.31
N GLN A 13 -12.68 -2.84 -10.33
CA GLN A 13 -12.96 -1.99 -9.18
C GLN A 13 -11.68 -1.61 -8.44
N LYS A 15 -10.09 1.20 -5.17
CA LYS A 15 -10.41 2.07 -4.05
C LYS A 15 -9.22 2.97 -3.73
N VAL A 16 -9.51 4.25 -3.54
CA VAL A 16 -8.51 5.25 -3.21
C VAL A 16 -8.91 5.89 -1.89
N LYS A 17 -8.09 5.72 -0.86
CA LYS A 17 -8.39 6.33 0.43
C LYS A 17 -8.46 7.85 0.21
N GLY A 18 -9.61 8.42 0.55
CA GLY A 18 -9.78 9.85 0.37
C GLY A 18 -10.92 10.21 -0.56
N SER A 19 -11.31 9.24 -1.39
CA SER A 19 -12.39 9.45 -2.34
C SER A 19 -13.75 8.95 -1.83
N ASN A 20 -14.81 9.68 -2.14
CA ASN A 20 -16.15 9.29 -1.72
C ASN A 20 -16.65 8.21 -2.68
N THR A 21 -15.80 7.82 -3.63
CA THR A 21 -16.21 6.81 -4.61
C THR A 21 -15.13 5.83 -5.05
N THR A 22 -15.57 4.59 -5.30
CA THR A 22 -14.69 3.54 -5.78
C THR A 22 -15.04 3.41 -7.26
N TYR A 23 -14.10 3.79 -8.12
CA TYR A 23 -14.30 3.75 -9.57
C TYR A 23 -14.00 2.38 -10.14
N LYS A 24 -13.89 2.33 -11.47
CA LYS A 24 -13.56 1.09 -12.15
C LYS A 24 -12.09 1.26 -12.54
N ASP A 25 -11.83 2.28 -13.36
CA ASP A 25 -10.49 2.65 -13.80
C ASP A 25 -10.28 4.03 -13.20
N CYS A 26 -9.07 4.37 -12.79
CA CYS A 26 -8.85 5.68 -12.19
C CYS A 26 -7.53 6.38 -12.44
N LYS A 27 -7.49 7.65 -12.06
CA LYS A 27 -6.32 8.51 -12.17
C LYS A 27 -5.98 8.97 -10.76
N VAL A 28 -4.69 9.01 -10.43
CA VAL A 28 -4.26 9.42 -9.11
C VAL A 28 -3.07 10.39 -9.17
N TRP A 29 -2.98 11.30 -8.21
CA TRP A 29 -1.90 12.30 -8.19
C TRP A 29 -1.88 13.03 -6.84
N PRO A 30 -0.78 13.75 -6.55
CA PRO A 30 -0.73 14.48 -5.28
C PRO A 30 -1.92 15.42 -5.19
N GLY A 31 -2.82 15.15 -4.24
CA GLY A 31 -4.00 15.98 -4.08
C GLY A 31 -5.30 15.20 -4.12
N GLY A 32 -5.38 14.24 -5.04
CA GLY A 32 -6.60 13.45 -5.13
C GLY A 32 -6.55 12.36 -6.18
N SER A 33 -7.65 12.20 -6.89
CA SER A 33 -7.78 11.19 -7.92
C SER A 33 -8.91 11.58 -8.84
N ARG A 34 -9.36 10.65 -9.66
CA ARG A 34 -10.46 10.93 -10.58
C ARG A 34 -10.76 9.71 -11.43
N THR A 35 -12.02 9.59 -11.84
CA THR A 35 -12.42 8.47 -12.67
C THR A 35 -11.71 8.58 -14.00
N TRP A 36 -11.26 7.45 -14.52
CA TRP A 36 -10.58 7.42 -15.81
C TRP A 36 -11.52 6.79 -16.84
N ASP A 37 -12.25 7.63 -17.55
CA ASP A 37 -13.19 7.18 -18.58
C ASP A 37 -12.50 7.35 -19.94
N TRP A 38 -12.17 6.24 -20.58
CA TRP A 38 -11.49 6.26 -21.87
C TRP A 38 -12.24 7.08 -22.91
N ARG A 39 -13.57 7.07 -22.84
CA ARG A 39 -14.38 7.81 -23.80
C ARG A 39 -14.04 9.30 -23.91
N GLU A 40 -13.61 9.91 -22.81
CA GLU A 40 -13.24 11.33 -22.82
C GLU A 40 -12.16 11.53 -23.87
N THR A 41 -11.44 10.45 -24.20
CA THR A 41 -10.41 10.51 -25.22
C THR A 41 -10.67 9.44 -26.26
N GLY A 42 -11.75 8.69 -26.07
CA GLY A 42 -12.10 7.63 -26.99
C GLY A 42 -11.00 6.60 -27.08
N THR A 43 -10.19 6.54 -26.02
CA THR A 43 -9.07 5.61 -25.95
C THR A 43 -9.50 4.13 -25.98
N GLU A 44 -8.79 3.34 -26.78
CA GLU A 44 -9.04 1.90 -26.91
C GLU A 44 -7.75 1.19 -26.51
N HIS A 45 -7.72 -0.13 -26.63
CA HIS A 45 -6.51 -0.89 -26.31
C HIS A 45 -5.43 -0.54 -27.33
N SER A 46 -5.83 0.23 -28.33
CA SER A 46 -4.95 0.69 -29.41
C SER A 46 -5.59 1.97 -29.94
N PRO A 47 -4.78 3.01 -30.21
CA PRO A 47 -3.33 3.09 -30.03
C PRO A 47 -2.93 2.77 -28.59
N GLY A 48 -3.89 2.95 -27.69
CA GLY A 48 -3.65 2.70 -26.28
C GLY A 48 -3.57 4.00 -25.52
N VAL A 49 -2.91 3.93 -24.37
CA VAL A 49 -2.77 5.10 -23.50
C VAL A 49 -2.30 6.34 -24.28
N GLN A 50 -3.14 7.36 -24.28
CA GLN A 50 -2.82 8.60 -24.99
C GLN A 50 -2.34 9.68 -24.05
N PRO A 51 -1.45 10.57 -24.53
CA PRO A 51 -0.93 11.66 -23.72
C PRO A 51 -2.08 12.39 -23.03
N ALA A 52 -3.21 12.45 -23.72
CA ALA A 52 -4.39 13.12 -23.18
C ALA A 52 -4.93 12.37 -21.97
N ASP A 53 -4.69 11.06 -21.92
CA ASP A 53 -5.15 10.25 -20.80
C ASP A 53 -4.37 10.57 -19.52
N VAL A 54 -3.10 10.92 -19.67
CA VAL A 54 -2.25 11.20 -18.51
C VAL A 54 -1.80 12.65 -18.32
N LYS A 55 -2.23 13.55 -19.18
CA LYS A 55 -1.84 14.96 -19.08
C LYS A 55 -2.33 15.61 -17.77
N GLU A 56 -3.58 15.38 -17.43
CA GLU A 56 -4.19 15.92 -16.22
C GLU A 56 -3.39 15.50 -14.98
N VAL A 57 -2.65 14.41 -15.12
CA VAL A 57 -1.82 13.92 -14.01
C VAL A 57 -0.50 14.66 -14.05
N VAL A 58 0.10 14.73 -15.23
CA VAL A 58 1.36 15.44 -15.41
C VAL A 58 1.26 16.89 -14.92
N GLU A 59 0.15 17.55 -15.27
CA GLU A 59 -0.03 18.94 -14.87
C GLU A 59 -0.33 19.14 -13.39
N LYS A 60 -0.18 18.09 -12.61
CA LYS A 60 -0.41 18.18 -11.17
C LYS A 60 0.92 18.25 -10.41
N GLY A 61 1.98 17.70 -11.01
CA GLY A 61 3.29 17.72 -10.40
C GLY A 61 3.75 16.42 -9.78
N VAL A 62 4.24 15.49 -10.61
CA VAL A 62 4.70 14.21 -10.10
C VAL A 62 6.13 13.91 -10.55
N GLN A 63 6.82 13.06 -9.81
CA GLN A 63 8.18 12.69 -10.15
C GLN A 63 8.09 11.40 -10.95
N THR A 64 7.21 10.52 -10.49
CA THR A 64 6.97 9.24 -11.13
C THR A 64 5.51 9.08 -11.48
N LEU A 65 5.26 8.43 -12.61
CA LEU A 65 3.90 8.16 -13.05
C LEU A 65 3.78 6.66 -13.31
N VAL A 66 2.79 6.05 -12.66
CA VAL A 66 2.59 4.62 -12.83
C VAL A 66 1.38 4.34 -13.71
N ILE A 67 1.60 3.51 -14.72
CA ILE A 67 0.53 3.16 -15.64
C ILE A 67 0.07 1.70 -15.42
N GLY A 68 -1.20 1.55 -15.05
CA GLY A 68 -1.77 0.23 -14.84
C GLY A 68 -2.43 -0.18 -16.15
N ARG A 69 -1.72 -0.98 -16.93
CA ARG A 69 -2.20 -1.41 -18.24
C ARG A 69 -3.09 -2.65 -18.25
N GLY A 70 -3.73 -2.95 -17.13
CA GLY A 70 -4.61 -4.10 -17.09
C GLY A 70 -4.00 -5.35 -16.48
N SER A 72 -3.54 -8.11 -17.95
CA SER A 72 -2.88 -8.91 -18.98
C SER A 72 -2.16 -7.97 -19.94
N GLU A 73 -2.31 -6.68 -19.69
CA GLU A 73 -1.67 -5.65 -20.52
C GLU A 73 -2.18 -5.70 -21.98
N ALA A 74 -3.41 -6.18 -22.14
CA ALA A 74 -4.02 -6.26 -23.47
C ALA A 74 -4.05 -4.84 -24.04
N LEU A 75 -4.01 -3.86 -23.14
CA LEU A 75 -4.00 -2.48 -23.53
C LEU A 75 -2.55 -2.07 -23.75
N LYS A 76 -2.20 -1.77 -24.99
CA LYS A 76 -0.85 -1.37 -25.33
C LYS A 76 -0.60 0.05 -24.81
N VAL A 77 0.64 0.50 -24.98
CA VAL A 77 1.06 1.83 -24.55
C VAL A 77 2.03 2.36 -25.59
N PRO A 78 1.64 3.45 -26.28
CA PRO A 78 2.47 4.06 -27.31
C PRO A 78 3.82 4.50 -26.73
N SER A 79 4.90 4.19 -27.45
CA SER A 79 6.22 4.56 -27.00
C SER A 79 6.32 6.08 -27.01
N SER A 80 5.54 6.70 -27.88
CA SER A 80 5.54 8.16 -27.99
C SER A 80 4.86 8.75 -26.75
N THR A 81 4.12 7.91 -26.05
CA THR A 81 3.40 8.30 -24.84
C THR A 81 4.37 8.30 -23.65
N VAL A 82 5.26 7.31 -23.62
CA VAL A 82 6.23 7.20 -22.54
C VAL A 82 7.30 8.26 -22.69
N GLU A 83 7.81 8.42 -23.91
CA GLU A 83 8.83 9.42 -24.16
C GLU A 83 8.26 10.79 -23.83
N TYR A 84 6.96 10.95 -24.10
CA TYR A 84 6.26 12.20 -23.82
C TYR A 84 6.42 12.55 -22.35
N LEU A 85 6.23 11.55 -21.49
CA LEU A 85 6.35 11.76 -20.06
C LEU A 85 7.80 12.02 -19.70
N LYS A 86 8.69 11.14 -20.19
CA LYS A 86 10.12 11.26 -19.93
C LYS A 86 10.66 12.60 -20.41
N LYS A 87 10.07 13.14 -21.46
CA LYS A 87 10.49 14.42 -22.01
C LYS A 87 10.11 15.52 -21.03
N HIS A 88 9.36 15.15 -19.99
CA HIS A 88 8.94 16.09 -18.97
C HIS A 88 9.60 15.78 -17.63
N GLY A 89 10.68 15.02 -17.70
CA GLY A 89 11.43 14.67 -16.50
C GLY A 89 10.73 13.71 -15.56
N ILE A 90 9.72 13.01 -16.09
CA ILE A 90 8.96 12.06 -15.30
C ILE A 90 9.44 10.62 -15.42
N ASP A 91 9.52 9.95 -14.27
CA ASP A 91 9.92 8.54 -14.22
C ASP A 91 8.66 7.75 -14.59
N VAL A 92 8.75 6.86 -15.57
CA VAL A 92 7.58 6.10 -16.00
C VAL A 92 7.65 4.62 -15.67
N ARG A 93 6.58 4.13 -15.07
CA ARG A 93 6.48 2.72 -14.71
C ARG A 93 5.27 2.12 -15.40
N VAL A 94 5.49 1.16 -16.30
CA VAL A 94 4.40 0.50 -17.01
C VAL A 94 4.29 -0.93 -16.49
N LEU A 95 3.18 -1.25 -15.85
CA LEU A 95 3.00 -2.58 -15.27
C LEU A 95 1.58 -3.12 -15.36
N GLN A 96 1.45 -4.42 -15.07
CA GLN A 96 0.15 -5.09 -15.02
C GLN A 96 -0.44 -4.42 -13.80
N THR A 97 -1.75 -4.19 -13.79
CA THR A 97 -2.37 -3.49 -12.68
C THR A 97 -2.10 -4.02 -11.27
N GLU A 98 -2.40 -5.29 -11.00
CA GLU A 98 -2.16 -5.85 -9.67
C GLU A 98 -0.76 -5.50 -9.17
N GLN A 99 0.20 -5.53 -10.08
CA GLN A 99 1.59 -5.24 -9.76
C GLN A 99 1.86 -3.74 -9.84
N ALA A 100 1.03 -3.04 -10.62
CA ALA A 100 1.15 -1.59 -10.81
C ALA A 100 0.77 -0.82 -9.56
N VAL A 101 -0.28 -1.27 -8.88
CA VAL A 101 -0.72 -0.62 -7.66
C VAL A 101 0.30 -0.88 -6.55
N LYS A 102 0.97 -2.03 -6.62
CA LYS A 102 1.98 -2.40 -5.64
C LYS A 102 3.18 -1.47 -5.68
N GLU A 103 3.54 -0.99 -6.87
CA GLU A 103 4.67 -0.07 -7.00
C GLU A 103 4.21 1.32 -6.58
N TYR A 104 3.03 1.71 -7.06
CA TYR A 104 2.45 3.00 -6.74
C TYR A 104 2.42 3.27 -5.24
N ASN A 105 1.71 2.41 -4.51
CA ASN A 105 1.59 2.58 -3.06
C ASN A 105 2.94 2.52 -2.36
N ALA A 106 3.83 1.66 -2.85
CA ALA A 106 5.16 1.56 -2.27
C ALA A 106 5.79 2.95 -2.34
N LEU A 107 5.73 3.55 -3.53
CA LEU A 107 6.26 4.89 -3.74
C LEU A 107 5.56 5.85 -2.79
N VAL A 108 4.25 5.65 -2.63
CA VAL A 108 3.46 6.48 -1.74
C VAL A 108 3.96 6.31 -0.30
N ALA A 109 4.46 5.12 0.03
CA ALA A 109 4.97 4.83 1.36
C ALA A 109 6.24 5.62 1.68
N GLN A 110 7.11 5.76 0.68
CA GLN A 110 8.35 6.51 0.88
C GLN A 110 8.15 8.00 0.55
N GLY A 111 6.89 8.44 0.64
CA GLY A 111 6.54 9.82 0.39
C GLY A 111 7.04 10.48 -0.89
N VAL A 112 6.88 9.81 -2.03
CA VAL A 112 7.30 10.38 -3.30
C VAL A 112 6.08 11.01 -3.98
N ARG A 113 6.30 12.05 -4.77
CA ARG A 113 5.19 12.67 -5.50
C ARG A 113 4.93 11.75 -6.68
N VAL A 114 4.01 10.83 -6.50
CA VAL A 114 3.71 9.87 -7.55
C VAL A 114 2.28 10.04 -8.08
N GLY A 115 2.09 9.69 -9.34
CA GLY A 115 0.77 9.77 -9.94
C GLY A 115 0.55 8.58 -10.84
N GLY A 116 -0.59 8.51 -11.52
CA GLY A 116 -0.81 7.38 -12.39
C GLY A 116 -2.22 7.19 -12.88
N VAL A 117 -2.38 6.22 -13.79
CA VAL A 117 -3.67 5.87 -14.36
C VAL A 117 -3.71 4.34 -14.31
N PHE A 118 -4.86 3.80 -13.92
CA PHE A 118 -4.96 2.36 -13.81
C PHE A 118 -6.17 1.75 -14.49
N HIS A 119 -5.94 0.59 -15.10
CA HIS A 119 -6.96 -0.18 -15.80
C HIS A 119 -7.23 -1.42 -14.94
N SER A 120 -8.34 -1.40 -14.20
CA SER A 120 -8.71 -2.47 -13.30
C SER A 120 -9.06 -3.79 -13.97
N THR A 121 -9.24 -3.77 -15.28
CA THR A 121 -9.56 -4.99 -16.03
C THR A 121 -8.60 -5.11 -17.20
N CYS A 122 -9.00 -5.84 -18.24
CA CYS A 122 -8.16 -6.00 -19.43
C CYS A 122 -8.91 -5.65 -20.71
N SER B 1 2.78 7.76 24.06
CA SER B 1 1.90 6.55 23.98
C SER B 1 2.71 5.26 23.90
N THR B 2 2.40 4.34 24.81
CA THR B 2 3.07 3.05 24.87
C THR B 2 2.37 1.95 24.09
N SER B 3 2.91 0.74 24.16
CA SER B 3 2.33 -0.39 23.45
C SER B 3 1.41 -1.21 24.35
N PRO B 4 0.22 -1.55 23.85
CA PRO B 4 -0.73 -2.34 24.64
C PRO B 4 -0.40 -3.84 24.63
N GLU B 5 -0.66 -4.49 25.75
CA GLU B 5 -0.41 -5.92 25.91
C GLU B 5 -1.47 -6.69 25.14
N ILE B 6 -1.04 -7.55 24.21
CA ILE B 6 -2.00 -8.33 23.45
C ILE B 6 -2.74 -9.25 24.41
N ALA B 7 -4.06 -9.10 24.46
CA ALA B 7 -4.89 -9.89 25.34
C ALA B 7 -5.09 -11.34 24.90
N SER B 8 -5.48 -11.56 23.65
CA SER B 8 -5.70 -12.94 23.20
C SER B 8 -5.52 -13.21 21.72
N LEU B 9 -5.02 -14.40 21.41
CA LEU B 9 -4.82 -14.83 20.04
C LEU B 9 -5.42 -16.22 19.83
N SER B 10 -6.49 -16.28 19.04
CA SER B 10 -7.13 -17.56 18.73
C SER B 10 -7.30 -17.53 17.22
N TRP B 11 -7.47 -18.70 16.61
CA TRP B 11 -7.64 -18.74 15.16
C TRP B 11 -8.63 -17.67 14.72
N GLY B 12 -8.15 -16.72 13.93
CA GLY B 12 -9.00 -15.66 13.43
C GLY B 12 -9.69 -14.80 14.48
N GLN B 13 -9.01 -14.50 15.58
CA GLN B 13 -9.60 -13.68 16.64
C GLN B 13 -8.54 -13.15 17.61
N LYS B 15 -7.53 -9.78 20.71
CA LYS B 15 -7.96 -8.71 21.61
C LYS B 15 -6.79 -7.90 22.13
N VAL B 16 -6.88 -6.57 22.01
CA VAL B 16 -5.82 -5.68 22.46
C VAL B 16 -6.22 -4.90 23.71
N LYS B 17 -5.47 -5.09 24.79
CA LYS B 17 -5.75 -4.41 26.06
C LYS B 17 -5.82 -2.90 25.85
N GLY B 18 -6.88 -2.28 26.37
CA GLY B 18 -7.06 -0.85 26.23
C GLY B 18 -7.99 -0.43 25.12
N SER B 19 -8.99 -1.27 24.84
CA SER B 19 -9.97 -1.02 23.79
C SER B 19 -11.27 -1.76 24.07
N ASN B 20 -12.40 -1.16 23.68
CA ASN B 20 -13.73 -1.73 23.88
C ASN B 20 -14.02 -2.94 23.00
N THR B 21 -14.08 -2.72 21.69
CA THR B 21 -14.37 -3.79 20.74
C THR B 21 -13.39 -4.97 20.80
N THR B 22 -13.19 -5.60 19.65
CA THR B 22 -12.30 -6.74 19.54
C THR B 22 -11.37 -6.61 18.33
N TYR B 23 -10.94 -7.76 17.82
CA TYR B 23 -10.06 -7.83 16.65
C TYR B 23 -9.98 -9.26 16.12
N LYS B 24 -9.70 -9.37 14.83
CA LYS B 24 -9.52 -10.68 14.18
C LYS B 24 -8.09 -10.59 13.70
N ASP B 25 -7.81 -9.47 13.01
CA ASP B 25 -6.51 -9.14 12.48
C ASP B 25 -6.26 -7.75 13.04
N CYS B 26 -5.07 -7.49 13.56
CA CYS B 26 -4.79 -6.17 14.11
C CYS B 26 -3.38 -5.67 13.88
N LYS B 27 -3.24 -4.36 14.02
CA LYS B 27 -1.97 -3.68 13.86
C LYS B 27 -1.86 -2.71 15.02
N VAL B 28 -1.24 -3.16 16.09
CA VAL B 28 -1.06 -2.34 17.28
C VAL B 28 0.20 -1.47 17.14
N TRP B 29 0.18 -0.30 17.75
CA TRP B 29 1.28 0.65 17.68
C TRP B 29 1.32 1.47 18.95
N PRO B 30 2.32 2.35 19.10
CA PRO B 30 2.40 3.18 20.30
C PRO B 30 1.15 4.03 20.45
N GLY B 31 0.25 3.62 21.34
CA GLY B 31 -0.98 4.37 21.54
C GLY B 31 -2.26 3.69 21.08
N GLY B 32 -2.16 2.72 20.18
CA GLY B 32 -3.35 2.03 19.71
C GLY B 32 -3.18 0.91 18.71
N SER B 33 -4.25 0.65 17.94
CA SER B 33 -4.26 -0.41 16.94
C SER B 33 -5.34 -0.18 15.89
N ARG B 34 -5.47 -1.12 14.96
CA ARG B 34 -6.46 -1.01 13.89
C ARG B 34 -6.82 -2.39 13.37
N THR B 35 -8.10 -2.64 13.13
CA THR B 35 -8.54 -3.93 12.62
C THR B 35 -8.03 -4.08 11.18
N TRP B 36 -6.75 -4.38 11.07
CA TRP B 36 -6.08 -4.53 9.78
C TRP B 36 -6.84 -5.41 8.80
N ASP B 37 -6.80 -5.01 7.53
CA ASP B 37 -7.47 -5.75 6.46
C ASP B 37 -6.52 -5.94 5.29
N GLY B 48 0.45 -9.68 -0.14
CA GLY B 48 1.29 -9.87 1.03
C GLY B 48 1.59 -8.57 1.75
N VAL B 49 1.85 -8.64 3.06
CA VAL B 49 2.14 -7.47 3.87
C VAL B 49 3.09 -6.52 3.17
N GLN B 50 2.62 -5.31 2.91
CA GLN B 50 3.43 -4.31 2.20
C GLN B 50 3.82 -3.15 3.11
N PRO B 51 4.77 -2.32 2.66
CA PRO B 51 5.17 -1.19 3.50
C PRO B 51 3.95 -0.37 3.91
N ALA B 52 3.00 -0.21 2.99
CA ALA B 52 1.79 0.53 3.29
C ALA B 52 1.16 -0.02 4.58
N ASP B 53 1.13 -1.35 4.69
CA ASP B 53 0.57 -2.04 5.85
C ASP B 53 1.26 -1.68 7.16
N VAL B 54 2.58 -1.54 7.12
CA VAL B 54 3.34 -1.24 8.32
C VAL B 54 3.64 0.25 8.54
N LYS B 55 3.32 1.08 7.56
CA LYS B 55 3.58 2.50 7.68
C LYS B 55 2.81 3.15 8.82
N GLU B 56 1.54 2.78 8.97
CA GLU B 56 0.72 3.35 10.03
C GLU B 56 1.38 3.09 11.37
N VAL B 57 2.22 2.06 11.41
CA VAL B 57 2.95 1.70 12.63
C VAL B 57 4.21 2.56 12.72
N VAL B 58 4.96 2.59 11.62
CA VAL B 58 6.20 3.37 11.56
C VAL B 58 5.99 4.83 11.93
N GLU B 59 4.81 5.36 11.62
CA GLU B 59 4.51 6.75 11.92
C GLU B 59 4.55 6.96 13.43
N LYS B 60 3.73 6.19 14.14
CA LYS B 60 3.65 6.28 15.59
C LYS B 60 5.03 6.28 16.26
N GLY B 61 6.03 5.79 15.54
CA GLY B 61 7.38 5.73 16.07
C GLY B 61 7.62 4.52 16.95
N VAL B 62 8.29 3.51 16.41
CA VAL B 62 8.60 2.29 17.16
C VAL B 62 10.07 1.95 17.00
N GLN B 63 10.58 1.16 17.94
CA GLN B 63 11.96 0.74 17.90
C GLN B 63 12.01 -0.64 17.27
N THR B 64 11.00 -1.45 17.61
CA THR B 64 10.90 -2.80 17.09
C THR B 64 9.51 -3.02 16.51
N LEU B 65 9.44 -3.79 15.43
CA LEU B 65 8.16 -4.07 14.81
C LEU B 65 8.07 -5.56 14.54
N VAL B 66 7.05 -6.19 15.10
CA VAL B 66 6.85 -7.62 14.92
C VAL B 66 5.79 -7.91 13.86
N ILE B 67 6.13 -8.79 12.93
CA ILE B 67 5.22 -9.17 11.85
C ILE B 67 4.75 -10.62 12.02
N GLY B 68 3.48 -10.80 12.35
CA GLY B 68 2.93 -12.14 12.50
C GLY B 68 2.38 -12.52 11.15
N ARG B 69 3.14 -13.30 10.39
CA ARG B 69 2.74 -13.70 9.05
C ARG B 69 1.81 -14.91 8.95
N GLY B 70 1.02 -15.16 9.99
CA GLY B 70 0.09 -16.28 9.96
C GLY B 70 0.32 -17.42 10.94
N SER B 72 -0.08 -20.70 10.21
CA SER B 72 0.71 -21.65 9.44
C SER B 72 1.68 -20.81 8.61
N GLU B 73 1.65 -19.50 8.89
CA GLU B 73 2.49 -18.50 8.25
C GLU B 73 2.21 -18.21 6.78
N ALA B 74 1.23 -18.90 6.19
CA ALA B 74 0.89 -18.71 4.78
C ALA B 74 1.14 -17.29 4.23
N LEU B 75 0.43 -16.30 4.78
CA LEU B 75 0.58 -14.91 4.34
C LEU B 75 2.04 -14.56 4.07
N LYS B 76 2.32 -14.13 2.84
CA LYS B 76 3.67 -13.77 2.42
C LYS B 76 4.14 -12.43 2.98
N VAL B 77 5.46 -12.23 2.99
CA VAL B 77 6.08 -11.01 3.48
C VAL B 77 7.25 -10.65 2.56
N PRO B 78 7.05 -9.71 1.63
CA PRO B 78 8.10 -9.31 0.70
C PRO B 78 9.29 -8.63 1.37
N SER B 79 10.49 -9.10 1.03
CA SER B 79 11.71 -8.53 1.60
C SER B 79 11.64 -7.01 1.45
N SER B 80 10.83 -6.55 0.51
CA SER B 80 10.66 -5.12 0.26
C SER B 80 10.22 -4.48 1.56
N THR B 81 9.14 -5.01 2.14
CA THR B 81 8.60 -4.50 3.40
C THR B 81 9.72 -4.33 4.42
N VAL B 82 10.48 -5.40 4.64
CA VAL B 82 11.57 -5.40 5.58
C VAL B 82 12.60 -4.30 5.29
N GLU B 83 13.07 -4.24 4.05
CA GLU B 83 14.05 -3.23 3.67
C GLU B 83 13.50 -1.83 3.89
N TYR B 84 12.17 -1.72 3.88
CA TYR B 84 11.50 -0.45 4.09
C TYR B 84 11.56 -0.12 5.59
N LEU B 85 11.51 -1.16 6.41
CA LEU B 85 11.56 -0.98 7.85
C LEU B 85 13.00 -0.64 8.28
N LYS B 86 13.96 -1.39 7.79
CA LYS B 86 15.37 -1.15 8.13
C LYS B 86 15.74 0.20 7.51
N LYS B 87 14.87 0.68 6.64
CA LYS B 87 15.05 1.97 5.98
C LYS B 87 14.70 3.07 6.99
N HIS B 88 14.22 2.64 8.15
CA HIS B 88 13.84 3.56 9.21
C HIS B 88 14.40 3.13 10.56
N GLY B 89 15.50 2.40 10.51
CA GLY B 89 16.17 1.93 11.72
C GLY B 89 15.29 1.17 12.69
N ILE B 90 14.47 0.28 12.15
CA ILE B 90 13.56 -0.49 12.98
C ILE B 90 14.03 -1.94 13.21
N ASP B 91 13.85 -2.41 14.43
CA ASP B 91 14.21 -3.79 14.77
C ASP B 91 13.03 -4.60 14.24
N VAL B 92 13.28 -5.43 13.24
CA VAL B 92 12.23 -6.24 12.65
C VAL B 92 12.24 -7.70 13.06
N ARG B 93 11.07 -8.20 13.42
CA ARG B 93 10.89 -9.61 13.80
C ARG B 93 9.78 -10.16 12.92
N VAL B 94 10.08 -11.21 12.15
CA VAL B 94 9.09 -11.86 11.30
C VAL B 94 8.90 -13.27 11.85
N LEU B 95 7.79 -13.49 12.55
CA LEU B 95 7.53 -14.79 13.15
C LEU B 95 6.14 -15.33 12.89
N GLN B 96 5.96 -16.60 13.22
CA GLN B 96 4.66 -17.25 13.09
C GLN B 96 3.79 -16.48 14.09
N THR B 97 2.63 -16.03 13.62
CA THR B 97 1.71 -15.24 14.44
C THR B 97 1.72 -15.43 15.95
N GLU B 98 1.59 -16.67 16.42
CA GLU B 98 1.59 -16.92 17.87
C GLU B 98 2.88 -16.47 18.52
N GLN B 99 3.99 -17.02 18.05
CA GLN B 99 5.30 -16.65 18.57
C GLN B 99 5.42 -15.14 18.46
N ALA B 100 4.87 -14.60 17.37
CA ALA B 100 4.89 -13.18 17.09
C ALA B 100 4.20 -12.39 18.21
N VAL B 101 3.09 -12.93 18.71
CA VAL B 101 2.32 -12.29 19.78
C VAL B 101 3.05 -12.37 21.13
N LYS B 102 3.62 -13.53 21.44
CA LYS B 102 4.33 -13.69 22.70
C LYS B 102 5.58 -12.81 22.68
N GLU B 103 6.29 -12.84 21.55
CA GLU B 103 7.50 -12.04 21.39
C GLU B 103 7.15 -10.55 21.52
N TYR B 104 6.03 -10.15 20.92
CA TYR B 104 5.57 -8.77 20.99
C TYR B 104 5.21 -8.37 22.43
N ASN B 105 4.54 -9.28 23.13
CA ASN B 105 4.16 -9.00 24.51
C ASN B 105 5.37 -9.01 25.44
N ALA B 106 6.43 -9.71 25.05
CA ALA B 106 7.64 -9.76 25.87
C ALA B 106 8.33 -8.40 25.84
N LEU B 107 8.47 -7.85 24.63
CA LEU B 107 9.09 -6.54 24.48
C LEU B 107 8.26 -5.51 25.23
N VAL B 108 6.94 -5.62 25.11
CA VAL B 108 6.03 -4.70 25.79
C VAL B 108 6.19 -4.92 27.30
N ALA B 109 6.31 -6.20 27.67
CA ALA B 109 6.49 -6.56 29.07
C ALA B 109 7.81 -6.01 29.59
N GLN B 110 8.91 -6.30 28.89
CA GLN B 110 10.20 -5.80 29.32
C GLN B 110 10.22 -4.29 29.19
N GLY B 111 9.16 -3.74 28.60
CA GLY B 111 9.04 -2.30 28.44
C GLY B 111 9.78 -1.67 27.28
N VAL B 112 9.30 -1.90 26.06
CA VAL B 112 9.92 -1.35 24.86
C VAL B 112 8.86 -0.68 23.97
N ARG B 113 9.31 0.22 23.10
CA ARG B 113 8.39 0.88 22.16
C ARG B 113 8.30 -0.05 20.95
N VAL B 114 7.39 -1.01 21.01
CA VAL B 114 7.22 -1.97 19.93
C VAL B 114 5.86 -1.88 19.25
N GLY B 115 5.86 -2.19 17.96
CA GLY B 115 4.62 -2.17 17.19
C GLY B 115 4.50 -3.46 16.42
N GLY B 116 3.41 -3.63 15.67
CA GLY B 116 3.28 -4.85 14.90
C GLY B 116 1.98 -4.98 14.13
N VAL B 117 1.98 -5.94 13.21
CA VAL B 117 0.81 -6.23 12.37
C VAL B 117 0.64 -7.75 12.46
N PHE B 118 -0.58 -8.19 12.78
CA PHE B 118 -0.80 -9.62 12.95
C PHE B 118 -1.91 -10.20 12.09
N HIS B 119 -1.81 -11.50 11.86
CA HIS B 119 -2.79 -12.26 11.06
C HIS B 119 -3.09 -13.53 11.85
N SER B 120 -4.34 -13.67 12.28
CA SER B 120 -4.75 -14.83 13.09
C SER B 120 -5.16 -16.11 12.36
N THR B 121 -4.91 -16.20 11.06
CA THR B 121 -5.25 -17.41 10.31
C THR B 121 -4.13 -17.79 9.36
N CYS B 122 -4.36 -18.79 8.52
CA CYS B 122 -3.35 -19.24 7.56
C CYS B 122 -2.63 -18.09 6.85
N SER A 1 0.35 18.98 -1.29
CA SER A 1 -0.34 17.75 -0.81
C SER A 1 0.46 16.51 -1.20
N THR A 2 0.04 15.35 -0.70
CA THR A 2 0.72 14.10 -1.00
C THR A 2 -0.12 13.14 -1.83
N SER A 3 0.52 12.11 -2.35
CA SER A 3 -0.15 11.11 -3.15
C SER A 3 -0.90 10.15 -2.22
N PRO A 4 -2.17 9.86 -2.53
CA PRO A 4 -2.97 8.96 -1.70
C PRO A 4 -2.47 7.53 -1.83
N GLU A 5 -2.82 6.69 -0.87
CA GLU A 5 -2.39 5.30 -0.85
C GLU A 5 -3.51 4.35 -1.21
N ILE A 6 -3.61 4.00 -2.49
CA ILE A 6 -4.66 3.09 -2.93
C ILE A 6 -4.46 1.73 -2.26
N ALA A 7 -5.17 1.49 -1.18
CA ALA A 7 -5.08 0.23 -0.45
C ALA A 7 -6.36 -0.57 -0.61
N SER A 8 -6.71 -0.86 -1.86
CA SER A 8 -7.93 -1.60 -2.17
C SER A 8 -8.09 -1.82 -3.68
N LEU A 9 -7.60 -2.95 -4.17
CA LEU A 9 -7.71 -3.26 -5.60
C LEU A 9 -8.34 -4.62 -5.88
N SER A 10 -9.52 -4.60 -6.49
CA SER A 10 -10.21 -5.83 -6.85
C SER A 10 -10.50 -5.74 -8.35
N TRP A 11 -11.00 -6.82 -8.94
CA TRP A 11 -11.28 -6.79 -10.37
C TRP A 11 -12.32 -5.76 -10.79
N GLY A 12 -12.05 -5.11 -11.92
CA GLY A 12 -12.96 -4.11 -12.44
C GLY A 12 -13.36 -3.01 -11.47
N GLN A 13 -12.82 -3.08 -10.26
CA GLN A 13 -13.14 -2.09 -9.25
C GLN A 13 -11.90 -1.60 -8.53
N LYS A 15 -10.67 1.53 -5.51
CA LYS A 15 -11.11 2.55 -4.56
C LYS A 15 -9.91 3.37 -4.11
N VAL A 16 -9.93 4.64 -4.48
CA VAL A 16 -8.86 5.54 -4.11
C VAL A 16 -9.12 6.05 -2.71
N LYS A 17 -8.13 5.93 -1.84
CA LYS A 17 -8.28 6.42 -0.48
C LYS A 17 -8.30 7.93 -0.57
N GLY A 18 -9.46 8.51 -0.26
CA GLY A 18 -9.60 9.95 -0.31
C GLY A 18 -10.93 10.43 -0.86
N SER A 19 -11.55 9.61 -1.72
CA SER A 19 -12.83 9.97 -2.33
C SER A 19 -14.01 9.11 -1.87
N ASN A 20 -15.21 9.51 -2.26
CA ASN A 20 -16.42 8.78 -1.92
C ASN A 20 -16.79 7.88 -3.09
N THR A 21 -16.72 8.46 -4.28
CA THR A 21 -17.05 7.77 -5.53
C THR A 21 -16.19 6.56 -5.82
N THR A 22 -16.82 5.41 -6.00
CA THR A 22 -16.10 4.18 -6.30
C THR A 22 -15.41 4.37 -7.65
N TYR A 23 -14.65 3.38 -8.09
CA TYR A 23 -13.94 3.47 -9.37
C TYR A 23 -13.79 2.12 -10.06
N LYS A 24 -13.58 2.16 -11.36
CA LYS A 24 -13.33 0.97 -12.15
C LYS A 24 -11.88 1.18 -12.62
N ASP A 25 -11.68 2.28 -13.34
CA ASP A 25 -10.38 2.71 -13.83
C ASP A 25 -10.21 4.11 -13.24
N CYS A 26 -9.01 4.47 -12.80
CA CYS A 26 -8.84 5.78 -12.21
C CYS A 26 -7.51 6.51 -12.44
N LYS A 27 -7.48 7.78 -12.04
CA LYS A 27 -6.32 8.64 -12.14
C LYS A 27 -5.99 9.10 -10.71
N VAL A 28 -4.72 9.01 -10.34
CA VAL A 28 -4.32 9.39 -8.99
C VAL A 28 -3.11 10.33 -8.97
N TRP A 29 -3.11 11.29 -8.05
CA TRP A 29 -2.02 12.27 -7.93
C TRP A 29 -2.02 12.89 -6.52
N PRO A 30 -0.94 13.63 -6.18
CA PRO A 30 -0.86 14.25 -4.86
C PRO A 30 -2.11 15.08 -4.55
N GLY A 31 -2.84 14.68 -3.52
CA GLY A 31 -4.05 15.38 -3.13
C GLY A 31 -5.21 15.30 -4.11
N GLY A 32 -5.42 14.15 -4.73
CA GLY A 32 -6.51 14.04 -5.68
C GLY A 32 -6.63 12.73 -6.42
N SER A 33 -7.81 12.52 -7.00
CA SER A 33 -8.10 11.31 -7.74
C SER A 33 -9.39 11.49 -8.52
N ARG A 34 -9.32 11.18 -9.82
CA ARG A 34 -10.50 11.31 -10.68
C ARG A 34 -10.84 9.95 -11.24
N THR A 35 -11.92 9.89 -11.99
CA THR A 35 -12.35 8.67 -12.62
C THR A 35 -11.72 8.65 -14.00
N TRP A 36 -11.10 7.53 -14.38
CA TRP A 36 -10.51 7.43 -15.70
C TRP A 36 -11.58 6.87 -16.63
N ASP A 37 -12.16 7.75 -17.44
CA ASP A 37 -13.21 7.38 -18.38
C ASP A 37 -12.65 7.46 -19.79
N TRP A 38 -12.53 6.31 -20.44
CA TRP A 38 -12.00 6.24 -21.80
C TRP A 38 -12.89 6.96 -22.81
N ARG A 39 -14.14 7.22 -22.44
CA ARG A 39 -15.07 7.90 -23.33
C ARG A 39 -14.84 9.42 -23.33
N GLU A 40 -14.08 9.90 -22.35
CA GLU A 40 -13.75 11.31 -22.26
C GLU A 40 -12.44 11.54 -23.01
N THR A 41 -11.88 10.46 -23.56
CA THR A 41 -10.63 10.55 -24.30
C THR A 41 -10.73 9.88 -25.67
N GLY A 42 -11.43 8.76 -25.73
CA GLY A 42 -11.57 8.04 -26.99
C GLY A 42 -10.53 6.94 -27.11
N THR A 43 -9.80 6.70 -26.02
CA THR A 43 -8.77 5.68 -25.99
C THR A 43 -9.36 4.27 -26.05
N GLU A 44 -8.73 3.40 -26.83
CA GLU A 44 -9.15 2.01 -26.97
C GLU A 44 -8.03 1.10 -26.45
N HIS A 45 -8.30 -0.21 -26.40
CA HIS A 45 -7.29 -1.16 -25.93
C HIS A 45 -6.05 -1.05 -26.81
N SER A 46 -6.29 -0.71 -28.07
CA SER A 46 -5.24 -0.53 -29.06
C SER A 46 -5.64 0.65 -29.92
N PRO A 47 -4.69 1.50 -30.32
CA PRO A 47 -3.25 1.45 -30.04
C PRO A 47 -2.86 1.63 -28.58
N GLY A 48 -3.77 2.17 -27.78
CA GLY A 48 -3.47 2.33 -26.36
C GLY A 48 -3.43 3.70 -25.72
N VAL A 49 -2.95 3.71 -24.48
CA VAL A 49 -2.84 4.91 -23.67
C VAL A 49 -2.24 6.08 -24.44
N GLN A 50 -2.89 7.23 -24.37
CA GLN A 50 -2.42 8.42 -25.08
C GLN A 50 -2.01 9.51 -24.11
N PRO A 51 -1.19 10.46 -24.59
CA PRO A 51 -0.75 11.57 -23.74
C PRO A 51 -1.94 12.28 -23.11
N ALA A 52 -3.03 12.33 -23.85
CA ALA A 52 -4.25 12.99 -23.38
C ALA A 52 -4.81 12.26 -22.17
N ASP A 53 -4.51 10.96 -22.05
CA ASP A 53 -4.99 10.18 -20.92
C ASP A 53 -4.27 10.56 -19.63
N VAL A 54 -2.99 10.88 -19.75
CA VAL A 54 -2.17 11.20 -18.58
C VAL A 54 -1.77 12.67 -18.37
N LYS A 55 -2.16 13.56 -19.27
CA LYS A 55 -1.80 14.97 -19.14
C LYS A 55 -2.28 15.61 -17.82
N GLU A 56 -3.55 15.40 -17.49
CA GLU A 56 -4.14 15.94 -16.28
C GLU A 56 -3.36 15.50 -15.04
N VAL A 57 -2.60 14.42 -15.16
CA VAL A 57 -1.80 13.93 -14.05
C VAL A 57 -0.45 14.65 -14.09
N VAL A 58 0.13 14.74 -15.28
CA VAL A 58 1.40 15.42 -15.46
C VAL A 58 1.35 16.86 -14.93
N GLU A 59 0.28 17.58 -15.25
CA GLU A 59 0.17 18.96 -14.81
C GLU A 59 -0.33 19.16 -13.38
N LYS A 60 -0.14 18.13 -12.55
CA LYS A 60 -0.56 18.23 -11.15
C LYS A 60 0.65 18.36 -10.22
N GLY A 61 1.80 17.84 -10.65
CA GLY A 61 3.01 17.92 -9.85
C GLY A 61 3.60 16.59 -9.40
N VAL A 62 3.96 15.73 -10.35
CA VAL A 62 4.53 14.43 -10.01
C VAL A 62 5.91 14.24 -10.62
N GLN A 63 6.73 13.41 -10.00
CA GLN A 63 8.07 13.14 -10.51
C GLN A 63 8.08 11.72 -11.05
N THR A 64 7.07 10.96 -10.65
CA THR A 64 6.95 9.57 -11.06
C THR A 64 5.51 9.26 -11.43
N LEU A 65 5.34 8.55 -12.54
CA LEU A 65 4.00 8.19 -12.99
C LEU A 65 3.93 6.68 -13.26
N VAL A 66 2.89 6.06 -12.75
CA VAL A 66 2.71 4.63 -12.93
C VAL A 66 1.48 4.34 -13.76
N ILE A 67 1.65 3.48 -14.76
CA ILE A 67 0.56 3.12 -15.64
C ILE A 67 0.11 1.67 -15.42
N GLY A 68 -1.17 1.50 -15.06
CA GLY A 68 -1.71 0.17 -14.86
C GLY A 68 -2.38 -0.23 -16.16
N ARG A 69 -1.67 -1.02 -16.97
CA ARG A 69 -2.17 -1.43 -18.28
C ARG A 69 -3.13 -2.61 -18.31
N GLY A 70 -3.83 -2.88 -17.22
CA GLY A 70 -4.77 -3.98 -17.21
C GLY A 70 -4.27 -5.24 -16.56
N SER A 72 -3.95 -8.14 -17.83
CA SER A 72 -3.16 -8.96 -18.73
C SER A 72 -2.39 -8.04 -19.66
N GLU A 73 -2.39 -6.75 -19.34
CA GLU A 73 -1.69 -5.74 -20.12
C GLU A 73 -2.18 -5.70 -21.57
N ALA A 74 -3.42 -6.16 -21.78
CA ALA A 74 -4.02 -6.17 -23.11
C ALA A 74 -4.09 -4.72 -23.61
N LEU A 75 -4.03 -3.80 -22.67
CA LEU A 75 -4.07 -2.38 -23.02
C LEU A 75 -2.66 -1.98 -23.39
N LYS A 76 -2.44 -1.73 -24.68
CA LYS A 76 -1.14 -1.32 -25.16
C LYS A 76 -0.79 0.06 -24.65
N VAL A 77 0.47 0.43 -24.80
CA VAL A 77 0.98 1.73 -24.39
C VAL A 77 1.96 2.17 -25.47
N PRO A 78 1.49 2.98 -26.42
CA PRO A 78 2.32 3.48 -27.51
C PRO A 78 3.60 4.12 -26.99
N SER A 79 4.60 4.21 -27.85
CA SER A 79 5.86 4.80 -27.45
C SER A 79 5.68 6.30 -27.38
N SER A 80 4.63 6.79 -28.04
CA SER A 80 4.35 8.23 -28.06
C SER A 80 4.26 8.73 -26.63
N THR A 81 3.64 7.91 -25.77
CA THR A 81 3.47 8.25 -24.36
C THR A 81 4.80 8.38 -23.61
N VAL A 82 5.55 7.29 -23.53
CA VAL A 82 6.84 7.32 -22.83
C VAL A 82 7.64 8.54 -23.29
N GLU A 83 7.40 8.95 -24.52
CA GLU A 83 8.09 10.12 -25.06
C GLU A 83 7.45 11.38 -24.48
N TYR A 84 6.13 11.41 -24.45
CA TYR A 84 5.41 12.55 -23.91
C TYR A 84 5.87 12.79 -22.48
N LEU A 85 5.87 11.71 -21.70
CA LEU A 85 6.27 11.79 -20.31
C LEU A 85 7.72 12.19 -20.14
N LYS A 86 8.64 11.34 -20.59
CA LYS A 86 10.07 11.64 -20.47
C LYS A 86 10.37 13.06 -20.92
N LYS A 87 9.44 13.66 -21.67
CA LYS A 87 9.61 15.02 -22.14
C LYS A 87 9.50 15.99 -20.97
N HIS A 88 8.64 15.65 -20.00
CA HIS A 88 8.46 16.49 -18.83
C HIS A 88 9.33 15.98 -17.67
N GLY A 89 10.40 15.28 -18.03
CA GLY A 89 11.32 14.76 -17.04
C GLY A 89 10.63 13.92 -15.99
N ILE A 90 9.69 13.10 -16.44
CA ILE A 90 8.94 12.23 -15.54
C ILE A 90 9.43 10.79 -15.52
N ASP A 91 9.49 10.22 -14.31
CA ASP A 91 9.90 8.84 -14.11
C ASP A 91 8.68 7.97 -14.46
N VAL A 92 8.81 7.12 -15.48
CA VAL A 92 7.70 6.29 -15.93
C VAL A 92 7.73 4.85 -15.44
N ARG A 93 6.56 4.33 -15.11
CA ARG A 93 6.41 2.97 -14.64
C ARG A 93 5.23 2.31 -15.36
N VAL A 94 5.49 1.26 -16.14
CA VAL A 94 4.44 0.56 -16.86
C VAL A 94 4.48 -0.95 -16.58
N LEU A 95 3.37 -1.48 -16.07
CA LEU A 95 3.26 -2.90 -15.74
C LEU A 95 1.80 -3.35 -15.66
N GLN A 96 1.61 -4.62 -15.34
CA GLN A 96 0.30 -5.21 -15.17
C GLN A 96 -0.24 -4.48 -13.95
N THR A 97 -1.55 -4.30 -13.85
CA THR A 97 -2.14 -3.55 -12.76
C THR A 97 -1.90 -4.04 -11.33
N GLU A 98 -2.23 -5.29 -11.03
CA GLU A 98 -2.02 -5.81 -9.66
C GLU A 98 -0.61 -5.43 -9.17
N GLN A 99 0.34 -5.50 -10.09
CA GLN A 99 1.72 -5.18 -9.79
C GLN A 99 1.95 -3.68 -9.84
N ALA A 100 1.14 -2.98 -10.63
CA ALA A 100 1.23 -1.54 -10.79
C ALA A 100 0.87 -0.80 -9.51
N VAL A 101 -0.22 -1.23 -8.87
CA VAL A 101 -0.64 -0.60 -7.62
C VAL A 101 0.39 -0.88 -6.52
N LYS A 102 1.01 -2.06 -6.58
CA LYS A 102 2.02 -2.44 -5.59
C LYS A 102 3.24 -1.52 -5.67
N GLU A 103 3.56 -1.04 -6.88
CA GLU A 103 4.69 -0.13 -7.06
C GLU A 103 4.25 1.27 -6.67
N TYR A 104 3.08 1.66 -7.12
CA TYR A 104 2.53 2.98 -6.82
C TYR A 104 2.61 3.27 -5.32
N ASN A 105 2.11 2.33 -4.51
CA ASN A 105 2.12 2.50 -3.06
C ASN A 105 3.53 2.46 -2.47
N ALA A 106 4.41 1.69 -3.08
CA ALA A 106 5.79 1.60 -2.61
C ALA A 106 6.37 3.02 -2.69
N LEU A 107 6.05 3.71 -3.77
CA LEU A 107 6.52 5.07 -3.98
C LEU A 107 5.80 5.98 -2.99
N VAL A 108 4.50 5.73 -2.80
CA VAL A 108 3.70 6.52 -1.87
C VAL A 108 4.24 6.36 -0.44
N ALA A 109 4.74 5.17 -0.12
CA ALA A 109 5.29 4.88 1.21
C ALA A 109 6.62 5.58 1.43
N GLN A 110 7.36 5.82 0.34
CA GLN A 110 8.64 6.48 0.45
C GLN A 110 8.53 8.00 0.26
N GLY A 111 7.30 8.50 0.37
CA GLY A 111 7.06 9.93 0.24
C GLY A 111 7.20 10.59 -1.12
N VAL A 112 7.66 9.85 -2.12
CA VAL A 112 7.82 10.40 -3.46
C VAL A 112 6.49 10.96 -3.99
N ARG A 113 6.58 11.94 -4.89
CA ARG A 113 5.38 12.52 -5.50
C ARG A 113 5.06 11.62 -6.68
N VAL A 114 4.07 10.75 -6.51
CA VAL A 114 3.71 9.82 -7.57
C VAL A 114 2.30 10.04 -8.10
N GLY A 115 2.08 9.66 -9.35
CA GLY A 115 0.77 9.78 -9.96
C GLY A 115 0.55 8.58 -10.86
N GLY A 116 -0.60 8.52 -11.53
CA GLY A 116 -0.83 7.39 -12.41
C GLY A 116 -2.24 7.18 -12.89
N VAL A 117 -2.39 6.22 -13.79
CA VAL A 117 -3.69 5.86 -14.35
C VAL A 117 -3.73 4.34 -14.30
N PHE A 118 -4.88 3.79 -13.93
CA PHE A 118 -4.98 2.35 -13.81
C PHE A 118 -6.20 1.73 -14.49
N HIS A 119 -5.97 0.57 -15.10
CA HIS A 119 -6.99 -0.21 -15.78
C HIS A 119 -7.16 -1.49 -14.94
N SER A 120 -8.38 -1.72 -14.46
CA SER A 120 -8.64 -2.87 -13.59
C SER A 120 -9.34 -4.08 -14.23
N THR A 121 -9.26 -4.19 -15.55
CA THR A 121 -9.88 -5.32 -16.25
C THR A 121 -9.03 -5.62 -17.48
N CYS A 122 -9.66 -5.64 -18.64
CA CYS A 122 -8.95 -5.86 -19.89
C CYS A 122 -9.37 -4.82 -20.91
N SER B 1 2.96 7.42 24.73
CA SER B 1 2.07 6.31 25.14
C SER B 1 2.77 4.97 24.93
N THR B 2 2.55 4.02 25.84
CA THR B 2 3.17 2.70 25.73
C THR B 2 2.49 1.81 24.72
N SER B 3 3.06 0.63 24.50
CA SER B 3 2.51 -0.33 23.54
C SER B 3 1.39 -1.15 24.17
N PRO B 4 0.25 -1.27 23.47
CA PRO B 4 -0.84 -2.05 24.04
C PRO B 4 -0.56 -3.55 24.02
N GLU B 5 -0.83 -4.21 25.13
CA GLU B 5 -0.61 -5.63 25.26
C GLU B 5 -1.73 -6.42 24.60
N ILE B 6 -1.38 -7.26 23.64
CA ILE B 6 -2.38 -8.07 22.96
C ILE B 6 -2.97 -9.03 23.99
N ALA B 7 -4.20 -8.74 24.39
CA ALA B 7 -4.89 -9.55 25.39
C ALA B 7 -5.04 -11.03 25.02
N SER B 8 -5.20 -11.33 23.74
CA SER B 8 -5.36 -12.72 23.33
C SER B 8 -5.38 -12.97 21.83
N LEU B 9 -4.93 -14.16 21.44
CA LEU B 9 -4.90 -14.56 20.04
C LEU B 9 -5.68 -15.86 19.87
N SER B 10 -6.47 -15.93 18.81
CA SER B 10 -7.26 -17.10 18.51
C SER B 10 -7.42 -17.15 17.00
N TRP B 11 -7.59 -18.34 16.44
CA TRP B 11 -7.74 -18.46 15.00
C TRP B 11 -8.73 -17.43 14.48
N GLY B 12 -8.25 -16.54 13.61
CA GLY B 12 -9.10 -15.52 13.05
C GLY B 12 -9.77 -14.61 14.06
N GLN B 13 -9.14 -14.43 15.22
CA GLN B 13 -9.69 -13.59 16.27
C GLN B 13 -8.58 -13.07 17.19
N LYS B 15 -7.50 -9.78 20.32
CA LYS B 15 -7.91 -8.69 21.23
C LYS B 15 -6.71 -7.88 21.73
N VAL B 16 -6.81 -6.55 21.66
CA VAL B 16 -5.75 -5.65 22.09
C VAL B 16 -6.17 -4.87 23.34
N LYS B 17 -5.22 -4.70 24.27
CA LYS B 17 -5.49 -3.97 25.50
C LYS B 17 -5.67 -2.48 25.22
N GLY B 18 -6.92 -2.05 25.06
CA GLY B 18 -7.19 -0.64 24.79
C GLY B 18 -8.17 -0.38 23.66
N SER B 19 -8.77 -1.44 23.12
CA SER B 19 -9.73 -1.32 22.03
C SER B 19 -11.15 -1.64 22.50
N ASN B 20 -12.08 -0.74 22.22
CA ASN B 20 -13.47 -0.92 22.61
C ASN B 20 -14.02 -2.24 22.07
N THR B 21 -14.05 -2.36 20.74
CA THR B 21 -14.56 -3.56 20.09
C THR B 21 -13.58 -4.73 20.20
N THR B 22 -13.33 -5.42 19.08
CA THR B 22 -12.42 -6.56 19.06
C THR B 22 -11.47 -6.50 17.86
N TYR B 23 -11.05 -7.67 17.39
CA TYR B 23 -10.15 -7.77 16.25
C TYR B 23 -10.07 -9.19 15.67
N LYS B 24 -9.56 -9.30 14.46
CA LYS B 24 -9.34 -10.58 13.79
C LYS B 24 -7.86 -10.49 13.40
N ASP B 25 -7.56 -9.49 12.59
CA ASP B 25 -6.20 -9.18 12.15
C ASP B 25 -6.03 -7.75 12.65
N CYS B 26 -4.80 -7.32 12.90
CA CYS B 26 -4.62 -5.96 13.41
C CYS B 26 -3.20 -5.41 13.38
N LYS B 27 -3.13 -4.11 13.63
CA LYS B 27 -1.87 -3.38 13.69
C LYS B 27 -1.77 -2.83 15.09
N VAL B 28 -0.57 -2.77 15.63
CA VAL B 28 -0.39 -2.26 16.98
C VAL B 28 0.80 -1.29 17.05
N TRP B 29 0.69 -0.30 17.93
CA TRP B 29 1.74 0.70 18.08
C TRP B 29 1.54 1.45 19.39
N PRO B 30 2.59 2.09 19.91
CA PRO B 30 2.48 2.84 21.16
C PRO B 30 1.25 3.74 21.18
N GLY B 31 0.39 3.51 22.17
CA GLY B 31 -0.83 4.29 22.31
C GLY B 31 -1.82 4.12 21.17
N GLY B 32 -1.98 2.90 20.67
CA GLY B 32 -2.92 2.67 19.58
C GLY B 32 -2.88 1.30 18.90
N SER B 33 -3.81 1.10 17.99
CA SER B 33 -3.92 -0.15 17.22
C SER B 33 -5.10 -0.01 16.23
N ARG B 34 -5.02 -0.69 15.10
CA ARG B 34 -6.07 -0.63 14.09
C ARG B 34 -6.38 -2.01 13.53
N THR B 35 -7.59 -2.18 13.03
CA THR B 35 -7.97 -3.46 12.44
C THR B 35 -7.16 -3.61 11.17
N TRP B 36 -6.78 -4.83 10.82
CA TRP B 36 -5.99 -5.04 9.62
C TRP B 36 -6.63 -6.00 8.64
N ASP B 37 -6.22 -5.90 7.38
CA ASP B 37 -6.72 -6.74 6.30
C ASP B 37 -6.00 -6.40 5.00
N GLY B 48 2.34 -9.69 -0.82
CA GLY B 48 2.40 -9.95 0.61
C GLY B 48 2.32 -8.68 1.46
N VAL B 49 2.81 -8.75 2.68
CA VAL B 49 2.78 -7.60 3.59
C VAL B 49 3.60 -6.47 2.96
N GLN B 50 2.94 -5.35 2.70
CA GLN B 50 3.59 -4.21 2.06
C GLN B 50 3.94 -3.09 3.03
N PRO B 51 4.86 -2.21 2.63
CA PRO B 51 5.23 -1.11 3.53
C PRO B 51 3.98 -0.33 3.94
N ALA B 52 3.07 -0.13 2.99
CA ALA B 52 1.83 0.58 3.29
C ALA B 52 1.18 -0.03 4.53
N ASP B 53 1.23 -1.35 4.62
CA ASP B 53 0.65 -2.10 5.73
C ASP B 53 1.28 -1.74 7.08
N VAL B 54 2.60 -1.58 7.08
CA VAL B 54 3.32 -1.28 8.31
C VAL B 54 3.66 0.19 8.53
N LYS B 55 3.39 1.03 7.53
CA LYS B 55 3.69 2.45 7.64
C LYS B 55 2.89 3.16 8.72
N GLU B 56 1.67 2.69 8.97
CA GLU B 56 0.83 3.31 9.99
C GLU B 56 1.47 3.11 11.36
N VAL B 57 2.30 2.08 11.46
CA VAL B 57 2.98 1.76 12.72
C VAL B 57 4.27 2.58 12.81
N VAL B 58 4.94 2.73 11.67
CA VAL B 58 6.20 3.47 11.62
C VAL B 58 6.03 4.97 11.91
N GLU B 59 4.97 5.57 11.39
CA GLU B 59 4.71 6.99 11.59
C GLU B 59 4.27 7.27 13.02
N LYS B 60 4.33 6.23 13.85
CA LYS B 60 3.94 6.36 15.25
C LYS B 60 5.16 6.33 16.17
N GLY B 61 6.26 5.76 15.68
CA GLY B 61 7.48 5.69 16.46
C GLY B 61 7.67 4.39 17.23
N VAL B 62 8.43 3.46 16.65
CA VAL B 62 8.70 2.18 17.31
C VAL B 62 10.15 1.76 17.07
N GLN B 63 10.74 1.11 18.07
CA GLN B 63 12.11 0.65 17.95
C GLN B 63 12.09 -0.69 17.23
N THR B 64 11.11 -1.51 17.60
CA THR B 64 10.96 -2.84 17.02
C THR B 64 9.55 -3.03 16.48
N LEU B 65 9.44 -3.78 15.39
CA LEU B 65 8.15 -4.06 14.81
C LEU B 65 8.06 -5.55 14.53
N VAL B 66 7.04 -6.18 15.09
CA VAL B 66 6.84 -7.61 14.91
C VAL B 66 5.78 -7.90 13.86
N ILE B 67 6.12 -8.78 12.92
CA ILE B 67 5.20 -9.17 11.86
C ILE B 67 4.73 -10.62 12.03
N GLY B 68 3.46 -10.78 12.37
CA GLY B 68 2.90 -12.11 12.53
C GLY B 68 2.30 -12.48 11.18
N ARG B 69 3.01 -13.32 10.43
CA ARG B 69 2.57 -13.73 9.11
C ARG B 69 1.81 -15.05 8.99
N GLY B 70 0.75 -15.20 9.78
CA GLY B 70 -0.06 -16.40 9.71
C GLY B 70 0.27 -17.54 10.66
N SER B 72 0.62 -20.59 9.73
CA SER B 72 1.55 -21.46 9.00
C SER B 72 2.57 -20.63 8.24
N GLU B 73 2.86 -19.44 8.76
CA GLU B 73 3.82 -18.54 8.13
C GLU B 73 3.60 -18.49 6.62
N ALA B 74 2.34 -18.57 6.19
CA ALA B 74 2.01 -18.55 4.77
C ALA B 74 2.07 -17.15 4.18
N LEU B 75 1.72 -16.15 4.98
CA LEU B 75 1.71 -14.76 4.55
C LEU B 75 3.05 -14.35 3.94
N LYS B 76 2.98 -13.78 2.74
CA LYS B 76 4.18 -13.34 2.04
C LYS B 76 4.73 -12.06 2.64
N VAL B 77 6.03 -12.05 2.89
CA VAL B 77 6.69 -10.87 3.44
C VAL B 77 7.87 -10.54 2.53
N PRO B 78 7.63 -9.70 1.51
CA PRO B 78 8.72 -9.35 0.60
C PRO B 78 9.85 -8.67 1.35
N SER B 79 11.07 -8.90 0.90
CA SER B 79 12.23 -8.29 1.53
C SER B 79 12.16 -6.78 1.39
N SER B 80 11.51 -6.31 0.31
CA SER B 80 11.37 -4.88 0.07
C SER B 80 10.70 -4.24 1.28
N THR B 81 9.64 -4.89 1.76
CA THR B 81 8.90 -4.40 2.92
C THR B 81 9.79 -4.39 4.16
N VAL B 82 10.78 -5.26 4.17
CA VAL B 82 11.70 -5.34 5.30
C VAL B 82 12.79 -4.28 5.14
N GLU B 83 13.37 -4.21 3.95
CA GLU B 83 14.43 -3.25 3.66
C GLU B 83 13.94 -1.86 4.03
N TYR B 84 12.67 -1.61 3.76
CA TYR B 84 12.04 -0.34 4.07
C TYR B 84 12.16 -0.10 5.58
N LEU B 85 11.66 -1.05 6.35
CA LEU B 85 11.71 -0.95 7.81
C LEU B 85 13.13 -0.66 8.31
N LYS B 86 14.13 -1.30 7.73
CA LYS B 86 15.51 -1.08 8.14
C LYS B 86 16.00 0.29 7.67
N LYS B 87 15.40 0.77 6.58
CA LYS B 87 15.76 2.08 6.03
C LYS B 87 15.11 3.14 6.92
N HIS B 88 14.62 2.69 8.08
CA HIS B 88 13.99 3.57 9.05
C HIS B 88 14.39 3.20 10.46
N GLY B 89 15.50 2.48 10.57
CA GLY B 89 16.05 2.07 11.86
C GLY B 89 15.14 1.26 12.77
N ILE B 90 14.54 0.23 12.21
CA ILE B 90 13.63 -0.60 13.00
C ILE B 90 14.05 -2.06 13.10
N ASP B 91 14.07 -2.59 14.32
CA ASP B 91 14.41 -3.98 14.53
C ASP B 91 13.15 -4.74 14.13
N VAL B 92 13.26 -5.58 13.12
CA VAL B 92 12.12 -6.35 12.64
C VAL B 92 12.13 -7.80 13.05
N ARG B 93 10.97 -8.30 13.45
CA ARG B 93 10.81 -9.69 13.86
C ARG B 93 9.69 -10.27 12.97
N VAL B 94 10.01 -11.31 12.21
CA VAL B 94 9.03 -11.97 11.35
C VAL B 94 8.87 -13.40 11.89
N LEU B 95 7.71 -13.68 12.48
CA LEU B 95 7.48 -14.99 13.06
C LEU B 95 6.06 -15.49 12.82
N GLN B 96 5.84 -16.78 13.05
CA GLN B 96 4.52 -17.35 12.92
C GLN B 96 3.67 -16.56 13.91
N THR B 97 2.43 -16.27 13.55
CA THR B 97 1.55 -15.46 14.37
C THR B 97 1.47 -15.77 15.87
N GLU B 98 1.11 -17.01 16.24
CA GLU B 98 1.02 -17.34 17.66
C GLU B 98 2.35 -17.15 18.38
N GLN B 99 3.44 -17.38 17.67
CA GLN B 99 4.77 -17.22 18.24
C GLN B 99 5.20 -15.76 18.10
N ALA B 100 4.43 -15.01 17.31
CA ALA B 100 4.70 -13.59 17.08
C ALA B 100 4.13 -12.71 18.17
N VAL B 101 2.99 -13.13 18.72
CA VAL B 101 2.32 -12.37 19.79
C VAL B 101 3.08 -12.43 21.13
N LYS B 102 3.70 -13.56 21.43
CA LYS B 102 4.45 -13.69 22.67
C LYS B 102 5.69 -12.78 22.61
N GLU B 103 6.41 -12.85 21.50
CA GLU B 103 7.59 -12.03 21.31
C GLU B 103 7.22 -10.56 21.49
N TYR B 104 6.10 -10.14 20.89
CA TYR B 104 5.61 -8.78 21.01
C TYR B 104 5.34 -8.42 22.47
N ASN B 105 4.43 -9.15 23.10
CA ASN B 105 4.09 -8.89 24.50
C ASN B 105 5.32 -8.89 25.41
N ALA B 106 6.33 -9.70 25.07
CA ALA B 106 7.55 -9.77 25.89
C ALA B 106 8.25 -8.42 25.85
N LEU B 107 8.46 -7.90 24.64
CA LEU B 107 9.11 -6.60 24.49
C LEU B 107 8.25 -5.57 25.22
N VAL B 108 6.94 -5.75 25.16
CA VAL B 108 6.00 -4.85 25.82
C VAL B 108 6.26 -4.93 27.32
N ALA B 109 6.56 -6.14 27.77
CA ALA B 109 6.84 -6.39 29.18
C ALA B 109 8.15 -5.75 29.64
N GLN B 110 9.07 -5.50 28.71
CA GLN B 110 10.34 -4.90 29.12
C GLN B 110 10.38 -3.39 28.82
N GLY B 111 9.22 -2.84 28.45
CA GLY B 111 9.13 -1.42 28.19
C GLY B 111 9.60 -0.86 26.86
N VAL B 112 9.83 -1.75 25.89
CA VAL B 112 10.28 -1.30 24.57
C VAL B 112 9.12 -0.68 23.82
N ARG B 113 9.42 0.29 22.95
CA ARG B 113 8.39 0.90 22.12
C ARG B 113 8.26 -0.04 20.93
N VAL B 114 7.37 -1.02 21.07
CA VAL B 114 7.18 -2.00 20.01
C VAL B 114 5.83 -1.89 19.30
N GLY B 115 5.81 -2.30 18.04
CA GLY B 115 4.58 -2.28 17.26
C GLY B 115 4.50 -3.51 16.40
N GLY B 116 3.44 -3.64 15.62
CA GLY B 116 3.33 -4.81 14.77
C GLY B 116 1.99 -4.99 14.10
N VAL B 117 1.94 -5.96 13.18
CA VAL B 117 0.73 -6.30 12.44
C VAL B 117 0.63 -7.82 12.49
N PHE B 118 -0.55 -8.35 12.81
CA PHE B 118 -0.70 -9.79 12.93
C PHE B 118 -1.83 -10.40 12.11
N HIS B 119 -1.54 -11.55 11.51
CA HIS B 119 -2.50 -12.29 10.71
C HIS B 119 -2.91 -13.50 11.55
N SER B 120 -4.17 -13.53 11.99
CA SER B 120 -4.66 -14.61 12.85
C SER B 120 -5.17 -15.89 12.18
N THR B 121 -4.91 -16.07 10.90
CA THR B 121 -5.33 -17.29 10.20
C THR B 121 -4.17 -17.76 9.33
N CYS B 122 -4.37 -18.83 8.57
CA CYS B 122 -3.31 -19.37 7.70
C CYS B 122 -2.59 -18.29 6.90
N SER A 1 0.88 18.59 -1.45
CA SER A 1 0.13 17.39 -0.98
C SER A 1 0.89 16.10 -1.26
N THR A 2 0.42 15.01 -0.67
CA THR A 2 1.04 13.70 -0.85
C THR A 2 0.13 12.78 -1.66
N SER A 3 0.75 11.87 -2.39
CA SER A 3 -0.01 10.91 -3.18
C SER A 3 -0.78 10.00 -2.23
N PRO A 4 -2.07 9.77 -2.50
CA PRO A 4 -2.90 8.91 -1.66
C PRO A 4 -2.65 7.43 -1.93
N GLU A 5 -2.73 6.63 -0.87
CA GLU A 5 -2.52 5.19 -1.01
C GLU A 5 -3.72 4.61 -1.76
N ILE A 6 -3.47 3.64 -2.62
CA ILE A 6 -4.58 3.01 -3.33
C ILE A 6 -5.15 1.98 -2.35
N ALA A 7 -6.32 2.31 -1.79
CA ALA A 7 -6.99 1.48 -0.80
C ALA A 7 -7.35 0.06 -1.19
N SER A 8 -8.14 -0.11 -2.26
CA SER A 8 -8.53 -1.46 -2.68
C SER A 8 -8.52 -1.67 -4.18
N LEU A 9 -8.10 -2.87 -4.58
CA LEU A 9 -8.03 -3.25 -5.98
C LEU A 9 -8.56 -4.65 -6.25
N SER A 10 -9.74 -4.74 -6.84
CA SER A 10 -10.35 -6.02 -7.20
C SER A 10 -10.82 -5.84 -8.64
N TRP A 11 -11.18 -6.93 -9.31
CA TRP A 11 -11.60 -6.81 -10.71
C TRP A 11 -12.59 -5.68 -10.95
N GLY A 12 -12.26 -4.80 -11.88
CA GLY A 12 -13.13 -3.69 -12.20
C GLY A 12 -13.55 -2.86 -11.00
N GLN A 13 -12.71 -2.80 -9.99
CA GLN A 13 -13.01 -2.05 -8.77
C GLN A 13 -11.75 -1.51 -8.14
N LYS A 15 -10.26 1.72 -5.22
CA LYS A 15 -10.56 2.73 -4.21
C LYS A 15 -9.29 3.43 -3.77
N VAL A 16 -9.39 4.75 -3.63
CA VAL A 16 -8.28 5.58 -3.21
C VAL A 16 -8.57 6.07 -1.79
N LYS A 17 -7.63 5.83 -0.88
CA LYS A 17 -7.79 6.25 0.50
C LYS A 17 -8.22 7.71 0.49
N GLY A 18 -9.34 8.00 1.15
CA GLY A 18 -9.82 9.37 1.22
C GLY A 18 -10.75 9.78 0.07
N SER A 19 -11.16 8.81 -0.73
CA SER A 19 -12.05 9.10 -1.86
C SER A 19 -13.49 8.67 -1.58
N ASN A 20 -14.44 9.55 -1.94
CA ASN A 20 -15.84 9.25 -1.75
C ASN A 20 -16.33 8.55 -3.02
N THR A 21 -15.58 7.54 -3.46
CA THR A 21 -15.95 6.82 -4.67
C THR A 21 -15.32 5.43 -4.84
N THR A 22 -15.96 4.62 -5.68
CA THR A 22 -15.48 3.27 -5.99
C THR A 22 -15.29 3.21 -7.50
N TYR A 23 -14.08 3.51 -7.95
CA TYR A 23 -13.74 3.51 -9.37
C TYR A 23 -13.64 2.11 -9.97
N LYS A 24 -13.45 2.09 -11.28
CA LYS A 24 -13.26 0.86 -12.05
C LYS A 24 -11.84 1.05 -12.60
N ASP A 25 -11.65 2.21 -13.24
CA ASP A 25 -10.38 2.64 -13.81
C ASP A 25 -10.20 4.05 -13.25
N CYS A 26 -8.99 4.39 -12.80
CA CYS A 26 -8.80 5.71 -12.22
C CYS A 26 -7.45 6.41 -12.47
N LYS A 27 -7.42 7.68 -12.08
CA LYS A 27 -6.24 8.53 -12.19
C LYS A 27 -5.91 9.01 -10.77
N VAL A 28 -4.64 8.96 -10.40
CA VAL A 28 -4.24 9.38 -9.06
C VAL A 28 -3.03 10.32 -9.11
N TRP A 29 -3.00 11.28 -8.17
CA TRP A 29 -1.90 12.25 -8.11
C TRP A 29 -1.85 12.90 -6.72
N PRO A 30 -0.73 13.59 -6.41
CA PRO A 30 -0.62 14.24 -5.09
C PRO A 30 -1.84 15.12 -4.83
N GLY A 31 -2.59 14.78 -3.79
CA GLY A 31 -3.77 15.57 -3.47
C GLY A 31 -5.12 15.03 -3.92
N GLY A 32 -5.14 14.13 -4.90
CA GLY A 32 -6.41 13.62 -5.35
C GLY A 32 -6.39 12.45 -6.32
N SER A 33 -7.55 12.22 -6.92
CA SER A 33 -7.73 11.14 -7.88
C SER A 33 -8.86 11.54 -8.81
N ARG A 34 -9.32 10.60 -9.63
CA ARG A 34 -10.40 10.89 -10.55
C ARG A 34 -10.71 9.67 -11.40
N THR A 35 -11.96 9.52 -11.78
CA THR A 35 -12.38 8.40 -12.61
C THR A 35 -11.67 8.52 -13.94
N TRP A 36 -11.17 7.39 -14.45
CA TRP A 36 -10.52 7.39 -15.75
C TRP A 36 -11.48 6.79 -16.76
N ASP A 37 -12.18 7.66 -17.49
CA ASP A 37 -13.14 7.25 -18.50
C ASP A 37 -12.48 7.40 -19.86
N TRP A 38 -12.13 6.28 -20.49
CA TRP A 38 -11.48 6.32 -21.80
C TRP A 38 -12.27 7.15 -22.80
N ARG A 39 -13.59 7.22 -22.60
CA ARG A 39 -14.46 7.99 -23.49
C ARG A 39 -14.00 9.43 -23.72
N GLU A 40 -13.59 10.11 -22.65
CA GLU A 40 -13.14 11.50 -22.75
C GLU A 40 -12.11 11.61 -23.88
N THR A 41 -11.45 10.49 -24.17
CA THR A 41 -10.47 10.46 -25.24
C THR A 41 -10.84 9.35 -26.22
N GLY A 42 -11.96 8.70 -25.95
CA GLY A 42 -12.41 7.61 -26.80
C GLY A 42 -11.37 6.52 -26.87
N THR A 43 -10.40 6.58 -25.96
CA THR A 43 -9.31 5.62 -25.88
C THR A 43 -9.76 4.15 -25.85
N GLU A 44 -9.14 3.34 -26.71
CA GLU A 44 -9.42 1.91 -26.80
C GLU A 44 -8.09 1.20 -26.49
N HIS A 45 -8.07 -0.13 -26.57
CA HIS A 45 -6.83 -0.86 -26.31
C HIS A 45 -5.79 -0.51 -27.37
N SER A 46 -6.27 0.07 -28.47
CA SER A 46 -5.42 0.52 -29.57
C SER A 46 -6.00 1.85 -30.04
N PRO A 47 -5.14 2.87 -30.24
CA PRO A 47 -3.70 2.85 -30.04
C PRO A 47 -3.31 2.54 -28.61
N GLY A 48 -4.23 2.82 -27.68
CA GLY A 48 -3.97 2.57 -26.28
C GLY A 48 -3.77 3.88 -25.53
N VAL A 49 -3.24 3.77 -24.32
CA VAL A 49 -3.00 4.94 -23.50
C VAL A 49 -2.39 6.06 -24.32
N GLN A 50 -2.98 7.25 -24.24
CA GLN A 50 -2.48 8.40 -24.98
C GLN A 50 -2.05 9.52 -24.05
N PRO A 51 -1.23 10.45 -24.56
CA PRO A 51 -0.77 11.58 -23.75
C PRO A 51 -1.96 12.29 -23.11
N ALA A 52 -3.07 12.33 -23.84
CA ALA A 52 -4.28 12.97 -23.35
C ALA A 52 -4.83 12.23 -22.14
N ASP A 53 -4.55 10.93 -22.04
CA ASP A 53 -5.00 10.15 -20.90
C ASP A 53 -4.26 10.55 -19.63
N VAL A 54 -2.96 10.82 -19.77
CA VAL A 54 -2.11 11.17 -18.63
C VAL A 54 -1.83 12.66 -18.43
N LYS A 55 -2.30 13.49 -19.36
CA LYS A 55 -2.09 14.94 -19.29
C LYS A 55 -2.46 15.57 -17.93
N GLU A 56 -3.70 15.33 -17.50
CA GLU A 56 -4.21 15.86 -16.24
C GLU A 56 -3.36 15.42 -15.04
N VAL A 57 -2.59 14.34 -15.21
CA VAL A 57 -1.74 13.85 -14.14
C VAL A 57 -0.43 14.64 -14.17
N VAL A 58 0.14 14.77 -15.37
CA VAL A 58 1.38 15.51 -15.54
C VAL A 58 1.25 16.94 -15.01
N GLU A 59 0.18 17.63 -15.38
CA GLU A 59 -0.03 19.00 -14.95
C GLU A 59 -0.06 19.18 -13.44
N LYS A 60 -0.38 18.12 -12.70
CA LYS A 60 -0.39 18.21 -11.24
C LYS A 60 1.04 18.24 -10.69
N GLY A 61 1.98 17.71 -11.45
CA GLY A 61 3.38 17.68 -11.02
C GLY A 61 3.79 16.44 -10.26
N VAL A 62 4.42 15.50 -10.95
CA VAL A 62 4.88 14.27 -10.32
C VAL A 62 6.30 13.92 -10.76
N GLN A 63 7.05 13.25 -9.89
CA GLN A 63 8.41 12.87 -10.22
C GLN A 63 8.35 11.52 -10.92
N THR A 64 7.32 10.75 -10.59
CA THR A 64 7.12 9.42 -11.15
C THR A 64 5.66 9.19 -11.49
N LEU A 65 5.43 8.48 -12.58
CA LEU A 65 4.08 8.16 -13.01
C LEU A 65 3.97 6.65 -13.28
N VAL A 66 2.93 6.04 -12.72
CA VAL A 66 2.75 4.61 -12.90
C VAL A 66 1.52 4.33 -13.75
N ILE A 67 1.69 3.46 -14.75
CA ILE A 67 0.60 3.10 -15.63
C ILE A 67 0.14 1.66 -15.42
N GLY A 68 -1.13 1.49 -15.06
CA GLY A 68 -1.69 0.16 -14.87
C GLY A 68 -2.36 -0.22 -16.17
N ARG A 69 -1.68 -1.02 -16.97
CA ARG A 69 -2.17 -1.43 -18.29
C ARG A 69 -3.12 -2.63 -18.32
N GLY A 70 -3.81 -2.89 -17.23
CA GLY A 70 -4.74 -4.01 -17.21
C GLY A 70 -4.18 -5.28 -16.60
N SER A 72 -3.74 -8.11 -18.04
CA SER A 72 -3.01 -8.92 -18.99
C SER A 72 -2.24 -7.99 -19.91
N GLU A 73 -2.31 -6.70 -19.62
CA GLU A 73 -1.60 -5.68 -20.40
C GLU A 73 -2.10 -5.68 -21.85
N ALA A 74 -3.32 -6.15 -22.05
CA ALA A 74 -3.92 -6.19 -23.39
C ALA A 74 -4.06 -4.74 -23.87
N LEU A 75 -3.97 -3.82 -22.92
CA LEU A 75 -4.05 -2.40 -23.22
C LEU A 75 -2.67 -1.98 -23.72
N LYS A 76 -2.62 -1.44 -24.93
CA LYS A 76 -1.38 -0.99 -25.51
C LYS A 76 -0.90 0.29 -24.83
N VAL A 77 0.31 0.69 -25.17
CA VAL A 77 0.94 1.89 -24.63
C VAL A 77 2.04 2.29 -25.61
N PRO A 78 1.78 3.32 -26.43
CA PRO A 78 2.75 3.80 -27.42
C PRO A 78 4.04 4.26 -26.72
N SER A 79 5.18 3.91 -27.31
CA SER A 79 6.46 4.29 -26.74
C SER A 79 6.62 5.81 -26.77
N SER A 80 5.89 6.48 -27.66
CA SER A 80 6.00 7.94 -27.77
C SER A 80 5.15 8.61 -26.69
N THR A 81 4.43 7.79 -25.94
CA THR A 81 3.58 8.28 -24.85
C THR A 81 4.44 8.30 -23.58
N VAL A 82 5.37 7.37 -23.50
CA VAL A 82 6.27 7.26 -22.35
C VAL A 82 7.33 8.35 -22.45
N GLU A 83 8.01 8.42 -23.59
CA GLU A 83 9.04 9.43 -23.80
C GLU A 83 8.43 10.81 -23.59
N TYR A 84 7.15 10.93 -23.95
CA TYR A 84 6.43 12.18 -23.79
C TYR A 84 6.51 12.58 -22.32
N LEU A 85 6.46 11.57 -21.45
CA LEU A 85 6.56 11.79 -20.03
C LEU A 85 8.02 12.04 -19.67
N LYS A 86 8.91 11.39 -20.41
CA LYS A 86 10.35 11.54 -20.19
C LYS A 86 10.80 12.97 -20.41
N LYS A 87 10.31 13.60 -21.47
CA LYS A 87 10.67 14.98 -21.78
C LYS A 87 10.19 15.92 -20.69
N HIS A 88 9.45 15.40 -19.73
CA HIS A 88 8.95 16.22 -18.63
C HIS A 88 9.62 15.80 -17.32
N GLY A 89 10.72 15.07 -17.44
CA GLY A 89 11.47 14.64 -16.28
C GLY A 89 10.80 13.61 -15.40
N ILE A 90 9.80 12.92 -15.94
CA ILE A 90 9.06 11.91 -15.19
C ILE A 90 9.61 10.49 -15.38
N ASP A 91 9.73 9.77 -14.25
CA ASP A 91 10.19 8.38 -14.28
C ASP A 91 8.91 7.59 -14.59
N VAL A 92 8.95 6.70 -15.58
CA VAL A 92 7.76 5.94 -15.94
C VAL A 92 7.86 4.44 -15.82
N ARG A 93 7.15 3.88 -14.84
CA ARG A 93 7.14 2.45 -14.62
C ARG A 93 5.86 1.89 -15.26
N VAL A 94 6.00 1.13 -16.34
CA VAL A 94 4.84 0.54 -17.01
C VAL A 94 4.80 -0.95 -16.72
N LEU A 95 3.68 -1.43 -16.17
CA LEU A 95 3.54 -2.84 -15.84
C LEU A 95 2.08 -3.29 -15.76
N GLN A 96 1.91 -4.54 -15.36
CA GLN A 96 0.62 -5.17 -15.16
C GLN A 96 0.06 -4.46 -13.94
N THR A 97 -1.26 -4.28 -13.89
CA THR A 97 -1.90 -3.56 -12.79
C THR A 97 -1.52 -3.95 -11.36
N GLU A 98 -1.55 -5.24 -11.03
CA GLU A 98 -1.17 -5.66 -9.67
C GLU A 98 0.18 -5.06 -9.29
N GLN A 99 1.12 -5.12 -10.21
CA GLN A 99 2.45 -4.58 -9.97
C GLN A 99 2.39 -3.05 -9.88
N ALA A 100 1.53 -2.45 -10.70
CA ALA A 100 1.36 -1.01 -10.73
C ALA A 100 0.71 -0.48 -9.46
N VAL A 101 -0.41 -1.06 -9.07
CA VAL A 101 -1.12 -0.64 -7.87
C VAL A 101 -0.31 -0.97 -6.61
N LYS A 102 0.54 -1.98 -6.70
CA LYS A 102 1.38 -2.39 -5.56
C LYS A 102 2.65 -1.56 -5.48
N GLU A 103 3.26 -1.25 -6.63
CA GLU A 103 4.48 -0.46 -6.65
C GLU A 103 4.16 1.03 -6.49
N TYR A 104 2.95 1.42 -6.91
CA TYR A 104 2.53 2.80 -6.78
C TYR A 104 2.57 3.22 -5.30
N ASN A 105 2.06 2.34 -4.45
CA ASN A 105 2.04 2.62 -3.01
C ASN A 105 3.42 2.54 -2.38
N ALA A 106 4.30 1.75 -2.98
CA ALA A 106 5.67 1.61 -2.48
C ALA A 106 6.33 2.99 -2.54
N LEU A 107 6.26 3.62 -3.71
CA LEU A 107 6.84 4.94 -3.91
C LEU A 107 6.25 5.88 -2.85
N VAL A 108 4.93 5.78 -2.66
CA VAL A 108 4.25 6.59 -1.69
C VAL A 108 4.92 6.43 -0.32
N ALA A 109 4.99 5.19 0.17
CA ALA A 109 5.62 4.90 1.45
C ALA A 109 7.03 5.50 1.51
N GLN A 110 7.66 5.63 0.35
CA GLN A 110 8.99 6.21 0.29
C GLN A 110 8.99 7.65 -0.23
N GLY A 111 8.13 8.48 0.37
CA GLY A 111 8.00 9.88 0.02
C GLY A 111 8.19 10.34 -1.41
N VAL A 112 7.20 10.12 -2.25
CA VAL A 112 7.32 10.55 -3.65
C VAL A 112 6.04 11.16 -4.20
N ARG A 113 6.18 12.22 -4.99
CA ARG A 113 5.04 12.85 -5.63
C ARG A 113 4.77 11.94 -6.81
N VAL A 114 4.04 10.86 -6.56
CA VAL A 114 3.74 9.88 -7.59
C VAL A 114 2.31 10.04 -8.11
N GLY A 115 2.12 9.68 -9.38
CA GLY A 115 0.81 9.75 -9.98
C GLY A 115 0.59 8.54 -10.87
N GLY A 116 -0.56 8.47 -11.52
CA GLY A 116 -0.79 7.32 -12.38
C GLY A 116 -2.20 7.14 -12.88
N VAL A 117 -2.35 6.19 -13.80
CA VAL A 117 -3.64 5.86 -14.38
C VAL A 117 -3.72 4.34 -14.33
N PHE A 118 -4.88 3.81 -13.97
CA PHE A 118 -5.01 2.37 -13.85
C PHE A 118 -6.20 1.77 -14.55
N HIS A 119 -5.95 0.67 -15.26
CA HIS A 119 -6.95 -0.09 -15.99
C HIS A 119 -7.04 -1.43 -15.27
N SER A 120 -8.20 -1.74 -14.69
CA SER A 120 -8.34 -3.00 -13.97
C SER A 120 -9.39 -3.95 -14.50
N THR A 121 -9.15 -4.50 -15.68
CA THR A 121 -10.02 -5.48 -16.32
C THR A 121 -9.21 -6.16 -17.40
N CYS A 122 -9.65 -6.04 -18.65
CA CYS A 122 -8.94 -6.66 -19.76
C CYS A 122 -9.23 -5.95 -21.08
N SER B 1 3.06 7.82 24.38
CA SER B 1 2.18 6.66 24.71
C SER B 1 2.98 5.38 24.92
N THR B 2 2.33 4.37 25.50
CA THR B 2 2.98 3.09 25.76
C THR B 2 2.36 2.00 24.88
N SER B 3 2.98 0.82 24.85
CA SER B 3 2.46 -0.28 24.04
C SER B 3 1.49 -1.16 24.80
N PRO B 4 0.43 -1.61 24.12
CA PRO B 4 -0.59 -2.48 24.73
C PRO B 4 -0.29 -3.96 24.47
N GLU B 5 -0.51 -4.78 25.49
CA GLU B 5 -0.27 -6.22 25.36
C GLU B 5 -1.47 -6.91 24.72
N ILE B 6 -1.21 -7.81 23.78
CA ILE B 6 -2.28 -8.55 23.13
C ILE B 6 -2.85 -9.50 24.18
N ALA B 7 -3.87 -9.02 24.89
CA ALA B 7 -4.51 -9.78 25.96
C ALA B 7 -5.26 -11.02 25.50
N SER B 8 -5.66 -11.06 24.23
CA SER B 8 -6.40 -12.20 23.73
C SER B 8 -5.99 -12.64 22.33
N LEU B 9 -5.76 -13.93 22.16
CA LEU B 9 -5.35 -14.47 20.86
C LEU B 9 -5.73 -15.93 20.63
N SER B 10 -6.08 -16.24 19.39
CA SER B 10 -6.45 -17.59 18.98
C SER B 10 -6.59 -17.59 17.46
N TRP B 11 -7.22 -18.62 16.91
CA TRP B 11 -7.39 -18.67 15.46
C TRP B 11 -8.32 -17.54 15.04
N GLY B 12 -7.88 -16.75 14.06
CA GLY B 12 -8.68 -15.65 13.56
C GLY B 12 -9.29 -14.76 14.63
N GLN B 13 -8.65 -14.66 15.79
CA GLN B 13 -9.17 -13.83 16.88
C GLN B 13 -8.02 -13.10 17.58
N LYS B 15 -7.34 -9.71 20.37
CA LYS B 15 -7.81 -8.61 21.22
C LYS B 15 -6.62 -7.88 21.85
N VAL B 16 -6.61 -6.55 21.72
CA VAL B 16 -5.55 -5.72 22.26
C VAL B 16 -5.96 -5.10 23.59
N LYS B 17 -5.20 -5.35 24.65
CA LYS B 17 -5.51 -4.81 25.96
C LYS B 17 -5.75 -3.30 25.85
N GLY B 18 -6.66 -2.78 26.66
CA GLY B 18 -6.96 -1.37 26.63
C GLY B 18 -7.79 -0.98 25.42
N SER B 19 -8.23 -1.97 24.66
CA SER B 19 -9.05 -1.73 23.48
C SER B 19 -10.43 -2.34 23.63
N ASN B 20 -11.32 -1.99 22.69
CA ASN B 20 -12.69 -2.50 22.72
C ASN B 20 -13.12 -2.93 21.32
N THR B 21 -12.24 -3.64 20.62
CA THR B 21 -12.55 -4.12 19.28
C THR B 21 -11.87 -5.47 19.01
N THR B 22 -12.69 -6.44 18.59
CA THR B 22 -12.18 -7.78 18.28
C THR B 22 -11.88 -7.87 16.79
N TYR B 23 -10.65 -7.52 16.43
CA TYR B 23 -10.21 -7.55 15.03
C TYR B 23 -10.01 -9.00 14.60
N LYS B 24 -9.61 -9.18 13.35
CA LYS B 24 -9.30 -10.51 12.84
C LYS B 24 -7.78 -10.48 12.80
N ASP B 25 -7.25 -9.57 11.98
CA ASP B 25 -5.83 -9.33 11.86
C ASP B 25 -5.70 -7.87 12.27
N CYS B 26 -4.59 -7.48 12.88
CA CYS B 26 -4.48 -6.10 13.33
C CYS B 26 -3.10 -5.47 13.34
N LYS B 27 -3.10 -4.17 13.64
CA LYS B 27 -1.88 -3.38 13.74
C LYS B 27 -1.88 -2.75 15.12
N VAL B 28 -0.75 -2.78 15.79
CA VAL B 28 -0.64 -2.21 17.13
C VAL B 28 0.62 -1.36 17.24
N TRP B 29 0.55 -0.29 18.03
CA TRP B 29 1.67 0.61 18.20
C TRP B 29 1.51 1.39 19.50
N PRO B 30 2.57 2.07 19.95
CA PRO B 30 2.49 2.85 21.19
C PRO B 30 1.23 3.71 21.23
N GLY B 31 0.35 3.39 22.18
CA GLY B 31 -0.90 4.12 22.32
C GLY B 31 -1.85 4.02 21.15
N GLY B 32 -2.06 2.80 20.62
CA GLY B 32 -2.97 2.64 19.50
C GLY B 32 -3.00 1.30 18.78
N SER B 33 -4.12 1.04 18.11
CA SER B 33 -4.34 -0.18 17.35
C SER B 33 -5.42 0.08 16.30
N ARG B 34 -5.47 -0.74 15.26
CA ARG B 34 -6.45 -0.57 14.21
C ARG B 34 -6.68 -1.89 13.48
N THR B 35 -7.75 -1.97 12.71
CA THR B 35 -8.06 -3.18 11.95
C THR B 35 -7.07 -3.28 10.79
N TRP B 36 -7.04 -4.42 10.12
CA TRP B 36 -6.13 -4.60 9.00
C TRP B 36 -6.65 -5.56 7.94
N ASP B 37 -6.67 -5.10 6.69
CA ASP B 37 -7.15 -5.89 5.57
C ASP B 37 -6.00 -6.61 4.87
N GLY B 48 2.50 -9.60 -0.98
CA GLY B 48 2.60 -9.89 0.44
C GLY B 48 2.57 -8.64 1.30
N VAL B 49 2.90 -8.79 2.59
CA VAL B 49 2.91 -7.66 3.51
C VAL B 49 3.80 -6.55 2.94
N GLN B 50 3.15 -5.48 2.49
CA GLN B 50 3.83 -4.35 1.88
C GLN B 50 4.18 -3.25 2.87
N PRO B 51 5.08 -2.34 2.48
CA PRO B 51 5.44 -1.27 3.41
C PRO B 51 4.19 -0.47 3.80
N ALA B 52 3.34 -0.20 2.82
CA ALA B 52 2.10 0.53 3.08
C ALA B 52 1.34 -0.11 4.23
N ASP B 53 1.50 -1.42 4.37
CA ASP B 53 0.83 -2.19 5.43
C ASP B 53 1.35 -1.82 6.82
N VAL B 54 2.65 -1.62 6.92
CA VAL B 54 3.28 -1.30 8.19
C VAL B 54 3.66 0.17 8.37
N LYS B 55 3.49 0.96 7.32
CA LYS B 55 3.86 2.37 7.37
C LYS B 55 3.20 3.16 8.50
N GLU B 56 1.92 2.93 8.75
CA GLU B 56 1.25 3.66 9.80
C GLU B 56 1.96 3.40 11.13
N VAL B 57 2.25 2.14 11.39
CA VAL B 57 2.95 1.76 12.62
C VAL B 57 4.24 2.56 12.74
N VAL B 58 4.99 2.63 11.64
CA VAL B 58 6.26 3.36 11.63
C VAL B 58 6.09 4.85 11.96
N GLU B 59 4.99 5.44 11.48
CA GLU B 59 4.73 6.85 11.72
C GLU B 59 4.58 7.11 13.21
N LYS B 60 4.18 6.08 13.93
CA LYS B 60 3.99 6.18 15.36
C LYS B 60 5.32 6.12 16.11
N GLY B 61 6.37 5.67 15.43
CA GLY B 61 7.69 5.56 16.04
C GLY B 61 7.84 4.37 16.96
N VAL B 62 8.68 3.41 16.56
CA VAL B 62 8.91 2.21 17.36
C VAL B 62 10.37 1.76 17.33
N GLN B 63 10.75 0.95 18.30
CA GLN B 63 12.11 0.41 18.36
C GLN B 63 12.14 -0.86 17.52
N THR B 64 11.12 -1.69 17.72
CA THR B 64 11.00 -2.95 17.00
C THR B 64 9.58 -3.13 16.50
N LEU B 65 9.45 -3.78 15.36
CA LEU B 65 8.15 -4.04 14.78
C LEU B 65 8.05 -5.53 14.52
N VAL B 66 7.03 -6.16 15.10
CA VAL B 66 6.84 -7.59 14.92
C VAL B 66 5.78 -7.89 13.86
N ILE B 67 6.13 -8.77 12.93
CA ILE B 67 5.21 -9.16 11.87
C ILE B 67 4.76 -10.61 12.04
N GLY B 68 3.50 -10.78 12.44
CA GLY B 68 2.95 -12.11 12.60
C GLY B 68 2.32 -12.46 11.28
N ARG B 69 3.00 -13.30 10.50
CA ARG B 69 2.52 -13.66 9.18
C ARG B 69 1.71 -14.96 9.06
N GLY B 70 0.75 -15.15 9.96
CA GLY B 70 -0.09 -16.33 9.90
C GLY B 70 0.22 -17.46 10.87
N SER B 72 0.31 -20.51 10.01
CA SER B 72 1.15 -21.44 9.27
C SER B 72 2.14 -20.63 8.42
N GLU B 73 2.41 -19.40 8.86
CA GLU B 73 3.33 -18.49 8.17
C GLU B 73 3.06 -18.42 6.67
N ALA B 74 1.80 -18.42 6.28
CA ALA B 74 1.45 -18.37 4.86
C ALA B 74 1.75 -17.02 4.21
N LEU B 75 1.28 -15.94 4.81
CA LEU B 75 1.51 -14.60 4.27
C LEU B 75 2.97 -14.34 3.89
N LYS B 76 3.18 -13.94 2.64
CA LYS B 76 4.51 -13.65 2.15
C LYS B 76 4.95 -12.28 2.62
N VAL B 77 6.21 -12.17 3.03
CA VAL B 77 6.75 -10.90 3.48
C VAL B 77 7.89 -10.51 2.55
N PRO B 78 7.60 -9.66 1.56
CA PRO B 78 8.64 -9.24 0.62
C PRO B 78 9.75 -8.49 1.34
N SER B 79 10.99 -8.82 0.99
CA SER B 79 12.14 -8.17 1.60
C SER B 79 12.06 -6.66 1.43
N SER B 80 11.54 -6.21 0.28
CA SER B 80 11.42 -4.78 0.03
C SER B 80 10.75 -4.12 1.21
N THR B 81 9.79 -4.83 1.80
CA THR B 81 9.05 -4.34 2.95
C THR B 81 9.93 -4.31 4.20
N VAL B 82 10.69 -5.37 4.40
CA VAL B 82 11.57 -5.46 5.56
C VAL B 82 12.68 -4.41 5.48
N GLU B 83 13.25 -4.25 4.29
CA GLU B 83 14.32 -3.29 4.09
C GLU B 83 13.80 -1.89 4.41
N TYR B 84 12.57 -1.61 4.00
CA TYR B 84 11.95 -0.33 4.25
C TYR B 84 12.05 -0.05 5.76
N LEU B 85 11.68 -1.03 6.56
CA LEU B 85 11.74 -0.89 8.00
C LEU B 85 13.15 -0.66 8.53
N LYS B 86 14.10 -1.52 8.12
CA LYS B 86 15.49 -1.38 8.55
C LYS B 86 15.99 -0.01 8.15
N LYS B 87 15.62 0.41 6.94
CA LYS B 87 15.99 1.71 6.43
C LYS B 87 15.48 2.75 7.43
N HIS B 88 14.29 2.51 7.96
CA HIS B 88 13.71 3.43 8.94
C HIS B 88 14.28 3.13 10.31
N GLY B 89 15.40 2.41 10.31
CA GLY B 89 16.10 2.06 11.54
C GLY B 89 15.30 1.32 12.58
N ILE B 90 14.62 0.26 12.16
CA ILE B 90 13.81 -0.51 13.08
C ILE B 90 14.18 -2.00 13.13
N ASP B 91 14.16 -2.56 14.33
CA ASP B 91 14.47 -3.98 14.49
C ASP B 91 13.20 -4.71 14.11
N VAL B 92 13.32 -5.60 13.13
CA VAL B 92 12.16 -6.36 12.65
C VAL B 92 12.16 -7.82 13.06
N ARG B 93 11.00 -8.29 13.50
CA ARG B 93 10.84 -9.69 13.89
C ARG B 93 9.74 -10.23 12.98
N VAL B 94 9.99 -11.38 12.36
CA VAL B 94 9.02 -12.01 11.46
C VAL B 94 8.91 -13.49 11.79
N LEU B 95 7.77 -13.91 12.32
CA LEU B 95 7.57 -15.30 12.68
C LEU B 95 6.09 -15.67 12.61
N GLN B 96 5.80 -16.95 12.90
CA GLN B 96 4.42 -17.43 12.91
C GLN B 96 3.68 -16.53 13.92
N THR B 97 2.45 -16.16 13.59
CA THR B 97 1.66 -15.27 14.42
C THR B 97 1.59 -15.54 15.92
N GLU B 98 1.07 -16.69 16.32
CA GLU B 98 0.97 -17.00 17.75
C GLU B 98 2.33 -16.82 18.44
N GLN B 99 3.39 -17.30 17.79
CA GLN B 99 4.74 -17.18 18.34
C GLN B 99 5.17 -15.72 18.22
N ALA B 100 4.53 -15.00 17.32
CA ALA B 100 4.84 -13.58 17.09
C ALA B 100 4.23 -12.69 18.17
N VAL B 101 3.07 -13.09 18.69
CA VAL B 101 2.39 -12.34 19.73
C VAL B 101 3.06 -12.47 21.11
N LYS B 102 3.55 -13.66 21.43
CA LYS B 102 4.23 -13.85 22.71
C LYS B 102 5.52 -13.05 22.74
N GLU B 103 6.13 -12.88 21.57
CA GLU B 103 7.37 -12.11 21.44
C GLU B 103 7.07 -10.62 21.55
N TYR B 104 5.97 -10.20 20.93
CA TYR B 104 5.54 -8.79 20.97
C TYR B 104 5.22 -8.36 22.40
N ASN B 105 4.58 -9.25 23.15
CA ASN B 105 4.23 -8.93 24.54
C ASN B 105 5.45 -8.91 25.44
N ALA B 106 6.46 -9.71 25.11
CA ALA B 106 7.69 -9.75 25.91
C ALA B 106 8.36 -8.38 25.88
N LEU B 107 8.54 -7.85 24.67
CA LEU B 107 9.14 -6.53 24.52
C LEU B 107 8.27 -5.50 25.24
N VAL B 108 6.95 -5.66 25.13
CA VAL B 108 6.02 -4.74 25.80
C VAL B 108 6.29 -4.80 27.30
N ALA B 109 6.45 -6.02 27.81
CA ALA B 109 6.72 -6.24 29.22
C ALA B 109 8.07 -5.68 29.65
N GLN B 110 8.97 -5.41 28.69
CA GLN B 110 10.27 -4.86 29.05
C GLN B 110 10.39 -3.38 28.69
N GLY B 111 9.25 -2.73 28.51
CA GLY B 111 9.23 -1.30 28.21
C GLY B 111 9.66 -0.80 26.85
N VAL B 112 9.92 -1.70 25.91
CA VAL B 112 10.32 -1.29 24.57
C VAL B 112 9.16 -0.68 23.83
N ARG B 113 9.44 0.30 22.97
CA ARG B 113 8.40 0.91 22.16
C ARG B 113 8.24 -0.04 20.97
N VAL B 114 7.38 -1.04 21.12
CA VAL B 114 7.17 -2.00 20.06
C VAL B 114 5.80 -1.90 19.39
N GLY B 115 5.76 -2.26 18.11
CA GLY B 115 4.53 -2.24 17.36
C GLY B 115 4.47 -3.44 16.45
N GLY B 116 3.39 -3.60 15.69
CA GLY B 116 3.30 -4.73 14.81
C GLY B 116 1.97 -4.95 14.14
N VAL B 117 1.94 -5.93 13.24
CA VAL B 117 0.76 -6.33 12.49
C VAL B 117 0.75 -7.86 12.49
N PHE B 118 -0.40 -8.47 12.74
CA PHE B 118 -0.45 -9.92 12.82
C PHE B 118 -1.58 -10.57 12.03
N HIS B 119 -1.27 -11.70 11.40
CA HIS B 119 -2.25 -12.46 10.62
C HIS B 119 -2.67 -13.65 11.49
N SER B 120 -3.86 -13.56 12.07
CA SER B 120 -4.39 -14.60 12.95
C SER B 120 -4.87 -15.90 12.31
N THR B 121 -4.92 -15.98 10.98
CA THR B 121 -5.36 -17.20 10.33
C THR B 121 -4.23 -17.73 9.44
N CYS B 122 -4.54 -18.74 8.62
CA CYS B 122 -3.55 -19.34 7.73
C CYS B 122 -2.76 -18.30 6.94
N SER A 1 1.06 19.05 -2.17
CA SER A 1 0.05 18.18 -1.52
C SER A 1 0.52 16.74 -1.50
N THR A 2 -0.34 15.84 -1.05
CA THR A 2 0.01 14.44 -0.97
C THR A 2 -0.82 13.59 -1.93
N SER A 3 -0.26 12.44 -2.32
CA SER A 3 -0.95 11.52 -3.21
C SER A 3 -1.72 10.56 -2.31
N PRO A 4 -3.00 10.31 -2.59
CA PRO A 4 -3.80 9.41 -1.77
C PRO A 4 -3.41 7.94 -1.84
N GLU A 5 -4.19 7.11 -1.18
CA GLU A 5 -3.92 5.68 -1.16
C GLU A 5 -4.97 4.94 -1.99
N ILE A 6 -4.67 3.68 -2.31
CA ILE A 6 -5.58 2.83 -3.06
C ILE A 6 -5.69 1.53 -2.27
N ALA A 7 -6.83 1.37 -1.59
CA ALA A 7 -7.08 0.19 -0.76
C ALA A 7 -7.04 -1.13 -1.49
N SER A 8 -8.23 -1.63 -1.86
CA SER A 8 -8.32 -2.90 -2.56
C SER A 8 -8.42 -2.74 -4.08
N LEU A 9 -8.12 -3.82 -4.78
CA LEU A 9 -8.16 -3.85 -6.25
C LEU A 9 -8.65 -5.20 -6.73
N SER A 10 -9.64 -5.19 -7.63
CA SER A 10 -10.18 -6.42 -8.20
C SER A 10 -10.68 -6.10 -9.61
N TRP A 11 -11.15 -7.13 -10.31
CA TRP A 11 -11.61 -6.96 -11.68
C TRP A 11 -12.75 -5.95 -11.79
N GLY A 12 -12.40 -4.68 -11.99
CA GLY A 12 -13.40 -3.65 -12.13
C GLY A 12 -13.73 -2.83 -10.89
N GLN A 13 -12.80 -2.76 -9.94
CA GLN A 13 -13.02 -2.00 -8.72
C GLN A 13 -11.70 -1.53 -8.12
N LYS A 15 -10.13 1.08 -5.23
CA LYS A 15 -10.46 1.87 -4.07
C LYS A 15 -9.34 2.85 -3.76
N VAL A 16 -9.67 4.14 -3.80
CA VAL A 16 -8.73 5.20 -3.53
C VAL A 16 -9.12 5.92 -2.25
N LYS A 17 -8.22 5.95 -1.27
CA LYS A 17 -8.51 6.66 -0.04
C LYS A 17 -8.78 8.09 -0.49
N GLY A 18 -10.06 8.44 -0.65
CA GLY A 18 -10.38 9.78 -1.09
C GLY A 18 -11.79 9.99 -1.61
N SER A 19 -12.25 9.08 -2.47
CA SER A 19 -13.61 9.20 -3.03
C SER A 19 -14.70 8.78 -2.06
N ASN A 20 -15.88 9.38 -2.22
CA ASN A 20 -17.03 9.08 -1.38
C ASN A 20 -17.36 7.58 -1.42
N THR A 21 -16.92 6.90 -2.48
CA THR A 21 -17.20 5.47 -2.64
C THR A 21 -16.00 4.67 -3.16
N THR A 22 -16.05 4.27 -4.44
CA THR A 22 -14.96 3.50 -5.07
C THR A 22 -14.94 3.75 -6.60
N TYR A 23 -13.92 3.18 -7.27
CA TYR A 23 -13.77 3.36 -8.72
C TYR A 23 -13.81 2.05 -9.52
N LYS A 24 -13.75 2.20 -10.85
CA LYS A 24 -13.72 1.06 -11.75
C LYS A 24 -12.31 1.12 -12.34
N ASP A 25 -12.05 2.19 -13.09
CA ASP A 25 -10.76 2.47 -13.71
C ASP A 25 -10.44 3.86 -13.19
N CYS A 26 -9.17 4.16 -12.92
CA CYS A 26 -8.85 5.48 -12.40
C CYS A 26 -7.47 6.06 -12.67
N LYS A 27 -7.39 7.39 -12.52
CA LYS A 27 -6.16 8.14 -12.70
C LYS A 27 -6.04 9.05 -11.48
N VAL A 28 -5.36 8.57 -10.45
CA VAL A 28 -5.16 9.31 -9.22
C VAL A 28 -3.89 10.17 -9.33
N TRP A 29 -3.80 11.25 -8.55
CA TRP A 29 -2.65 12.15 -8.62
C TRP A 29 -2.37 12.84 -7.29
N PRO A 30 -1.24 13.56 -7.19
CA PRO A 30 -0.92 14.25 -5.95
C PRO A 30 -2.04 15.22 -5.60
N GLY A 31 -2.80 14.87 -4.56
CA GLY A 31 -3.92 15.70 -4.16
C GLY A 31 -5.27 15.05 -4.40
N GLY A 32 -5.47 14.52 -5.60
CA GLY A 32 -6.74 13.89 -5.90
C GLY A 32 -6.65 12.56 -6.60
N SER A 33 -7.82 12.06 -7.00
CA SER A 33 -7.94 10.80 -7.70
C SER A 33 -9.17 10.92 -8.57
N ARG A 34 -9.20 10.18 -9.67
CA ARG A 34 -10.33 10.25 -10.55
C ARG A 34 -10.50 9.02 -11.41
N THR A 35 -11.74 8.55 -11.49
CA THR A 35 -12.03 7.39 -12.30
C THR A 35 -11.50 7.74 -13.68
N TRP A 36 -11.02 6.74 -14.39
CA TRP A 36 -10.50 6.93 -15.74
C TRP A 36 -11.58 6.51 -16.72
N ASP A 37 -12.13 7.47 -17.45
CA ASP A 37 -13.18 7.21 -18.42
C ASP A 37 -12.61 7.35 -19.82
N TRP A 38 -12.46 6.23 -20.53
CA TRP A 38 -11.91 6.24 -21.88
C TRP A 38 -12.81 6.96 -22.87
N ARG A 39 -14.08 7.13 -22.50
CA ARG A 39 -15.04 7.82 -23.37
C ARG A 39 -14.85 9.34 -23.32
N GLU A 40 -14.07 9.80 -22.36
CA GLU A 40 -13.80 11.23 -22.21
C GLU A 40 -12.50 11.51 -22.95
N THR A 41 -11.91 10.46 -23.52
CA THR A 41 -10.65 10.58 -24.25
C THR A 41 -10.71 9.94 -25.63
N GLY A 42 -11.38 8.80 -25.73
CA GLY A 42 -11.47 8.10 -26.99
C GLY A 42 -10.42 7.01 -27.11
N THR A 43 -9.75 6.72 -26.00
CA THR A 43 -8.72 5.69 -25.98
C THR A 43 -9.31 4.29 -26.04
N GLU A 44 -8.68 3.42 -26.83
CA GLU A 44 -9.10 2.03 -26.99
C GLU A 44 -7.98 1.14 -26.47
N HIS A 45 -8.22 -0.18 -26.42
CA HIS A 45 -7.21 -1.12 -25.95
C HIS A 45 -5.98 -0.99 -26.86
N SER A 46 -6.24 -0.64 -28.12
CA SER A 46 -5.19 -0.44 -29.11
C SER A 46 -5.61 0.77 -29.93
N PRO A 47 -4.66 1.65 -30.27
CA PRO A 47 -3.22 1.62 -29.96
C PRO A 47 -2.91 1.73 -28.48
N GLY A 48 -3.88 2.19 -27.70
CA GLY A 48 -3.68 2.30 -26.27
C GLY A 48 -3.56 3.67 -25.64
N VAL A 49 -3.08 3.66 -24.40
CA VAL A 49 -2.90 4.88 -23.62
C VAL A 49 -2.26 5.99 -24.43
N GLN A 50 -2.86 7.17 -24.39
CA GLN A 50 -2.34 8.31 -25.14
C GLN A 50 -1.94 9.43 -24.19
N PRO A 51 -1.11 10.37 -24.67
CA PRO A 51 -0.68 11.48 -23.83
C PRO A 51 -1.90 12.19 -23.24
N ALA A 52 -2.96 12.26 -24.02
CA ALA A 52 -4.19 12.93 -23.58
C ALA A 52 -4.72 12.27 -22.33
N ASP A 53 -4.39 10.99 -22.11
CA ASP A 53 -4.83 10.29 -20.93
C ASP A 53 -4.02 10.72 -19.71
N VAL A 54 -2.74 10.99 -19.93
CA VAL A 54 -1.83 11.37 -18.86
C VAL A 54 -1.62 12.86 -18.61
N LYS A 55 -2.06 13.71 -19.54
CA LYS A 55 -1.88 15.15 -19.40
C LYS A 55 -2.30 15.69 -18.02
N GLU A 56 -3.55 15.44 -17.64
CA GLU A 56 -4.10 15.89 -16.37
C GLU A 56 -3.27 15.42 -15.18
N VAL A 57 -2.51 14.33 -15.35
CA VAL A 57 -1.68 13.83 -14.27
C VAL A 57 -0.38 14.62 -14.25
N VAL A 58 0.22 14.79 -15.43
CA VAL A 58 1.46 15.53 -15.55
C VAL A 58 1.32 16.97 -15.01
N GLU A 59 0.26 17.65 -15.42
CA GLU A 59 0.04 19.03 -14.97
C GLU A 59 -0.07 19.19 -13.46
N LYS A 60 -0.35 18.11 -12.75
CA LYS A 60 -0.45 18.19 -11.29
C LYS A 60 0.96 18.27 -10.68
N GLY A 61 1.95 17.76 -11.41
CA GLY A 61 3.32 17.79 -10.93
C GLY A 61 3.74 16.53 -10.20
N VAL A 62 4.27 15.56 -10.94
CA VAL A 62 4.70 14.31 -10.32
C VAL A 62 6.15 13.97 -10.64
N GLN A 63 6.82 13.32 -9.71
CA GLN A 63 8.21 12.95 -9.91
C GLN A 63 8.24 11.48 -10.32
N THR A 64 7.06 10.91 -10.51
CA THR A 64 6.93 9.52 -10.90
C THR A 64 5.49 9.23 -11.33
N LEU A 65 5.35 8.53 -12.45
CA LEU A 65 4.03 8.17 -12.96
C LEU A 65 3.97 6.67 -13.24
N VAL A 66 2.96 6.02 -12.71
CA VAL A 66 2.82 4.59 -12.88
C VAL A 66 1.64 4.27 -13.79
N ILE A 67 1.87 3.35 -14.72
CA ILE A 67 0.84 2.94 -15.66
C ILE A 67 0.57 1.44 -15.57
N GLY A 68 -0.68 1.09 -15.26
CA GLY A 68 -1.06 -0.31 -15.16
C GLY A 68 -2.09 -0.62 -16.24
N ARG A 69 -1.70 -1.41 -17.22
CA ARG A 69 -2.60 -1.75 -18.33
C ARG A 69 -3.80 -2.59 -17.90
N GLY A 70 -3.60 -3.52 -16.97
CA GLY A 70 -4.70 -4.35 -16.53
C GLY A 70 -4.27 -5.53 -15.69
N SER A 72 -4.35 -8.62 -16.63
CA SER A 72 -3.57 -9.49 -17.50
C SER A 72 -2.89 -8.71 -18.63
N GLU A 73 -1.79 -8.05 -18.31
CA GLU A 73 -1.01 -7.23 -19.23
C GLU A 73 -1.24 -7.43 -20.73
N ALA A 74 -2.28 -6.77 -21.25
CA ALA A 74 -2.61 -6.84 -22.67
C ALA A 74 -2.62 -5.43 -23.24
N LEU A 75 -3.43 -4.56 -22.63
CA LEU A 75 -3.57 -3.16 -23.03
C LEU A 75 -2.25 -2.55 -23.48
N LYS A 76 -2.26 -2.01 -24.69
CA LYS A 76 -1.07 -1.40 -25.27
C LYS A 76 -0.78 -0.01 -24.68
N VAL A 77 0.46 0.42 -24.88
CA VAL A 77 0.94 1.71 -24.42
C VAL A 77 1.98 2.15 -25.43
N PRO A 78 1.56 2.94 -26.44
CA PRO A 78 2.41 3.47 -27.51
C PRO A 78 3.67 4.14 -26.97
N SER A 79 4.66 4.29 -27.85
CA SER A 79 5.90 4.92 -27.47
C SER A 79 5.68 6.42 -27.38
N SER A 80 4.68 6.91 -28.11
CA SER A 80 4.39 8.33 -28.12
C SER A 80 4.24 8.81 -26.69
N THR A 81 3.55 8.01 -25.88
CA THR A 81 3.32 8.33 -24.48
C THR A 81 4.62 8.40 -23.66
N VAL A 82 5.36 7.29 -23.61
CA VAL A 82 6.62 7.26 -22.86
C VAL A 82 7.51 8.44 -23.28
N GLU A 83 7.35 8.89 -24.52
CA GLU A 83 8.12 10.02 -25.01
C GLU A 83 7.52 11.31 -24.47
N TYR A 84 6.19 11.39 -24.50
CA TYR A 84 5.49 12.55 -23.99
C TYR A 84 5.92 12.81 -22.55
N LEU A 85 5.83 11.77 -21.75
CA LEU A 85 6.20 11.87 -20.35
C LEU A 85 7.68 12.18 -20.19
N LYS A 86 8.53 11.26 -20.62
CA LYS A 86 9.98 11.44 -20.52
C LYS A 86 10.40 12.87 -20.85
N LYS A 87 9.67 13.49 -21.76
CA LYS A 87 9.95 14.85 -22.19
C LYS A 87 9.72 15.86 -21.06
N HIS A 88 8.98 15.43 -20.03
CA HIS A 88 8.69 16.29 -18.90
C HIS A 88 9.45 15.87 -17.64
N GLY A 89 10.54 15.14 -17.86
CA GLY A 89 11.37 14.68 -16.77
C GLY A 89 10.67 13.79 -15.77
N ILE A 90 9.67 13.06 -16.27
CA ILE A 90 8.89 12.17 -15.42
C ILE A 90 9.39 10.72 -15.42
N ASP A 91 9.46 10.14 -14.22
CA ASP A 91 9.87 8.75 -14.03
C ASP A 91 8.63 7.91 -14.36
N VAL A 92 8.73 7.02 -15.35
CA VAL A 92 7.60 6.21 -15.78
C VAL A 92 7.72 4.73 -15.50
N ARG A 93 6.64 4.15 -14.99
CA ARG A 93 6.58 2.73 -14.69
C ARG A 93 5.37 2.12 -15.40
N VAL A 94 5.59 1.12 -16.23
CA VAL A 94 4.49 0.47 -16.95
C VAL A 94 4.46 -1.01 -16.61
N LEU A 95 3.38 -1.46 -15.96
CA LEU A 95 3.25 -2.86 -15.57
C LEU A 95 1.81 -3.34 -15.48
N GLN A 96 1.66 -4.58 -15.02
CA GLN A 96 0.37 -5.22 -14.80
C GLN A 96 -0.24 -4.41 -13.68
N THR A 97 -1.56 -4.27 -13.67
CA THR A 97 -2.21 -3.48 -12.65
C THR A 97 -2.03 -3.96 -11.22
N GLU A 98 -2.30 -5.23 -10.95
CA GLU A 98 -2.12 -5.75 -9.58
C GLU A 98 -0.71 -5.42 -9.09
N GLN A 99 0.24 -5.47 -10.01
CA GLN A 99 1.63 -5.20 -9.70
C GLN A 99 1.90 -3.70 -9.79
N ALA A 100 1.05 -3.00 -10.53
CA ALA A 100 1.17 -1.55 -10.72
C ALA A 100 0.55 -0.76 -9.58
N VAL A 101 -0.47 -1.34 -8.94
CA VAL A 101 -1.13 -0.67 -7.83
C VAL A 101 -0.32 -0.91 -6.55
N LYS A 102 0.53 -1.93 -6.57
CA LYS A 102 1.37 -2.24 -5.41
C LYS A 102 2.58 -1.29 -5.40
N GLU A 103 3.13 -1.04 -6.58
CA GLU A 103 4.28 -0.15 -6.70
C GLU A 103 3.83 1.27 -6.39
N TYR A 104 2.70 1.66 -6.97
CA TYR A 104 2.17 3.01 -6.75
C TYR A 104 1.88 3.29 -5.28
N ASN A 105 1.26 2.33 -4.59
CA ASN A 105 0.93 2.51 -3.18
C ASN A 105 2.19 2.61 -2.35
N ALA A 106 3.14 1.70 -2.60
CA ALA A 106 4.41 1.71 -1.88
C ALA A 106 5.04 3.10 -2.04
N LEU A 107 4.67 3.78 -3.12
CA LEU A 107 5.18 5.11 -3.41
C LEU A 107 4.51 6.16 -2.54
N VAL A 108 3.18 6.11 -2.49
CA VAL A 108 2.43 7.05 -1.66
C VAL A 108 2.89 6.83 -0.22
N ALA A 109 3.10 5.56 0.12
CA ALA A 109 3.54 5.18 1.46
C ALA A 109 4.78 5.95 1.89
N GLN A 110 5.87 5.79 1.16
CA GLN A 110 7.11 6.49 1.49
C GLN A 110 7.00 7.96 1.05
N GLY A 111 5.77 8.47 1.07
CA GLY A 111 5.51 9.85 0.69
C GLY A 111 6.22 10.26 -0.59
N VAL A 112 5.55 10.09 -1.71
CA VAL A 112 6.13 10.44 -3.00
C VAL A 112 5.15 11.10 -3.96
N ARG A 113 5.53 12.25 -4.52
CA ARG A 113 4.68 12.92 -5.49
C ARG A 113 4.60 11.97 -6.68
N VAL A 114 3.73 10.98 -6.56
CA VAL A 114 3.56 10.00 -7.62
C VAL A 114 2.15 10.05 -8.18
N GLY A 115 2.04 9.81 -9.48
CA GLY A 115 0.73 9.80 -10.12
C GLY A 115 0.54 8.49 -10.85
N GLY A 116 -0.64 8.29 -11.43
CA GLY A 116 -0.85 7.04 -12.14
C GLY A 116 -2.19 6.90 -12.84
N VAL A 117 -2.24 5.96 -13.76
CA VAL A 117 -3.46 5.67 -14.51
C VAL A 117 -3.61 4.15 -14.42
N PHE A 118 -4.77 3.70 -13.98
CA PHE A 118 -4.98 2.28 -13.83
C PHE A 118 -6.24 1.73 -14.46
N HIS A 119 -6.08 0.55 -15.08
CA HIS A 119 -7.16 -0.18 -15.72
C HIS A 119 -7.33 -1.43 -14.85
N SER A 120 -8.55 -1.68 -14.38
CA SER A 120 -8.81 -2.81 -13.49
C SER A 120 -9.33 -4.09 -14.12
N THR A 121 -9.33 -4.17 -15.45
CA THR A 121 -9.80 -5.36 -16.15
C THR A 121 -8.98 -5.53 -17.42
N CYS A 122 -9.65 -5.78 -18.53
CA CYS A 122 -8.97 -5.91 -19.82
C CYS A 122 -9.43 -4.83 -20.78
N SER B 1 3.27 7.58 24.61
CA SER B 1 2.40 6.53 25.21
C SER B 1 3.13 5.19 25.25
N THR B 2 2.43 4.14 25.69
CA THR B 2 3.02 2.81 25.76
C THR B 2 2.31 1.82 24.83
N SER B 3 3.03 0.80 24.39
CA SER B 3 2.47 -0.21 23.50
C SER B 3 1.41 -1.05 24.20
N PRO B 4 0.29 -1.30 23.53
CA PRO B 4 -0.77 -2.11 24.14
C PRO B 4 -0.45 -3.60 24.10
N GLU B 5 -0.69 -4.28 25.21
CA GLU B 5 -0.42 -5.70 25.30
C GLU B 5 -1.57 -6.51 24.71
N ILE B 6 -1.24 -7.45 23.83
CA ILE B 6 -2.26 -8.29 23.23
C ILE B 6 -2.72 -9.26 24.31
N ALA B 7 -3.90 -8.99 24.86
CA ALA B 7 -4.44 -9.79 25.94
C ALA B 7 -5.19 -11.05 25.50
N SER B 8 -5.50 -11.15 24.21
CA SER B 8 -6.24 -12.31 23.73
C SER B 8 -5.87 -12.72 22.31
N LEU B 9 -5.69 -14.01 22.11
CA LEU B 9 -5.34 -14.54 20.78
C LEU B 9 -5.88 -15.95 20.55
N SER B 10 -6.42 -16.16 19.36
CA SER B 10 -6.96 -17.46 18.94
C SER B 10 -7.43 -17.32 17.50
N TRP B 11 -7.67 -18.44 16.83
CA TRP B 11 -8.11 -18.40 15.44
C TRP B 11 -9.24 -17.38 15.24
N GLY B 12 -8.99 -16.42 14.35
CA GLY B 12 -10.00 -15.41 14.08
C GLY B 12 -10.14 -14.36 15.17
N GLN B 13 -10.07 -14.79 16.42
CA GLN B 13 -10.21 -13.91 17.58
C GLN B 13 -8.89 -13.26 18.03
N LYS B 15 -7.61 -9.88 20.81
CA LYS B 15 -7.90 -8.75 21.68
C LYS B 15 -6.64 -8.09 22.24
N VAL B 16 -6.71 -6.78 22.42
CA VAL B 16 -5.59 -5.99 22.95
C VAL B 16 -6.02 -5.20 24.17
N LYS B 17 -5.24 -5.27 25.25
CA LYS B 17 -5.58 -4.52 26.46
C LYS B 17 -5.78 -3.06 26.07
N GLY B 18 -6.97 -2.55 26.35
CA GLY B 18 -7.28 -1.17 26.01
C GLY B 18 -8.03 -1.08 24.69
N SER B 19 -8.22 -2.24 24.05
CA SER B 19 -8.91 -2.30 22.77
C SER B 19 -10.24 -3.05 22.92
N ASN B 20 -11.32 -2.30 23.13
CA ASN B 20 -12.66 -2.85 23.30
C ASN B 20 -13.16 -3.47 22.00
N THR B 21 -12.25 -4.02 21.22
CA THR B 21 -12.62 -4.64 19.94
C THR B 21 -11.78 -5.86 19.58
N THR B 22 -12.48 -6.94 19.20
CA THR B 22 -11.83 -8.18 18.81
C THR B 22 -11.60 -8.19 17.31
N TYR B 23 -10.37 -7.92 16.92
CA TYR B 23 -10.01 -7.89 15.50
C TYR B 23 -9.90 -9.30 14.93
N LYS B 24 -9.17 -9.40 13.82
CA LYS B 24 -8.92 -10.67 13.14
C LYS B 24 -7.52 -10.50 12.56
N ASP B 25 -7.19 -9.25 12.30
CA ASP B 25 -5.90 -8.82 11.77
C ASP B 25 -5.80 -7.41 12.32
N CYS B 26 -4.60 -6.97 12.68
CA CYS B 26 -4.48 -5.62 13.22
C CYS B 26 -3.07 -5.04 13.25
N LYS B 27 -3.04 -3.74 13.56
CA LYS B 27 -1.79 -3.00 13.68
C LYS B 27 -1.69 -2.67 15.15
N VAL B 28 -0.48 -2.45 15.63
CA VAL B 28 -0.29 -2.12 17.04
C VAL B 28 0.92 -1.20 17.19
N TRP B 29 0.84 -0.28 18.14
CA TRP B 29 1.92 0.68 18.38
C TRP B 29 1.68 1.38 19.71
N PRO B 30 2.74 1.94 20.31
CA PRO B 30 2.56 2.63 21.58
C PRO B 30 1.35 3.56 21.56
N GLY B 31 0.38 3.27 22.41
CA GLY B 31 -0.82 4.09 22.47
C GLY B 31 -1.74 3.92 21.28
N GLY B 32 -1.93 2.69 20.80
CA GLY B 32 -2.80 2.47 19.66
C GLY B 32 -2.78 1.11 18.99
N SER B 33 -3.85 0.83 18.23
CA SER B 33 -4.03 -0.41 17.49
C SER B 33 -5.33 -0.27 16.69
N ARG B 34 -5.60 -1.21 15.80
CA ARG B 34 -6.80 -1.15 14.98
C ARG B 34 -6.87 -2.31 13.98
N THR B 35 -8.03 -2.49 13.36
CA THR B 35 -8.22 -3.56 12.38
C THR B 35 -7.25 -3.40 11.21
N TRP B 36 -7.13 -4.45 10.40
CA TRP B 36 -6.24 -4.42 9.25
C TRP B 36 -6.73 -5.26 8.08
N ASP B 37 -6.85 -4.62 6.92
CA ASP B 37 -7.30 -5.28 5.70
C ASP B 37 -6.31 -6.35 5.29
N GLY B 48 1.78 -9.62 -0.69
CA GLY B 48 1.81 -9.84 0.74
C GLY B 48 1.91 -8.55 1.53
N VAL B 49 2.24 -8.66 2.82
CA VAL B 49 2.37 -7.50 3.71
C VAL B 49 3.30 -6.46 3.08
N GLN B 50 2.72 -5.33 2.70
CA GLN B 50 3.47 -4.26 2.06
C GLN B 50 3.87 -3.14 3.01
N PRO B 51 4.83 -2.30 2.61
CA PRO B 51 5.24 -1.22 3.50
C PRO B 51 4.01 -0.40 3.90
N ALA B 52 3.09 -0.21 2.98
CA ALA B 52 1.87 0.54 3.27
C ALA B 52 1.22 -0.02 4.54
N ASP B 53 1.22 -1.34 4.66
CA ASP B 53 0.64 -2.04 5.80
C ASP B 53 1.31 -1.70 7.13
N VAL B 54 2.62 -1.52 7.09
CA VAL B 54 3.37 -1.21 8.30
C VAL B 54 3.79 0.25 8.44
N LYS B 55 3.81 0.98 7.33
CA LYS B 55 4.21 2.38 7.34
C LYS B 55 3.49 3.22 8.38
N GLU B 56 2.23 2.88 8.67
CA GLU B 56 1.50 3.66 9.66
C GLU B 56 2.14 3.40 11.02
N VAL B 57 2.29 2.13 11.37
CA VAL B 57 2.92 1.77 12.63
C VAL B 57 4.19 2.60 12.77
N VAL B 58 4.87 2.82 11.66
CA VAL B 58 6.11 3.60 11.64
C VAL B 58 5.85 5.08 11.91
N GLU B 59 4.71 5.58 11.46
CA GLU B 59 4.33 6.98 11.64
C GLU B 59 4.10 7.25 13.13
N LYS B 60 4.14 6.18 13.92
CA LYS B 60 3.92 6.30 15.36
C LYS B 60 5.23 6.26 16.15
N GLY B 61 6.28 5.72 15.54
CA GLY B 61 7.57 5.63 16.20
C GLY B 61 7.75 4.40 17.06
N VAL B 62 8.55 3.44 16.58
CA VAL B 62 8.80 2.20 17.31
C VAL B 62 10.25 1.74 17.11
N GLN B 63 10.82 1.11 18.12
CA GLN B 63 12.18 0.62 18.01
C GLN B 63 12.16 -0.72 17.29
N THR B 64 11.13 -1.51 17.59
CA THR B 64 10.96 -2.83 16.99
C THR B 64 9.56 -3.03 16.47
N LEU B 65 9.44 -3.78 15.38
CA LEU B 65 8.14 -4.06 14.80
C LEU B 65 8.05 -5.55 14.54
N VAL B 66 7.03 -6.18 15.10
CA VAL B 66 6.83 -7.61 14.92
C VAL B 66 5.77 -7.90 13.86
N ILE B 67 6.09 -8.81 12.95
CA ILE B 67 5.16 -9.20 11.90
C ILE B 67 4.68 -10.65 12.05
N GLY B 68 3.39 -10.82 12.35
CA GLY B 68 2.84 -12.15 12.49
C GLY B 68 2.30 -12.53 11.12
N ARG B 69 3.02 -13.40 10.41
CA ARG B 69 2.63 -13.80 9.07
C ARG B 69 1.45 -14.77 8.95
N GLY B 70 0.77 -15.06 10.05
CA GLY B 70 -0.38 -15.94 9.98
C GLY B 70 -0.23 -17.26 10.70
N SER B 72 -1.18 -20.37 9.75
CA SER B 72 -0.55 -21.33 8.85
C SER B 72 0.58 -20.57 8.18
N GLU B 73 0.77 -19.34 8.64
CA GLU B 73 1.81 -18.44 8.14
C GLU B 73 1.64 -18.08 6.68
N ALA B 74 0.97 -18.97 5.94
CA ALA B 74 0.72 -18.78 4.51
C ALA B 74 0.96 -17.35 4.03
N LEU B 75 0.16 -16.41 4.52
CA LEU B 75 0.32 -15.00 4.15
C LEU B 75 1.81 -14.66 4.17
N LYS B 76 2.37 -14.38 2.99
CA LYS B 76 3.79 -14.06 2.87
C LYS B 76 4.16 -12.63 3.23
N VAL B 77 5.46 -12.34 3.18
CA VAL B 77 6.02 -11.03 3.51
C VAL B 77 7.19 -10.71 2.58
N PRO B 78 7.06 -9.68 1.75
CA PRO B 78 8.12 -9.28 0.81
C PRO B 78 9.32 -8.63 1.50
N SER B 79 10.52 -9.09 1.17
CA SER B 79 11.74 -8.54 1.76
C SER B 79 11.78 -7.02 1.59
N SER B 80 11.21 -6.52 0.49
CA SER B 80 11.18 -5.09 0.24
C SER B 80 10.62 -4.41 1.47
N THR B 81 9.51 -4.96 1.97
CA THR B 81 8.85 -4.43 3.16
C THR B 81 9.84 -4.32 4.32
N VAL B 82 10.59 -5.39 4.53
CA VAL B 82 11.58 -5.44 5.59
C VAL B 82 12.69 -4.41 5.39
N GLU B 83 13.22 -4.36 4.18
CA GLU B 83 14.29 -3.45 3.86
C GLU B 83 13.82 -2.00 4.00
N TYR B 84 12.50 -1.83 4.04
CA TYR B 84 11.89 -0.53 4.19
C TYR B 84 11.99 -0.16 5.68
N LEU B 85 11.66 -1.12 6.54
CA LEU B 85 11.71 -0.91 7.97
C LEU B 85 13.13 -0.67 8.49
N LYS B 86 14.07 -1.52 8.09
CA LYS B 86 15.47 -1.37 8.51
C LYS B 86 15.97 0.00 8.08
N LYS B 87 15.61 0.39 6.86
CA LYS B 87 15.98 1.68 6.32
C LYS B 87 15.48 2.75 7.29
N HIS B 88 14.31 2.51 7.88
CA HIS B 88 13.75 3.46 8.83
C HIS B 88 14.25 3.15 10.24
N GLY B 89 15.39 2.44 10.29
CA GLY B 89 16.02 2.08 11.54
C GLY B 89 15.16 1.47 12.63
N ILE B 90 14.83 0.19 12.46
CA ILE B 90 14.00 -0.51 13.43
C ILE B 90 14.30 -2.02 13.44
N ASP B 91 14.20 -2.64 14.61
CA ASP B 91 14.44 -4.07 14.71
C ASP B 91 13.17 -4.75 14.23
N VAL B 92 13.33 -5.68 13.29
CA VAL B 92 12.18 -6.39 12.73
C VAL B 92 12.15 -7.87 13.08
N ARG B 93 11.01 -8.33 13.58
CA ARG B 93 10.83 -9.73 13.92
C ARG B 93 9.72 -10.25 12.99
N VAL B 94 9.93 -11.43 12.41
CA VAL B 94 8.95 -12.02 11.49
C VAL B 94 8.77 -13.51 11.82
N LEU B 95 7.56 -13.91 12.17
CA LEU B 95 7.30 -15.30 12.50
C LEU B 95 5.81 -15.61 12.53
N GLN B 96 5.48 -16.88 12.74
CA GLN B 96 4.10 -17.34 12.84
C GLN B 96 3.43 -16.44 13.88
N THR B 97 2.23 -15.98 13.59
CA THR B 97 1.50 -15.08 14.47
C THR B 97 1.47 -15.41 15.96
N GLU B 98 0.93 -16.56 16.33
CA GLU B 98 0.87 -16.93 17.74
C GLU B 98 2.25 -16.87 18.38
N GLN B 99 3.26 -17.32 17.65
CA GLN B 99 4.63 -17.31 18.14
C GLN B 99 5.14 -15.87 18.08
N ALA B 100 4.44 -15.05 17.31
CA ALA B 100 4.80 -13.65 17.15
C ALA B 100 4.21 -12.75 18.23
N VAL B 101 3.03 -13.13 18.73
CA VAL B 101 2.34 -12.37 19.76
C VAL B 101 3.04 -12.46 21.12
N LYS B 102 3.56 -13.65 21.46
CA LYS B 102 4.26 -13.82 22.73
C LYS B 102 5.53 -12.98 22.73
N GLU B 103 6.17 -12.89 21.56
CA GLU B 103 7.39 -12.12 21.40
C GLU B 103 7.08 -10.63 21.54
N TYR B 104 5.98 -10.19 20.91
CA TYR B 104 5.55 -8.79 20.97
C TYR B 104 5.26 -8.38 22.42
N ASN B 105 4.47 -9.20 23.12
CA ASN B 105 4.14 -8.89 24.51
C ASN B 105 5.36 -8.86 25.41
N ALA B 106 6.36 -9.69 25.11
CA ALA B 106 7.58 -9.75 25.91
C ALA B 106 8.28 -8.39 25.88
N LEU B 107 8.48 -7.86 24.67
CA LEU B 107 9.12 -6.56 24.53
C LEU B 107 8.27 -5.51 25.25
N VAL B 108 6.95 -5.67 25.16
CA VAL B 108 6.02 -4.74 25.80
C VAL B 108 6.26 -4.79 27.31
N ALA B 109 6.36 -6.00 27.83
CA ALA B 109 6.61 -6.22 29.25
C ALA B 109 7.94 -5.63 29.71
N GLN B 110 8.81 -5.27 28.76
CA GLN B 110 10.09 -4.69 29.13
C GLN B 110 10.24 -3.25 28.64
N GLY B 111 9.12 -2.55 28.58
CA GLY B 111 9.12 -1.14 28.19
C GLY B 111 9.60 -0.70 26.82
N VAL B 112 9.83 -1.64 25.91
CA VAL B 112 10.29 -1.28 24.57
C VAL B 112 9.13 -0.65 23.80
N ARG B 113 9.44 0.32 22.94
CA ARG B 113 8.41 0.92 22.11
C ARG B 113 8.29 -0.02 20.91
N VAL B 114 7.41 -1.01 21.06
CA VAL B 114 7.23 -2.00 20.00
C VAL B 114 5.88 -1.89 19.30
N GLY B 115 5.86 -2.29 18.03
CA GLY B 115 4.64 -2.26 17.25
C GLY B 115 4.51 -3.54 16.45
N GLY B 116 3.50 -3.63 15.60
CA GLY B 116 3.34 -4.84 14.81
C GLY B 116 1.99 -4.99 14.15
N VAL B 117 1.91 -5.99 13.27
CA VAL B 117 0.69 -6.31 12.54
C VAL B 117 0.54 -7.83 12.60
N PHE B 118 -0.62 -8.30 13.02
CA PHE B 118 -0.84 -9.73 13.16
C PHE B 118 -1.97 -10.31 12.33
N HIS B 119 -2.53 -11.43 12.82
CA HIS B 119 -3.63 -12.13 12.16
C HIS B 119 -3.84 -13.50 12.79
N SER B 120 -5.10 -13.85 13.04
CA SER B 120 -5.39 -15.14 13.67
C SER B 120 -5.85 -16.28 12.76
N THR B 121 -5.55 -16.21 11.45
CA THR B 121 -5.92 -17.29 10.53
C THR B 121 -4.78 -17.54 9.54
N CYS B 122 -5.12 -17.92 8.31
CA CYS B 122 -4.10 -18.20 7.29
C CYS B 122 -4.22 -17.32 6.04
N SER A 1 0.70 18.62 -0.75
CA SER A 1 -0.12 17.39 -0.58
C SER A 1 0.66 16.13 -0.99
N THR A 2 0.18 14.98 -0.53
CA THR A 2 0.82 13.70 -0.83
C THR A 2 -0.04 12.77 -1.67
N SER A 3 0.61 11.86 -2.39
CA SER A 3 -0.09 10.90 -3.22
C SER A 3 -0.84 9.93 -2.30
N PRO A 4 -2.13 9.70 -2.56
CA PRO A 4 -2.95 8.80 -1.75
C PRO A 4 -2.76 7.33 -2.11
N GLU A 5 -2.40 6.52 -1.12
CA GLU A 5 -2.20 5.09 -1.32
C GLU A 5 -3.44 4.51 -1.98
N ILE A 6 -3.26 3.49 -2.81
CA ILE A 6 -4.41 2.84 -3.42
C ILE A 6 -4.96 1.89 -2.36
N ALA A 7 -6.13 2.24 -1.82
CA ALA A 7 -6.77 1.48 -0.76
C ALA A 7 -7.12 0.03 -1.10
N SER A 8 -7.74 -0.19 -2.25
CA SER A 8 -8.09 -1.56 -2.64
C SER A 8 -8.24 -1.75 -4.14
N LEU A 9 -7.78 -2.89 -4.62
CA LEU A 9 -7.84 -3.22 -6.04
C LEU A 9 -8.54 -4.56 -6.29
N SER A 10 -9.77 -4.50 -6.77
CA SER A 10 -10.53 -5.71 -7.08
C SER A 10 -10.83 -5.66 -8.57
N TRP A 11 -11.24 -6.77 -9.16
CA TRP A 11 -11.52 -6.76 -10.60
C TRP A 11 -12.50 -5.69 -11.02
N GLY A 12 -12.16 -4.97 -12.08
CA GLY A 12 -13.02 -3.92 -12.58
C GLY A 12 -13.34 -2.82 -11.57
N GLN A 13 -12.83 -2.96 -10.35
CA GLN A 13 -13.08 -1.99 -9.30
C GLN A 13 -11.78 -1.56 -8.61
N LYS A 15 -10.21 1.39 -5.35
CA LYS A 15 -10.49 2.35 -4.29
C LYS A 15 -9.22 3.08 -3.89
N VAL A 16 -9.34 4.40 -3.81
CA VAL A 16 -8.23 5.27 -3.44
C VAL A 16 -8.42 5.80 -2.04
N LYS A 17 -7.36 5.77 -1.24
CA LYS A 17 -7.41 6.29 0.12
C LYS A 17 -7.71 7.77 0.02
N GLY A 18 -8.33 8.31 1.07
CA GLY A 18 -8.68 9.72 1.06
C GLY A 18 -9.90 9.96 0.19
N SER A 19 -10.07 9.11 -0.81
CA SER A 19 -11.21 9.21 -1.70
C SER A 19 -12.30 8.27 -1.20
N ASN A 20 -13.54 8.72 -1.26
CA ASN A 20 -14.67 7.92 -0.80
C ASN A 20 -15.42 7.40 -2.02
N THR A 21 -14.74 7.35 -3.17
CA THR A 21 -15.38 6.90 -4.39
C THR A 21 -14.84 5.60 -4.99
N THR A 22 -15.72 4.62 -5.16
CA THR A 22 -15.34 3.35 -5.77
C THR A 22 -15.21 3.61 -7.28
N TYR A 23 -14.05 3.28 -7.84
CA TYR A 23 -13.79 3.50 -9.25
C TYR A 23 -13.73 2.18 -10.02
N LYS A 24 -13.65 2.31 -11.35
CA LYS A 24 -13.50 1.17 -12.24
C LYS A 24 -12.03 1.34 -12.62
N ASP A 25 -11.76 2.38 -13.41
CA ASP A 25 -10.41 2.75 -13.82
C ASP A 25 -10.22 4.13 -13.22
N CYS A 26 -9.00 4.46 -12.80
CA CYS A 26 -8.79 5.77 -12.19
C CYS A 26 -7.45 6.47 -12.43
N LYS A 27 -7.41 7.75 -12.06
CA LYS A 27 -6.22 8.58 -12.17
C LYS A 27 -5.92 9.08 -10.76
N VAL A 28 -4.67 8.95 -10.34
CA VAL A 28 -4.29 9.38 -9.00
C VAL A 28 -3.04 10.27 -8.99
N TRP A 29 -3.05 11.30 -8.14
CA TRP A 29 -1.93 12.25 -8.05
C TRP A 29 -1.84 12.84 -6.64
N PRO A 30 -0.73 13.53 -6.32
CA PRO A 30 -0.57 14.14 -5.00
C PRO A 30 -1.81 14.94 -4.58
N GLY A 31 -2.44 14.51 -3.50
CA GLY A 31 -3.63 15.19 -3.01
C GLY A 31 -4.90 14.99 -3.84
N GLY A 32 -4.97 13.91 -4.62
CA GLY A 32 -6.16 13.72 -5.42
C GLY A 32 -6.21 12.50 -6.32
N SER A 33 -7.38 12.28 -6.90
CA SER A 33 -7.62 11.16 -7.79
C SER A 33 -8.73 11.59 -8.74
N ARG A 34 -9.25 10.66 -9.53
CA ARG A 34 -10.32 10.99 -10.46
C ARG A 34 -10.68 9.77 -11.30
N THR A 35 -11.91 9.74 -11.79
CA THR A 35 -12.36 8.63 -12.62
C THR A 35 -11.67 8.70 -13.97
N TRP A 36 -11.20 7.54 -14.44
CA TRP A 36 -10.57 7.47 -15.75
C TRP A 36 -11.57 6.85 -16.72
N ASP A 37 -12.27 7.71 -17.45
CA ASP A 37 -13.28 7.28 -18.42
C ASP A 37 -12.68 7.37 -19.81
N TRP A 38 -12.54 6.22 -20.47
CA TRP A 38 -11.97 6.18 -21.82
C TRP A 38 -12.85 6.90 -22.85
N ARG A 39 -14.10 7.17 -22.49
CA ARG A 39 -15.01 7.86 -23.38
C ARG A 39 -14.76 9.37 -23.41
N GLU A 40 -14.09 9.87 -22.37
CA GLU A 40 -13.74 11.29 -22.28
C GLU A 40 -12.42 11.48 -23.01
N THR A 41 -11.91 10.41 -23.60
CA THR A 41 -10.65 10.47 -24.33
C THR A 41 -10.73 9.79 -25.70
N GLY A 42 -11.37 8.62 -25.73
CA GLY A 42 -11.49 7.88 -26.97
C GLY A 42 -10.38 6.85 -27.10
N THR A 43 -10.05 6.20 -25.99
CA THR A 43 -9.00 5.19 -25.96
C THR A 43 -9.53 3.76 -25.97
N GLU A 44 -8.95 2.93 -26.85
CA GLU A 44 -9.30 1.52 -26.96
C GLU A 44 -8.06 0.78 -26.48
N HIS A 45 -8.11 -0.56 -26.41
CA HIS A 45 -6.93 -1.31 -25.98
C HIS A 45 -5.78 -1.11 -26.98
N SER A 46 -6.14 -0.97 -28.25
CA SER A 46 -5.17 -0.72 -29.31
C SER A 46 -5.64 0.57 -29.98
N PRO A 47 -4.72 1.50 -30.29
CA PRO A 47 -3.27 1.46 -30.07
C PRO A 47 -2.84 1.60 -28.61
N GLY A 48 -3.72 2.16 -27.78
CA GLY A 48 -3.39 2.29 -26.37
C GLY A 48 -3.38 3.66 -25.72
N VAL A 49 -2.89 3.67 -24.48
CA VAL A 49 -2.81 4.88 -23.68
C VAL A 49 -2.19 6.03 -24.47
N GLN A 50 -2.83 7.19 -24.42
CA GLN A 50 -2.34 8.35 -25.13
C GLN A 50 -1.93 9.45 -24.17
N PRO A 51 -1.10 10.41 -24.64
CA PRO A 51 -0.66 11.50 -23.78
C PRO A 51 -1.86 12.21 -23.16
N ALA A 52 -2.96 12.27 -23.91
CA ALA A 52 -4.17 12.93 -23.44
C ALA A 52 -4.73 12.22 -22.21
N ASP A 53 -4.36 10.95 -22.02
CA ASP A 53 -4.83 10.19 -20.87
C ASP A 53 -4.06 10.60 -19.61
N VAL A 54 -2.76 10.79 -19.76
CA VAL A 54 -1.89 11.14 -18.64
C VAL A 54 -1.63 12.64 -18.42
N LYS A 55 -2.06 13.46 -19.38
CA LYS A 55 -1.86 14.91 -19.31
C LYS A 55 -2.34 15.51 -17.97
N GLU A 56 -3.54 15.14 -17.54
CA GLU A 56 -4.12 15.64 -16.30
C GLU A 56 -3.33 15.12 -15.09
N VAL A 57 -2.34 14.28 -15.34
CA VAL A 57 -1.51 13.75 -14.27
C VAL A 57 -0.25 14.60 -14.25
N VAL A 58 0.29 14.84 -15.44
CA VAL A 58 1.49 15.65 -15.59
C VAL A 58 1.26 17.04 -14.98
N GLU A 59 0.11 17.63 -15.27
CA GLU A 59 -0.25 18.96 -14.76
C GLU A 59 0.04 19.14 -13.28
N LYS A 60 -0.47 18.23 -12.46
CA LYS A 60 -0.24 18.30 -11.01
C LYS A 60 1.25 18.23 -10.68
N GLY A 61 2.04 17.76 -11.63
CA GLY A 61 3.48 17.64 -11.41
C GLY A 61 3.85 16.47 -10.53
N VAL A 62 4.51 15.47 -11.10
CA VAL A 62 4.91 14.29 -10.34
C VAL A 62 6.33 13.89 -10.71
N GLN A 63 6.97 13.10 -9.87
CA GLN A 63 8.34 12.66 -10.15
C GLN A 63 8.21 11.37 -10.94
N THR A 64 7.25 10.55 -10.52
CA THR A 64 7.00 9.26 -11.16
C THR A 64 5.52 9.10 -11.49
N LEU A 65 5.26 8.43 -12.61
CA LEU A 65 3.91 8.17 -13.03
C LEU A 65 3.77 6.67 -13.29
N VAL A 66 2.82 6.05 -12.63
CA VAL A 66 2.62 4.61 -12.79
C VAL A 66 1.43 4.32 -13.69
N ILE A 67 1.66 3.45 -14.66
CA ILE A 67 0.62 3.07 -15.61
C ILE A 67 0.20 1.61 -15.45
N GLY A 68 -1.05 1.40 -15.05
CA GLY A 68 -1.57 0.05 -14.90
C GLY A 68 -2.24 -0.31 -16.20
N ARG A 69 -1.53 -1.06 -17.04
CA ARG A 69 -2.03 -1.44 -18.36
C ARG A 69 -3.11 -2.51 -18.40
N GLY A 70 -3.59 -2.94 -17.24
CA GLY A 70 -4.62 -3.95 -17.22
C GLY A 70 -4.25 -5.24 -16.52
N SER A 72 -4.37 -8.36 -17.69
CA SER A 72 -3.66 -9.32 -18.52
C SER A 72 -2.84 -8.58 -19.56
N GLU A 73 -2.84 -7.25 -19.46
CA GLU A 73 -2.09 -6.40 -20.37
C GLU A 73 -2.60 -6.45 -21.82
N ALA A 74 -3.90 -6.24 -21.99
CA ALA A 74 -4.51 -6.23 -23.31
C ALA A 74 -4.43 -4.81 -23.86
N LEU A 75 -4.27 -3.85 -22.95
CA LEU A 75 -4.16 -2.46 -23.34
C LEU A 75 -2.69 -2.13 -23.60
N LYS A 76 -2.40 -1.70 -24.83
CA LYS A 76 -1.05 -1.35 -25.21
C LYS A 76 -0.72 0.05 -24.71
N VAL A 77 0.52 0.45 -24.92
CA VAL A 77 1.03 1.76 -24.52
C VAL A 77 2.07 2.16 -25.55
N PRO A 78 1.72 3.08 -26.46
CA PRO A 78 2.63 3.56 -27.51
C PRO A 78 3.89 4.17 -26.90
N SER A 79 4.98 4.11 -27.64
CA SER A 79 6.23 4.67 -27.16
C SER A 79 6.10 6.19 -27.18
N SER A 80 5.14 6.67 -27.96
CA SER A 80 4.91 8.11 -28.08
C SER A 80 4.44 8.64 -26.74
N THR A 81 3.50 7.90 -26.14
CA THR A 81 2.93 8.27 -24.85
C THR A 81 3.98 8.27 -23.74
N VAL A 82 4.87 7.29 -23.75
CA VAL A 82 5.91 7.19 -22.73
C VAL A 82 6.99 8.24 -22.99
N GLU A 83 7.22 8.54 -24.26
CA GLU A 83 8.21 9.54 -24.61
C GLU A 83 7.70 10.90 -24.14
N TYR A 84 6.41 11.12 -24.34
CA TYR A 84 5.76 12.36 -23.95
C TYR A 84 6.06 12.66 -22.48
N LEU A 85 5.99 11.62 -21.66
CA LEU A 85 6.26 11.77 -20.24
C LEU A 85 7.72 12.08 -19.96
N LYS A 86 8.61 11.16 -20.32
CA LYS A 86 10.03 11.33 -20.10
C LYS A 86 10.56 12.68 -20.58
N LYS A 87 9.91 13.24 -21.58
CA LYS A 87 10.30 14.53 -22.13
C LYS A 87 9.98 15.63 -21.11
N HIS A 88 9.18 15.26 -20.11
CA HIS A 88 8.79 16.18 -19.05
C HIS A 88 9.48 15.84 -17.73
N GLY A 89 10.58 15.11 -17.84
CA GLY A 89 11.35 14.74 -16.68
C GLY A 89 10.66 13.80 -15.72
N ILE A 90 9.68 13.07 -16.23
CA ILE A 90 8.91 12.13 -15.41
C ILE A 90 9.42 10.69 -15.48
N ASP A 91 9.49 10.05 -14.32
CA ASP A 91 9.92 8.66 -14.22
C ASP A 91 8.67 7.83 -14.53
N VAL A 92 8.75 6.95 -15.53
CA VAL A 92 7.60 6.15 -15.94
C VAL A 92 7.69 4.68 -15.61
N ARG A 93 6.59 4.15 -15.06
CA ARG A 93 6.50 2.74 -14.71
C ARG A 93 5.28 2.14 -15.40
N VAL A 94 5.51 1.21 -16.32
CA VAL A 94 4.41 0.55 -17.03
C VAL A 94 4.30 -0.88 -16.50
N LEU A 95 3.19 -1.20 -15.85
CA LEU A 95 3.01 -2.52 -15.27
C LEU A 95 1.60 -3.09 -15.37
N GLN A 96 1.50 -4.38 -15.04
CA GLN A 96 0.23 -5.09 -15.01
C GLN A 96 -0.40 -4.42 -13.79
N THR A 97 -1.70 -4.19 -13.81
CA THR A 97 -2.36 -3.50 -12.71
C THR A 97 -2.07 -4.02 -11.30
N GLU A 98 -2.36 -5.28 -11.01
CA GLU A 98 -2.11 -5.84 -9.68
C GLU A 98 -0.71 -5.46 -9.18
N GLN A 99 0.25 -5.54 -10.10
CA GLN A 99 1.63 -5.23 -9.78
C GLN A 99 1.89 -3.73 -9.85
N ALA A 100 1.07 -3.03 -10.64
CA ALA A 100 1.20 -1.59 -10.83
C ALA A 100 0.73 -0.81 -9.60
N VAL A 101 -0.32 -1.32 -8.95
CA VAL A 101 -0.84 -0.67 -7.75
C VAL A 101 0.17 -0.82 -6.61
N LYS A 102 0.96 -1.89 -6.64
CA LYS A 102 1.96 -2.14 -5.62
C LYS A 102 3.14 -1.15 -5.68
N GLU A 103 3.70 -0.96 -6.89
CA GLU A 103 4.81 -0.02 -7.03
C GLU A 103 4.34 1.36 -6.60
N TYR A 104 3.18 1.76 -7.11
CA TYR A 104 2.59 3.05 -6.78
C TYR A 104 2.66 3.31 -5.27
N ASN A 105 2.15 2.36 -4.50
CA ASN A 105 2.14 2.50 -3.05
C ASN A 105 3.53 2.46 -2.45
N ALA A 106 4.42 1.66 -3.05
CA ALA A 106 5.79 1.57 -2.57
C ALA A 106 6.41 2.96 -2.62
N LEU A 107 6.29 3.61 -3.78
CA LEU A 107 6.81 4.95 -3.98
C LEU A 107 6.17 5.87 -2.93
N VAL A 108 4.86 5.74 -2.79
CA VAL A 108 4.12 6.54 -1.83
C VAL A 108 4.72 6.35 -0.43
N ALA A 109 5.02 5.10 -0.08
CA ALA A 109 5.60 4.77 1.23
C ALA A 109 6.93 5.48 1.41
N GLN A 110 7.57 5.84 0.30
CA GLN A 110 8.84 6.54 0.38
C GLN A 110 8.67 8.06 0.23
N GLY A 111 7.42 8.50 0.31
CA GLY A 111 7.12 9.92 0.20
C GLY A 111 7.24 10.59 -1.15
N VAL A 112 7.70 9.86 -2.17
CA VAL A 112 7.85 10.42 -3.51
C VAL A 112 6.52 10.96 -4.03
N ARG A 113 6.59 11.98 -4.89
CA ARG A 113 5.38 12.53 -5.49
C ARG A 113 5.07 11.64 -6.69
N VAL A 114 4.10 10.76 -6.52
CA VAL A 114 3.75 9.84 -7.58
C VAL A 114 2.34 10.04 -8.11
N GLY A 115 2.13 9.68 -9.37
CA GLY A 115 0.82 9.79 -9.97
C GLY A 115 0.58 8.58 -10.85
N GLY A 116 -0.56 8.52 -11.51
CA GLY A 116 -0.80 7.39 -12.38
C GLY A 116 -2.21 7.19 -12.87
N VAL A 117 -2.36 6.22 -13.78
CA VAL A 117 -3.64 5.88 -14.36
C VAL A 117 -3.70 4.36 -14.31
N PHE A 118 -4.84 3.82 -13.91
CA PHE A 118 -4.96 2.38 -13.79
C PHE A 118 -6.19 1.79 -14.47
N HIS A 119 -5.97 0.65 -15.10
CA HIS A 119 -7.01 -0.10 -15.81
C HIS A 119 -7.33 -1.31 -14.92
N SER A 120 -8.49 -1.28 -14.29
CA SER A 120 -8.92 -2.34 -13.38
C SER A 120 -9.06 -3.73 -13.98
N THR A 121 -9.33 -3.81 -15.29
CA THR A 121 -9.47 -5.10 -15.95
C THR A 121 -8.28 -5.34 -16.87
N CYS A 122 -8.29 -6.48 -17.58
CA CYS A 122 -7.21 -6.83 -18.48
C CYS A 122 -6.92 -5.73 -19.53
N SER B 1 2.85 7.74 24.15
CA SER B 1 1.95 6.54 24.22
C SER B 1 2.74 5.24 24.35
N THR B 2 2.34 4.42 25.31
CA THR B 2 2.99 3.14 25.58
C THR B 2 2.39 2.06 24.67
N SER B 3 3.01 0.89 24.62
CA SER B 3 2.50 -0.19 23.77
C SER B 3 1.48 -1.05 24.50
N PRO B 4 0.39 -1.40 23.80
CA PRO B 4 -0.65 -2.23 24.42
C PRO B 4 -0.29 -3.72 24.36
N GLU B 5 -0.57 -4.43 25.45
CA GLU B 5 -0.28 -5.85 25.55
C GLU B 5 -1.37 -6.67 24.87
N ILE B 6 -0.96 -7.54 23.95
CA ILE B 6 -1.94 -8.38 23.27
C ILE B 6 -2.51 -9.33 24.31
N ALA B 7 -3.83 -9.27 24.50
CA ALA B 7 -4.48 -10.11 25.49
C ALA B 7 -5.22 -11.32 24.92
N SER B 8 -5.66 -11.24 23.67
CA SER B 8 -6.40 -12.35 23.09
C SER B 8 -6.10 -12.69 21.64
N LEU B 9 -5.63 -13.91 21.43
CA LEU B 9 -5.32 -14.41 20.10
C LEU B 9 -5.77 -15.85 19.94
N SER B 10 -6.24 -16.17 18.74
CA SER B 10 -6.67 -17.53 18.41
C SER B 10 -6.70 -17.58 16.89
N TRP B 11 -7.60 -18.37 16.34
CA TRP B 11 -7.70 -18.46 14.89
C TRP B 11 -8.68 -17.42 14.36
N GLY B 12 -8.20 -16.53 13.51
CA GLY B 12 -9.04 -15.49 12.94
C GLY B 12 -9.66 -14.52 13.92
N GLN B 13 -9.20 -14.55 15.16
CA GLN B 13 -9.73 -13.66 16.19
C GLN B 13 -8.62 -13.09 17.06
N LYS B 15 -7.56 -9.64 20.02
CA LYS B 15 -7.97 -8.54 20.89
C LYS B 15 -6.74 -7.80 21.43
N VAL B 16 -6.88 -6.49 21.62
CA VAL B 16 -5.78 -5.68 22.13
C VAL B 16 -6.16 -4.96 23.41
N LYS B 17 -5.31 -5.04 24.43
CA LYS B 17 -5.57 -4.41 25.71
C LYS B 17 -5.87 -2.92 25.49
N GLY B 18 -7.15 -2.58 25.50
CA GLY B 18 -7.56 -1.20 25.30
C GLY B 18 -8.22 -0.94 23.96
N SER B 19 -8.53 -2.00 23.23
CA SER B 19 -9.17 -1.86 21.92
C SER B 19 -10.55 -2.52 21.89
N ASN B 20 -11.55 -1.78 21.40
CA ASN B 20 -12.92 -2.29 21.33
C ASN B 20 -13.17 -3.15 20.08
N THR B 21 -13.69 -2.52 19.03
CA THR B 21 -14.00 -3.22 17.77
C THR B 21 -12.91 -4.18 17.32
N THR B 22 -13.22 -5.47 17.36
CA THR B 22 -12.26 -6.49 16.94
C THR B 22 -11.97 -6.44 15.44
N TYR B 23 -10.87 -7.06 15.04
CA TYR B 23 -10.46 -7.10 13.64
C TYR B 23 -10.12 -8.55 13.35
N LYS B 24 -9.64 -8.81 12.14
CA LYS B 24 -9.22 -10.16 11.76
C LYS B 24 -7.75 -10.19 12.10
N ASP B 25 -7.00 -9.32 11.41
CA ASP B 25 -5.58 -9.15 11.61
C ASP B 25 -5.55 -7.82 12.36
N CYS B 26 -4.40 -7.45 12.92
CA CYS B 26 -4.37 -6.18 13.63
C CYS B 26 -3.06 -5.45 13.55
N LYS B 27 -3.14 -4.13 13.71
CA LYS B 27 -1.98 -3.26 13.69
C LYS B 27 -1.90 -2.69 15.09
N VAL B 28 -0.73 -2.78 15.71
CA VAL B 28 -0.58 -2.26 17.05
C VAL B 28 0.70 -1.42 17.16
N TRP B 29 0.63 -0.33 17.92
CA TRP B 29 1.76 0.56 18.10
C TRP B 29 1.54 1.37 19.35
N PRO B 30 2.59 2.06 19.83
CA PRO B 30 2.47 2.88 21.03
C PRO B 30 1.17 3.67 21.07
N GLY B 31 0.23 3.18 21.89
CA GLY B 31 -1.07 3.82 22.03
C GLY B 31 -1.92 3.81 20.77
N GLY B 32 -2.08 2.66 20.12
CA GLY B 32 -2.89 2.61 18.92
C GLY B 32 -3.08 1.26 18.22
N SER B 33 -4.20 1.13 17.52
CA SER B 33 -4.53 -0.09 16.78
C SER B 33 -5.51 0.20 15.64
N ARG B 34 -5.48 -0.63 14.60
CA ARG B 34 -6.37 -0.47 13.46
C ARG B 34 -6.69 -1.84 12.88
N THR B 35 -7.56 -1.86 11.88
CA THR B 35 -7.93 -3.11 11.22
C THR B 35 -6.89 -3.35 10.14
N TRP B 36 -6.98 -4.46 9.43
CA TRP B 36 -6.01 -4.74 8.39
C TRP B 36 -6.40 -5.88 7.45
N ASP B 37 -6.27 -5.63 6.16
CA ASP B 37 -6.61 -6.61 5.14
C ASP B 37 -5.95 -6.27 3.81
N GLY B 48 0.70 -10.11 0.42
CA GLY B 48 1.38 -10.37 1.68
C GLY B 48 1.62 -9.11 2.49
N VAL B 49 2.87 -8.89 2.89
CA VAL B 49 3.21 -7.71 3.67
C VAL B 49 4.21 -6.91 2.85
N GLN B 50 3.72 -5.86 2.21
CA GLN B 50 4.53 -5.00 1.37
C GLN B 50 5.07 -3.82 2.17
N PRO B 51 6.10 -3.15 1.65
CA PRO B 51 6.73 -1.99 2.30
C PRO B 51 5.79 -0.83 2.57
N ALA B 52 4.55 -0.98 2.12
CA ALA B 52 3.53 0.04 2.30
C ALA B 52 2.48 -0.48 3.27
N ASP B 53 2.67 -1.73 3.69
CA ASP B 53 1.74 -2.40 4.60
C ASP B 53 1.89 -2.05 6.07
N VAL B 54 3.08 -1.64 6.47
CA VAL B 54 3.33 -1.29 7.87
C VAL B 54 3.64 0.18 8.09
N LYS B 55 3.28 1.02 7.13
CA LYS B 55 3.56 2.45 7.23
C LYS B 55 3.00 3.13 8.48
N GLU B 56 1.69 3.02 8.69
CA GLU B 56 1.07 3.67 9.84
C GLU B 56 1.71 3.24 11.14
N VAL B 57 2.58 2.24 11.08
CA VAL B 57 3.28 1.76 12.26
C VAL B 57 4.52 2.61 12.46
N VAL B 58 5.36 2.64 11.42
CA VAL B 58 6.60 3.41 11.46
C VAL B 58 6.41 4.86 11.90
N GLU B 59 5.45 5.54 11.29
CA GLU B 59 5.18 6.94 11.63
C GLU B 59 5.02 7.08 13.15
N LYS B 60 4.12 6.30 13.72
CA LYS B 60 3.86 6.33 15.14
C LYS B 60 5.15 6.29 15.97
N GLY B 61 6.22 5.81 15.35
CA GLY B 61 7.50 5.72 16.04
C GLY B 61 7.66 4.50 16.93
N VAL B 62 8.38 3.50 16.42
CA VAL B 62 8.64 2.28 17.18
C VAL B 62 10.10 1.89 17.01
N GLN B 63 10.62 1.15 17.97
CA GLN B 63 12.00 0.71 17.92
C GLN B 63 12.02 -0.65 17.25
N THR B 64 11.05 -1.48 17.60
CA THR B 64 10.93 -2.83 17.05
C THR B 64 9.53 -3.04 16.49
N LEU B 65 9.46 -3.78 15.40
CA LEU B 65 8.16 -4.06 14.79
C LEU B 65 8.08 -5.56 14.53
N VAL B 66 7.05 -6.18 15.10
CA VAL B 66 6.86 -7.61 14.92
C VAL B 66 5.79 -7.90 13.86
N ILE B 67 6.14 -8.78 12.93
CA ILE B 67 5.22 -9.16 11.87
C ILE B 67 4.75 -10.61 12.05
N GLY B 68 3.50 -10.77 12.46
CA GLY B 68 2.94 -12.09 12.64
C GLY B 68 2.31 -12.46 11.31
N ARG B 69 3.01 -13.28 10.54
CA ARG B 69 2.53 -13.67 9.22
C ARG B 69 1.72 -14.95 9.12
N GLY B 70 0.76 -15.14 10.03
CA GLY B 70 -0.08 -16.32 9.98
C GLY B 70 0.23 -17.47 10.92
N SER B 72 0.18 -20.61 10.01
CA SER B 72 0.99 -21.55 9.25
C SER B 72 2.20 -20.87 8.63
N GLU B 73 2.54 -19.69 9.13
CA GLU B 73 3.67 -18.92 8.63
C GLU B 73 3.61 -18.83 7.11
N ALA B 74 2.40 -18.75 6.55
CA ALA B 74 2.24 -18.70 5.11
C ALA B 74 2.52 -17.33 4.48
N LEU B 75 1.88 -16.30 5.02
CA LEU B 75 2.03 -14.93 4.53
C LEU B 75 3.42 -14.59 4.01
N LYS B 76 3.47 -14.05 2.79
CA LYS B 76 4.73 -13.67 2.17
C LYS B 76 5.19 -12.29 2.57
N VAL B 77 6.43 -12.20 3.03
CA VAL B 77 7.00 -10.92 3.43
C VAL B 77 8.24 -10.65 2.58
N PRO B 78 8.08 -9.84 1.51
CA PRO B 78 9.23 -9.55 0.66
C PRO B 78 10.27 -8.74 1.41
N SER B 79 11.29 -8.28 0.67
CA SER B 79 12.36 -7.48 1.26
C SER B 79 11.97 -6.01 1.18
N SER B 80 11.32 -5.64 0.07
CA SER B 80 10.90 -4.26 -0.13
C SER B 80 10.32 -3.73 1.17
N THR B 81 9.64 -4.63 1.88
CA THR B 81 9.01 -4.32 3.16
C THR B 81 10.06 -4.20 4.26
N VAL B 82 10.63 -5.34 4.62
CA VAL B 82 11.64 -5.40 5.66
C VAL B 82 12.72 -4.33 5.49
N GLU B 83 13.25 -4.20 4.28
CA GLU B 83 14.27 -3.21 4.00
C GLU B 83 13.75 -1.82 4.35
N TYR B 84 12.52 -1.54 3.92
CA TYR B 84 11.87 -0.27 4.19
C TYR B 84 11.99 0.00 5.69
N LEU B 85 11.66 -1.01 6.49
CA LEU B 85 11.73 -0.88 7.95
C LEU B 85 13.16 -0.65 8.44
N LYS B 86 14.12 -1.44 7.97
CA LYS B 86 15.51 -1.29 8.38
C LYS B 86 16.01 0.08 7.94
N LYS B 87 15.53 0.51 6.78
CA LYS B 87 15.87 1.81 6.22
C LYS B 87 15.30 2.88 7.16
N HIS B 88 14.80 2.45 8.30
CA HIS B 88 14.22 3.35 9.29
C HIS B 88 14.67 3.03 10.70
N GLY B 89 15.77 2.28 10.81
CA GLY B 89 16.32 1.92 12.12
C GLY B 89 15.36 1.14 13.00
N ILE B 90 14.66 0.20 12.40
CA ILE B 90 13.70 -0.61 13.13
C ILE B 90 14.10 -2.08 13.21
N ASP B 91 14.09 -2.62 14.43
CA ASP B 91 14.40 -4.04 14.61
C ASP B 91 13.14 -4.78 14.17
N VAL B 92 13.27 -5.62 13.15
CA VAL B 92 12.14 -6.36 12.63
C VAL B 92 12.14 -7.82 13.05
N ARG B 93 10.97 -8.30 13.46
CA ARG B 93 10.80 -9.69 13.86
C ARG B 93 9.69 -10.27 12.98
N VAL B 94 9.99 -11.35 12.27
CA VAL B 94 9.01 -12.00 11.40
C VAL B 94 8.85 -13.43 11.92
N LEU B 95 7.69 -13.74 12.49
CA LEU B 95 7.45 -15.07 13.04
C LEU B 95 6.02 -15.52 12.84
N GLN B 96 5.76 -16.79 13.13
CA GLN B 96 4.41 -17.33 13.04
C GLN B 96 3.62 -16.49 14.05
N THR B 97 2.36 -16.23 13.76
CA THR B 97 1.54 -15.38 14.62
C THR B 97 1.52 -15.71 16.11
N GLU B 98 1.06 -16.90 16.49
CA GLU B 98 1.03 -17.25 17.91
C GLU B 98 2.41 -17.17 18.55
N GLN B 99 3.45 -17.30 17.73
CA GLN B 99 4.81 -17.22 18.23
C GLN B 99 5.27 -15.76 18.10
N ALA B 100 4.51 -15.00 17.32
CA ALA B 100 4.80 -13.58 17.09
C ALA B 100 4.20 -12.71 18.18
N VAL B 101 3.05 -13.13 18.70
CA VAL B 101 2.36 -12.39 19.76
C VAL B 101 3.06 -12.51 21.12
N LYS B 102 3.56 -13.69 21.44
CA LYS B 102 4.26 -13.86 22.71
C LYS B 102 5.55 -13.05 22.71
N GLU B 103 6.15 -12.89 21.54
CA GLU B 103 7.37 -12.12 21.39
C GLU B 103 7.07 -10.62 21.53
N TYR B 104 5.96 -10.19 20.91
CA TYR B 104 5.53 -8.80 20.97
C TYR B 104 5.22 -8.39 22.41
N ASN B 105 4.58 -9.27 23.17
CA ASN B 105 4.23 -8.98 24.55
C ASN B 105 5.47 -8.95 25.45
N ALA B 106 6.48 -9.74 25.11
CA ALA B 106 7.71 -9.78 25.91
C ALA B 106 8.37 -8.40 25.87
N LEU B 107 8.54 -7.87 24.67
CA LEU B 107 9.13 -6.55 24.50
C LEU B 107 8.26 -5.52 25.24
N VAL B 108 6.94 -5.69 25.14
CA VAL B 108 6.01 -4.78 25.80
C VAL B 108 6.27 -4.85 27.31
N ALA B 109 6.51 -6.07 27.79
CA ALA B 109 6.79 -6.30 29.20
C ALA B 109 8.12 -5.70 29.64
N GLN B 110 9.02 -5.44 28.70
CA GLN B 110 10.31 -4.87 29.07
C GLN B 110 10.39 -3.38 28.74
N GLY B 111 9.23 -2.77 28.49
CA GLY B 111 9.18 -1.34 28.21
C GLY B 111 9.63 -0.82 26.85
N VAL B 112 9.89 -1.71 25.90
CA VAL B 112 10.32 -1.29 24.58
C VAL B 112 9.14 -0.66 23.82
N ARG B 113 9.44 0.30 22.96
CA ARG B 113 8.40 0.91 22.14
C ARG B 113 8.25 -0.04 20.95
N VAL B 114 7.39 -1.03 21.09
CA VAL B 114 7.19 -2.01 20.04
C VAL B 114 5.83 -1.90 19.34
N GLY B 115 5.81 -2.29 18.07
CA GLY B 115 4.57 -2.26 17.30
C GLY B 115 4.49 -3.50 16.43
N GLY B 116 3.42 -3.62 15.65
CA GLY B 116 3.32 -4.79 14.79
C GLY B 116 1.98 -4.98 14.13
N VAL B 117 1.95 -5.97 13.22
CA VAL B 117 0.75 -6.33 12.47
C VAL B 117 0.69 -7.86 12.52
N PHE B 118 -0.48 -8.41 12.83
CA PHE B 118 -0.60 -9.86 12.95
C PHE B 118 -1.74 -10.49 12.17
N HIS B 119 -1.43 -11.57 11.47
CA HIS B 119 -2.41 -12.33 10.68
C HIS B 119 -2.80 -13.54 11.53
N SER B 120 -4.03 -13.54 12.04
CA SER B 120 -4.50 -14.62 12.91
C SER B 120 -4.98 -15.92 12.25
N THR B 121 -4.89 -16.04 10.92
CA THR B 121 -5.30 -17.27 10.25
C THR B 121 -4.13 -17.76 9.39
N CYS B 122 -4.35 -18.79 8.59
CA CYS B 122 -3.29 -19.33 7.74
C CYS B 122 -2.58 -18.26 6.92
N SER A 1 0.72 18.61 -1.20
CA SER A 1 -0.20 17.49 -0.85
C SER A 1 0.44 16.12 -1.13
N THR A 2 -0.29 15.07 -0.79
CA THR A 2 0.19 13.71 -1.00
C THR A 2 -0.66 13.01 -2.05
N SER A 3 -0.16 11.91 -2.58
CA SER A 3 -0.88 11.14 -3.58
C SER A 3 -1.67 10.07 -2.81
N PRO A 4 -3.00 10.10 -2.90
CA PRO A 4 -3.79 9.10 -2.18
C PRO A 4 -3.51 7.65 -2.59
N GLU A 5 -2.84 6.94 -1.69
CA GLU A 5 -2.49 5.54 -1.89
C GLU A 5 -3.72 4.74 -2.32
N ILE A 6 -3.49 3.66 -3.05
CA ILE A 6 -4.59 2.81 -3.50
C ILE A 6 -4.92 1.82 -2.38
N ALA A 7 -6.08 2.03 -1.76
CA ALA A 7 -6.53 1.20 -0.65
C ALA A 7 -7.03 -0.20 -1.00
N SER A 8 -7.52 -0.39 -2.22
CA SER A 8 -8.00 -1.72 -2.62
C SER A 8 -8.18 -1.87 -4.13
N LEU A 9 -7.86 -3.06 -4.63
CA LEU A 9 -7.97 -3.38 -6.05
C LEU A 9 -8.56 -4.77 -6.31
N SER A 10 -9.47 -4.84 -7.27
CA SER A 10 -10.12 -6.08 -7.68
C SER A 10 -10.70 -5.84 -9.07
N TRP A 11 -10.99 -6.90 -9.81
CA TRP A 11 -11.50 -6.76 -11.17
C TRP A 11 -12.64 -5.75 -11.29
N GLY A 12 -12.36 -4.68 -12.04
CA GLY A 12 -13.35 -3.64 -12.24
C GLY A 12 -13.73 -2.88 -10.98
N GLN A 13 -12.79 -2.76 -10.05
CA GLN A 13 -13.03 -2.06 -8.80
C GLN A 13 -11.74 -1.57 -8.18
N LYS A 15 -10.17 1.44 -5.21
CA LYS A 15 -10.48 2.39 -4.16
C LYS A 15 -9.25 3.17 -3.77
N VAL A 16 -9.39 4.49 -3.77
CA VAL A 16 -8.32 5.40 -3.43
C VAL A 16 -8.53 5.85 -2.00
N LYS A 17 -7.52 5.68 -1.15
CA LYS A 17 -7.63 6.10 0.24
C LYS A 17 -8.05 7.56 0.24
N GLY A 18 -9.03 7.89 1.10
CA GLY A 18 -9.50 9.25 1.17
C GLY A 18 -10.52 9.60 0.09
N SER A 19 -10.84 8.62 -0.76
CA SER A 19 -11.81 8.84 -1.81
C SER A 19 -13.20 8.30 -1.43
N ASN A 20 -14.23 8.98 -1.90
CA ASN A 20 -15.60 8.60 -1.60
C ASN A 20 -16.12 7.54 -2.59
N THR A 21 -15.97 7.87 -3.87
CA THR A 21 -16.44 6.99 -4.94
C THR A 21 -15.56 5.80 -5.28
N THR A 22 -16.23 4.68 -5.58
CA THR A 22 -15.54 3.46 -5.97
C THR A 22 -15.23 3.64 -7.45
N TYR A 23 -14.03 3.24 -7.87
CA TYR A 23 -13.64 3.39 -9.26
C TYR A 23 -13.56 2.07 -10.03
N LYS A 24 -13.56 2.18 -11.34
CA LYS A 24 -13.40 1.03 -12.22
C LYS A 24 -11.95 1.23 -12.65
N ASP A 25 -11.71 2.34 -13.36
CA ASP A 25 -10.38 2.74 -13.80
C ASP A 25 -10.22 4.13 -13.20
N CYS A 26 -9.03 4.46 -12.72
CA CYS A 26 -8.85 5.78 -12.12
C CYS A 26 -7.54 6.51 -12.41
N LYS A 27 -7.53 7.80 -12.09
CA LYS A 27 -6.38 8.67 -12.26
C LYS A 27 -6.03 9.21 -10.87
N VAL A 28 -4.86 8.88 -10.38
CA VAL A 28 -4.43 9.33 -9.07
C VAL A 28 -3.26 10.32 -9.19
N TRP A 29 -3.12 11.22 -8.23
CA TRP A 29 -2.07 12.24 -8.24
C TRP A 29 -1.96 12.92 -6.88
N PRO A 30 -0.88 13.66 -6.64
CA PRO A 30 -0.77 14.34 -5.35
C PRO A 30 -1.97 15.26 -5.18
N GLY A 31 -2.84 14.91 -4.24
CA GLY A 31 -4.02 15.72 -4.01
C GLY A 31 -5.35 15.01 -4.24
N GLY A 32 -5.58 14.52 -5.45
CA GLY A 32 -6.84 13.85 -5.72
C GLY A 32 -6.79 12.60 -6.56
N SER A 33 -7.94 12.28 -7.12
CA SER A 33 -8.10 11.10 -7.96
C SER A 33 -9.42 11.21 -8.70
N ARG A 34 -9.40 10.92 -10.00
CA ARG A 34 -10.62 10.97 -10.79
C ARG A 34 -10.88 9.63 -11.43
N THR A 35 -12.07 9.52 -12.02
CA THR A 35 -12.45 8.32 -12.72
C THR A 35 -11.77 8.41 -14.07
N TRP A 36 -11.16 7.32 -14.52
CA TRP A 36 -10.51 7.32 -15.81
C TRP A 36 -11.52 6.77 -16.82
N ASP A 37 -12.12 7.66 -17.61
CA ASP A 37 -13.10 7.30 -18.61
C ASP A 37 -12.44 7.41 -19.98
N TRP A 38 -12.16 6.27 -20.60
CA TRP A 38 -11.52 6.23 -21.92
C TRP A 38 -12.26 7.05 -22.98
N ARG A 39 -13.59 7.00 -22.95
CA ARG A 39 -14.39 7.74 -23.93
C ARG A 39 -14.01 9.22 -24.01
N GLU A 40 -13.65 9.81 -22.87
CA GLU A 40 -13.26 11.22 -22.81
C GLU A 40 -12.14 11.51 -23.81
N THR A 41 -11.32 10.50 -24.12
CA THR A 41 -10.24 10.70 -25.08
C THR A 41 -10.43 9.75 -26.25
N GLY A 42 -11.42 8.88 -26.14
CA GLY A 42 -11.69 7.92 -27.20
C GLY A 42 -10.69 6.79 -27.19
N THR A 43 -9.86 6.76 -26.16
CA THR A 43 -8.84 5.73 -26.01
C THR A 43 -9.43 4.32 -26.03
N GLU A 44 -8.82 3.46 -26.85
CA GLU A 44 -9.24 2.06 -26.98
C GLU A 44 -8.06 1.20 -26.52
N HIS A 45 -8.23 -0.12 -26.55
CA HIS A 45 -7.15 -1.02 -26.15
C HIS A 45 -5.99 -0.82 -27.13
N SER A 46 -6.32 -0.31 -28.30
CA SER A 46 -5.35 -0.01 -29.35
C SER A 46 -5.80 1.32 -29.94
N PRO A 47 -4.86 2.25 -30.18
CA PRO A 47 -3.40 2.16 -29.96
C PRO A 47 -3.07 2.03 -28.48
N GLY A 48 -4.06 2.35 -27.64
CA GLY A 48 -3.86 2.27 -26.20
C GLY A 48 -3.70 3.63 -25.54
N VAL A 49 -3.16 3.60 -24.33
CA VAL A 49 -2.95 4.81 -23.56
C VAL A 49 -2.26 5.87 -24.41
N GLN A 50 -2.78 7.09 -24.38
CA GLN A 50 -2.22 8.18 -25.14
C GLN A 50 -1.81 9.31 -24.20
N PRO A 51 -1.03 10.28 -24.70
CA PRO A 51 -0.61 11.39 -23.85
C PRO A 51 -1.82 12.10 -23.26
N ALA A 52 -2.88 12.20 -24.06
CA ALA A 52 -4.11 12.86 -23.62
C ALA A 52 -4.71 12.16 -22.41
N ASP A 53 -4.44 10.86 -22.30
CA ASP A 53 -4.97 10.10 -21.16
C ASP A 53 -4.32 10.55 -19.86
N VAL A 54 -3.01 10.75 -19.90
CA VAL A 54 -2.25 11.14 -18.71
C VAL A 54 -1.96 12.63 -18.51
N LYS A 55 -2.44 13.47 -19.42
CA LYS A 55 -2.23 14.92 -19.33
C LYS A 55 -2.43 15.50 -17.92
N GLU A 56 -3.54 15.17 -17.27
CA GLU A 56 -3.83 15.66 -15.93
C GLU A 56 -2.73 15.36 -14.91
N VAL A 57 -2.58 14.09 -14.53
CA VAL A 57 -1.56 13.72 -13.56
C VAL A 57 -0.31 14.56 -13.83
N VAL A 58 0.05 14.70 -15.10
CA VAL A 58 1.21 15.49 -15.48
C VAL A 58 1.03 16.93 -15.01
N GLU A 59 -0.14 17.52 -15.28
CA GLU A 59 -0.39 18.91 -14.89
C GLU A 59 -0.59 19.09 -13.38
N LYS A 60 -0.51 18.00 -12.63
CA LYS A 60 -0.65 18.08 -11.18
C LYS A 60 0.69 18.27 -10.48
N GLY A 61 1.74 17.64 -11.00
CA GLY A 61 3.06 17.77 -10.41
C GLY A 61 3.64 16.48 -9.84
N VAL A 62 4.14 15.61 -10.72
CA VAL A 62 4.71 14.34 -10.26
C VAL A 62 6.07 14.07 -10.89
N GLN A 63 6.96 13.46 -10.11
CA GLN A 63 8.29 13.14 -10.63
C GLN A 63 8.28 11.67 -11.00
N THR A 64 7.14 11.02 -10.77
CA THR A 64 6.99 9.61 -11.07
C THR A 64 5.55 9.29 -11.43
N LEU A 65 5.37 8.57 -12.54
CA LEU A 65 4.04 8.19 -12.98
C LEU A 65 3.99 6.69 -13.26
N VAL A 66 2.96 6.04 -12.72
CA VAL A 66 2.83 4.60 -12.91
C VAL A 66 1.63 4.28 -13.79
N ILE A 67 1.85 3.37 -14.73
CA ILE A 67 0.81 2.97 -15.66
C ILE A 67 0.51 1.47 -15.57
N GLY A 68 -0.74 1.15 -15.22
CA GLY A 68 -1.16 -0.24 -15.12
C GLY A 68 -2.12 -0.52 -16.27
N ARG A 69 -1.62 -1.22 -17.29
CA ARG A 69 -2.42 -1.53 -18.48
C ARG A 69 -3.67 -2.37 -18.19
N GLY A 70 -3.57 -3.30 -17.25
CA GLY A 70 -4.71 -4.13 -16.95
C GLY A 70 -4.36 -5.39 -16.20
N SER A 72 -4.49 -8.52 -17.47
CA SER A 72 -3.81 -9.48 -18.34
C SER A 72 -3.06 -8.75 -19.45
N GLU A 73 -2.96 -7.44 -19.32
CA GLU A 73 -2.24 -6.61 -20.28
C GLU A 73 -2.81 -6.64 -21.70
N ALA A 74 -4.06 -6.24 -21.84
CA ALA A 74 -4.71 -6.20 -23.15
C ALA A 74 -4.64 -4.75 -23.65
N LEU A 75 -4.42 -3.83 -22.73
CA LEU A 75 -4.31 -2.43 -23.08
C LEU A 75 -2.88 -2.12 -23.52
N LYS A 76 -2.76 -1.44 -24.65
CA LYS A 76 -1.45 -1.08 -25.18
C LYS A 76 -0.96 0.20 -24.53
N VAL A 77 0.35 0.39 -24.53
CA VAL A 77 0.99 1.56 -23.98
C VAL A 77 2.31 1.74 -24.73
N PRO A 78 2.24 2.29 -25.95
CA PRO A 78 3.41 2.51 -26.79
C PRO A 78 4.51 3.32 -26.10
N SER A 79 5.74 3.02 -26.48
CA SER A 79 6.89 3.74 -25.94
C SER A 79 6.69 5.22 -26.26
N SER A 80 5.77 5.48 -27.20
CA SER A 80 5.45 6.84 -27.61
C SER A 80 4.82 7.64 -26.48
N THR A 81 3.66 7.21 -26.02
CA THR A 81 2.96 7.88 -24.93
C THR A 81 3.91 8.01 -23.72
N VAL A 82 4.96 7.20 -23.72
CA VAL A 82 5.95 7.19 -22.65
C VAL A 82 6.99 8.27 -22.95
N GLU A 83 7.18 8.57 -24.22
CA GLU A 83 8.14 9.57 -24.63
C GLU A 83 7.62 10.95 -24.18
N TYR A 84 6.31 11.13 -24.32
CA TYR A 84 5.66 12.37 -23.93
C TYR A 84 5.98 12.65 -22.47
N LEU A 85 5.95 11.60 -21.66
CA LEU A 85 6.23 11.73 -20.24
C LEU A 85 7.68 12.08 -19.98
N LYS A 86 8.59 11.21 -20.40
CA LYS A 86 10.02 11.45 -20.19
C LYS A 86 10.40 12.83 -20.70
N LYS A 87 9.52 13.43 -21.49
CA LYS A 87 9.74 14.77 -22.02
C LYS A 87 9.62 15.79 -20.90
N HIS A 88 8.78 15.50 -19.92
CA HIS A 88 8.58 16.38 -18.78
C HIS A 88 9.41 15.91 -17.59
N GLY A 89 10.49 15.18 -17.88
CA GLY A 89 11.37 14.70 -16.84
C GLY A 89 10.67 13.83 -15.83
N ILE A 90 9.70 13.06 -16.30
CA ILE A 90 8.92 12.18 -15.44
C ILE A 90 9.42 10.72 -15.45
N ASP A 91 9.49 10.14 -14.27
CA ASP A 91 9.90 8.75 -14.08
C ASP A 91 8.65 7.91 -14.41
N VAL A 92 8.75 7.03 -15.41
CA VAL A 92 7.62 6.21 -15.82
C VAL A 92 7.75 4.73 -15.53
N ARG A 93 6.63 4.14 -15.11
CA ARG A 93 6.58 2.71 -14.80
C ARG A 93 5.34 2.12 -15.46
N VAL A 94 5.54 1.09 -16.29
CA VAL A 94 4.42 0.43 -16.97
C VAL A 94 4.43 -1.06 -16.65
N LEU A 95 3.32 -1.56 -16.11
CA LEU A 95 3.19 -2.97 -15.73
C LEU A 95 1.74 -3.40 -15.65
N GLN A 96 1.54 -4.68 -15.33
CA GLN A 96 0.21 -5.25 -15.15
C GLN A 96 -0.31 -4.49 -13.94
N THR A 97 -1.62 -4.31 -13.86
CA THR A 97 -2.20 -3.53 -12.77
C THR A 97 -1.97 -4.04 -11.34
N GLU A 98 -2.31 -5.29 -11.05
CA GLU A 98 -2.11 -5.83 -9.70
C GLU A 98 -0.72 -5.48 -9.20
N GLN A 99 0.26 -5.60 -10.08
CA GLN A 99 1.64 -5.30 -9.76
C GLN A 99 1.90 -3.81 -9.84
N ALA A 100 1.08 -3.12 -10.62
CA ALA A 100 1.19 -1.66 -10.80
C ALA A 100 0.64 -0.89 -9.61
N VAL A 101 -0.23 -1.54 -8.83
CA VAL A 101 -0.81 -0.89 -7.66
C VAL A 101 0.15 -0.97 -6.45
N LYS A 102 0.93 -2.05 -6.36
CA LYS A 102 1.88 -2.19 -5.26
C LYS A 102 3.00 -1.15 -5.40
N GLU A 103 3.55 -1.01 -6.61
CA GLU A 103 4.61 -0.04 -6.86
C GLU A 103 4.13 1.37 -6.50
N TYR A 104 2.97 1.74 -7.03
CA TYR A 104 2.40 3.05 -6.74
C TYR A 104 2.29 3.25 -5.22
N ASN A 105 1.66 2.27 -4.56
CA ASN A 105 1.46 2.31 -3.11
C ASN A 105 2.79 2.39 -2.38
N ALA A 106 3.73 1.54 -2.80
CA ALA A 106 5.06 1.54 -2.19
C ALA A 106 5.61 2.96 -2.27
N LEU A 107 5.53 3.55 -3.45
CA LEU A 107 6.00 4.91 -3.68
C LEU A 107 5.31 5.88 -2.73
N VAL A 108 4.00 5.69 -2.55
CA VAL A 108 3.24 6.54 -1.64
C VAL A 108 3.81 6.40 -0.23
N ALA A 109 4.31 5.21 0.09
CA ALA A 109 4.88 4.91 1.41
C ALA A 109 6.18 5.65 1.66
N GLN A 110 7.02 5.74 0.63
CA GLN A 110 8.30 6.43 0.76
C GLN A 110 8.13 7.93 0.49
N GLY A 111 6.89 8.39 0.58
CA GLY A 111 6.57 9.79 0.38
C GLY A 111 7.07 10.46 -0.89
N VAL A 112 6.86 9.82 -2.03
CA VAL A 112 7.27 10.41 -3.30
C VAL A 112 6.06 11.02 -3.99
N ARG A 113 6.27 12.07 -4.79
CA ARG A 113 5.18 12.68 -5.52
C ARG A 113 4.94 11.77 -6.71
N VAL A 114 4.01 10.83 -6.53
CA VAL A 114 3.72 9.88 -7.59
C VAL A 114 2.29 10.03 -8.11
N GLY A 115 2.09 9.67 -9.38
CA GLY A 115 0.77 9.74 -9.97
C GLY A 115 0.56 8.53 -10.86
N GLY A 116 -0.58 8.44 -11.51
CA GLY A 116 -0.80 7.31 -12.38
C GLY A 116 -2.22 7.11 -12.88
N VAL A 117 -2.36 6.16 -13.80
CA VAL A 117 -3.64 5.81 -14.38
C VAL A 117 -3.71 4.29 -14.33
N PHE A 118 -4.86 3.75 -13.96
CA PHE A 118 -4.97 2.31 -13.85
C PHE A 118 -6.22 1.72 -14.49
N HIS A 119 -6.02 0.54 -15.09
CA HIS A 119 -7.09 -0.22 -15.73
C HIS A 119 -7.28 -1.45 -14.84
N SER A 120 -8.52 -1.69 -14.41
CA SER A 120 -8.81 -2.81 -13.50
C SER A 120 -9.35 -4.09 -14.11
N THR A 121 -9.34 -4.19 -15.44
CA THR A 121 -9.83 -5.40 -16.11
C THR A 121 -9.00 -5.63 -17.37
N CYS A 122 -9.68 -5.80 -18.50
CA CYS A 122 -8.98 -5.98 -19.77
C CYS A 122 -9.42 -4.90 -20.76
N SER B 1 3.04 7.77 24.41
CA SER B 1 2.16 6.64 24.82
C SER B 1 2.95 5.35 25.03
N THR B 2 2.29 4.34 25.57
CA THR B 2 2.93 3.05 25.82
C THR B 2 2.32 1.98 24.90
N SER B 3 3.02 0.87 24.72
CA SER B 3 2.54 -0.19 23.85
C SER B 3 1.46 -1.05 24.51
N PRO B 4 0.41 -1.40 23.76
CA PRO B 4 -0.67 -2.22 24.28
C PRO B 4 -0.34 -3.70 24.18
N GLU B 5 -0.58 -4.44 25.26
CA GLU B 5 -0.30 -5.86 25.29
C GLU B 5 -1.39 -6.67 24.61
N ILE B 6 -0.97 -7.67 23.84
CA ILE B 6 -1.94 -8.53 23.16
C ILE B 6 -2.53 -9.42 24.23
N ALA B 7 -3.83 -9.30 24.46
CA ALA B 7 -4.50 -10.07 25.49
C ALA B 7 -5.21 -11.32 24.98
N SER B 8 -5.62 -11.30 23.71
CA SER B 8 -6.34 -12.44 23.17
C SER B 8 -5.98 -12.84 21.75
N LEU B 9 -5.41 -14.03 21.61
CA LEU B 9 -5.04 -14.56 20.30
C LEU B 9 -5.65 -15.92 20.07
N SER B 10 -6.29 -16.09 18.92
CA SER B 10 -6.91 -17.35 18.55
C SER B 10 -6.99 -17.38 17.04
N TRP B 11 -7.86 -18.22 16.50
CA TRP B 11 -8.00 -18.30 15.05
C TRP B 11 -8.88 -17.19 14.50
N GLY B 12 -8.31 -16.38 13.61
CA GLY B 12 -9.05 -15.28 13.00
C GLY B 12 -9.67 -14.30 13.98
N GLN B 13 -9.19 -14.31 15.23
CA GLN B 13 -9.71 -13.43 16.27
C GLN B 13 -8.61 -12.94 17.18
N LYS B 15 -7.53 -9.73 20.41
CA LYS B 15 -7.90 -8.64 21.32
C LYS B 15 -6.68 -7.97 21.96
N VAL B 16 -6.66 -6.65 21.89
CA VAL B 16 -5.56 -5.86 22.44
C VAL B 16 -5.96 -5.23 23.77
N LYS B 17 -5.21 -5.51 24.83
CA LYS B 17 -5.51 -4.94 26.14
C LYS B 17 -5.76 -3.45 25.94
N GLY B 18 -6.99 -3.03 26.14
CA GLY B 18 -7.35 -1.63 25.96
C GLY B 18 -8.16 -1.41 24.70
N SER B 19 -8.40 -2.49 23.95
CA SER B 19 -9.17 -2.42 22.71
C SER B 19 -10.43 -3.26 22.80
N ASN B 20 -11.58 -2.64 22.54
CA ASN B 20 -12.88 -3.31 22.62
C ASN B 20 -13.42 -3.80 21.28
N THR B 21 -12.53 -4.03 20.32
CA THR B 21 -12.96 -4.52 19.01
C THR B 21 -12.31 -5.86 18.62
N THR B 22 -13.01 -6.61 17.77
CA THR B 22 -12.50 -7.90 17.31
C THR B 22 -11.65 -7.64 16.07
N TYR B 23 -10.57 -8.40 15.93
CA TYR B 23 -9.67 -8.26 14.78
C TYR B 23 -9.46 -9.58 14.04
N LYS B 24 -8.40 -9.62 13.25
CA LYS B 24 -8.03 -10.79 12.45
C LYS B 24 -6.75 -10.43 11.73
N ASP B 25 -6.66 -9.14 11.40
CA ASP B 25 -5.51 -8.57 10.73
C ASP B 25 -5.51 -7.15 11.30
N CYS B 26 -4.37 -6.67 11.77
CA CYS B 26 -4.36 -5.33 12.33
C CYS B 26 -2.99 -4.76 12.65
N LYS B 27 -2.99 -3.49 13.01
CA LYS B 27 -1.78 -2.76 13.38
C LYS B 27 -1.80 -2.68 14.89
N VAL B 28 -0.78 -2.05 15.47
CA VAL B 28 -0.69 -1.88 16.91
C VAL B 28 0.63 -1.19 17.25
N TRP B 29 0.57 -0.17 18.11
CA TRP B 29 1.75 0.59 18.50
C TRP B 29 1.52 1.33 19.80
N PRO B 30 2.57 1.96 20.35
CA PRO B 30 2.38 2.69 21.62
C PRO B 30 1.17 3.62 21.55
N GLY B 31 0.16 3.31 22.35
CA GLY B 31 -1.05 4.09 22.38
C GLY B 31 -1.81 4.04 21.06
N GLY B 32 -1.87 2.87 20.43
CA GLY B 32 -2.57 2.75 19.17
C GLY B 32 -2.61 1.37 18.52
N SER B 33 -3.56 1.21 17.61
CA SER B 33 -3.79 -0.04 16.86
C SER B 33 -5.16 0.06 16.20
N ARG B 34 -5.26 -0.35 14.94
CA ARG B 34 -6.53 -0.30 14.22
C ARG B 34 -6.74 -1.60 13.46
N THR B 35 -7.61 -1.58 12.45
CA THR B 35 -7.90 -2.77 11.65
C THR B 35 -6.80 -2.99 10.63
N TRP B 36 -7.09 -3.80 9.61
CA TRP B 36 -6.12 -4.12 8.57
C TRP B 36 -6.72 -5.09 7.55
N ASP B 37 -6.40 -4.88 6.28
CA ASP B 37 -6.90 -5.72 5.20
C ASP B 37 -5.77 -6.31 4.37
N GLY B 48 2.00 -9.60 -0.86
CA GLY B 48 1.88 -9.85 0.57
C GLY B 48 2.07 -8.60 1.40
N VAL B 49 2.37 -8.77 2.69
CA VAL B 49 2.58 -7.64 3.60
C VAL B 49 3.54 -6.64 2.96
N GLN B 50 3.01 -5.49 2.58
CA GLN B 50 3.77 -4.44 1.92
C GLN B 50 4.17 -3.33 2.88
N PRO B 51 5.11 -2.46 2.44
CA PRO B 51 5.50 -1.36 3.32
C PRO B 51 4.28 -0.51 3.67
N ALA B 52 3.39 -0.33 2.71
CA ALA B 52 2.18 0.45 2.94
C ALA B 52 1.39 -0.16 4.10
N ASP B 53 1.60 -1.46 4.35
CA ASP B 53 0.91 -2.17 5.41
C ASP B 53 1.44 -1.83 6.80
N VAL B 54 2.75 -1.62 6.89
CA VAL B 54 3.37 -1.31 8.17
C VAL B 54 3.71 0.17 8.34
N LYS B 55 3.64 0.93 7.26
CA LYS B 55 3.97 2.35 7.29
C LYS B 55 3.25 3.09 8.42
N GLU B 56 2.06 2.65 8.78
CA GLU B 56 1.32 3.32 9.83
C GLU B 56 2.05 3.20 11.16
N VAL B 57 2.23 1.97 11.62
CA VAL B 57 2.94 1.72 12.87
C VAL B 57 4.22 2.55 12.92
N VAL B 58 4.77 2.83 11.74
CA VAL B 58 6.00 3.61 11.64
C VAL B 58 5.79 5.11 11.88
N GLU B 59 4.66 5.63 11.41
CA GLU B 59 4.32 7.04 11.58
C GLU B 59 4.08 7.32 13.05
N LYS B 60 4.18 6.27 13.85
CA LYS B 60 3.94 6.37 15.28
C LYS B 60 5.24 6.33 16.09
N GLY B 61 6.29 5.79 15.48
CA GLY B 61 7.57 5.70 16.16
C GLY B 61 7.73 4.47 17.02
N VAL B 62 8.44 3.47 16.51
CA VAL B 62 8.68 2.23 17.24
C VAL B 62 10.13 1.82 17.01
N GLN B 63 10.70 1.07 17.95
CA GLN B 63 12.07 0.63 17.80
C GLN B 63 12.07 -0.68 17.02
N THR B 64 11.20 -1.59 17.40
CA THR B 64 11.08 -2.88 16.74
C THR B 64 9.63 -3.14 16.35
N LEU B 65 9.44 -3.75 15.20
CA LEU B 65 8.11 -4.06 14.72
C LEU B 65 8.02 -5.56 14.49
N VAL B 66 7.00 -6.18 15.06
CA VAL B 66 6.81 -7.62 14.90
C VAL B 66 5.72 -7.91 13.86
N ILE B 67 6.04 -8.81 12.94
CA ILE B 67 5.10 -9.19 11.90
C ILE B 67 4.63 -10.64 12.04
N GLY B 68 3.34 -10.82 12.28
CA GLY B 68 2.78 -12.15 12.39
C GLY B 68 2.35 -12.54 10.99
N ARG B 69 3.16 -13.36 10.33
CA ARG B 69 2.86 -13.75 8.97
C ARG B 69 1.94 -14.97 8.79
N GLY B 70 0.98 -15.12 9.69
CA GLY B 70 0.03 -16.22 9.58
C GLY B 70 0.03 -17.24 10.69
N SER B 72 -0.60 -20.59 10.46
CA SER B 72 0.18 -21.75 10.01
C SER B 72 1.39 -21.28 9.21
N GLU B 73 1.77 -20.02 9.40
CA GLU B 73 2.91 -19.45 8.70
C GLU B 73 2.69 -19.57 7.18
N ALA B 74 2.24 -18.48 6.55
CA ALA B 74 2.00 -18.53 5.11
C ALA B 74 2.10 -17.15 4.43
N LEU B 75 1.44 -16.15 5.01
CA LEU B 75 1.44 -14.80 4.46
C LEU B 75 2.83 -14.38 4.01
N LYS B 76 2.98 -14.09 2.73
CA LYS B 76 4.27 -13.67 2.19
C LYS B 76 4.71 -12.31 2.72
N VAL B 77 6.01 -12.18 2.95
CA VAL B 77 6.59 -10.93 3.44
C VAL B 77 7.76 -10.58 2.53
N PRO B 78 7.52 -9.73 1.53
CA PRO B 78 8.59 -9.33 0.61
C PRO B 78 9.72 -8.62 1.33
N SER B 79 10.95 -8.94 0.96
CA SER B 79 12.12 -8.31 1.57
C SER B 79 11.96 -6.80 1.48
N SER B 80 11.31 -6.33 0.42
CA SER B 80 11.07 -4.90 0.23
C SER B 80 10.52 -4.30 1.51
N THR B 81 9.43 -4.88 2.00
CA THR B 81 8.79 -4.42 3.22
C THR B 81 9.82 -4.31 4.34
N VAL B 82 10.56 -5.38 4.55
CA VAL B 82 11.58 -5.42 5.59
C VAL B 82 12.65 -4.35 5.38
N GLU B 83 13.14 -4.25 4.15
CA GLU B 83 14.16 -3.27 3.82
C GLU B 83 13.62 -1.87 4.05
N TYR B 84 12.31 -1.73 3.94
CA TYR B 84 11.64 -0.45 4.15
C TYR B 84 11.68 -0.11 5.63
N LEU B 85 11.55 -1.13 6.47
CA LEU B 85 11.58 -0.93 7.91
C LEU B 85 13.00 -0.61 8.40
N LYS B 86 13.97 -1.46 8.03
CA LYS B 86 15.36 -1.23 8.43
C LYS B 86 15.77 0.11 7.86
N LYS B 87 15.14 0.48 6.76
CA LYS B 87 15.38 1.76 6.11
C LYS B 87 15.08 2.85 7.13
N HIS B 88 14.07 2.60 7.96
CA HIS B 88 13.69 3.57 8.98
C HIS B 88 14.28 3.18 10.33
N GLY B 89 15.42 2.50 10.27
CA GLY B 89 16.12 2.07 11.46
C GLY B 89 15.35 1.17 12.39
N ILE B 90 14.36 0.47 11.83
CA ILE B 90 13.53 -0.42 12.62
C ILE B 90 14.02 -1.87 12.62
N ASP B 91 14.15 -2.43 13.82
CA ASP B 91 14.58 -3.80 13.97
C ASP B 91 13.31 -4.64 13.78
N VAL B 92 13.32 -5.50 12.76
CA VAL B 92 12.16 -6.33 12.44
C VAL B 92 12.20 -7.74 13.02
N ARG B 93 11.01 -8.28 13.27
CA ARG B 93 10.84 -9.63 13.79
C ARG B 93 9.72 -10.25 12.95
N VAL B 94 10.04 -11.27 12.17
CA VAL B 94 9.05 -11.96 11.35
C VAL B 94 8.87 -13.37 11.92
N LEU B 95 7.75 -13.60 12.59
CA LEU B 95 7.49 -14.88 13.22
C LEU B 95 6.10 -15.42 12.94
N GLN B 96 5.90 -16.69 13.27
CA GLN B 96 4.59 -17.33 13.12
C GLN B 96 3.67 -16.50 14.02
N THR B 97 2.48 -16.19 13.52
CA THR B 97 1.53 -15.36 14.26
C THR B 97 1.43 -15.57 15.77
N GLU B 98 1.18 -16.80 16.21
CA GLU B 98 1.07 -17.06 17.64
C GLU B 98 2.38 -16.81 18.37
N GLN B 99 3.48 -17.31 17.80
CA GLN B 99 4.80 -17.12 18.39
C GLN B 99 5.18 -15.64 18.26
N ALA B 100 4.52 -14.96 17.33
CA ALA B 100 4.77 -13.54 17.08
C ALA B 100 4.18 -12.68 18.19
N VAL B 101 3.06 -13.12 18.74
CA VAL B 101 2.37 -12.40 19.81
C VAL B 101 3.16 -12.42 21.14
N LYS B 102 3.83 -13.54 21.42
CA LYS B 102 4.62 -13.64 22.64
C LYS B 102 5.80 -12.66 22.55
N GLU B 103 6.58 -12.80 21.50
CA GLU B 103 7.74 -11.93 21.28
C GLU B 103 7.32 -10.47 21.46
N TYR B 104 6.19 -10.10 20.85
CA TYR B 104 5.67 -8.74 20.97
C TYR B 104 5.30 -8.42 22.42
N ASN B 105 4.87 -9.43 23.16
CA ASN B 105 4.50 -9.25 24.56
C ASN B 105 5.70 -9.36 25.49
N ALA B 106 6.83 -9.81 24.96
CA ALA B 106 8.05 -9.92 25.77
C ALA B 106 8.63 -8.51 25.81
N LEU B 107 8.72 -7.90 24.64
CA LEU B 107 9.24 -6.54 24.55
C LEU B 107 8.30 -5.60 25.33
N VAL B 108 6.99 -5.86 25.23
CA VAL B 108 6.01 -5.05 25.95
C VAL B 108 6.18 -5.32 27.44
N ALA B 109 6.37 -6.60 27.78
CA ALA B 109 6.57 -7.00 29.17
C ALA B 109 7.82 -6.32 29.71
N GLN B 110 8.96 -6.55 29.06
CA GLN B 110 10.19 -5.93 29.52
C GLN B 110 10.14 -4.45 29.17
N GLY B 111 8.94 -3.99 28.81
CA GLY B 111 8.69 -2.59 28.48
C GLY B 111 9.59 -1.90 27.47
N VAL B 112 9.10 -1.79 26.24
CA VAL B 112 9.84 -1.13 25.16
C VAL B 112 8.83 -0.51 24.18
N ARG B 113 9.32 0.29 23.23
CA ARG B 113 8.44 0.89 22.22
C ARG B 113 8.36 -0.07 21.04
N VAL B 114 7.41 -0.99 21.10
CA VAL B 114 7.23 -1.98 20.04
C VAL B 114 5.87 -1.89 19.36
N GLY B 115 5.84 -2.23 18.08
CA GLY B 115 4.60 -2.22 17.33
C GLY B 115 4.50 -3.49 16.51
N GLY B 116 3.50 -3.58 15.64
CA GLY B 116 3.39 -4.77 14.83
C GLY B 116 2.05 -4.95 14.13
N VAL B 117 2.03 -5.91 13.21
CA VAL B 117 0.85 -6.26 12.45
C VAL B 117 0.75 -7.79 12.51
N PHE B 118 -0.43 -8.31 12.84
CA PHE B 118 -0.57 -9.76 12.98
C PHE B 118 -1.66 -10.40 12.16
N HIS B 119 -1.28 -11.39 11.34
CA HIS B 119 -2.22 -12.11 10.52
C HIS B 119 -2.65 -13.35 11.30
N SER B 120 -3.77 -13.22 12.02
CA SER B 120 -4.27 -14.32 12.84
C SER B 120 -5.09 -15.37 12.09
N THR B 121 -4.91 -15.46 10.77
CA THR B 121 -5.63 -16.44 9.97
C THR B 121 -4.68 -17.25 9.09
N CYS B 122 -5.01 -17.40 7.81
CA CYS B 122 -4.18 -18.18 6.91
C CYS B 122 -3.97 -17.55 5.53
N SER A 1 -0.67 17.70 -3.20
CA SER A 1 0.48 17.84 -2.25
C SER A 1 0.96 16.45 -1.83
N THR A 2 0.00 15.65 -1.36
CA THR A 2 0.30 14.31 -0.90
C THR A 2 -0.39 13.27 -1.78
N SER A 3 0.32 12.17 -2.06
CA SER A 3 -0.24 11.10 -2.87
C SER A 3 -0.95 10.11 -1.93
N PRO A 4 -2.19 9.73 -2.27
CA PRO A 4 -3.01 8.81 -1.47
C PRO A 4 -2.54 7.35 -1.59
N GLU A 5 -2.85 6.56 -0.57
CA GLU A 5 -2.47 5.16 -0.54
C GLU A 5 -3.58 4.25 -1.08
N ILE A 6 -3.52 3.92 -2.36
CA ILE A 6 -4.53 3.03 -2.93
C ILE A 6 -4.32 1.65 -2.32
N ALA A 7 -5.02 1.38 -1.21
CA ALA A 7 -4.91 0.10 -0.53
C ALA A 7 -6.22 -0.68 -0.63
N SER A 8 -6.59 -1.04 -1.85
CA SER A 8 -7.83 -1.78 -2.11
C SER A 8 -8.02 -1.99 -3.61
N LEU A 9 -7.66 -3.17 -4.10
CA LEU A 9 -7.80 -3.48 -5.52
C LEU A 9 -8.27 -4.89 -5.85
N SER A 10 -9.47 -5.00 -6.40
CA SER A 10 -10.02 -6.28 -6.81
C SER A 10 -10.45 -6.05 -8.25
N TRP A 11 -10.94 -7.08 -8.93
CA TRP A 11 -11.32 -6.92 -10.32
C TRP A 11 -12.39 -5.86 -10.55
N GLY A 12 -12.19 -5.06 -11.60
CA GLY A 12 -13.13 -4.01 -11.95
C GLY A 12 -13.49 -3.01 -10.87
N GLN A 13 -12.74 -2.97 -9.77
CA GLN A 13 -13.04 -2.04 -8.69
C GLN A 13 -11.77 -1.55 -8.02
N LYS A 15 -10.25 1.71 -5.18
CA LYS A 15 -10.58 2.74 -4.22
C LYS A 15 -9.32 3.46 -3.79
N VAL A 16 -9.38 4.79 -3.84
CA VAL A 16 -8.27 5.65 -3.48
C VAL A 16 -8.48 6.20 -2.09
N LYS A 17 -7.48 6.06 -1.22
CA LYS A 17 -7.59 6.61 0.12
C LYS A 17 -7.83 8.10 -0.04
N GLY A 18 -8.52 8.71 0.92
CA GLY A 18 -8.81 10.12 0.83
C GLY A 18 -10.04 10.37 -0.02
N SER A 19 -10.50 9.34 -0.72
CA SER A 19 -11.66 9.46 -1.57
C SER A 19 -12.51 8.19 -1.51
N ASN A 20 -13.67 8.28 -0.85
CA ASN A 20 -14.57 7.14 -0.70
C ASN A 20 -15.25 6.83 -2.03
N THR A 21 -14.71 7.40 -3.10
CA THR A 21 -15.27 7.19 -4.43
C THR A 21 -14.76 5.91 -5.09
N THR A 22 -15.60 4.87 -5.08
CA THR A 22 -15.25 3.60 -5.70
C THR A 22 -15.09 3.91 -7.19
N TYR A 23 -14.10 3.28 -7.83
CA TYR A 23 -13.84 3.53 -9.24
C TYR A 23 -13.87 2.27 -10.11
N LYS A 24 -13.86 2.48 -11.41
CA LYS A 24 -13.80 1.38 -12.38
C LYS A 24 -12.32 1.43 -12.75
N ASP A 25 -11.93 2.53 -13.38
CA ASP A 25 -10.55 2.80 -13.77
C ASP A 25 -10.30 4.17 -13.15
N CYS A 26 -9.07 4.47 -12.73
CA CYS A 26 -8.83 5.77 -12.11
C CYS A 26 -7.50 6.46 -12.40
N LYS A 27 -7.46 7.74 -12.03
CA LYS A 27 -6.28 8.58 -12.18
C LYS A 27 -5.91 9.10 -10.80
N VAL A 28 -4.64 8.95 -10.42
CA VAL A 28 -4.19 9.41 -9.11
C VAL A 28 -3.07 10.45 -9.26
N TRP A 29 -2.94 11.31 -8.26
CA TRP A 29 -1.92 12.37 -8.28
C TRP A 29 -1.87 13.03 -6.90
N PRO A 30 -0.76 13.73 -6.60
CA PRO A 30 -0.69 14.38 -5.28
C PRO A 30 -1.91 15.27 -5.11
N GLY A 31 -2.79 14.89 -4.18
CA GLY A 31 -3.98 15.67 -3.93
C GLY A 31 -5.31 14.98 -4.22
N GLY A 32 -5.54 14.58 -5.46
CA GLY A 32 -6.80 13.94 -5.77
C GLY A 32 -6.75 12.66 -6.60
N SER A 33 -7.89 12.36 -7.21
CA SER A 33 -8.03 11.17 -8.03
C SER A 33 -9.38 11.20 -8.72
N ARG A 34 -9.40 10.93 -10.02
CA ARG A 34 -10.64 10.89 -10.76
C ARG A 34 -10.80 9.54 -11.40
N THR A 35 -12.00 9.27 -11.90
CA THR A 35 -12.28 8.04 -12.57
C THR A 35 -11.60 8.13 -13.92
N TRP A 36 -10.85 7.11 -14.31
CA TRP A 36 -10.22 7.14 -15.61
C TRP A 36 -11.41 6.90 -16.53
N ASP A 37 -11.58 7.80 -17.50
CA ASP A 37 -12.70 7.73 -18.42
C ASP A 37 -12.20 7.77 -19.86
N TRP A 38 -11.98 6.58 -20.44
CA TRP A 38 -11.48 6.45 -21.80
C TRP A 38 -12.30 7.23 -22.82
N ARG A 39 -13.62 7.21 -22.65
CA ARG A 39 -14.53 7.91 -23.56
C ARG A 39 -14.09 9.35 -23.81
N GLU A 40 -13.62 10.03 -22.76
CA GLU A 40 -13.17 11.41 -22.86
C GLU A 40 -12.07 11.57 -23.90
N THR A 41 -11.35 10.49 -24.20
CA THR A 41 -10.28 10.57 -25.19
C THR A 41 -10.43 9.55 -26.30
N GLY A 42 -11.39 8.64 -26.16
CA GLY A 42 -11.60 7.62 -27.17
C GLY A 42 -10.47 6.61 -27.18
N THR A 43 -9.76 6.51 -26.06
CA THR A 43 -8.65 5.59 -25.92
C THR A 43 -9.02 4.14 -26.23
N GLU A 44 -8.13 3.45 -26.93
CA GLU A 44 -8.32 2.05 -27.30
C GLU A 44 -7.17 1.23 -26.74
N HIS A 45 -7.18 -0.08 -27.00
CA HIS A 45 -6.13 -0.97 -26.52
C HIS A 45 -4.91 -0.87 -27.43
N SER A 46 -5.10 -0.28 -28.61
CA SER A 46 -4.03 -0.12 -29.59
C SER A 46 -4.28 1.21 -30.32
N PRO A 47 -3.29 2.13 -30.34
CA PRO A 47 -1.94 2.09 -29.77
C PRO A 47 -2.01 1.96 -28.25
N GLY A 48 -3.09 2.51 -27.68
CA GLY A 48 -3.27 2.46 -26.25
C GLY A 48 -3.28 3.81 -25.56
N VAL A 49 -2.60 3.86 -24.42
CA VAL A 49 -2.54 5.07 -23.61
C VAL A 49 -2.11 6.32 -24.38
N GLN A 50 -2.99 7.32 -24.39
CA GLN A 50 -2.72 8.57 -25.08
C GLN A 50 -2.24 9.65 -24.12
N PRO A 51 -1.38 10.56 -24.59
CA PRO A 51 -0.87 11.64 -23.76
C PRO A 51 -2.03 12.36 -23.07
N ALA A 52 -3.17 12.38 -23.75
CA ALA A 52 -4.36 13.04 -23.21
C ALA A 52 -4.84 12.31 -21.97
N ASP A 53 -4.53 11.02 -21.87
CA ASP A 53 -4.93 10.23 -20.70
C ASP A 53 -4.08 10.63 -19.49
N VAL A 54 -2.78 10.78 -19.73
CA VAL A 54 -1.84 11.13 -18.66
C VAL A 54 -1.70 12.63 -18.40
N LYS A 55 -1.98 13.44 -19.40
CA LYS A 55 -1.88 14.89 -19.30
C LYS A 55 -2.37 15.45 -17.95
N GLU A 56 -3.47 14.90 -17.46
CA GLU A 56 -4.07 15.34 -16.19
C GLU A 56 -3.15 15.10 -14.99
N VAL A 57 -2.57 13.91 -14.91
CA VAL A 57 -1.66 13.61 -13.81
C VAL A 57 -0.45 14.51 -13.98
N VAL A 58 -0.01 14.67 -15.22
CA VAL A 58 1.14 15.52 -15.53
C VAL A 58 0.93 16.96 -15.05
N GLU A 59 -0.27 17.50 -15.27
CA GLU A 59 -0.55 18.88 -14.88
C GLU A 59 -0.59 19.10 -13.37
N LYS A 60 -0.30 18.05 -12.61
CA LYS A 60 -0.29 18.16 -11.16
C LYS A 60 1.15 18.18 -10.63
N GLY A 61 2.07 17.66 -11.45
CA GLY A 61 3.47 17.64 -11.05
C GLY A 61 3.88 16.41 -10.26
N VAL A 62 4.47 15.43 -10.93
CA VAL A 62 4.91 14.21 -10.27
C VAL A 62 6.33 13.87 -10.68
N GLN A 63 7.01 13.07 -9.87
CA GLN A 63 8.38 12.68 -10.18
C GLN A 63 8.32 11.41 -11.03
N THR A 64 7.35 10.56 -10.70
CA THR A 64 7.13 9.32 -11.40
C THR A 64 5.64 9.10 -11.63
N LEU A 65 5.32 8.45 -12.74
CA LEU A 65 3.95 8.17 -13.08
C LEU A 65 3.81 6.66 -13.32
N VAL A 66 2.81 6.06 -12.69
CA VAL A 66 2.60 4.63 -12.84
C VAL A 66 1.39 4.35 -13.71
N ILE A 67 1.60 3.50 -14.72
CA ILE A 67 0.54 3.13 -15.63
C ILE A 67 0.08 1.68 -15.42
N GLY A 68 -1.19 1.51 -15.07
CA GLY A 68 -1.74 0.18 -14.87
C GLY A 68 -2.41 -0.20 -16.17
N ARG A 69 -1.71 -1.01 -16.97
CA ARG A 69 -2.19 -1.42 -18.28
C ARG A 69 -3.13 -2.63 -18.32
N GLY A 70 -3.84 -2.88 -17.23
CA GLY A 70 -4.76 -4.01 -17.21
C GLY A 70 -4.20 -5.28 -16.61
N SER A 72 -3.73 -8.09 -18.07
CA SER A 72 -3.00 -8.91 -19.03
C SER A 72 -2.23 -7.99 -19.97
N GLU A 73 -2.36 -6.68 -19.72
CA GLU A 73 -1.68 -5.67 -20.52
C GLU A 73 -2.18 -5.70 -21.97
N ALA A 74 -3.40 -6.19 -22.16
CA ALA A 74 -4.01 -6.26 -23.48
C ALA A 74 -4.06 -4.84 -24.03
N LEU A 75 -4.03 -3.88 -23.11
CA LEU A 75 -4.03 -2.48 -23.48
C LEU A 75 -2.58 -2.07 -23.73
N LYS A 76 -2.26 -1.79 -24.98
CA LYS A 76 -0.92 -1.40 -25.35
C LYS A 76 -0.64 0.02 -24.86
N VAL A 77 0.59 0.47 -25.08
CA VAL A 77 1.03 1.79 -24.67
C VAL A 77 2.06 2.26 -25.68
N PRO A 78 1.74 3.35 -26.41
CA PRO A 78 2.65 3.89 -27.43
C PRO A 78 3.96 4.36 -26.78
N SER A 79 5.07 4.06 -27.42
CA SER A 79 6.36 4.45 -26.89
C SER A 79 6.47 5.98 -26.91
N SER A 80 5.71 6.61 -27.81
CA SER A 80 5.74 8.07 -27.92
C SER A 80 4.99 8.69 -26.74
N THR A 81 4.26 7.84 -26.01
CA THR A 81 3.51 8.28 -24.84
C THR A 81 4.44 8.28 -23.62
N VAL A 82 5.24 7.23 -23.50
CA VAL A 82 6.17 7.11 -22.38
C VAL A 82 7.25 8.18 -22.53
N GLU A 83 7.88 8.23 -23.69
CA GLU A 83 8.93 9.20 -23.95
C GLU A 83 8.38 10.60 -23.65
N TYR A 84 7.11 10.81 -23.99
CA TYR A 84 6.43 12.08 -23.75
C TYR A 84 6.56 12.45 -22.28
N LEU A 85 6.29 11.48 -21.41
CA LEU A 85 6.39 11.71 -19.98
C LEU A 85 7.84 11.94 -19.61
N LYS A 86 8.72 11.10 -20.14
CA LYS A 86 10.14 11.20 -19.87
C LYS A 86 10.72 12.52 -20.34
N LYS A 87 10.23 13.02 -21.47
CA LYS A 87 10.70 14.29 -22.02
C LYS A 87 10.21 15.42 -21.13
N HIS A 88 9.46 15.07 -20.10
CA HIS A 88 8.95 16.05 -19.15
C HIS A 88 9.50 15.80 -17.74
N GLY A 89 10.60 15.05 -17.68
CA GLY A 89 11.24 14.79 -16.41
C GLY A 89 10.63 13.68 -15.57
N ILE A 90 9.64 12.99 -16.13
CA ILE A 90 8.96 11.91 -15.41
C ILE A 90 9.54 10.51 -15.68
N ASP A 91 9.72 9.75 -14.60
CA ASP A 91 10.20 8.39 -14.69
C ASP A 91 8.93 7.57 -14.96
N VAL A 92 8.94 6.77 -16.03
CA VAL A 92 7.73 6.01 -16.38
C VAL A 92 7.74 4.57 -15.89
N ARG A 93 6.60 4.15 -15.35
CA ARG A 93 6.44 2.80 -14.85
C ARG A 93 5.19 2.18 -15.48
N VAL A 94 5.39 1.13 -16.27
CA VAL A 94 4.27 0.44 -16.91
C VAL A 94 4.30 -1.06 -16.61
N LEU A 95 3.20 -1.57 -16.08
CA LEU A 95 3.08 -2.99 -15.74
C LEU A 95 1.61 -3.40 -15.65
N GLN A 96 1.39 -4.69 -15.39
CA GLN A 96 0.02 -5.19 -15.23
C GLN A 96 -0.44 -4.46 -13.98
N THR A 97 -1.74 -4.26 -13.84
CA THR A 97 -2.27 -3.50 -12.71
C THR A 97 -2.01 -4.04 -11.30
N GLU A 98 -2.35 -5.29 -11.02
CA GLU A 98 -2.12 -5.85 -9.68
C GLU A 98 -0.72 -5.50 -9.17
N GLN A 99 0.24 -5.48 -10.09
CA GLN A 99 1.62 -5.19 -9.77
C GLN A 99 1.88 -3.69 -9.85
N ALA A 100 1.06 -2.99 -10.63
CA ALA A 100 1.18 -1.54 -10.82
C ALA A 100 0.96 -0.78 -9.52
N VAL A 101 -0.17 -1.06 -8.86
CA VAL A 101 -0.48 -0.39 -7.60
C VAL A 101 0.62 -0.76 -6.58
N LYS A 102 1.19 -1.95 -6.75
CA LYS A 102 2.25 -2.43 -5.88
C LYS A 102 3.50 -1.54 -5.96
N GLU A 103 3.86 -1.13 -7.17
CA GLU A 103 5.04 -0.29 -7.34
C GLU A 103 4.65 1.15 -6.99
N TYR A 104 3.37 1.47 -7.21
CA TYR A 104 2.84 2.78 -6.93
C TYR A 104 2.92 3.07 -5.42
N ASN A 105 2.38 2.17 -4.62
CA ASN A 105 2.38 2.35 -3.17
C ASN A 105 3.79 2.29 -2.59
N ALA A 106 4.71 1.65 -3.31
CA ALA A 106 6.09 1.56 -2.86
C ALA A 106 6.67 2.97 -2.90
N LEU A 107 6.22 3.75 -3.87
CA LEU A 107 6.66 5.12 -4.03
C LEU A 107 5.91 6.00 -3.04
N VAL A 108 4.61 5.71 -2.88
CA VAL A 108 3.77 6.47 -1.96
C VAL A 108 4.28 6.31 -0.52
N ALA A 109 4.79 5.13 -0.19
CA ALA A 109 5.30 4.85 1.15
C ALA A 109 6.64 5.56 1.40
N GLN A 110 7.37 5.84 0.33
CA GLN A 110 8.65 6.53 0.47
C GLN A 110 8.52 8.05 0.28
N GLY A 111 7.30 8.54 0.37
CA GLY A 111 7.04 9.98 0.25
C GLY A 111 7.17 10.62 -1.12
N VAL A 112 7.65 9.89 -2.12
CA VAL A 112 7.79 10.44 -3.46
C VAL A 112 6.47 10.99 -3.99
N ARG A 113 6.56 11.99 -4.87
CA ARG A 113 5.36 12.55 -5.48
C ARG A 113 5.04 11.66 -6.67
N VAL A 114 4.07 10.79 -6.51
CA VAL A 114 3.72 9.86 -7.57
C VAL A 114 2.29 10.05 -8.08
N GLY A 115 2.06 9.66 -9.33
CA GLY A 115 0.74 9.76 -9.92
C GLY A 115 0.53 8.57 -10.83
N GLY A 116 -0.61 8.52 -11.51
CA GLY A 116 -0.83 7.40 -12.41
C GLY A 116 -2.24 7.19 -12.89
N VAL A 117 -2.39 6.21 -13.78
CA VAL A 117 -3.68 5.85 -14.35
C VAL A 117 -3.74 4.33 -14.30
N PHE A 118 -4.89 3.79 -13.93
CA PHE A 118 -5.00 2.35 -13.81
C PHE A 118 -6.22 1.74 -14.48
N HIS A 119 -5.99 0.57 -15.10
CA HIS A 119 -7.01 -0.21 -15.78
C HIS A 119 -7.25 -1.44 -14.89
N SER A 120 -8.48 -1.64 -14.44
CA SER A 120 -8.78 -2.76 -13.54
C SER A 120 -9.34 -4.04 -14.14
N THR A 121 -9.32 -4.15 -15.46
CA THR A 121 -9.83 -5.35 -16.13
C THR A 121 -9.00 -5.58 -17.40
N CYS A 122 -9.68 -5.76 -18.53
CA CYS A 122 -9.00 -5.94 -19.81
C CYS A 122 -9.49 -4.90 -20.80
N SER B 1 3.03 7.50 24.30
CA SER B 1 2.05 6.43 24.65
C SER B 1 2.74 5.06 24.75
N THR B 2 2.27 4.23 25.68
CA THR B 2 2.84 2.91 25.89
C THR B 2 2.15 1.86 25.03
N SER B 3 2.90 0.81 24.65
CA SER B 3 2.35 -0.26 23.83
C SER B 3 1.34 -1.12 24.59
N PRO B 4 0.24 -1.49 23.92
CA PRO B 4 -0.79 -2.31 24.56
C PRO B 4 -0.49 -3.80 24.37
N GLU B 5 -0.72 -4.58 25.42
CA GLU B 5 -0.47 -6.01 25.34
C GLU B 5 -1.61 -6.66 24.57
N ILE B 6 -1.27 -7.45 23.56
CA ILE B 6 -2.29 -8.13 22.77
C ILE B 6 -3.12 -9.02 23.68
N ALA B 7 -4.37 -8.62 23.90
CA ALA B 7 -5.26 -9.37 24.76
C ALA B 7 -5.28 -10.85 24.39
N SER B 8 -5.75 -11.18 23.19
CA SER B 8 -5.81 -12.58 22.77
C SER B 8 -5.75 -12.82 21.28
N LEU B 9 -5.18 -13.97 20.91
CA LEU B 9 -5.05 -14.36 19.50
C LEU B 9 -6.05 -15.47 19.23
N SER B 10 -5.73 -16.31 18.25
CA SER B 10 -6.53 -17.46 17.83
C SER B 10 -6.60 -17.42 16.31
N TRP B 11 -7.30 -18.40 15.75
CA TRP B 11 -7.47 -18.47 14.31
C TRP B 11 -8.53 -17.46 13.90
N GLY B 12 -8.15 -16.53 13.01
CA GLY B 12 -9.08 -15.52 12.55
C GLY B 12 -9.65 -14.64 13.65
N GLN B 13 -9.14 -14.81 14.87
CA GLN B 13 -9.60 -14.04 16.01
C GLN B 13 -8.43 -13.42 16.76
N LYS B 15 -7.25 -9.90 19.50
CA LYS B 15 -7.70 -8.86 20.41
C LYS B 15 -6.54 -8.11 21.06
N VAL B 16 -6.83 -6.92 21.58
CA VAL B 16 -5.80 -6.09 22.22
C VAL B 16 -6.31 -5.52 23.55
N LYS B 17 -5.38 -5.21 24.44
CA LYS B 17 -5.71 -4.64 25.75
C LYS B 17 -5.75 -3.13 25.60
N GLY B 18 -6.93 -2.53 25.75
CA GLY B 18 -7.07 -1.10 25.64
C GLY B 18 -7.92 -0.63 24.47
N SER B 19 -8.49 -1.57 23.72
CA SER B 19 -9.33 -1.23 22.59
C SER B 19 -10.74 -1.79 22.73
N ASN B 20 -11.72 -1.07 22.20
CA ASN B 20 -13.11 -1.49 22.28
C ASN B 20 -13.62 -2.01 20.95
N THR B 21 -12.96 -3.03 20.43
CA THR B 21 -13.33 -3.66 19.16
C THR B 21 -12.45 -4.87 18.85
N THR B 22 -13.07 -6.05 18.76
CA THR B 22 -12.35 -7.27 18.46
C THR B 22 -11.93 -7.28 17.00
N TYR B 23 -10.66 -7.58 16.75
CA TYR B 23 -10.14 -7.61 15.38
C TYR B 23 -9.97 -9.05 14.92
N LYS B 24 -9.52 -9.20 13.67
CA LYS B 24 -9.23 -10.52 13.12
C LYS B 24 -7.72 -10.45 12.90
N ASP B 25 -7.31 -9.53 12.04
CA ASP B 25 -5.92 -9.25 11.74
C ASP B 25 -5.77 -7.82 12.24
N CYS B 26 -4.65 -7.47 12.85
CA CYS B 26 -4.52 -6.10 13.35
C CYS B 26 -3.13 -5.49 13.40
N LYS B 27 -3.12 -4.20 13.72
CA LYS B 27 -1.90 -3.42 13.84
C LYS B 27 -1.88 -2.85 15.25
N VAL B 28 -0.70 -2.76 15.83
CA VAL B 28 -0.58 -2.24 17.19
C VAL B 28 0.69 -1.39 17.32
N TRP B 29 0.70 -0.48 18.30
CA TRP B 29 1.83 0.41 18.52
C TRP B 29 1.75 1.01 19.91
N PRO B 30 2.82 1.70 20.35
CA PRO B 30 2.77 2.29 21.69
C PRO B 30 1.58 3.25 21.86
N GLY B 31 0.48 2.73 22.39
CA GLY B 31 -0.69 3.56 22.61
C GLY B 31 -1.87 3.37 21.67
N GLY B 32 -1.89 2.28 20.90
CA GLY B 32 -3.02 2.07 19.99
C GLY B 32 -3.03 0.81 19.16
N SER B 33 -4.21 0.51 18.61
CA SER B 33 -4.42 -0.66 17.78
C SER B 33 -5.46 -0.34 16.70
N ARG B 34 -5.62 -1.24 15.73
CA ARG B 34 -6.57 -1.02 14.65
C ARG B 34 -6.73 -2.31 13.83
N THR B 35 -7.78 -2.37 13.02
CA THR B 35 -8.03 -3.55 12.18
C THR B 35 -7.10 -3.49 10.97
N TRP B 36 -6.92 -4.62 10.31
CA TRP B 36 -6.06 -4.68 9.14
C TRP B 36 -6.57 -5.63 8.06
N ASP B 37 -6.68 -5.10 6.85
CA ASP B 37 -7.16 -5.86 5.70
C ASP B 37 -6.03 -6.63 5.03
N GLY B 48 2.09 -9.68 -1.06
CA GLY B 48 2.07 -10.17 0.30
C GLY B 48 2.46 -9.09 1.31
N VAL B 49 3.58 -9.28 1.99
CA VAL B 49 4.07 -8.30 2.96
C VAL B 49 4.89 -7.26 2.24
N GLN B 50 4.21 -6.19 1.84
CA GLN B 50 4.78 -5.06 1.11
C GLN B 50 5.07 -3.91 2.07
N PRO B 51 5.89 -2.94 1.64
CA PRO B 51 6.27 -1.78 2.45
C PRO B 51 5.10 -0.83 2.70
N ALA B 52 4.11 -0.88 1.83
CA ALA B 52 2.94 -0.03 1.96
C ALA B 52 1.97 -0.64 2.98
N ASP B 53 2.37 -1.76 3.59
CA ASP B 53 1.54 -2.44 4.56
C ASP B 53 1.73 -2.02 6.01
N VAL B 54 2.97 -1.68 6.36
CA VAL B 54 3.28 -1.28 7.73
C VAL B 54 3.45 0.22 8.00
N LYS B 55 2.87 1.07 7.16
CA LYS B 55 3.01 2.51 7.37
C LYS B 55 2.38 2.99 8.67
N GLU B 56 1.41 2.24 9.18
CA GLU B 56 0.75 2.63 10.40
C GLU B 56 1.72 2.68 11.58
N VAL B 57 2.40 1.57 11.80
CA VAL B 57 3.34 1.45 12.90
C VAL B 57 4.48 2.46 12.78
N VAL B 58 5.26 2.37 11.70
CA VAL B 58 6.38 3.28 11.50
C VAL B 58 5.99 4.73 11.78
N GLU B 59 4.74 5.06 11.47
CA GLU B 59 4.23 6.41 11.66
C GLU B 59 4.23 6.76 13.15
N LYS B 60 3.62 5.91 13.96
CA LYS B 60 3.58 6.14 15.39
C LYS B 60 4.98 6.17 16.00
N GLY B 61 5.97 5.77 15.20
CA GLY B 61 7.34 5.75 15.68
C GLY B 61 7.60 4.64 16.68
N VAL B 62 8.25 3.58 16.24
CA VAL B 62 8.57 2.44 17.09
C VAL B 62 10.04 2.10 16.97
N GLN B 63 10.51 1.20 17.84
CA GLN B 63 11.89 0.78 17.81
C GLN B 63 11.94 -0.60 17.18
N THR B 64 11.00 -1.45 17.58
CA THR B 64 10.91 -2.80 17.07
C THR B 64 9.52 -3.04 16.50
N LEU B 65 9.45 -3.78 15.40
CA LEU B 65 8.17 -4.07 14.79
C LEU B 65 8.08 -5.56 14.53
N VAL B 66 7.07 -6.19 15.10
CA VAL B 66 6.87 -7.62 14.92
C VAL B 66 5.81 -7.91 13.86
N ILE B 67 6.18 -8.77 12.92
CA ILE B 67 5.27 -9.16 11.84
C ILE B 67 4.82 -10.61 12.01
N GLY B 68 3.57 -10.80 12.38
CA GLY B 68 3.02 -12.14 12.53
C GLY B 68 2.41 -12.49 11.18
N ARG B 69 3.12 -13.30 10.40
CA ARG B 69 2.65 -13.65 9.08
C ARG B 69 1.83 -14.94 8.98
N GLY B 70 0.96 -15.17 9.97
CA GLY B 70 0.11 -16.35 9.93
C GLY B 70 0.54 -17.53 10.79
N SER B 72 1.03 -20.29 9.72
CA SER B 72 1.75 -21.18 8.81
C SER B 72 2.88 -20.45 8.09
N GLU B 73 3.18 -19.22 8.51
CA GLU B 73 4.22 -18.43 7.88
C GLU B 73 4.04 -18.41 6.36
N ALA B 74 2.79 -18.53 5.93
CA ALA B 74 2.48 -18.55 4.50
C ALA B 74 2.72 -17.20 3.84
N LEU B 75 2.09 -16.16 4.40
CA LEU B 75 2.24 -14.81 3.87
C LEU B 75 3.68 -14.48 3.48
N LYS B 76 3.85 -14.01 2.25
CA LYS B 76 5.17 -13.65 1.74
C LYS B 76 5.66 -12.32 2.25
N VAL B 77 6.90 -12.31 2.73
CA VAL B 77 7.52 -11.09 3.23
C VAL B 77 8.79 -10.80 2.44
N PRO B 78 8.67 -10.11 1.30
CA PRO B 78 9.84 -9.78 0.49
C PRO B 78 10.67 -8.70 1.17
N SER B 79 11.58 -8.10 0.40
CA SER B 79 12.44 -7.05 0.92
C SER B 79 11.73 -5.70 0.85
N SER B 80 10.60 -5.68 0.15
CA SER B 80 9.84 -4.45 0.00
C SER B 80 9.48 -3.89 1.38
N THR B 81 8.97 -4.75 2.25
CA THR B 81 8.60 -4.33 3.61
C THR B 81 9.85 -4.15 4.48
N VAL B 82 10.46 -5.27 4.80
CA VAL B 82 11.66 -5.31 5.64
C VAL B 82 12.65 -4.19 5.37
N GLU B 83 13.17 -4.13 4.14
CA GLU B 83 14.13 -3.10 3.80
C GLU B 83 13.55 -1.72 4.06
N TYR B 84 12.25 -1.58 3.83
CA TYR B 84 11.56 -0.32 4.08
C TYR B 84 11.57 -0.06 5.58
N LEU B 85 11.59 -1.13 6.35
CA LEU B 85 11.62 -1.03 7.81
C LEU B 85 13.04 -0.65 8.27
N LYS B 86 14.03 -1.40 7.80
CA LYS B 86 15.42 -1.12 8.16
C LYS B 86 15.77 0.23 7.55
N LYS B 87 14.87 0.73 6.72
CA LYS B 87 15.04 2.02 6.07
C LYS B 87 14.69 3.10 7.09
N HIS B 88 14.29 2.66 8.28
CA HIS B 88 13.92 3.58 9.35
C HIS B 88 14.48 3.13 10.70
N GLY B 89 15.56 2.37 10.65
CA GLY B 89 16.22 1.91 11.86
C GLY B 89 15.33 1.17 12.83
N ILE B 90 14.63 0.15 12.32
CA ILE B 90 13.72 -0.62 13.15
C ILE B 90 14.12 -2.09 13.26
N ASP B 91 14.08 -2.63 14.47
CA ASP B 91 14.39 -4.03 14.68
C ASP B 91 13.14 -4.77 14.20
N VAL B 92 13.30 -5.64 13.22
CA VAL B 92 12.17 -6.38 12.67
C VAL B 92 12.16 -7.85 13.06
N ARG B 93 11.00 -8.32 13.52
CA ARG B 93 10.82 -9.70 13.90
C ARG B 93 9.72 -10.24 12.98
N VAL B 94 9.98 -11.39 12.36
CA VAL B 94 9.01 -12.02 11.46
C VAL B 94 8.89 -13.51 11.79
N LEU B 95 7.74 -13.91 12.30
CA LEU B 95 7.54 -15.32 12.66
C LEU B 95 6.07 -15.70 12.63
N GLN B 96 5.80 -16.97 12.91
CA GLN B 96 4.43 -17.47 12.96
C GLN B 96 3.72 -16.57 13.99
N THR B 97 2.50 -16.16 13.68
CA THR B 97 1.74 -15.24 14.53
C THR B 97 1.74 -15.46 16.04
N GLU B 98 1.61 -16.71 16.49
CA GLU B 98 1.58 -16.98 17.93
C GLU B 98 2.90 -16.54 18.58
N GLN B 99 4.00 -17.08 18.07
CA GLN B 99 5.32 -16.74 18.57
C GLN B 99 5.44 -15.22 18.42
N ALA B 100 4.88 -14.70 17.35
CA ALA B 100 4.89 -13.27 17.06
C ALA B 100 4.24 -12.51 18.20
N VAL B 101 3.18 -13.08 18.76
CA VAL B 101 2.46 -12.47 19.88
C VAL B 101 3.27 -12.57 21.18
N LYS B 102 3.91 -13.72 21.40
CA LYS B 102 4.72 -13.89 22.59
C LYS B 102 5.87 -12.89 22.54
N GLU B 103 6.61 -12.91 21.44
CA GLU B 103 7.74 -12.01 21.25
C GLU B 103 7.30 -10.55 21.46
N TYR B 104 6.18 -10.17 20.85
CA TYR B 104 5.66 -8.81 20.97
C TYR B 104 5.34 -8.46 22.43
N ASN B 105 4.78 -9.41 23.16
CA ASN B 105 4.44 -9.16 24.56
C ASN B 105 5.65 -9.23 25.49
N ALA B 106 6.75 -9.80 25.01
CA ALA B 106 7.95 -9.88 25.83
C ALA B 106 8.56 -8.49 25.85
N LEU B 107 8.72 -7.90 24.66
CA LEU B 107 9.27 -6.55 24.55
C LEU B 107 8.34 -5.57 25.29
N VAL B 108 7.03 -5.77 25.15
CA VAL B 108 6.06 -4.90 25.82
C VAL B 108 6.30 -4.97 27.32
N ALA B 109 6.55 -6.18 27.81
CA ALA B 109 6.82 -6.40 29.22
C ALA B 109 8.13 -5.75 29.66
N GLN B 110 9.02 -5.45 28.71
CA GLN B 110 10.29 -4.82 29.06
C GLN B 110 10.35 -3.35 28.64
N GLY B 111 9.18 -2.73 28.55
CA GLY B 111 9.09 -1.32 28.21
C GLY B 111 9.59 -0.81 26.86
N VAL B 112 9.81 -1.72 25.91
CA VAL B 112 10.27 -1.31 24.60
C VAL B 112 9.12 -0.69 23.81
N ARG B 113 9.43 0.27 22.95
CA ARG B 113 8.41 0.88 22.10
C ARG B 113 8.26 -0.07 20.92
N VAL B 114 7.35 -1.02 21.03
CA VAL B 114 7.14 -1.99 19.97
C VAL B 114 5.77 -1.88 19.31
N GLY B 115 5.69 -2.30 18.06
CA GLY B 115 4.44 -2.27 17.32
C GLY B 115 4.42 -3.38 16.29
N GLY B 116 3.26 -3.66 15.71
CA GLY B 116 3.23 -4.71 14.71
C GLY B 116 1.89 -4.97 14.06
N VAL B 117 1.90 -5.92 13.13
CA VAL B 117 0.72 -6.35 12.39
C VAL B 117 0.76 -7.88 12.46
N PHE B 118 -0.38 -8.50 12.70
CA PHE B 118 -0.40 -9.95 12.82
C PHE B 118 -1.46 -10.65 12.00
N HIS B 119 -1.06 -11.73 11.34
CA HIS B 119 -1.96 -12.53 10.52
C HIS B 119 -2.60 -13.57 11.45
N SER B 120 -3.91 -13.44 11.67
CA SER B 120 -4.62 -14.35 12.57
C SER B 120 -4.89 -15.76 12.07
N THR B 121 -4.76 -16.01 10.76
CA THR B 121 -5.00 -17.34 10.21
C THR B 121 -3.79 -17.79 9.39
N CYS B 122 -3.94 -18.88 8.65
CA CYS B 122 -2.86 -19.42 7.83
C CYS B 122 -2.14 -18.34 7.02
N SER A 1 0.57 18.50 -2.15
CA SER A 1 0.10 17.50 -1.16
C SER A 1 0.82 16.16 -1.33
N THR A 2 0.23 15.09 -0.81
CA THR A 2 0.82 13.77 -0.91
C THR A 2 -0.03 12.79 -1.71
N SER A 3 0.64 11.86 -2.38
CA SER A 3 -0.05 10.85 -3.17
C SER A 3 -0.79 9.91 -2.21
N PRO A 4 -2.08 9.65 -2.48
CA PRO A 4 -2.89 8.77 -1.64
C PRO A 4 -2.69 7.30 -1.97
N GLU A 5 -2.53 6.49 -0.92
CA GLU A 5 -2.34 5.05 -1.09
C GLU A 5 -3.53 4.47 -1.86
N ILE A 6 -3.29 3.48 -2.70
CA ILE A 6 -4.38 2.85 -3.41
C ILE A 6 -5.07 1.92 -2.40
N ALA A 7 -6.32 2.23 -2.09
CA ALA A 7 -7.10 1.48 -1.11
C ALA A 7 -7.41 0.03 -1.47
N SER A 8 -8.22 -0.19 -2.50
CA SER A 8 -8.58 -1.55 -2.89
C SER A 8 -8.59 -1.77 -4.40
N LEU A 9 -8.20 -2.98 -4.79
CA LEU A 9 -8.16 -3.36 -6.21
C LEU A 9 -8.68 -4.77 -6.45
N SER A 10 -9.59 -4.89 -7.41
CA SER A 10 -10.19 -6.17 -7.79
C SER A 10 -10.70 -5.98 -9.21
N TRP A 11 -10.91 -7.08 -9.94
CA TRP A 11 -11.35 -6.97 -11.32
C TRP A 11 -12.55 -6.04 -11.50
N GLY A 12 -12.27 -4.80 -11.87
CA GLY A 12 -13.31 -3.82 -12.09
C GLY A 12 -13.69 -2.98 -10.87
N GLN A 13 -12.77 -2.85 -9.92
CA GLN A 13 -13.03 -2.06 -8.72
C GLN A 13 -11.74 -1.52 -8.12
N LYS A 15 -10.24 1.69 -5.24
CA LYS A 15 -10.52 2.69 -4.22
C LYS A 15 -9.22 3.37 -3.81
N VAL A 16 -9.31 4.68 -3.58
CA VAL A 16 -8.18 5.47 -3.19
C VAL A 16 -8.43 5.98 -1.78
N LYS A 17 -7.46 5.78 -0.89
CA LYS A 17 -7.59 6.24 0.49
C LYS A 17 -8.05 7.69 0.41
N GLY A 18 -9.08 8.03 1.18
CA GLY A 18 -9.58 9.39 1.18
C GLY A 18 -10.59 9.68 0.08
N SER A 19 -10.91 8.67 -0.73
CA SER A 19 -11.88 8.85 -1.80
C SER A 19 -13.25 8.30 -1.41
N ASN A 20 -14.30 8.94 -1.90
CA ASN A 20 -15.67 8.55 -1.61
C ASN A 20 -16.18 7.51 -2.60
N THR A 21 -16.12 7.88 -3.88
CA THR A 21 -16.60 7.03 -4.97
C THR A 21 -15.71 5.85 -5.33
N THR A 22 -16.34 4.69 -5.51
CA THR A 22 -15.62 3.48 -5.89
C THR A 22 -15.27 3.69 -7.35
N TYR A 23 -14.07 3.27 -7.75
CA TYR A 23 -13.63 3.44 -9.13
C TYR A 23 -13.58 2.14 -9.92
N LYS A 24 -13.59 2.29 -11.24
CA LYS A 24 -13.47 1.16 -12.16
C LYS A 24 -12.00 1.33 -12.61
N ASP A 25 -11.75 2.41 -13.34
CA ASP A 25 -10.42 2.78 -13.82
C ASP A 25 -10.21 4.16 -13.23
N CYS A 26 -8.99 4.47 -12.79
CA CYS A 26 -8.77 5.78 -12.18
C CYS A 26 -7.42 6.46 -12.41
N LYS A 27 -7.36 7.72 -11.97
CA LYS A 27 -6.17 8.56 -12.04
C LYS A 27 -5.86 9.01 -10.62
N VAL A 28 -4.59 9.03 -10.24
CA VAL A 28 -4.23 9.42 -8.89
C VAL A 28 -2.96 10.28 -8.83
N TRP A 29 -3.01 11.34 -8.01
CA TRP A 29 -1.88 12.26 -7.87
C TRP A 29 -1.84 12.85 -6.45
N PRO A 30 -0.75 13.56 -6.09
CA PRO A 30 -0.62 14.16 -4.76
C PRO A 30 -1.88 14.94 -4.39
N GLY A 31 -2.52 14.52 -3.30
CA GLY A 31 -3.72 15.20 -2.85
C GLY A 31 -4.90 15.16 -3.83
N GLY A 32 -5.13 14.00 -4.45
CA GLY A 32 -6.24 13.92 -5.38
C GLY A 32 -6.31 12.67 -6.23
N SER A 33 -7.44 12.51 -6.89
CA SER A 33 -7.67 11.37 -7.76
C SER A 33 -8.77 11.75 -8.73
N ARG A 34 -9.26 10.76 -9.49
CA ARG A 34 -10.33 11.03 -10.46
C ARG A 34 -10.63 9.77 -11.24
N THR A 35 -11.86 9.70 -11.77
CA THR A 35 -12.28 8.56 -12.55
C THR A 35 -11.61 8.62 -13.92
N TRP A 36 -11.13 7.48 -14.41
CA TRP A 36 -10.52 7.43 -15.71
C TRP A 36 -11.54 6.85 -16.68
N ASP A 37 -12.15 7.73 -17.48
CA ASP A 37 -13.15 7.35 -18.46
C ASP A 37 -12.54 7.49 -19.85
N TRP A 38 -12.32 6.36 -20.52
CA TRP A 38 -11.71 6.36 -21.85
C TRP A 38 -12.55 7.12 -22.88
N ARG A 39 -13.83 7.30 -22.58
CA ARG A 39 -14.73 8.01 -23.49
C ARG A 39 -14.49 9.52 -23.56
N GLU A 40 -13.60 10.02 -22.70
CA GLU A 40 -13.27 11.44 -22.69
C GLU A 40 -12.17 11.70 -23.72
N THR A 41 -11.38 10.68 -24.02
CA THR A 41 -10.30 10.84 -24.99
C THR A 41 -10.48 9.89 -26.18
N GLY A 42 -11.35 8.91 -26.03
CA GLY A 42 -11.59 7.96 -27.09
C GLY A 42 -10.52 6.89 -27.13
N THR A 43 -9.97 6.58 -25.96
CA THR A 43 -8.92 5.57 -25.84
C THR A 43 -9.44 4.14 -25.90
N GLU A 44 -8.77 3.33 -26.70
CA GLU A 44 -9.11 1.91 -26.86
C GLU A 44 -7.83 1.15 -26.50
N HIS A 45 -7.86 -0.18 -26.59
CA HIS A 45 -6.65 -0.95 -26.29
C HIS A 45 -5.61 -0.65 -27.38
N SER A 46 -6.08 -0.02 -28.44
CA SER A 46 -5.25 0.39 -29.57
C SER A 46 -5.84 1.73 -30.04
N PRO A 47 -4.98 2.74 -30.28
CA PRO A 47 -3.53 2.74 -30.15
C PRO A 47 -3.08 2.41 -28.74
N GLY A 48 -3.94 2.76 -27.78
CA GLY A 48 -3.64 2.52 -26.38
C GLY A 48 -3.56 3.83 -25.60
N VAL A 49 -3.00 3.75 -24.41
CA VAL A 49 -2.87 4.92 -23.56
C VAL A 49 -2.28 6.09 -24.34
N GLN A 50 -2.95 7.23 -24.27
CA GLN A 50 -2.48 8.40 -25.00
C GLN A 50 -2.06 9.52 -24.04
N PRO A 51 -1.23 10.46 -24.54
CA PRO A 51 -0.77 11.58 -23.72
C PRO A 51 -1.95 12.28 -23.08
N ALA A 52 -3.07 12.33 -23.79
CA ALA A 52 -4.26 12.99 -23.29
C ALA A 52 -4.83 12.25 -22.09
N ASP A 53 -4.52 10.95 -21.98
CA ASP A 53 -5.00 10.16 -20.85
C ASP A 53 -4.29 10.54 -19.56
N VAL A 54 -2.99 10.82 -19.67
CA VAL A 54 -2.18 11.14 -18.49
C VAL A 54 -1.78 12.61 -18.33
N LYS A 55 -2.21 13.45 -19.27
CA LYS A 55 -1.89 14.88 -19.24
C LYS A 55 -2.33 15.56 -17.93
N GLU A 56 -3.57 15.31 -17.52
CA GLU A 56 -4.12 15.88 -16.29
C GLU A 56 -3.32 15.46 -15.06
N VAL A 57 -2.56 14.38 -15.19
CA VAL A 57 -1.73 13.90 -14.09
C VAL A 57 -0.41 14.66 -14.12
N VAL A 58 0.16 14.78 -15.32
CA VAL A 58 1.42 15.50 -15.50
C VAL A 58 1.31 16.93 -14.96
N GLU A 59 0.26 17.64 -15.36
CA GLU A 59 0.06 19.02 -14.93
C GLU A 59 -0.06 19.18 -13.41
N LYS A 60 -0.43 18.12 -12.71
CA LYS A 60 -0.54 18.19 -11.27
C LYS A 60 0.86 18.28 -10.63
N GLY A 61 1.84 17.71 -11.32
CA GLY A 61 3.22 17.74 -10.82
C GLY A 61 3.66 16.48 -10.09
N VAL A 62 4.25 15.54 -10.82
CA VAL A 62 4.71 14.30 -10.21
C VAL A 62 6.14 13.96 -10.62
N GLN A 63 6.80 13.11 -9.84
CA GLN A 63 8.17 12.72 -10.15
C GLN A 63 8.07 11.43 -10.95
N THR A 64 7.19 10.55 -10.49
CA THR A 64 6.97 9.27 -11.14
C THR A 64 5.50 9.09 -11.48
N LEU A 65 5.26 8.43 -12.61
CA LEU A 65 3.91 8.17 -13.05
C LEU A 65 3.78 6.67 -13.31
N VAL A 66 2.80 6.05 -12.68
CA VAL A 66 2.61 4.61 -12.84
C VAL A 66 1.40 4.32 -13.72
N ILE A 67 1.62 3.47 -14.71
CA ILE A 67 0.55 3.10 -15.63
C ILE A 67 0.13 1.65 -15.44
N GLY A 68 -1.14 1.44 -15.07
CA GLY A 68 -1.66 0.10 -14.88
C GLY A 68 -2.33 -0.29 -16.18
N ARG A 69 -1.64 -1.11 -16.98
CA ARG A 69 -2.13 -1.52 -18.29
C ARG A 69 -3.11 -2.70 -18.29
N GLY A 70 -3.74 -2.98 -17.15
CA GLY A 70 -4.68 -4.08 -17.11
C GLY A 70 -4.15 -5.32 -16.41
N SER A 72 -4.03 -8.30 -17.69
CA SER A 72 -3.42 -9.21 -18.65
C SER A 72 -2.62 -8.39 -19.64
N GLU A 73 -2.64 -7.08 -19.44
CA GLU A 73 -1.90 -6.16 -20.29
C GLU A 73 -2.41 -6.15 -21.75
N ALA A 74 -3.73 -6.26 -21.91
CA ALA A 74 -4.33 -6.24 -23.24
C ALA A 74 -4.33 -4.80 -23.75
N LEU A 75 -4.16 -3.86 -22.82
CA LEU A 75 -4.11 -2.46 -23.15
C LEU A 75 -2.71 -2.09 -23.59
N LYS A 76 -2.60 -1.53 -24.80
CA LYS A 76 -1.32 -1.13 -25.35
C LYS A 76 -0.87 0.18 -24.72
N VAL A 77 0.36 0.57 -25.03
CA VAL A 77 0.96 1.80 -24.54
C VAL A 77 2.03 2.21 -25.54
N PRO A 78 1.75 3.21 -26.38
CA PRO A 78 2.70 3.69 -27.39
C PRO A 78 3.96 4.22 -26.73
N SER A 79 5.10 3.97 -27.36
CA SER A 79 6.37 4.44 -26.82
C SER A 79 6.41 5.96 -26.91
N SER A 80 5.58 6.53 -27.78
CA SER A 80 5.54 7.98 -27.94
C SER A 80 4.88 8.61 -26.73
N THR A 81 4.10 7.80 -26.02
CA THR A 81 3.39 8.24 -24.83
C THR A 81 4.35 8.26 -23.64
N VAL A 82 5.25 7.28 -23.59
CA VAL A 82 6.22 7.19 -22.51
C VAL A 82 7.29 8.25 -22.68
N GLU A 83 7.80 8.41 -23.90
CA GLU A 83 8.81 9.41 -24.16
C GLU A 83 8.24 10.79 -23.83
N TYR A 84 6.95 10.96 -24.11
CA TYR A 84 6.24 12.20 -23.84
C TYR A 84 6.40 12.55 -22.36
N LEU A 85 6.23 11.55 -21.50
CA LEU A 85 6.37 11.77 -20.07
C LEU A 85 7.82 12.05 -19.73
N LYS A 86 8.70 11.19 -20.22
CA LYS A 86 10.14 11.34 -19.98
C LYS A 86 10.65 12.68 -20.47
N LYS A 87 10.00 13.22 -21.50
CA LYS A 87 10.39 14.52 -22.05
C LYS A 87 10.03 15.60 -21.04
N HIS A 88 9.24 15.24 -20.04
CA HIS A 88 8.83 16.18 -19.00
C HIS A 88 9.52 15.85 -17.68
N GLY A 89 10.64 15.12 -17.78
CA GLY A 89 11.40 14.76 -16.61
C GLY A 89 10.71 13.79 -15.68
N ILE A 90 9.68 13.12 -16.19
CA ILE A 90 8.92 12.17 -15.41
C ILE A 90 9.45 10.73 -15.50
N ASP A 91 9.50 10.07 -14.34
CA ASP A 91 9.94 8.68 -14.24
C ASP A 91 8.70 7.84 -14.58
N VAL A 92 8.80 7.03 -15.63
CA VAL A 92 7.66 6.22 -16.07
C VAL A 92 7.68 4.78 -15.59
N ARG A 93 6.54 4.35 -15.06
CA ARG A 93 6.38 2.99 -14.55
C ARG A 93 5.26 2.30 -15.33
N VAL A 94 5.61 1.44 -16.27
CA VAL A 94 4.61 0.72 -17.05
C VAL A 94 4.48 -0.69 -16.48
N LEU A 95 3.36 -0.97 -15.83
CA LEU A 95 3.17 -2.27 -15.20
C LEU A 95 1.79 -2.91 -15.36
N GLN A 96 1.73 -4.17 -14.94
CA GLN A 96 0.51 -4.95 -14.93
C GLN A 96 -0.18 -4.33 -13.72
N THR A 97 -1.48 -4.08 -13.82
CA THR A 97 -2.21 -3.43 -12.73
C THR A 97 -1.89 -3.92 -11.32
N GLU A 98 -2.00 -5.21 -11.06
CA GLU A 98 -1.70 -5.73 -9.71
C GLU A 98 -0.32 -5.25 -9.24
N GLN A 99 0.70 -5.50 -10.05
CA GLN A 99 2.05 -5.12 -9.72
C GLN A 99 2.14 -3.59 -9.68
N ALA A 100 1.36 -2.94 -10.53
CA ALA A 100 1.33 -1.48 -10.63
C ALA A 100 0.86 -0.81 -9.35
N VAL A 101 -0.17 -1.38 -8.73
CA VAL A 101 -0.70 -0.81 -7.50
C VAL A 101 0.31 -0.91 -6.34
N LYS A 102 0.99 -2.05 -6.20
CA LYS A 102 1.98 -2.20 -5.14
C LYS A 102 3.11 -1.19 -5.33
N GLU A 103 3.61 -1.08 -6.56
CA GLU A 103 4.68 -0.13 -6.87
C GLU A 103 4.25 1.29 -6.53
N TYR A 104 3.09 1.68 -7.06
CA TYR A 104 2.57 3.01 -6.80
C TYR A 104 2.62 3.33 -5.31
N ASN A 105 2.12 2.40 -4.50
CA ASN A 105 2.11 2.60 -3.05
C ASN A 105 3.49 2.51 -2.43
N ALA A 106 4.37 1.71 -3.02
CA ALA A 106 5.74 1.59 -2.53
C ALA A 106 6.38 2.98 -2.57
N LEU A 107 6.28 3.62 -3.73
CA LEU A 107 6.84 4.96 -3.92
C LEU A 107 6.23 5.88 -2.88
N VAL A 108 4.92 5.76 -2.70
CA VAL A 108 4.21 6.58 -1.72
C VAL A 108 4.86 6.40 -0.35
N ALA A 109 4.93 5.15 0.12
CA ALA A 109 5.55 4.85 1.42
C ALA A 109 6.93 5.47 1.51
N GLN A 110 7.58 5.63 0.36
CA GLN A 110 8.91 6.23 0.33
C GLN A 110 8.89 7.66 -0.18
N GLY A 111 7.97 8.46 0.37
CA GLY A 111 7.82 9.87 0.02
C GLY A 111 8.05 10.32 -1.41
N VAL A 112 7.07 10.10 -2.28
CA VAL A 112 7.21 10.51 -3.66
C VAL A 112 5.95 11.17 -4.23
N ARG A 113 6.14 12.24 -5.00
CA ARG A 113 5.01 12.90 -5.65
C ARG A 113 4.75 12.01 -6.84
N VAL A 114 4.13 10.87 -6.58
CA VAL A 114 3.84 9.90 -7.63
C VAL A 114 2.41 10.06 -8.15
N GLY A 115 2.20 9.68 -9.40
CA GLY A 115 0.88 9.76 -10.00
C GLY A 115 0.64 8.54 -10.86
N GLY A 116 -0.53 8.47 -11.50
CA GLY A 116 -0.78 7.32 -12.34
C GLY A 116 -2.19 7.14 -12.85
N VAL A 117 -2.34 6.18 -13.76
CA VAL A 117 -3.63 5.85 -14.35
C VAL A 117 -3.70 4.33 -14.30
N PHE A 118 -4.84 3.79 -13.92
CA PHE A 118 -4.97 2.36 -13.81
C PHE A 118 -6.17 1.74 -14.49
N HIS A 119 -5.94 0.57 -15.09
CA HIS A 119 -6.96 -0.20 -15.78
C HIS A 119 -7.22 -1.44 -14.90
N SER A 120 -8.34 -1.41 -14.18
CA SER A 120 -8.70 -2.50 -13.26
C SER A 120 -9.08 -3.80 -13.95
N THR A 121 -9.30 -3.76 -15.26
CA THR A 121 -9.66 -4.94 -16.02
C THR A 121 -8.70 -5.12 -17.18
N CYS A 122 -9.14 -5.78 -18.24
CA CYS A 122 -8.28 -5.98 -19.41
C CYS A 122 -9.00 -5.63 -20.71
N SER B 1 3.27 7.48 24.58
CA SER B 1 2.44 6.48 25.31
C SER B 1 3.15 5.13 25.35
N THR B 2 2.42 4.07 25.67
CA THR B 2 2.98 2.73 25.73
C THR B 2 2.28 1.77 24.79
N SER B 3 3.00 0.76 24.33
CA SER B 3 2.44 -0.24 23.42
C SER B 3 1.38 -1.07 24.14
N PRO B 4 0.23 -1.28 23.48
CA PRO B 4 -0.82 -2.07 24.12
C PRO B 4 -0.52 -3.57 24.05
N GLU B 5 -0.81 -4.26 25.16
CA GLU B 5 -0.57 -5.69 25.24
C GLU B 5 -1.72 -6.43 24.56
N ILE B 6 -1.37 -7.33 23.65
CA ILE B 6 -2.39 -8.11 22.95
C ILE B 6 -3.04 -9.05 23.95
N ALA B 7 -4.32 -8.81 24.23
CA ALA B 7 -5.06 -9.62 25.18
C ALA B 7 -5.18 -11.09 24.80
N SER B 8 -5.59 -11.38 23.56
CA SER B 8 -5.73 -12.77 23.15
C SER B 8 -5.60 -13.04 21.65
N LEU B 9 -5.15 -14.25 21.33
CA LEU B 9 -5.00 -14.67 19.95
C LEU B 9 -5.58 -16.06 19.75
N SER B 10 -6.32 -16.23 18.66
CA SER B 10 -6.91 -17.51 18.32
C SER B 10 -6.94 -17.54 16.80
N TRP B 11 -7.63 -18.51 16.22
CA TRP B 11 -7.71 -18.59 14.78
C TRP B 11 -8.70 -17.55 14.25
N GLY B 12 -8.21 -16.62 13.44
CA GLY B 12 -9.05 -15.59 12.87
C GLY B 12 -9.66 -14.62 13.86
N GLN B 13 -9.13 -14.62 15.09
CA GLN B 13 -9.63 -13.74 16.13
C GLN B 13 -8.48 -13.24 17.00
N LYS B 15 -7.37 -10.20 20.18
CA LYS B 15 -7.78 -9.22 21.18
C LYS B 15 -6.59 -8.44 21.75
N VAL B 16 -6.84 -7.18 22.10
CA VAL B 16 -5.81 -6.31 22.65
C VAL B 16 -6.31 -5.62 23.93
N LYS B 17 -5.39 -5.03 24.68
CA LYS B 17 -5.74 -4.31 25.90
C LYS B 17 -5.80 -2.82 25.58
N GLY B 18 -7.01 -2.28 25.52
CA GLY B 18 -7.18 -0.87 25.22
C GLY B 18 -8.03 -0.58 24.01
N SER B 19 -8.43 -1.63 23.29
CA SER B 19 -9.26 -1.47 22.09
C SER B 19 -10.66 -2.01 22.32
N ASN B 20 -11.66 -1.16 22.13
CA ASN B 20 -13.06 -1.56 22.33
C ASN B 20 -13.64 -2.27 21.12
N THR B 21 -12.77 -2.83 20.28
CA THR B 21 -13.22 -3.55 19.09
C THR B 21 -12.40 -4.79 18.80
N THR B 22 -13.10 -5.89 18.54
CA THR B 22 -12.47 -7.17 18.24
C THR B 22 -11.89 -7.17 16.83
N TYR B 23 -10.66 -7.68 16.70
CA TYR B 23 -9.99 -7.72 15.41
C TYR B 23 -9.92 -9.15 14.86
N LYS B 24 -9.23 -9.30 13.74
CA LYS B 24 -9.02 -10.59 13.09
C LYS B 24 -7.57 -10.53 12.59
N ASP B 25 -7.20 -9.34 12.13
CA ASP B 25 -5.88 -9.02 11.63
C ASP B 25 -5.73 -7.57 12.05
N CYS B 26 -4.61 -7.22 12.70
CA CYS B 26 -4.45 -5.85 13.14
C CYS B 26 -3.04 -5.30 13.19
N LYS B 27 -2.98 -4.00 13.49
CA LYS B 27 -1.73 -3.28 13.61
C LYS B 27 -1.70 -2.74 15.03
N VAL B 28 -0.53 -2.79 15.65
CA VAL B 28 -0.39 -2.30 17.01
C VAL B 28 0.81 -1.36 17.10
N TRP B 29 0.74 -0.37 18.00
CA TRP B 29 1.80 0.60 18.16
C TRP B 29 1.64 1.29 19.51
N PRO B 30 2.73 1.84 20.06
CA PRO B 30 2.63 2.52 21.35
C PRO B 30 1.46 3.50 21.35
N GLY B 31 0.57 3.37 22.34
CA GLY B 31 -0.58 4.25 22.41
C GLY B 31 -1.89 3.57 22.08
N GLY B 32 -1.95 2.83 20.98
CA GLY B 32 -3.17 2.15 20.60
C GLY B 32 -3.09 1.09 19.52
N SER B 33 -4.24 0.77 18.92
CA SER B 33 -4.34 -0.22 17.86
C SER B 33 -5.44 0.15 16.86
N ARG B 34 -5.57 -0.63 15.79
CA ARG B 34 -6.56 -0.38 14.76
C ARG B 34 -6.76 -1.66 13.93
N THR B 35 -7.86 -1.74 13.18
CA THR B 35 -8.14 -2.92 12.36
C THR B 35 -7.18 -3.01 11.18
N TRP B 36 -7.16 -4.16 10.53
CA TRP B 36 -6.29 -4.38 9.37
C TRP B 36 -6.92 -5.34 8.37
N ASP B 37 -6.71 -5.06 7.09
CA ASP B 37 -7.25 -5.88 6.02
C ASP B 37 -6.19 -6.81 5.43
N GLY B 48 2.07 -9.71 -0.85
CA GLY B 48 1.94 -9.96 0.57
C GLY B 48 2.10 -8.71 1.40
N VAL B 49 2.47 -8.87 2.67
CA VAL B 49 2.66 -7.73 3.57
C VAL B 49 3.59 -6.72 2.90
N GLN B 50 3.07 -5.53 2.64
CA GLN B 50 3.82 -4.48 1.98
C GLN B 50 4.19 -3.35 2.93
N PRO B 51 5.10 -2.46 2.50
CA PRO B 51 5.47 -1.35 3.39
C PRO B 51 4.23 -0.53 3.76
N ALA B 52 3.38 -0.28 2.77
CA ALA B 52 2.16 0.48 3.01
C ALA B 52 1.36 -0.14 4.15
N ASP B 53 1.56 -1.44 4.36
CA ASP B 53 0.87 -2.18 5.42
C ASP B 53 1.38 -1.84 6.82
N VAL B 54 2.68 -1.61 6.93
CA VAL B 54 3.30 -1.31 8.21
C VAL B 54 3.63 0.17 8.44
N LYS B 55 3.35 1.01 7.44
CA LYS B 55 3.66 2.42 7.56
C LYS B 55 2.86 3.12 8.65
N GLU B 56 1.66 2.64 8.94
CA GLU B 56 0.85 3.27 9.98
C GLU B 56 1.49 3.05 11.33
N VAL B 57 2.32 2.02 11.42
CA VAL B 57 3.03 1.70 12.66
C VAL B 57 4.28 2.56 12.77
N VAL B 58 5.01 2.67 11.66
CA VAL B 58 6.24 3.45 11.62
C VAL B 58 6.02 4.94 11.90
N GLU B 59 4.91 5.48 11.41
CA GLU B 59 4.60 6.89 11.60
C GLU B 59 4.23 7.18 13.05
N LYS B 60 4.20 6.14 13.87
CA LYS B 60 3.88 6.28 15.28
C LYS B 60 5.14 6.27 16.13
N GLY B 61 6.23 5.77 15.55
CA GLY B 61 7.49 5.71 16.27
C GLY B 61 7.68 4.45 17.09
N VAL B 62 8.41 3.48 16.54
CA VAL B 62 8.67 2.22 17.23
C VAL B 62 10.12 1.83 17.04
N GLN B 63 10.68 1.13 18.02
CA GLN B 63 12.05 0.68 17.93
C GLN B 63 12.06 -0.68 17.25
N THR B 64 11.08 -1.50 17.60
CA THR B 64 10.95 -2.83 17.02
C THR B 64 9.54 -3.04 16.49
N LEU B 65 9.45 -3.77 15.39
CA LEU B 65 8.16 -4.06 14.79
C LEU B 65 8.07 -5.54 14.53
N VAL B 66 7.05 -6.18 15.10
CA VAL B 66 6.86 -7.60 14.92
C VAL B 66 5.80 -7.90 13.86
N ILE B 67 6.16 -8.77 12.92
CA ILE B 67 5.25 -9.16 11.85
C ILE B 67 4.79 -10.61 12.03
N GLY B 68 3.54 -10.79 12.43
CA GLY B 68 2.99 -12.12 12.60
C GLY B 68 2.35 -12.47 11.27
N ARG B 69 3.03 -13.31 10.49
CA ARG B 69 2.54 -13.68 9.18
C ARG B 69 1.75 -14.98 9.09
N GLY B 70 0.82 -15.20 10.01
CA GLY B 70 -0.01 -16.39 9.97
C GLY B 70 0.33 -17.50 10.94
N SER B 72 0.41 -20.56 10.11
CA SER B 72 1.27 -21.45 9.34
C SER B 72 2.25 -20.65 8.48
N GLU B 73 2.54 -19.42 8.92
CA GLU B 73 3.46 -18.52 8.22
C GLU B 73 3.20 -18.48 6.71
N ALA B 74 1.94 -18.41 6.32
CA ALA B 74 1.61 -18.38 4.89
C ALA B 74 1.87 -17.03 4.21
N LEU B 75 1.46 -15.94 4.87
CA LEU B 75 1.65 -14.60 4.32
C LEU B 75 3.09 -14.34 3.88
N LYS B 76 3.24 -13.88 2.65
CA LYS B 76 4.56 -13.58 2.12
C LYS B 76 5.05 -12.21 2.56
N VAL B 77 6.29 -12.16 3.05
CA VAL B 77 6.87 -10.90 3.47
C VAL B 77 8.07 -10.63 2.59
N PRO B 78 7.87 -9.86 1.51
CA PRO B 78 8.99 -9.57 0.61
C PRO B 78 10.10 -8.84 1.36
N SER B 79 11.24 -8.69 0.70
CA SER B 79 12.36 -7.98 1.31
C SER B 79 12.00 -6.50 1.31
N SER B 80 11.19 -6.10 0.32
CA SER B 80 10.75 -4.72 0.20
C SER B 80 10.27 -4.19 1.53
N THR B 81 9.30 -4.88 2.13
CA THR B 81 8.74 -4.47 3.41
C THR B 81 9.82 -4.40 4.48
N VAL B 82 10.76 -5.33 4.45
CA VAL B 82 11.83 -5.34 5.43
C VAL B 82 12.83 -4.20 5.25
N GLU B 83 13.42 -4.08 4.07
CA GLU B 83 14.38 -3.02 3.81
C GLU B 83 13.82 -1.70 4.30
N TYR B 84 12.61 -1.40 3.85
CA TYR B 84 11.91 -0.17 4.23
C TYR B 84 12.03 0.01 5.75
N LEU B 85 11.70 -1.04 6.50
CA LEU B 85 11.77 -0.98 7.94
C LEU B 85 13.19 -0.72 8.45
N LYS B 86 14.15 -1.51 7.99
CA LYS B 86 15.55 -1.33 8.41
C LYS B 86 15.98 0.07 8.01
N LYS B 87 15.48 0.51 6.86
CA LYS B 87 15.77 1.84 6.34
C LYS B 87 15.33 2.83 7.41
N HIS B 88 14.14 2.62 7.96
CA HIS B 88 13.63 3.50 9.01
C HIS B 88 14.27 3.13 10.33
N GLY B 89 15.38 2.40 10.24
CA GLY B 89 16.14 1.99 11.41
C GLY B 89 15.38 1.22 12.46
N ILE B 90 14.52 0.30 12.02
CA ILE B 90 13.71 -0.49 12.94
C ILE B 90 14.12 -1.95 13.04
N ASP B 91 14.11 -2.49 14.26
CA ASP B 91 14.43 -3.90 14.47
C ASP B 91 13.17 -4.67 14.09
N VAL B 92 13.29 -5.52 13.08
CA VAL B 92 12.16 -6.30 12.60
C VAL B 92 12.17 -7.75 13.06
N ARG B 93 10.99 -8.26 13.41
CA ARG B 93 10.83 -9.64 13.83
C ARG B 93 9.71 -10.23 12.95
N VAL B 94 10.05 -11.25 12.17
CA VAL B 94 9.07 -11.91 11.30
C VAL B 94 8.90 -13.33 11.84
N LEU B 95 7.77 -13.58 12.49
CA LEU B 95 7.53 -14.89 13.08
C LEU B 95 6.11 -15.40 12.85
N GLN B 96 5.91 -16.68 13.17
CA GLN B 96 4.60 -17.29 13.07
C GLN B 96 3.77 -16.49 14.08
N THR B 97 2.63 -15.98 13.63
CA THR B 97 1.76 -15.14 14.44
C THR B 97 1.73 -15.38 15.95
N GLU B 98 1.47 -16.60 16.38
CA GLU B 98 1.42 -16.90 17.82
C GLU B 98 2.72 -16.52 18.52
N GLN B 99 3.83 -17.07 18.02
CA GLN B 99 5.13 -16.78 18.57
C GLN B 99 5.35 -15.27 18.47
N ALA B 100 4.80 -14.70 17.39
CA ALA B 100 4.91 -13.26 17.13
C ALA B 100 4.21 -12.45 18.22
N VAL B 101 3.09 -12.96 18.71
CA VAL B 101 2.32 -12.28 19.76
C VAL B 101 3.02 -12.39 21.12
N LYS B 102 3.54 -13.56 21.44
CA LYS B 102 4.24 -13.74 22.72
C LYS B 102 5.51 -12.90 22.72
N GLU B 103 6.18 -12.86 21.56
CA GLU B 103 7.40 -12.08 21.41
C GLU B 103 7.09 -10.59 21.54
N TYR B 104 5.98 -10.16 20.93
CA TYR B 104 5.56 -8.77 20.98
C TYR B 104 5.22 -8.37 22.42
N ASN B 105 4.40 -9.17 23.09
CA ASN B 105 4.03 -8.88 24.46
C ASN B 105 5.23 -8.90 25.40
N ALA B 106 6.27 -9.64 25.03
CA ALA B 106 7.48 -9.72 25.86
C ALA B 106 8.21 -8.38 25.83
N LEU B 107 8.39 -7.85 24.62
CA LEU B 107 9.06 -6.56 24.48
C LEU B 107 8.24 -5.50 25.21
N VAL B 108 6.92 -5.61 25.12
CA VAL B 108 6.02 -4.69 25.80
C VAL B 108 6.19 -4.91 27.29
N ALA B 109 6.31 -6.17 27.67
CA ALA B 109 6.50 -6.54 29.06
C ALA B 109 7.83 -6.00 29.58
N GLN B 110 8.92 -6.28 28.87
CA GLN B 110 10.21 -5.78 29.31
C GLN B 110 10.23 -4.27 29.20
N GLY B 111 9.19 -3.73 28.58
CA GLY B 111 9.06 -2.28 28.44
C GLY B 111 9.79 -1.64 27.28
N VAL B 112 9.32 -1.90 26.05
CA VAL B 112 9.93 -1.33 24.85
C VAL B 112 8.87 -0.68 23.97
N ARG B 113 9.30 0.23 23.10
CA ARG B 113 8.38 0.88 22.17
C ARG B 113 8.28 -0.05 20.96
N VAL B 114 7.38 -1.01 21.03
CA VAL B 114 7.21 -1.97 19.96
C VAL B 114 5.85 -1.90 19.28
N GLY B 115 5.82 -2.26 18.01
CA GLY B 115 4.57 -2.27 17.26
C GLY B 115 4.50 -3.53 16.41
N GLY B 116 3.48 -3.64 15.57
CA GLY B 116 3.39 -4.81 14.73
C GLY B 116 2.05 -5.02 14.06
N VAL B 117 2.04 -5.96 13.11
CA VAL B 117 0.85 -6.33 12.36
C VAL B 117 0.79 -7.85 12.45
N PHE B 118 -0.39 -8.40 12.73
CA PHE B 118 -0.50 -9.84 12.90
C PHE B 118 -1.58 -10.52 12.07
N HIS B 119 -1.17 -11.53 11.31
CA HIS B 119 -2.09 -12.30 10.49
C HIS B 119 -2.49 -13.52 11.31
N SER B 120 -3.65 -13.44 11.97
CA SER B 120 -4.13 -14.54 12.81
C SER B 120 -4.93 -15.61 12.07
N THR B 121 -5.01 -15.51 10.75
CA THR B 121 -5.74 -16.50 9.96
C THR B 121 -4.76 -17.32 9.13
N CYS B 122 -5.09 -17.58 7.87
CA CYS B 122 -4.19 -18.36 7.02
C CYS B 122 -3.99 -17.81 5.60
N SER A 1 0.85 18.50 -1.02
CA SER A 1 0.13 17.30 -0.52
C SER A 1 0.87 16.01 -0.90
N THR A 2 0.48 14.92 -0.24
CA THR A 2 1.08 13.61 -0.50
C THR A 2 0.23 12.79 -1.45
N SER A 3 0.84 11.79 -2.07
CA SER A 3 0.10 10.92 -2.97
C SER A 3 -0.69 9.98 -2.06
N PRO A 4 -1.97 9.74 -2.39
CA PRO A 4 -2.82 8.85 -1.58
C PRO A 4 -2.56 7.37 -1.86
N GLU A 5 -2.49 6.59 -0.79
CA GLU A 5 -2.27 5.15 -0.92
C GLU A 5 -3.46 4.58 -1.67
N ILE A 6 -3.23 3.58 -2.50
CA ILE A 6 -4.35 2.95 -3.20
C ILE A 6 -4.99 1.97 -2.21
N ALA A 7 -6.23 2.27 -1.84
CA ALA A 7 -6.98 1.47 -0.88
C ALA A 7 -7.15 -0.02 -1.21
N SER A 8 -7.79 -0.33 -2.33
CA SER A 8 -7.98 -1.73 -2.69
C SER A 8 -8.13 -1.94 -4.20
N LEU A 9 -7.78 -3.15 -4.64
CA LEU A 9 -7.87 -3.52 -6.05
C LEU A 9 -8.57 -4.85 -6.27
N SER A 10 -9.57 -4.85 -7.14
CA SER A 10 -10.33 -6.05 -7.48
C SER A 10 -10.80 -5.85 -8.91
N TRP A 11 -11.12 -6.93 -9.61
CA TRP A 11 -11.55 -6.81 -11.00
C TRP A 11 -12.57 -5.71 -11.22
N GLY A 12 -12.14 -4.66 -11.93
CA GLY A 12 -13.01 -3.54 -12.20
C GLY A 12 -13.40 -2.82 -10.91
N GLN A 13 -12.41 -2.52 -10.08
CA GLN A 13 -12.68 -1.84 -8.83
C GLN A 13 -11.44 -1.49 -8.01
N LYS A 15 -9.97 1.53 -5.01
CA LYS A 15 -10.46 2.49 -4.03
C LYS A 15 -9.36 3.48 -3.68
N VAL A 16 -9.68 4.77 -3.79
CA VAL A 16 -8.73 5.82 -3.49
C VAL A 16 -9.14 6.53 -2.21
N LYS A 17 -8.22 6.59 -1.25
CA LYS A 17 -8.49 7.27 0.00
C LYS A 17 -8.54 8.77 -0.31
N GLY A 18 -9.67 9.38 0.02
CA GLY A 18 -9.85 10.80 -0.23
C GLY A 18 -11.14 11.06 -0.97
N SER A 19 -11.76 9.99 -1.45
CA SER A 19 -13.02 10.08 -2.18
C SER A 19 -14.03 9.02 -1.71
N ASN A 20 -15.31 9.30 -1.92
CA ASN A 20 -16.36 8.36 -1.52
C ASN A 20 -16.55 7.36 -2.65
N THR A 21 -16.21 7.78 -3.86
CA THR A 21 -16.38 6.96 -5.06
C THR A 21 -15.31 5.91 -5.33
N THR A 22 -15.79 4.75 -5.77
CA THR A 22 -14.92 3.63 -6.12
C THR A 22 -15.12 3.35 -7.61
N TYR A 23 -14.40 4.10 -8.44
CA TYR A 23 -14.48 3.97 -9.89
C TYR A 23 -14.09 2.57 -10.36
N LYS A 24 -14.00 2.41 -11.68
CA LYS A 24 -13.60 1.14 -12.27
C LYS A 24 -12.11 1.33 -12.58
N ASP A 25 -11.82 2.34 -13.38
CA ASP A 25 -10.45 2.73 -13.76
C ASP A 25 -10.27 4.10 -13.15
N CYS A 26 -9.05 4.45 -12.75
CA CYS A 26 -8.86 5.77 -12.14
C CYS A 26 -7.52 6.49 -12.39
N LYS A 27 -7.50 7.75 -11.96
CA LYS A 27 -6.33 8.61 -12.06
C LYS A 27 -5.99 9.05 -10.64
N VAL A 28 -4.71 9.05 -10.28
CA VAL A 28 -4.32 9.42 -8.93
C VAL A 28 -3.08 10.30 -8.89
N TRP A 29 -3.07 11.30 -8.00
CA TRP A 29 -1.96 12.23 -7.85
C TRP A 29 -1.93 12.82 -6.44
N PRO A 30 -0.84 13.55 -6.08
CA PRO A 30 -0.75 14.16 -4.75
C PRO A 30 -2.01 14.92 -4.40
N GLY A 31 -2.71 14.45 -3.37
CA GLY A 31 -3.94 15.10 -2.94
C GLY A 31 -5.07 15.09 -3.97
N GLY A 32 -5.26 13.97 -4.66
CA GLY A 32 -6.32 13.92 -5.65
C GLY A 32 -6.48 12.60 -6.39
N SER A 33 -7.72 12.36 -6.82
CA SER A 33 -8.06 11.16 -7.56
C SER A 33 -9.29 11.45 -8.40
N ARG A 34 -9.25 11.04 -9.67
CA ARG A 34 -10.36 11.28 -10.56
C ARG A 34 -10.74 10.00 -11.27
N THR A 35 -11.90 10.01 -11.92
CA THR A 35 -12.37 8.84 -12.65
C THR A 35 -11.71 8.82 -14.02
N TRP A 36 -11.14 7.67 -14.39
CA TRP A 36 -10.53 7.53 -15.70
C TRP A 36 -11.56 6.92 -16.64
N ASP A 37 -12.15 7.78 -17.47
CA ASP A 37 -13.17 7.38 -18.44
C ASP A 37 -12.55 7.49 -19.83
N TRP A 38 -12.33 6.35 -20.49
CA TRP A 38 -11.74 6.33 -21.82
C TRP A 38 -12.57 7.09 -22.85
N ARG A 39 -13.86 7.28 -22.56
CA ARG A 39 -14.74 7.99 -23.47
C ARG A 39 -14.48 9.49 -23.56
N GLU A 40 -13.63 10.00 -22.67
CA GLU A 40 -13.29 11.43 -22.67
C GLU A 40 -12.20 11.67 -23.71
N THR A 41 -11.43 10.63 -24.02
CA THR A 41 -10.36 10.76 -25.01
C THR A 41 -10.56 9.80 -26.18
N GLY A 42 -11.48 8.85 -26.01
CA GLY A 42 -11.75 7.88 -27.05
C GLY A 42 -10.65 6.83 -27.13
N THR A 43 -9.99 6.61 -25.99
CA THR A 43 -8.91 5.63 -25.91
C THR A 43 -9.40 4.17 -25.96
N GLU A 44 -8.68 3.37 -26.73
CA GLU A 44 -8.97 1.94 -26.87
C GLU A 44 -7.70 1.20 -26.49
N HIS A 45 -7.69 -0.12 -26.61
CA HIS A 45 -6.49 -0.89 -26.28
C HIS A 45 -5.42 -0.55 -27.32
N SER A 46 -5.83 0.20 -28.32
CA SER A 46 -4.96 0.66 -29.41
C SER A 46 -5.60 1.93 -29.94
N PRO A 47 -4.80 2.98 -30.20
CA PRO A 47 -3.34 3.06 -30.02
C PRO A 47 -2.94 2.76 -28.59
N GLY A 48 -3.90 2.92 -27.69
CA GLY A 48 -3.65 2.67 -26.28
C GLY A 48 -3.58 3.97 -25.51
N VAL A 49 -2.92 3.92 -24.36
CA VAL A 49 -2.78 5.09 -23.50
C VAL A 49 -2.31 6.31 -24.28
N GLN A 50 -3.13 7.35 -24.28
CA GLN A 50 -2.81 8.58 -24.98
C GLN A 50 -2.32 9.67 -24.04
N PRO A 51 -1.44 10.55 -24.54
CA PRO A 51 -0.91 11.65 -23.73
C PRO A 51 -2.05 12.38 -23.02
N ALA A 52 -3.20 12.42 -23.69
CA ALA A 52 -4.37 13.09 -23.14
C ALA A 52 -4.91 12.35 -21.94
N ASP A 53 -4.65 11.03 -21.88
CA ASP A 53 -5.11 10.23 -20.75
C ASP A 53 -4.34 10.54 -19.48
N VAL A 54 -3.05 10.84 -19.61
CA VAL A 54 -2.19 11.11 -18.46
C VAL A 54 -1.77 12.57 -18.25
N LYS A 55 -2.14 13.44 -19.18
CA LYS A 55 -1.78 14.84 -19.09
C LYS A 55 -2.30 15.50 -17.81
N GLU A 56 -3.48 15.10 -17.37
CA GLU A 56 -4.10 15.64 -16.17
C GLU A 56 -3.24 15.33 -14.94
N VAL A 57 -2.57 14.19 -14.95
CA VAL A 57 -1.71 13.81 -13.84
C VAL A 57 -0.42 14.62 -13.96
N VAL A 58 0.11 14.68 -15.18
CA VAL A 58 1.33 15.43 -15.44
C VAL A 58 1.22 16.87 -14.93
N GLU A 59 0.11 17.54 -15.25
CA GLU A 59 -0.07 18.91 -14.83
C GLU A 59 -0.38 19.08 -13.33
N LYS A 60 -0.18 18.02 -12.58
CA LYS A 60 -0.41 18.07 -11.13
C LYS A 60 0.94 18.19 -10.41
N GLY A 61 1.98 17.60 -10.99
CA GLY A 61 3.31 17.65 -10.39
C GLY A 61 3.81 16.34 -9.81
N VAL A 62 4.37 15.48 -10.65
CA VAL A 62 4.89 14.20 -10.18
C VAL A 62 6.22 13.81 -10.81
N GLN A 63 7.17 13.42 -9.98
CA GLN A 63 8.48 13.01 -10.49
C GLN A 63 8.35 11.58 -11.01
N THR A 64 7.25 10.92 -10.66
CA THR A 64 7.01 9.55 -11.08
C THR A 64 5.56 9.29 -11.43
N LEU A 65 5.35 8.55 -12.51
CA LEU A 65 4.01 8.21 -12.95
C LEU A 65 3.91 6.70 -13.22
N VAL A 66 2.86 6.08 -12.71
CA VAL A 66 2.69 4.65 -12.89
C VAL A 66 1.46 4.36 -13.74
N ILE A 67 1.65 3.50 -14.73
CA ILE A 67 0.57 3.13 -15.63
C ILE A 67 0.13 1.68 -15.42
N GLY A 68 -1.15 1.50 -15.07
CA GLY A 68 -1.70 0.17 -14.87
C GLY A 68 -2.35 -0.24 -16.16
N ARG A 69 -1.66 -1.07 -16.93
CA ARG A 69 -2.15 -1.51 -18.25
C ARG A 69 -3.12 -2.69 -18.26
N GLY A 70 -3.77 -2.96 -17.13
CA GLY A 70 -4.70 -4.06 -17.10
C GLY A 70 -4.19 -5.28 -16.37
N SER A 72 -4.10 -8.24 -17.37
CA SER A 72 -3.45 -9.17 -18.28
C SER A 72 -2.73 -8.33 -19.33
N GLU A 73 -2.58 -7.05 -19.03
CA GLU A 73 -1.90 -6.11 -19.92
C GLU A 73 -2.38 -6.24 -21.37
N ALA A 74 -3.70 -6.15 -21.56
CA ALA A 74 -4.28 -6.25 -22.90
C ALA A 74 -4.30 -4.85 -23.51
N LEU A 75 -4.09 -3.85 -22.68
CA LEU A 75 -4.06 -2.47 -23.11
C LEU A 75 -2.63 -2.10 -23.49
N LYS A 76 -2.44 -1.70 -24.74
CA LYS A 76 -1.12 -1.30 -25.22
C LYS A 76 -0.77 0.09 -24.69
N VAL A 77 0.47 0.49 -24.92
CA VAL A 77 0.98 1.78 -24.49
C VAL A 77 2.00 2.26 -25.50
N PRO A 78 1.67 3.33 -26.24
CA PRO A 78 2.57 3.90 -27.26
C PRO A 78 3.88 4.35 -26.64
N SER A 79 5.00 4.02 -27.30
CA SER A 79 6.30 4.40 -26.79
C SER A 79 6.45 5.92 -26.85
N SER A 80 5.70 6.55 -27.75
CA SER A 80 5.77 8.01 -27.89
C SER A 80 5.01 8.66 -26.73
N THR A 81 4.27 7.84 -26.00
CA THR A 81 3.50 8.30 -24.85
C THR A 81 4.41 8.32 -23.61
N VAL A 82 5.29 7.32 -23.54
CA VAL A 82 6.24 7.21 -22.42
C VAL A 82 7.29 8.31 -22.54
N GLU A 83 7.91 8.42 -23.71
CA GLU A 83 8.93 9.43 -23.93
C GLU A 83 8.33 10.81 -23.71
N TYR A 84 7.03 10.94 -24.00
CA TYR A 84 6.32 12.19 -23.81
C TYR A 84 6.47 12.59 -22.35
N LEU A 85 6.35 11.60 -21.47
CA LEU A 85 6.48 11.84 -20.05
C LEU A 85 7.95 12.09 -19.74
N LYS A 86 8.82 11.46 -20.54
CA LYS A 86 10.26 11.60 -20.39
C LYS A 86 10.72 13.03 -20.60
N LYS A 87 10.27 13.63 -21.70
CA LYS A 87 10.63 15.01 -22.02
C LYS A 87 10.19 15.95 -20.91
N HIS A 88 9.31 15.47 -20.04
CA HIS A 88 8.81 16.27 -18.93
C HIS A 88 9.49 15.86 -17.62
N GLY A 89 10.61 15.15 -17.75
CA GLY A 89 11.37 14.72 -16.60
C GLY A 89 10.66 13.78 -15.66
N ILE A 90 9.67 13.07 -16.19
CA ILE A 90 8.90 12.14 -15.39
C ILE A 90 9.41 10.69 -15.43
N ASP A 91 9.45 10.07 -14.25
CA ASP A 91 9.88 8.68 -14.11
C ASP A 91 8.63 7.85 -14.44
N VAL A 92 8.74 6.97 -15.44
CA VAL A 92 7.58 6.16 -15.86
C VAL A 92 7.69 4.68 -15.56
N ARG A 93 6.59 4.13 -15.05
CA ARG A 93 6.52 2.71 -14.72
C ARG A 93 5.31 2.11 -15.43
N VAL A 94 5.55 1.11 -16.27
CA VAL A 94 4.46 0.45 -17.00
C VAL A 94 4.35 -0.98 -16.49
N LEU A 95 3.22 -1.32 -15.87
CA LEU A 95 3.03 -2.65 -15.31
C LEU A 95 1.59 -3.14 -15.40
N GLN A 96 1.39 -4.43 -15.12
CA GLN A 96 0.06 -5.00 -15.09
C GLN A 96 -0.48 -4.33 -13.83
N THR A 97 -1.78 -4.07 -13.81
CA THR A 97 -2.37 -3.39 -12.67
C THR A 97 -2.03 -3.90 -11.27
N GLU A 98 -2.24 -5.19 -11.00
CA GLU A 98 -1.93 -5.74 -9.67
C GLU A 98 -0.52 -5.35 -9.21
N GLN A 99 0.44 -5.48 -10.11
CA GLN A 99 1.83 -5.16 -9.82
C GLN A 99 2.05 -3.66 -9.79
N ALA A 100 1.34 -2.95 -10.67
CA ALA A 100 1.45 -1.50 -10.78
C ALA A 100 1.20 -0.79 -9.46
N VAL A 101 0.12 -1.18 -8.78
CA VAL A 101 -0.23 -0.57 -7.50
C VAL A 101 0.87 -0.84 -6.46
N LYS A 102 1.53 -1.99 -6.59
CA LYS A 102 2.61 -2.35 -5.68
C LYS A 102 3.66 -1.24 -5.70
N GLU A 103 4.13 -0.88 -6.90
CA GLU A 103 5.13 0.18 -7.02
C GLU A 103 4.51 1.50 -6.56
N TYR A 104 3.35 1.84 -7.12
CA TYR A 104 2.67 3.07 -6.76
C TYR A 104 2.69 3.32 -5.25
N ASN A 105 2.16 2.37 -4.49
CA ASN A 105 2.13 2.51 -3.04
C ASN A 105 3.52 2.46 -2.43
N ALA A 106 4.41 1.69 -3.04
CA ALA A 106 5.78 1.60 -2.57
C ALA A 106 6.38 3.02 -2.65
N LEU A 107 6.05 3.71 -3.74
CA LEU A 107 6.52 5.07 -3.97
C LEU A 107 5.80 5.98 -2.97
N VAL A 108 4.50 5.73 -2.80
CA VAL A 108 3.70 6.53 -1.86
C VAL A 108 4.24 6.37 -0.44
N ALA A 109 4.75 5.17 -0.13
CA ALA A 109 5.30 4.88 1.20
C ALA A 109 6.65 5.58 1.41
N GLN A 110 7.36 5.83 0.32
CA GLN A 110 8.65 6.48 0.42
C GLN A 110 8.54 8.01 0.23
N GLY A 111 7.32 8.51 0.34
CA GLY A 111 7.07 9.94 0.23
C GLY A 111 7.20 10.61 -1.13
N VAL A 112 7.66 9.88 -2.14
CA VAL A 112 7.81 10.44 -3.48
C VAL A 112 6.49 10.98 -4.00
N ARG A 113 6.56 11.99 -4.89
CA ARG A 113 5.35 12.54 -5.50
C ARG A 113 5.04 11.64 -6.68
N VAL A 114 4.07 10.77 -6.52
CA VAL A 114 3.72 9.84 -7.57
C VAL A 114 2.31 10.04 -8.10
N GLY A 115 2.09 9.66 -9.36
CA GLY A 115 0.78 9.77 -9.96
C GLY A 115 0.55 8.56 -10.86
N GLY A 116 -0.60 8.50 -11.52
CA GLY A 116 -0.83 7.37 -12.39
C GLY A 116 -2.24 7.18 -12.88
N VAL A 117 -2.39 6.20 -13.78
CA VAL A 117 -3.69 5.86 -14.34
C VAL A 117 -3.77 4.34 -14.26
N PHE A 118 -4.93 3.82 -13.87
CA PHE A 118 -5.06 2.39 -13.74
C PHE A 118 -6.25 1.77 -14.44
N HIS A 119 -5.99 0.61 -15.05
CA HIS A 119 -7.00 -0.16 -15.76
C HIS A 119 -7.27 -1.40 -14.91
N SER A 120 -8.35 -1.34 -14.14
CA SER A 120 -8.74 -2.42 -13.23
C SER A 120 -9.09 -3.74 -13.91
N THR A 121 -9.32 -3.70 -15.21
CA THR A 121 -9.65 -4.91 -15.97
C THR A 121 -8.66 -5.04 -17.13
N CYS A 122 -9.06 -5.77 -18.18
CA CYS A 122 -8.18 -5.94 -19.33
C CYS A 122 -8.90 -5.65 -20.64
N SER B 1 3.28 7.43 24.40
CA SER B 1 2.37 6.54 25.16
C SER B 1 3.02 5.17 25.40
N THR B 2 2.20 4.13 25.53
CA THR B 2 2.73 2.79 25.76
C THR B 2 2.15 1.78 24.77
N SER B 3 2.86 0.68 24.57
CA SER B 3 2.42 -0.37 23.65
C SER B 3 1.37 -1.23 24.33
N PRO B 4 0.21 -1.41 23.69
CA PRO B 4 -0.83 -2.24 24.29
C PRO B 4 -0.51 -3.72 24.16
N GLU B 5 -0.72 -4.47 25.24
CA GLU B 5 -0.46 -5.89 25.25
C GLU B 5 -1.57 -6.66 24.56
N ILE B 6 -1.21 -7.56 23.66
CA ILE B 6 -2.21 -8.36 22.98
C ILE B 6 -2.86 -9.26 24.02
N ALA B 7 -4.09 -8.94 24.39
CA ALA B 7 -4.81 -9.69 25.39
C ALA B 7 -5.07 -11.14 25.02
N SER B 8 -5.23 -11.43 23.73
CA SER B 8 -5.50 -12.81 23.32
C SER B 8 -5.42 -13.09 21.83
N LEU B 9 -4.91 -14.27 21.49
CA LEU B 9 -4.79 -14.69 20.11
C LEU B 9 -5.57 -15.97 19.89
N SER B 10 -6.41 -15.97 18.86
CA SER B 10 -7.23 -17.13 18.52
C SER B 10 -7.39 -17.11 17.00
N TRP B 11 -7.62 -18.27 16.41
CA TRP B 11 -7.79 -18.34 14.96
C TRP B 11 -8.80 -17.31 14.49
N GLY B 12 -8.38 -16.43 13.58
CA GLY B 12 -9.26 -15.41 13.05
C GLY B 12 -9.83 -14.46 14.07
N GLN B 13 -9.35 -14.56 15.32
CA GLN B 13 -9.84 -13.72 16.39
C GLN B 13 -8.68 -13.20 17.25
N LYS B 15 -7.52 -10.06 20.34
CA LYS B 15 -7.90 -9.00 21.29
C LYS B 15 -6.69 -8.30 21.90
N VAL B 16 -6.86 -6.99 22.16
CA VAL B 16 -5.80 -6.19 22.75
C VAL B 16 -6.26 -5.57 24.07
N LYS B 17 -5.37 -5.53 25.05
CA LYS B 17 -5.70 -4.96 26.36
C LYS B 17 -6.09 -3.49 26.18
N GLY B 18 -7.22 -3.11 26.76
CA GLY B 18 -7.70 -1.75 26.66
C GLY B 18 -8.62 -1.54 25.47
N SER B 19 -8.25 -2.11 24.33
CA SER B 19 -9.04 -1.99 23.10
C SER B 19 -10.48 -2.46 23.25
N ASN B 20 -11.33 -2.04 22.30
CA ASN B 20 -12.74 -2.41 22.33
C ASN B 20 -13.10 -3.45 21.27
N THR B 21 -13.49 -2.99 20.08
CA THR B 21 -13.89 -3.91 19.03
C THR B 21 -12.84 -4.98 18.78
N THR B 22 -13.25 -6.24 18.89
CA THR B 22 -12.34 -7.37 18.67
C THR B 22 -11.93 -7.39 17.21
N TYR B 23 -10.64 -7.66 16.97
CA TYR B 23 -10.14 -7.71 15.61
C TYR B 23 -9.97 -9.15 15.15
N LYS B 24 -9.58 -9.32 13.88
CA LYS B 24 -9.32 -10.64 13.31
C LYS B 24 -7.81 -10.57 13.10
N ASP B 25 -7.39 -9.58 12.32
CA ASP B 25 -5.99 -9.30 12.04
C ASP B 25 -5.86 -7.86 12.51
N CYS B 26 -4.66 -7.43 12.93
CA CYS B 26 -4.53 -6.06 13.40
C CYS B 26 -3.13 -5.46 13.39
N LYS B 27 -3.09 -4.17 13.66
CA LYS B 27 -1.86 -3.39 13.72
C LYS B 27 -1.80 -2.82 15.12
N VAL B 28 -0.61 -2.80 15.71
CA VAL B 28 -0.45 -2.28 17.05
C VAL B 28 0.77 -1.37 17.15
N TRP B 29 0.72 -0.40 18.07
CA TRP B 29 1.82 0.55 18.25
C TRP B 29 1.61 1.26 19.57
N PRO B 30 2.67 1.90 20.10
CA PRO B 30 2.52 2.62 21.36
C PRO B 30 1.36 3.60 21.30
N GLY B 31 0.38 3.41 22.18
CA GLY B 31 -0.77 4.30 22.21
C GLY B 31 -2.06 3.74 21.60
N GLY B 32 -1.95 2.79 20.67
CA GLY B 32 -3.15 2.23 20.08
C GLY B 32 -3.05 1.01 19.18
N SER B 33 -4.20 0.56 18.72
CA SER B 33 -4.30 -0.61 17.84
C SER B 33 -5.26 -0.28 16.68
N ARG B 34 -5.19 -1.07 15.62
CA ARG B 34 -6.04 -0.85 14.46
C ARG B 34 -6.39 -2.15 13.75
N THR B 35 -7.63 -2.26 13.31
CA THR B 35 -8.06 -3.45 12.59
C THR B 35 -7.25 -3.58 11.32
N TRP B 36 -6.92 -4.81 10.94
CA TRP B 36 -6.15 -5.03 9.74
C TRP B 36 -6.84 -6.02 8.82
N ASP B 37 -6.57 -5.91 7.52
CA ASP B 37 -7.16 -6.77 6.52
C ASP B 37 -6.71 -6.35 5.12
N GLY B 48 0.64 -9.63 0.34
CA GLY B 48 1.44 -10.01 1.49
C GLY B 48 1.59 -8.87 2.51
N VAL B 49 2.83 -8.59 2.88
CA VAL B 49 3.10 -7.52 3.84
C VAL B 49 3.88 -6.42 3.15
N GLN B 50 3.17 -5.39 2.72
CA GLN B 50 3.76 -4.27 2.00
C GLN B 50 4.13 -3.12 2.92
N PRO B 51 5.03 -2.23 2.45
CA PRO B 51 5.41 -1.11 3.32
C PRO B 51 4.17 -0.31 3.72
N ALA B 52 3.23 -0.16 2.78
CA ALA B 52 2.00 0.56 3.06
C ALA B 52 1.30 -0.07 4.27
N ASP B 53 1.43 -1.39 4.39
CA ASP B 53 0.81 -2.14 5.48
C ASP B 53 1.36 -1.78 6.86
N VAL B 54 2.67 -1.54 6.93
CA VAL B 54 3.31 -1.21 8.19
C VAL B 54 3.71 0.26 8.34
N LYS B 55 3.69 1.00 7.25
CA LYS B 55 4.09 2.40 7.28
C LYS B 55 3.43 3.25 8.36
N GLU B 56 2.16 3.00 8.66
CA GLU B 56 1.49 3.79 9.67
C GLU B 56 2.04 3.47 11.05
N VAL B 57 2.32 2.20 11.31
CA VAL B 57 2.87 1.80 12.59
C VAL B 57 4.18 2.55 12.79
N VAL B 58 4.90 2.75 11.69
CA VAL B 58 6.19 3.44 11.73
C VAL B 58 6.07 4.94 12.02
N GLU B 59 5.03 5.56 11.48
CA GLU B 59 4.82 6.99 11.67
C GLU B 59 4.32 7.27 13.09
N LYS B 60 4.35 6.22 13.91
CA LYS B 60 3.92 6.33 15.30
C LYS B 60 5.09 6.34 16.28
N GLY B 61 6.20 5.74 15.86
CA GLY B 61 7.40 5.69 16.70
C GLY B 61 7.62 4.35 17.39
N VAL B 62 8.36 3.45 16.73
CA VAL B 62 8.66 2.15 17.30
C VAL B 62 10.11 1.75 17.05
N GLN B 63 10.73 1.12 18.05
CA GLN B 63 12.10 0.69 17.89
C GLN B 63 12.09 -0.67 17.20
N THR B 64 11.12 -1.49 17.57
CA THR B 64 10.97 -2.82 17.00
C THR B 64 9.56 -3.03 16.47
N LEU B 65 9.46 -3.76 15.37
CA LEU B 65 8.16 -4.04 14.79
C LEU B 65 8.08 -5.54 14.52
N VAL B 66 7.07 -6.17 15.10
CA VAL B 66 6.88 -7.61 14.93
C VAL B 66 5.85 -7.92 13.86
N ILE B 67 6.23 -8.77 12.91
CA ILE B 67 5.34 -9.19 11.84
C ILE B 67 4.92 -10.65 12.01
N GLY B 68 3.71 -10.87 12.49
CA GLY B 68 3.19 -12.20 12.66
C GLY B 68 2.39 -12.51 11.42
N ARG B 69 3.00 -13.26 10.49
CA ARG B 69 2.35 -13.58 9.24
C ARG B 69 1.66 -14.95 9.11
N GLY B 70 0.65 -15.19 9.94
CA GLY B 70 -0.08 -16.44 9.87
C GLY B 70 0.33 -17.53 10.82
N SER B 72 0.54 -20.54 10.03
CA SER B 72 1.37 -21.44 9.24
C SER B 72 2.40 -20.65 8.43
N GLU B 73 2.69 -19.44 8.89
CA GLU B 73 3.65 -18.55 8.22
C GLU B 73 3.41 -18.51 6.71
N ALA B 74 2.16 -18.53 6.29
CA ALA B 74 1.84 -18.52 4.86
C ALA B 74 1.90 -17.13 4.24
N LEU B 75 1.36 -16.13 4.95
CA LEU B 75 1.33 -14.77 4.46
C LEU B 75 2.69 -14.32 3.92
N LYS B 76 2.71 -13.84 2.68
CA LYS B 76 3.94 -13.38 2.07
C LYS B 76 4.45 -12.13 2.74
N VAL B 77 5.78 -12.00 2.78
CA VAL B 77 6.43 -10.84 3.38
C VAL B 77 7.60 -10.45 2.48
N PRO B 78 7.37 -9.55 1.52
CA PRO B 78 8.42 -9.11 0.61
C PRO B 78 9.57 -8.41 1.32
N SER B 79 10.80 -8.81 0.98
CA SER B 79 11.99 -8.22 1.58
C SER B 79 12.01 -6.69 1.43
N SER B 80 11.63 -6.20 0.25
CA SER B 80 11.61 -4.76 0.01
C SER B 80 10.90 -4.06 1.15
N THR B 81 9.95 -4.78 1.76
CA THR B 81 9.17 -4.26 2.87
C THR B 81 9.97 -4.28 4.16
N VAL B 82 10.73 -5.35 4.38
CA VAL B 82 11.54 -5.48 5.58
C VAL B 82 12.68 -4.46 5.54
N GLU B 83 13.29 -4.33 4.37
CA GLU B 83 14.40 -3.40 4.20
C GLU B 83 13.90 -1.99 4.44
N TYR B 84 12.71 -1.69 3.94
CA TYR B 84 12.10 -0.38 4.13
C TYR B 84 12.16 -0.07 5.63
N LEU B 85 11.78 -1.05 6.44
CA LEU B 85 11.80 -0.88 7.88
C LEU B 85 13.23 -0.69 8.41
N LYS B 86 14.19 -1.39 7.82
CA LYS B 86 15.58 -1.28 8.25
C LYS B 86 16.03 0.18 8.14
N LYS B 87 15.71 0.81 7.02
CA LYS B 87 16.07 2.21 6.80
C LYS B 87 15.51 3.07 7.93
N HIS B 88 14.24 2.88 8.25
CA HIS B 88 13.62 3.66 9.31
C HIS B 88 14.23 3.26 10.64
N GLY B 89 15.37 2.56 10.56
CA GLY B 89 16.09 2.14 11.74
C GLY B 89 15.29 1.19 12.61
N ILE B 90 14.31 0.52 12.00
CA ILE B 90 13.47 -0.40 12.72
C ILE B 90 13.98 -1.84 12.71
N ASP B 91 14.10 -2.41 13.90
CA ASP B 91 14.54 -3.79 14.04
C ASP B 91 13.29 -4.63 13.82
N VAL B 92 13.32 -5.47 12.78
CA VAL B 92 12.16 -6.30 12.45
C VAL B 92 12.21 -7.71 13.02
N ARG B 93 11.03 -8.26 13.27
CA ARG B 93 10.88 -9.62 13.78
C ARG B 93 9.75 -10.24 12.94
N VAL B 94 10.09 -11.22 12.10
CA VAL B 94 9.10 -11.90 11.28
C VAL B 94 8.91 -13.30 11.85
N LEU B 95 7.79 -13.52 12.52
CA LEU B 95 7.52 -14.81 13.15
C LEU B 95 6.13 -15.34 12.87
N GLN B 96 5.95 -16.62 13.19
CA GLN B 96 4.64 -17.25 13.05
C GLN B 96 3.77 -16.48 14.04
N THR B 97 2.62 -16.02 13.57
CA THR B 97 1.70 -15.21 14.38
C THR B 97 1.70 -15.41 15.89
N GLU B 98 1.54 -16.65 16.36
CA GLU B 98 1.52 -16.91 17.80
C GLU B 98 2.80 -16.48 18.47
N GLN B 99 3.92 -17.05 18.03
CA GLN B 99 5.22 -16.73 18.58
C GLN B 99 5.39 -15.21 18.47
N ALA B 100 4.84 -14.65 17.39
CA ALA B 100 4.89 -13.23 17.13
C ALA B 100 4.21 -12.42 18.23
N VAL B 101 3.08 -12.94 18.72
CA VAL B 101 2.32 -12.28 19.78
C VAL B 101 3.05 -12.36 21.13
N LYS B 102 3.63 -13.52 21.44
CA LYS B 102 4.36 -13.67 22.70
C LYS B 102 5.61 -12.79 22.66
N GLU B 103 6.33 -12.84 21.54
CA GLU B 103 7.53 -12.05 21.37
C GLU B 103 7.19 -10.56 21.51
N TYR B 104 6.09 -10.15 20.89
CA TYR B 104 5.62 -8.77 20.96
C TYR B 104 5.33 -8.37 22.40
N ASN B 105 4.53 -9.17 23.09
CA ASN B 105 4.18 -8.88 24.48
C ASN B 105 5.39 -8.89 25.41
N ALA B 106 6.42 -9.68 25.07
CA ALA B 106 7.62 -9.75 25.90
C ALA B 106 8.31 -8.39 25.89
N LEU B 107 8.52 -7.84 24.69
CA LEU B 107 9.15 -6.55 24.55
C LEU B 107 8.29 -5.50 25.26
N VAL B 108 6.97 -5.65 25.14
CA VAL B 108 6.04 -4.72 25.78
C VAL B 108 6.27 -4.75 27.28
N ALA B 109 6.34 -5.97 27.82
CA ALA B 109 6.56 -6.17 29.25
C ALA B 109 7.90 -5.59 29.71
N GLN B 110 8.72 -5.13 28.78
CA GLN B 110 10.01 -4.55 29.17
C GLN B 110 10.18 -3.11 28.69
N GLY B 111 9.06 -2.43 28.49
CA GLY B 111 9.09 -1.03 28.10
C GLY B 111 9.59 -0.60 26.73
N VAL B 112 9.78 -1.53 25.81
CA VAL B 112 10.24 -1.18 24.49
C VAL B 112 9.07 -0.59 23.70
N ARG B 113 9.36 0.39 22.86
CA ARG B 113 8.31 0.97 22.01
C ARG B 113 8.20 -0.01 20.85
N VAL B 114 7.36 -1.03 21.02
CA VAL B 114 7.19 -2.04 19.99
C VAL B 114 5.84 -1.95 19.30
N GLY B 115 5.81 -2.30 18.03
CA GLY B 115 4.58 -2.29 17.26
C GLY B 115 4.50 -3.54 16.42
N GLY B 116 3.48 -3.65 15.58
CA GLY B 116 3.37 -4.82 14.75
C GLY B 116 2.03 -5.00 14.08
N VAL B 117 1.99 -5.94 13.14
CA VAL B 117 0.79 -6.28 12.39
C VAL B 117 0.67 -7.81 12.46
N PHE B 118 -0.52 -8.31 12.79
CA PHE B 118 -0.69 -9.74 12.92
C PHE B 118 -1.77 -10.36 12.08
N HIS B 119 -1.51 -11.58 11.60
CA HIS B 119 -2.45 -12.33 10.78
C HIS B 119 -2.86 -13.56 11.58
N SER B 120 -4.04 -13.49 12.20
CA SER B 120 -4.54 -14.58 13.02
C SER B 120 -4.86 -15.89 12.29
N THR B 121 -5.23 -15.83 11.02
CA THR B 121 -5.54 -17.04 10.25
C THR B 121 -4.35 -17.42 9.36
N CYS B 122 -4.61 -17.76 8.11
CA CYS B 122 -3.55 -18.15 7.19
C CYS B 122 -3.79 -17.78 5.71
N SER A 1 0.62 18.41 -0.91
CA SER A 1 -0.37 17.32 -0.66
C SER A 1 0.25 15.94 -0.85
N THR A 2 -0.53 14.91 -0.54
CA THR A 2 -0.09 13.54 -0.69
C THR A 2 -0.73 12.92 -1.92
N SER A 3 -0.09 11.90 -2.47
CA SER A 3 -0.62 11.20 -3.64
C SER A 3 -1.56 10.13 -3.08
N PRO A 4 -2.87 10.41 -3.03
CA PRO A 4 -3.82 9.43 -2.50
C PRO A 4 -3.56 8.01 -2.98
N GLU A 5 -2.90 7.24 -2.13
CA GLU A 5 -2.58 5.86 -2.43
C GLU A 5 -3.86 5.05 -2.57
N ILE A 6 -3.72 3.84 -3.07
CA ILE A 6 -4.88 2.96 -3.27
C ILE A 6 -4.82 1.77 -2.31
N ALA A 7 -5.73 1.76 -1.35
CA ALA A 7 -5.79 0.69 -0.35
C ALA A 7 -6.89 -0.32 -0.62
N SER A 8 -7.07 -0.67 -1.89
CA SER A 8 -8.10 -1.64 -2.29
C SER A 8 -8.23 -1.78 -3.80
N LEU A 9 -7.88 -2.95 -4.32
CA LEU A 9 -7.96 -3.22 -5.75
C LEU A 9 -8.62 -4.56 -6.06
N SER A 10 -9.71 -4.52 -6.82
CA SER A 10 -10.42 -5.74 -7.20
C SER A 10 -10.75 -5.64 -8.70
N TRP A 11 -11.18 -6.75 -9.29
CA TRP A 11 -11.50 -6.72 -10.72
C TRP A 11 -12.47 -5.62 -11.10
N GLY A 12 -12.07 -4.80 -12.08
CA GLY A 12 -12.93 -3.71 -12.50
C GLY A 12 -13.46 -2.90 -11.35
N GLN A 13 -12.66 -2.75 -10.30
CA GLN A 13 -13.06 -2.00 -9.12
C GLN A 13 -11.89 -1.72 -8.20
N LYS A 15 -10.57 1.45 -4.83
CA LYS A 15 -10.85 2.67 -4.09
C LYS A 15 -9.56 3.38 -3.71
N VAL A 16 -9.64 4.71 -3.66
CA VAL A 16 -8.51 5.54 -3.31
C VAL A 16 -8.83 6.24 -2.00
N LYS A 17 -7.91 6.18 -1.03
CA LYS A 17 -8.15 6.83 0.25
C LYS A 17 -8.43 8.31 -0.04
N GLY A 18 -9.54 8.80 0.50
CA GLY A 18 -9.90 10.19 0.29
C GLY A 18 -11.07 10.38 -0.67
N SER A 19 -11.44 9.31 -1.37
CA SER A 19 -12.53 9.36 -2.33
C SER A 19 -13.88 8.87 -1.79
N ASN A 20 -14.94 9.58 -2.16
CA ASN A 20 -16.28 9.21 -1.74
C ASN A 20 -16.87 8.29 -2.81
N THR A 21 -16.00 7.77 -3.68
CA THR A 21 -16.45 6.91 -4.77
C THR A 21 -15.55 5.73 -5.11
N THR A 22 -16.18 4.61 -5.41
CA THR A 22 -15.47 3.39 -5.79
C THR A 22 -15.15 3.57 -7.27
N TYR A 23 -13.94 3.23 -7.69
CA TYR A 23 -13.55 3.39 -9.08
C TYR A 23 -13.49 2.08 -9.85
N LYS A 24 -13.65 2.18 -11.16
CA LYS A 24 -13.55 1.03 -12.04
C LYS A 24 -12.13 1.18 -12.58
N ASP A 25 -11.93 2.23 -13.38
CA ASP A 25 -10.64 2.59 -13.95
C ASP A 25 -10.40 4.00 -13.42
N CYS A 26 -9.15 4.40 -13.20
CA CYS A 26 -8.93 5.73 -12.66
C CYS A 26 -7.52 6.31 -12.70
N LYS A 27 -7.43 7.61 -12.40
CA LYS A 27 -6.16 8.33 -12.36
C LYS A 27 -5.86 8.69 -10.90
N VAL A 28 -4.63 9.09 -10.62
CA VAL A 28 -4.26 9.44 -9.26
C VAL A 28 -3.07 10.42 -9.28
N TRP A 29 -3.01 11.32 -8.30
CA TRP A 29 -1.94 12.33 -8.25
C TRP A 29 -1.92 13.03 -6.90
N PRO A 30 -0.81 13.73 -6.57
CA PRO A 30 -0.76 14.42 -5.27
C PRO A 30 -1.97 15.34 -5.17
N GLY A 31 -2.85 15.02 -4.22
CA GLY A 31 -4.05 15.83 -4.03
C GLY A 31 -5.34 15.04 -4.12
N GLY A 32 -5.53 14.30 -5.21
CA GLY A 32 -6.75 13.53 -5.35
C GLY A 32 -6.70 12.44 -6.41
N SER A 33 -7.85 12.20 -7.02
CA SER A 33 -7.98 11.20 -8.05
C SER A 33 -9.11 11.59 -8.98
N ARG A 34 -9.44 10.72 -9.91
CA ARG A 34 -10.51 11.01 -10.87
C ARG A 34 -10.73 9.80 -11.75
N THR A 35 -11.96 9.29 -11.74
CA THR A 35 -12.29 8.13 -12.56
C THR A 35 -11.66 8.32 -13.93
N TRP A 36 -11.15 7.24 -14.50
CA TRP A 36 -10.55 7.27 -15.81
C TRP A 36 -11.54 6.72 -16.82
N ASP A 37 -12.19 7.60 -17.57
CA ASP A 37 -13.17 7.23 -18.57
C ASP A 37 -12.52 7.43 -19.94
N TRP A 38 -12.24 6.33 -20.64
CA TRP A 38 -11.61 6.40 -21.96
C TRP A 38 -12.45 7.18 -22.97
N ARG A 39 -13.75 7.28 -22.71
CA ARG A 39 -14.64 7.99 -23.62
C ARG A 39 -14.40 9.50 -23.68
N GLU A 40 -13.56 10.00 -22.77
CA GLU A 40 -13.24 11.42 -22.74
C GLU A 40 -12.13 11.71 -23.75
N THR A 41 -11.30 10.72 -24.03
CA THR A 41 -10.21 10.90 -24.99
C THR A 41 -10.37 9.98 -26.19
N GLY A 42 -11.22 8.97 -26.06
CA GLY A 42 -11.44 8.03 -27.15
C GLY A 42 -10.44 6.90 -27.18
N THR A 43 -9.69 6.74 -26.09
CA THR A 43 -8.71 5.69 -25.98
C THR A 43 -9.32 4.28 -26.04
N GLU A 44 -8.70 3.41 -26.82
CA GLU A 44 -9.14 2.02 -26.96
C GLU A 44 -8.05 1.10 -26.43
N HIS A 45 -8.32 -0.20 -26.37
CA HIS A 45 -7.33 -1.17 -25.89
C HIS A 45 -6.09 -1.08 -26.79
N SER A 46 -6.32 -0.73 -28.04
CA SER A 46 -5.26 -0.58 -29.03
C SER A 46 -5.65 0.59 -29.93
N PRO A 47 -4.68 1.42 -30.33
CA PRO A 47 -3.25 1.38 -30.02
C PRO A 47 -2.88 1.58 -28.55
N GLY A 48 -3.80 2.12 -27.77
CA GLY A 48 -3.52 2.29 -26.35
C GLY A 48 -3.46 3.67 -25.72
N VAL A 49 -2.99 3.68 -24.48
CA VAL A 49 -2.86 4.88 -23.67
C VAL A 49 -2.24 6.03 -24.47
N GLN A 50 -2.86 7.20 -24.41
CA GLN A 50 -2.35 8.36 -25.13
C GLN A 50 -1.95 9.46 -24.16
N PRO A 51 -1.12 10.40 -24.63
CA PRO A 51 -0.68 11.51 -23.79
C PRO A 51 -1.87 12.22 -23.17
N ALA A 52 -2.96 12.28 -23.92
CA ALA A 52 -4.17 12.95 -23.44
C ALA A 52 -4.73 12.25 -22.21
N ASP A 53 -4.35 11.00 -22.00
CA ASP A 53 -4.82 10.25 -20.84
C ASP A 53 -4.02 10.63 -19.59
N VAL A 54 -2.72 10.80 -19.76
CA VAL A 54 -1.83 11.12 -18.65
C VAL A 54 -1.57 12.60 -18.35
N LYS A 55 -1.96 13.48 -19.27
CA LYS A 55 -1.73 14.91 -19.08
C LYS A 55 -2.34 15.47 -17.79
N GLU A 56 -3.47 14.91 -17.38
CA GLU A 56 -4.16 15.35 -16.16
C GLU A 56 -3.35 14.95 -14.92
N VAL A 57 -2.33 14.12 -15.13
CA VAL A 57 -1.48 13.70 -14.04
C VAL A 57 -0.24 14.58 -14.10
N VAL A 58 0.25 14.80 -15.32
CA VAL A 58 1.42 15.63 -15.53
C VAL A 58 1.19 17.04 -14.97
N GLU A 59 0.03 17.62 -15.30
CA GLU A 59 -0.32 18.97 -14.85
C GLU A 59 -0.05 19.20 -13.36
N LYS A 60 -0.52 18.28 -12.52
CA LYS A 60 -0.33 18.39 -11.08
C LYS A 60 1.16 18.30 -10.73
N GLY A 61 1.97 17.87 -11.70
CA GLY A 61 3.39 17.76 -11.47
C GLY A 61 3.76 16.58 -10.59
N VAL A 62 4.38 15.56 -11.18
CA VAL A 62 4.79 14.38 -10.42
C VAL A 62 6.19 13.97 -10.83
N GLN A 63 6.88 13.26 -9.95
CA GLN A 63 8.24 12.82 -10.27
C GLN A 63 8.16 11.52 -11.05
N THR A 64 7.21 10.67 -10.66
CA THR A 64 7.02 9.39 -11.30
C THR A 64 5.55 9.16 -11.60
N LEU A 65 5.29 8.47 -12.70
CA LEU A 65 3.93 8.16 -13.10
C LEU A 65 3.82 6.66 -13.35
N VAL A 66 2.86 6.03 -12.67
CA VAL A 66 2.68 4.60 -12.82
C VAL A 66 1.47 4.32 -13.70
N ILE A 67 1.67 3.49 -14.71
CA ILE A 67 0.62 3.13 -15.63
C ILE A 67 0.14 1.69 -15.43
N GLY A 68 -1.11 1.54 -15.01
CA GLY A 68 -1.69 0.21 -14.81
C GLY A 68 -2.42 -0.13 -16.09
N ARG A 69 -1.72 -0.84 -16.97
CA ARG A 69 -2.26 -1.21 -18.28
C ARG A 69 -3.35 -2.27 -18.30
N GLY A 70 -3.57 -2.94 -17.18
CA GLY A 70 -4.59 -3.96 -17.14
C GLY A 70 -4.14 -5.27 -16.53
N SER A 72 -3.87 -8.13 -17.96
CA SER A 72 -3.10 -8.96 -18.87
C SER A 72 -2.35 -8.05 -19.85
N GLU A 73 -2.48 -6.75 -19.64
CA GLU A 73 -1.81 -5.76 -20.48
C GLU A 73 -2.34 -5.80 -21.92
N ALA A 74 -3.60 -6.17 -22.07
CA ALA A 74 -4.23 -6.23 -23.39
C ALA A 74 -4.22 -4.82 -23.97
N LEU A 75 -4.14 -3.83 -23.09
CA LEU A 75 -4.09 -2.44 -23.50
C LEU A 75 -2.62 -2.08 -23.72
N LYS A 76 -2.30 -1.72 -24.96
CA LYS A 76 -0.93 -1.35 -25.30
C LYS A 76 -0.62 0.05 -24.81
N VAL A 77 0.63 0.46 -25.01
CA VAL A 77 1.10 1.78 -24.62
C VAL A 77 2.14 2.19 -25.65
N PRO A 78 1.73 3.01 -26.64
CA PRO A 78 2.61 3.49 -27.71
C PRO A 78 3.84 4.17 -27.14
N SER A 79 4.82 4.43 -28.00
CA SER A 79 6.03 5.09 -27.57
C SER A 79 5.75 6.58 -27.45
N SER A 80 4.70 7.03 -28.13
CA SER A 80 4.34 8.44 -28.11
C SER A 80 4.22 8.89 -26.66
N THR A 81 3.55 8.06 -25.86
CA THR A 81 3.34 8.35 -24.44
C THR A 81 4.66 8.40 -23.65
N VAL A 82 5.40 7.30 -23.63
CA VAL A 82 6.67 7.26 -22.91
C VAL A 82 7.52 8.46 -23.32
N GLU A 83 7.34 8.91 -24.56
CA GLU A 83 8.07 10.07 -25.05
C GLU A 83 7.44 11.34 -24.48
N TYR A 84 6.12 11.36 -24.41
CA TYR A 84 5.41 12.51 -23.88
C TYR A 84 5.85 12.74 -22.44
N LEU A 85 5.89 11.65 -21.67
CA LEU A 85 6.29 11.73 -20.29
C LEU A 85 7.73 12.15 -20.11
N LYS A 86 8.66 11.30 -20.57
CA LYS A 86 10.08 11.63 -20.45
C LYS A 86 10.35 13.04 -20.92
N LYS A 87 9.38 13.61 -21.63
CA LYS A 87 9.49 14.97 -22.15
C LYS A 87 9.39 15.95 -20.97
N HIS A 88 8.66 15.56 -19.94
CA HIS A 88 8.49 16.42 -18.77
C HIS A 88 9.32 15.93 -17.58
N GLY A 89 10.39 15.20 -17.88
CA GLY A 89 11.27 14.70 -16.85
C GLY A 89 10.65 13.72 -15.88
N ILE A 90 9.72 12.92 -16.38
CA ILE A 90 9.04 11.93 -15.55
C ILE A 90 9.54 10.49 -15.78
N ASP A 91 9.81 9.79 -14.68
CA ASP A 91 10.23 8.39 -14.75
C ASP A 91 8.94 7.61 -15.03
N VAL A 92 8.95 6.75 -16.05
CA VAL A 92 7.75 5.99 -16.38
C VAL A 92 7.72 4.57 -15.87
N ARG A 93 6.58 4.19 -15.31
CA ARG A 93 6.40 2.84 -14.78
C ARG A 93 5.18 2.20 -15.43
N VAL A 94 5.42 1.28 -16.36
CA VAL A 94 4.32 0.59 -17.04
C VAL A 94 4.27 -0.84 -16.51
N LEU A 95 3.16 -1.20 -15.86
CA LEU A 95 3.02 -2.54 -15.29
C LEU A 95 1.61 -3.11 -15.37
N GLN A 96 1.51 -4.40 -15.05
CA GLN A 96 0.24 -5.10 -14.99
C GLN A 96 -0.36 -4.43 -13.77
N THR A 97 -1.68 -4.21 -13.78
CA THR A 97 -2.32 -3.52 -12.67
C THR A 97 -2.04 -4.02 -11.25
N GLU A 98 -2.30 -5.29 -10.98
CA GLU A 98 -2.05 -5.83 -9.64
C GLU A 98 -0.65 -5.44 -9.16
N GLN A 99 0.30 -5.43 -10.09
CA GLN A 99 1.67 -5.09 -9.79
C GLN A 99 1.89 -3.60 -9.85
N ALA A 100 1.04 -2.92 -10.62
CA ALA A 100 1.11 -1.47 -10.80
C ALA A 100 0.71 -0.73 -9.52
N VAL A 101 -0.40 -1.14 -8.93
CA VAL A 101 -0.86 -0.51 -7.69
C VAL A 101 0.16 -0.83 -6.59
N LYS A 102 0.82 -1.98 -6.70
CA LYS A 102 1.82 -2.41 -5.75
C LYS A 102 3.01 -1.45 -5.70
N GLU A 103 3.53 -1.09 -6.87
CA GLU A 103 4.65 -0.16 -6.94
C GLU A 103 4.19 1.23 -6.55
N TYR A 104 3.03 1.62 -7.07
CA TYR A 104 2.47 2.93 -6.76
C TYR A 104 2.36 3.11 -5.25
N ASN A 105 1.75 2.13 -4.57
CA ASN A 105 1.57 2.18 -3.13
C ASN A 105 2.89 2.27 -2.41
N ALA A 106 3.85 1.45 -2.82
CA ALA A 106 5.17 1.47 -2.23
C ALA A 106 5.69 2.91 -2.23
N LEU A 107 5.64 3.55 -3.39
CA LEU A 107 6.08 4.93 -3.55
C LEU A 107 5.44 5.86 -2.52
N VAL A 108 4.14 5.69 -2.31
CA VAL A 108 3.42 6.51 -1.35
C VAL A 108 3.90 6.28 0.09
N ALA A 109 4.33 5.05 0.38
CA ALA A 109 4.81 4.70 1.73
C ALA A 109 5.79 5.75 2.22
N GLN A 110 7.01 5.68 1.71
CA GLN A 110 8.03 6.65 2.09
C GLN A 110 7.84 7.95 1.32
N GLY A 111 6.63 8.51 1.43
CA GLY A 111 6.26 9.76 0.78
C GLY A 111 6.90 10.11 -0.56
N VAL A 112 6.09 10.13 -1.62
CA VAL A 112 6.58 10.46 -2.95
C VAL A 112 5.50 11.08 -3.85
N ARG A 113 5.82 12.20 -4.49
CA ARG A 113 4.87 12.83 -5.40
C ARG A 113 4.75 11.90 -6.59
N VAL A 114 3.85 10.93 -6.48
CA VAL A 114 3.65 9.96 -7.54
C VAL A 114 2.25 10.05 -8.12
N GLY A 115 2.13 9.77 -9.41
CA GLY A 115 0.83 9.81 -10.06
C GLY A 115 0.60 8.52 -10.81
N GLY A 116 -0.59 8.35 -11.38
CA GLY A 116 -0.84 7.13 -12.11
C GLY A 116 -2.18 7.00 -12.79
N VAL A 117 -2.27 6.02 -13.68
CA VAL A 117 -3.49 5.73 -14.42
C VAL A 117 -3.65 4.22 -14.32
N PHE A 118 -4.82 3.78 -13.88
CA PHE A 118 -5.02 2.35 -13.71
C PHE A 118 -6.22 1.77 -14.42
N HIS A 119 -5.99 0.59 -15.02
CA HIS A 119 -6.99 -0.17 -15.75
C HIS A 119 -7.21 -1.46 -14.93
N SER A 120 -8.36 -1.55 -14.27
CA SER A 120 -8.67 -2.69 -13.41
C SER A 120 -9.25 -3.91 -14.11
N THR A 121 -9.26 -3.90 -15.44
CA THR A 121 -9.78 -5.03 -16.21
C THR A 121 -8.88 -5.20 -17.43
N CYS A 122 -9.43 -5.75 -18.51
CA CYS A 122 -8.65 -5.92 -19.73
C CYS A 122 -9.01 -4.82 -20.73
N SER B 1 3.20 7.40 24.71
CA SER B 1 2.37 6.39 25.43
C SER B 1 3.12 5.06 25.51
N THR B 2 2.39 3.98 25.79
CA THR B 2 2.99 2.66 25.89
C THR B 2 2.21 1.64 25.07
N SER B 3 2.92 0.65 24.53
CA SER B 3 2.29 -0.39 23.73
C SER B 3 1.33 -1.24 24.56
N PRO B 4 0.18 -1.59 23.99
CA PRO B 4 -0.80 -2.40 24.70
C PRO B 4 -0.57 -3.90 24.51
N GLU B 5 -0.94 -4.68 25.51
CA GLU B 5 -0.80 -6.12 25.47
C GLU B 5 -1.88 -6.72 24.57
N ILE B 6 -1.50 -7.70 23.75
CA ILE B 6 -2.47 -8.34 22.87
C ILE B 6 -3.30 -9.34 23.66
N ALA B 7 -4.31 -8.81 24.35
CA ALA B 7 -5.20 -9.61 25.17
C ALA B 7 -5.29 -11.09 24.77
N SER B 8 -5.66 -11.36 23.53
CA SER B 8 -5.79 -12.75 23.09
C SER B 8 -5.65 -13.00 21.60
N LEU B 9 -5.18 -14.21 21.27
CA LEU B 9 -5.01 -14.63 19.89
C LEU B 9 -5.54 -16.04 19.71
N SER B 10 -6.00 -16.34 18.49
CA SER B 10 -6.50 -17.66 18.15
C SER B 10 -6.64 -17.66 16.64
N TRP B 11 -7.49 -18.53 16.11
CA TRP B 11 -7.68 -18.57 14.67
C TRP B 11 -8.83 -17.64 14.28
N GLY B 12 -8.49 -16.38 14.01
CA GLY B 12 -9.50 -15.41 13.62
C GLY B 12 -9.86 -14.40 14.71
N GLN B 13 -9.70 -14.81 15.97
CA GLN B 13 -10.02 -13.96 17.11
C GLN B 13 -8.79 -13.32 17.76
N LYS B 15 -7.61 -9.89 20.57
CA LYS B 15 -7.95 -8.76 21.46
C LYS B 15 -6.72 -7.98 21.92
N VAL B 16 -6.91 -6.69 22.19
CA VAL B 16 -5.82 -5.83 22.66
C VAL B 16 -6.22 -5.06 23.92
N LYS B 17 -5.53 -5.34 25.02
CA LYS B 17 -5.79 -4.69 26.30
C LYS B 17 -5.91 -3.18 26.14
N GLY B 18 -6.86 -2.58 26.86
CA GLY B 18 -7.06 -1.13 26.77
C GLY B 18 -7.99 -0.73 25.64
N SER B 19 -9.03 -1.53 25.43
CA SER B 19 -10.01 -1.27 24.38
C SER B 19 -11.09 -2.36 24.40
N ASN B 20 -12.16 -2.15 23.63
CA ASN B 20 -13.26 -3.10 23.57
C ASN B 20 -13.53 -3.55 22.14
N THR B 21 -12.55 -4.21 21.52
CA THR B 21 -12.70 -4.67 20.14
C THR B 21 -11.88 -5.91 19.79
N THR B 22 -12.57 -6.97 19.38
CA THR B 22 -11.92 -8.22 18.99
C THR B 22 -11.73 -8.25 17.49
N TYR B 23 -10.53 -7.93 17.04
CA TYR B 23 -10.22 -7.92 15.61
C TYR B 23 -10.00 -9.34 15.12
N LYS B 24 -9.54 -9.46 13.88
CA LYS B 24 -9.23 -10.76 13.29
C LYS B 24 -7.73 -10.64 13.04
N ASP B 25 -7.35 -9.59 12.33
CA ASP B 25 -5.97 -9.25 12.03
C ASP B 25 -5.85 -7.86 12.64
N CYS B 26 -4.69 -7.50 13.18
CA CYS B 26 -4.57 -6.19 13.79
C CYS B 26 -3.21 -5.53 13.75
N LYS B 27 -3.20 -4.27 14.17
CA LYS B 27 -2.00 -3.46 14.23
C LYS B 27 -1.92 -2.91 15.64
N VAL B 28 -0.72 -2.56 16.09
CA VAL B 28 -0.57 -2.03 17.44
C VAL B 28 0.72 -1.21 17.57
N TRP B 29 0.76 -0.35 18.58
CA TRP B 29 1.91 0.51 18.80
C TRP B 29 1.88 1.07 20.23
N PRO B 30 2.91 1.84 20.62
CA PRO B 30 2.91 2.38 21.98
C PRO B 30 1.74 3.34 22.27
N GLY B 31 0.57 2.76 22.57
CA GLY B 31 -0.59 3.58 22.88
C GLY B 31 -1.78 3.42 21.96
N GLY B 32 -1.81 2.38 21.14
CA GLY B 32 -2.94 2.20 20.25
C GLY B 32 -3.05 0.88 19.50
N SER B 33 -4.29 0.46 19.25
CA SER B 33 -4.57 -0.78 18.53
C SER B 33 -5.37 -0.45 17.27
N ARG B 34 -5.37 -1.36 16.31
CA ARG B 34 -6.09 -1.13 15.06
C ARG B 34 -6.49 -2.45 14.41
N THR B 35 -7.46 -2.37 13.49
CA THR B 35 -7.93 -3.53 12.77
C THR B 35 -7.15 -3.59 11.46
N TRP B 36 -6.68 -4.77 11.10
CA TRP B 36 -5.92 -4.91 9.88
C TRP B 36 -6.74 -5.59 8.79
N ASP B 37 -6.88 -4.91 7.66
CA ASP B 37 -7.63 -5.42 6.52
C ASP B 37 -6.68 -5.96 5.46
N GLY B 48 2.13 -9.49 -0.97
CA GLY B 48 2.01 -9.79 0.45
C GLY B 48 2.20 -8.56 1.32
N VAL B 49 2.53 -8.77 2.60
CA VAL B 49 2.74 -7.66 3.53
C VAL B 49 3.69 -6.65 2.90
N GLN B 50 3.13 -5.51 2.52
CA GLN B 50 3.88 -4.43 1.88
C GLN B 50 4.25 -3.32 2.85
N PRO B 51 5.17 -2.44 2.44
CA PRO B 51 5.54 -1.35 3.34
C PRO B 51 4.30 -0.51 3.66
N ALA B 52 3.43 -0.34 2.68
CA ALA B 52 2.20 0.42 2.88
C ALA B 52 1.37 -0.21 4.00
N ASP B 53 1.60 -1.50 4.25
CA ASP B 53 0.88 -2.24 5.29
C ASP B 53 1.32 -1.85 6.69
N VAL B 54 2.63 -1.62 6.84
CA VAL B 54 3.19 -1.25 8.13
C VAL B 54 3.46 0.24 8.27
N LYS B 55 2.98 1.03 7.32
CA LYS B 55 3.20 2.46 7.33
C LYS B 55 2.76 3.19 8.59
N GLU B 56 1.46 3.17 8.88
CA GLU B 56 0.95 3.85 10.06
C GLU B 56 1.71 3.46 11.31
N VAL B 57 2.16 2.21 11.36
CA VAL B 57 2.92 1.74 12.51
C VAL B 57 4.18 2.58 12.61
N VAL B 58 4.97 2.59 11.54
CA VAL B 58 6.20 3.36 11.50
C VAL B 58 5.98 4.83 11.85
N GLU B 59 4.81 5.36 11.51
CA GLU B 59 4.50 6.75 11.79
C GLU B 59 4.49 6.95 13.29
N LYS B 60 3.74 6.12 14.00
CA LYS B 60 3.65 6.22 15.45
C LYS B 60 5.04 6.23 16.10
N GLY B 61 6.05 5.79 15.34
CA GLY B 61 7.40 5.74 15.86
C GLY B 61 7.63 4.58 16.81
N VAL B 62 8.30 3.55 16.32
CA VAL B 62 8.60 2.37 17.13
C VAL B 62 10.06 2.00 16.98
N GLN B 63 10.55 1.17 17.90
CA GLN B 63 11.93 0.75 17.87
C GLN B 63 11.98 -0.63 17.22
N THR B 64 11.02 -1.46 17.59
CA THR B 64 10.92 -2.81 17.06
C THR B 64 9.53 -3.04 16.50
N LEU B 65 9.45 -3.78 15.40
CA LEU B 65 8.17 -4.07 14.79
C LEU B 65 8.08 -5.56 14.53
N VAL B 66 7.05 -6.18 15.10
CA VAL B 66 6.86 -7.61 14.92
C VAL B 66 5.79 -7.90 13.86
N ILE B 67 6.13 -8.76 12.92
CA ILE B 67 5.23 -9.15 11.86
C ILE B 67 4.74 -10.59 12.04
N GLY B 68 3.49 -10.75 12.44
CA GLY B 68 2.93 -12.07 12.62
C GLY B 68 2.33 -12.46 11.29
N ARG B 69 3.08 -13.24 10.51
CA ARG B 69 2.65 -13.64 9.19
C ARG B 69 1.91 -14.98 9.11
N GLY B 70 0.93 -15.18 9.99
CA GLY B 70 0.16 -16.40 9.97
C GLY B 70 0.57 -17.53 10.91
N SER B 72 1.05 -20.44 9.87
CA SER B 72 1.84 -21.36 9.05
C SER B 72 2.89 -20.59 8.27
N GLU B 73 3.23 -19.40 8.76
CA GLU B 73 4.22 -18.55 8.10
C GLU B 73 3.96 -18.51 6.60
N ALA B 74 2.68 -18.57 6.23
CA ALA B 74 2.29 -18.56 4.82
C ALA B 74 2.20 -17.14 4.28
N LEU B 75 1.85 -16.20 5.14
CA LEU B 75 1.72 -14.81 4.74
C LEU B 75 2.97 -14.33 4.01
N LYS B 76 2.76 -13.78 2.83
CA LYS B 76 3.84 -13.28 2.00
C LYS B 76 4.47 -12.05 2.64
N VAL B 77 5.79 -12.04 2.75
CA VAL B 77 6.51 -10.92 3.33
C VAL B 77 7.73 -10.61 2.48
N PRO B 78 7.57 -9.76 1.46
CA PRO B 78 8.70 -9.42 0.60
C PRO B 78 9.77 -8.64 1.36
N SER B 79 11.02 -8.84 0.98
CA SER B 79 12.12 -8.15 1.63
C SER B 79 11.94 -6.64 1.42
N SER B 80 11.26 -6.26 0.35
CA SER B 80 11.02 -4.86 0.06
C SER B 80 10.43 -4.21 1.30
N THR B 81 9.49 -4.90 1.93
CA THR B 81 8.85 -4.40 3.14
C THR B 81 9.85 -4.30 4.27
N VAL B 82 10.62 -5.36 4.48
CA VAL B 82 11.61 -5.41 5.54
C VAL B 82 12.67 -4.33 5.35
N GLU B 83 13.19 -4.22 4.13
CA GLU B 83 14.21 -3.23 3.83
C GLU B 83 13.69 -1.82 4.12
N TYR B 84 12.39 -1.65 3.93
CA TYR B 84 11.75 -0.38 4.19
C TYR B 84 11.87 -0.06 5.68
N LEU B 85 11.60 -1.07 6.51
CA LEU B 85 11.69 -0.90 7.96
C LEU B 85 13.12 -0.66 8.45
N LYS B 86 14.05 -1.52 8.05
CA LYS B 86 15.45 -1.38 8.46
C LYS B 86 15.95 0.00 8.04
N LYS B 87 15.56 0.40 6.84
CA LYS B 87 15.94 1.71 6.31
C LYS B 87 15.45 2.76 7.30
N HIS B 88 14.27 2.52 7.87
CA HIS B 88 13.72 3.45 8.85
C HIS B 88 14.28 3.13 10.23
N GLY B 89 15.40 2.41 10.23
CA GLY B 89 16.09 2.05 11.45
C GLY B 89 15.29 1.28 12.48
N ILE B 90 14.54 0.29 12.03
CA ILE B 90 13.71 -0.50 12.93
C ILE B 90 14.12 -1.97 13.03
N ASP B 91 14.10 -2.50 14.25
CA ASP B 91 14.42 -3.91 14.46
C ASP B 91 13.16 -4.68 14.09
N VAL B 92 13.28 -5.53 13.08
CA VAL B 92 12.14 -6.31 12.60
C VAL B 92 12.16 -7.76 13.05
N ARG B 93 10.99 -8.26 13.41
CA ARG B 93 10.83 -9.65 13.84
C ARG B 93 9.71 -10.24 12.96
N VAL B 94 10.03 -11.29 12.20
CA VAL B 94 9.05 -11.95 11.34
C VAL B 94 8.88 -13.38 11.87
N LEU B 95 7.74 -13.64 12.50
CA LEU B 95 7.50 -14.96 13.07
C LEU B 95 6.09 -15.45 12.85
N GLN B 96 5.86 -16.73 13.14
CA GLN B 96 4.53 -17.31 13.03
C GLN B 96 3.74 -16.50 14.06
N THR B 97 2.56 -16.04 13.66
CA THR B 97 1.70 -15.20 14.49
C THR B 97 1.74 -15.42 16.01
N GLU B 98 1.55 -16.65 16.48
CA GLU B 98 1.55 -16.91 17.91
C GLU B 98 2.86 -16.46 18.56
N GLN B 99 3.96 -17.03 18.08
CA GLN B 99 5.28 -16.68 18.59
C GLN B 99 5.43 -15.17 18.46
N ALA B 100 4.85 -14.63 17.39
CA ALA B 100 4.88 -13.21 17.11
C ALA B 100 4.20 -12.41 18.20
N VAL B 101 3.09 -12.94 18.71
CA VAL B 101 2.32 -12.28 19.78
C VAL B 101 3.05 -12.37 21.13
N LYS B 102 3.62 -13.52 21.44
CA LYS B 102 4.35 -13.68 22.70
C LYS B 102 5.60 -12.80 22.66
N GLU B 103 6.31 -12.86 21.54
CA GLU B 103 7.52 -12.05 21.36
C GLU B 103 7.17 -10.57 21.51
N TYR B 104 6.06 -10.16 20.91
CA TYR B 104 5.59 -8.77 21.00
C TYR B 104 5.31 -8.40 22.45
N ASN B 105 4.37 -9.09 23.08
CA ASN B 105 4.03 -8.80 24.46
C ASN B 105 5.25 -8.78 25.38
N ALA B 106 6.23 -9.65 25.12
CA ALA B 106 7.44 -9.71 25.92
C ALA B 106 8.18 -8.37 25.88
N LEU B 107 8.40 -7.86 24.66
CA LEU B 107 9.07 -6.58 24.50
C LEU B 107 8.23 -5.51 25.22
N VAL B 108 6.91 -5.67 25.16
CA VAL B 108 6.00 -4.74 25.81
C VAL B 108 6.25 -4.78 27.30
N ALA B 109 6.35 -6.00 27.84
CA ALA B 109 6.59 -6.21 29.25
C ALA B 109 7.93 -5.63 29.71
N GLN B 110 8.77 -5.23 28.78
CA GLN B 110 10.07 -4.66 29.15
C GLN B 110 10.23 -3.20 28.68
N GLY B 111 9.11 -2.51 28.55
CA GLY B 111 9.11 -1.11 28.16
C GLY B 111 9.60 -0.68 26.79
N VAL B 112 9.84 -1.63 25.89
CA VAL B 112 10.30 -1.27 24.56
C VAL B 112 9.14 -0.66 23.79
N ARG B 113 9.45 0.32 22.92
CA ARG B 113 8.42 0.93 22.09
C ARG B 113 8.27 -0.02 20.91
N VAL B 114 7.40 -1.01 21.05
CA VAL B 114 7.19 -1.99 20.00
C VAL B 114 5.83 -1.89 19.32
N GLY B 115 5.79 -2.26 18.05
CA GLY B 115 4.54 -2.22 17.30
C GLY B 115 4.45 -3.44 16.40
N GLY B 116 3.35 -3.61 15.70
CA GLY B 116 3.25 -4.76 14.83
C GLY B 116 1.90 -4.94 14.14
N VAL B 117 1.87 -5.92 13.25
CA VAL B 117 0.68 -6.29 12.49
C VAL B 117 0.62 -7.81 12.52
N PHE B 118 -0.55 -8.38 12.79
CA PHE B 118 -0.66 -9.82 12.90
C PHE B 118 -1.75 -10.46 12.04
N HIS B 119 -1.37 -11.52 11.33
CA HIS B 119 -2.30 -12.26 10.48
C HIS B 119 -2.72 -13.51 11.27
N SER B 120 -4.00 -13.60 11.61
CA SER B 120 -4.49 -14.74 12.40
C SER B 120 -5.00 -15.94 11.62
N THR B 121 -4.41 -16.21 10.47
CA THR B 121 -4.77 -17.37 9.65
C THR B 121 -3.39 -17.98 9.39
N CYS B 122 -3.30 -18.98 8.51
CA CYS B 122 -1.99 -19.59 8.24
C CYS B 122 -0.96 -18.60 7.68
N SER A 1 -2.57 18.38 0.01
CA SER A 1 -2.44 18.38 -1.47
C SER A 1 -1.47 17.32 -1.96
N THR A 2 -1.57 16.12 -1.38
CA THR A 2 -0.67 15.04 -1.77
C THR A 2 -1.41 13.90 -2.46
N SER A 3 -0.63 12.95 -2.98
CA SER A 3 -1.19 11.79 -3.68
C SER A 3 -1.91 10.91 -2.67
N PRO A 4 -3.17 10.56 -2.94
CA PRO A 4 -3.92 9.70 -2.02
C PRO A 4 -3.47 8.26 -2.03
N GLU A 5 -4.20 7.42 -1.30
CA GLU A 5 -3.87 6.01 -1.21
C GLU A 5 -5.00 5.20 -1.85
N ILE A 6 -4.64 4.19 -2.63
CA ILE A 6 -5.66 3.35 -3.27
C ILE A 6 -5.98 2.18 -2.35
N ALA A 7 -7.04 2.36 -1.57
CA ALA A 7 -7.51 1.38 -0.59
C ALA A 7 -7.72 -0.05 -1.06
N SER A 8 -8.39 -0.24 -2.19
CA SER A 8 -8.63 -1.59 -2.68
C SER A 8 -8.60 -1.74 -4.21
N LEU A 9 -8.42 -2.98 -4.66
CA LEU A 9 -8.35 -3.30 -6.08
C LEU A 9 -8.82 -4.72 -6.37
N SER A 10 -9.78 -4.85 -7.28
CA SER A 10 -10.31 -6.15 -7.70
C SER A 10 -10.81 -5.96 -9.13
N TRP A 11 -11.08 -7.07 -9.82
CA TRP A 11 -11.52 -6.97 -11.21
C TRP A 11 -12.65 -5.99 -11.43
N GLY A 12 -12.29 -4.80 -11.90
CA GLY A 12 -13.29 -3.78 -12.18
C GLY A 12 -13.63 -2.86 -11.01
N GLN A 13 -12.76 -2.78 -10.02
CA GLN A 13 -13.01 -1.93 -8.87
C GLN A 13 -11.75 -1.50 -8.16
N LYS A 15 -10.33 1.65 -5.09
CA LYS A 15 -10.71 2.65 -4.11
C LYS A 15 -9.54 3.54 -3.77
N VAL A 16 -9.80 4.84 -3.82
CA VAL A 16 -8.79 5.83 -3.50
C VAL A 16 -9.23 6.54 -2.22
N LYS A 17 -8.38 6.50 -1.19
CA LYS A 17 -8.68 7.15 0.07
C LYS A 17 -8.87 8.62 -0.26
N GLY A 18 -10.11 9.11 -0.07
CA GLY A 18 -10.40 10.50 -0.35
C GLY A 18 -11.71 10.68 -1.08
N SER A 19 -12.23 9.58 -1.65
CA SER A 19 -13.48 9.62 -2.39
C SER A 19 -14.58 8.74 -1.78
N ASN A 20 -15.78 8.85 -2.33
CA ASN A 20 -16.93 8.09 -1.87
C ASN A 20 -17.26 7.01 -2.90
N THR A 21 -17.36 7.44 -4.16
CA THR A 21 -17.69 6.57 -5.29
C THR A 21 -16.62 5.55 -5.58
N THR A 22 -17.04 4.31 -5.84
CA THR A 22 -16.11 3.22 -6.14
C THR A 22 -15.66 3.30 -7.60
N TYR A 23 -14.36 3.52 -7.80
CA TYR A 23 -13.79 3.63 -9.14
C TYR A 23 -13.74 2.31 -9.90
N LYS A 24 -13.74 2.42 -11.23
CA LYS A 24 -13.62 1.26 -12.10
C LYS A 24 -12.15 1.36 -12.52
N ASP A 25 -11.84 2.39 -13.31
CA ASP A 25 -10.50 2.69 -13.78
C ASP A 25 -10.22 4.07 -13.20
N CYS A 26 -9.02 4.31 -12.71
CA CYS A 26 -8.73 5.62 -12.12
C CYS A 26 -7.38 6.24 -12.41
N LYS A 27 -7.24 7.51 -12.02
CA LYS A 27 -6.02 8.28 -12.18
C LYS A 27 -5.83 9.16 -10.95
N VAL A 28 -4.87 8.80 -10.10
CA VAL A 28 -4.60 9.55 -8.88
C VAL A 28 -3.33 10.38 -9.01
N TRP A 29 -3.32 11.55 -8.37
CA TRP A 29 -2.18 12.48 -8.43
C TRP A 29 -2.06 13.23 -7.11
N PRO A 30 -0.95 13.95 -6.91
CA PRO A 30 -0.82 14.69 -5.66
C PRO A 30 -2.00 15.65 -5.52
N GLY A 31 -2.94 15.30 -4.66
CA GLY A 31 -4.12 16.12 -4.45
C GLY A 31 -5.39 15.30 -4.37
N GLY A 32 -5.51 14.29 -5.23
CA GLY A 32 -6.69 13.46 -5.20
C GLY A 32 -6.67 12.35 -6.24
N SER A 33 -7.79 12.19 -6.92
CA SER A 33 -7.92 11.17 -7.94
C SER A 33 -9.10 11.51 -8.84
N ARG A 34 -9.38 10.63 -9.79
CA ARG A 34 -10.49 10.84 -10.71
C ARG A 34 -10.76 9.59 -11.51
N THR A 35 -12.02 9.38 -11.85
CA THR A 35 -12.40 8.24 -12.64
C THR A 35 -11.70 8.39 -13.98
N TRP A 36 -11.11 7.32 -14.48
CA TRP A 36 -10.46 7.35 -15.77
C TRP A 36 -11.43 6.78 -16.80
N ASP A 37 -12.14 7.68 -17.47
CA ASP A 37 -13.12 7.31 -18.49
C ASP A 37 -12.47 7.44 -19.85
N TRP A 38 -12.13 6.32 -20.47
CA TRP A 38 -11.49 6.31 -21.78
C TRP A 38 -12.27 7.15 -22.80
N ARG A 39 -13.59 7.23 -22.61
CA ARG A 39 -14.45 7.99 -23.50
C ARG A 39 -13.98 9.44 -23.73
N GLU A 40 -13.60 10.12 -22.66
CA GLU A 40 -13.13 11.50 -22.75
C GLU A 40 -12.09 11.61 -23.86
N THR A 41 -11.45 10.48 -24.18
CA THR A 41 -10.45 10.46 -25.24
C THR A 41 -10.80 9.34 -26.22
N GLY A 42 -11.93 8.67 -25.96
CA GLY A 42 -12.35 7.58 -26.83
C GLY A 42 -11.30 6.50 -26.89
N THR A 43 -10.41 6.50 -25.89
CA THR A 43 -9.32 5.53 -25.81
C THR A 43 -9.79 4.07 -25.80
N GLU A 44 -9.13 3.26 -26.63
CA GLU A 44 -9.42 1.83 -26.73
C GLU A 44 -8.13 1.10 -26.34
N HIS A 45 -8.15 -0.23 -26.31
CA HIS A 45 -6.94 -0.99 -25.98
C HIS A 45 -5.88 -0.73 -27.04
N SER A 46 -6.31 -0.14 -28.15
CA SER A 46 -5.44 0.22 -29.27
C SER A 46 -6.05 1.49 -29.86
N PRO A 47 -5.23 2.54 -30.07
CA PRO A 47 -3.79 2.64 -29.80
C PRO A 47 -3.45 2.42 -28.34
N GLY A 48 -4.43 2.64 -27.47
CA GLY A 48 -4.20 2.47 -26.05
C GLY A 48 -3.91 3.81 -25.39
N VAL A 49 -3.42 3.74 -24.16
CA VAL A 49 -3.11 4.93 -23.39
C VAL A 49 -2.49 6.01 -24.27
N GLN A 50 -3.01 7.23 -24.15
CA GLN A 50 -2.52 8.35 -24.95
C GLN A 50 -2.07 9.48 -24.03
N PRO A 51 -1.24 10.40 -24.56
CA PRO A 51 -0.78 11.53 -23.76
C PRO A 51 -1.95 12.26 -23.11
N ALA A 52 -3.07 12.30 -23.83
CA ALA A 52 -4.26 12.98 -23.33
C ALA A 52 -4.83 12.24 -22.13
N ASP A 53 -4.55 10.94 -22.03
CA ASP A 53 -5.05 10.15 -20.90
C ASP A 53 -4.31 10.50 -19.62
N VAL A 54 -2.99 10.72 -19.72
CA VAL A 54 -2.16 11.01 -18.57
C VAL A 54 -1.84 12.48 -18.28
N LYS A 55 -2.36 13.38 -19.09
CA LYS A 55 -2.09 14.80 -18.91
C LYS A 55 -2.66 15.34 -17.58
N GLU A 56 -3.73 14.70 -17.10
CA GLU A 56 -4.37 15.09 -15.84
C GLU A 56 -3.43 14.92 -14.64
N VAL A 57 -2.55 13.93 -14.72
CA VAL A 57 -1.59 13.68 -13.65
C VAL A 57 -0.38 14.56 -13.88
N VAL A 58 0.08 14.63 -15.12
CA VAL A 58 1.23 15.44 -15.49
C VAL A 58 1.10 16.89 -14.98
N GLU A 59 0.01 17.55 -15.35
CA GLU A 59 -0.20 18.94 -14.94
C GLU A 59 -0.26 19.17 -13.44
N LYS A 60 -0.45 18.09 -12.68
CA LYS A 60 -0.50 18.22 -11.23
C LYS A 60 0.89 18.28 -10.60
N GLY A 61 1.89 17.78 -11.34
CA GLY A 61 3.26 17.81 -10.85
C GLY A 61 3.72 16.51 -10.21
N VAL A 62 4.27 15.60 -11.02
CA VAL A 62 4.76 14.34 -10.49
C VAL A 62 6.15 13.96 -10.99
N GLN A 63 7.01 13.56 -10.06
CA GLN A 63 8.37 13.17 -10.43
C GLN A 63 8.36 11.69 -10.80
N THR A 64 7.18 11.08 -10.73
CA THR A 64 7.02 9.67 -11.06
C THR A 64 5.59 9.35 -11.42
N LEU A 65 5.41 8.60 -12.51
CA LEU A 65 4.07 8.21 -12.95
C LEU A 65 4.01 6.70 -13.21
N VAL A 66 2.95 6.07 -12.72
CA VAL A 66 2.80 4.63 -12.90
C VAL A 66 1.60 4.31 -13.77
N ILE A 67 1.79 3.39 -14.70
CA ILE A 67 0.73 2.98 -15.60
C ILE A 67 0.40 1.49 -15.47
N GLY A 68 -0.83 1.19 -15.07
CA GLY A 68 -1.27 -0.18 -14.94
C GLY A 68 -2.01 -0.56 -16.21
N ARG A 69 -1.36 -1.35 -17.06
CA ARG A 69 -1.94 -1.75 -18.34
C ARG A 69 -3.12 -2.71 -18.26
N GLY A 70 -3.55 -3.06 -17.05
CA GLY A 70 -4.66 -3.98 -16.92
C GLY A 70 -4.36 -5.20 -16.08
N SER A 72 -4.95 -8.41 -16.58
CA SER A 72 -4.28 -9.43 -17.37
C SER A 72 -3.42 -8.73 -18.41
N GLU A 73 -3.16 -7.44 -18.19
CA GLU A 73 -2.35 -6.65 -19.11
C GLU A 73 -2.99 -6.71 -20.49
N ALA A 74 -3.78 -5.69 -20.83
CA ALA A 74 -4.41 -5.67 -22.15
C ALA A 74 -4.39 -4.27 -22.75
N LEU A 75 -4.02 -3.30 -21.95
CA LEU A 75 -3.97 -1.93 -22.44
C LEU A 75 -2.60 -1.65 -23.04
N LYS A 76 -2.59 -1.34 -24.34
CA LYS A 76 -1.35 -1.04 -25.03
C LYS A 76 -0.84 0.30 -24.55
N VAL A 77 0.45 0.53 -24.74
CA VAL A 77 1.09 1.78 -24.35
C VAL A 77 2.11 2.13 -25.41
N PRO A 78 1.71 2.91 -26.42
CA PRO A 78 2.58 3.33 -27.52
C PRO A 78 3.81 4.05 -27.00
N SER A 79 4.82 4.18 -27.84
CA SER A 79 6.05 4.85 -27.44
C SER A 79 5.83 6.35 -27.43
N SER A 80 4.77 6.80 -28.09
CA SER A 80 4.49 8.23 -28.14
C SER A 80 4.17 8.71 -26.73
N THR A 81 3.22 8.02 -26.10
CA THR A 81 2.78 8.34 -24.75
C THR A 81 3.92 8.34 -23.73
N VAL A 82 4.75 7.30 -23.74
CA VAL A 82 5.86 7.21 -22.82
C VAL A 82 6.88 8.31 -23.11
N GLU A 83 7.00 8.66 -24.39
CA GLU A 83 7.94 9.70 -24.78
C GLU A 83 7.40 11.06 -24.33
N TYR A 84 6.09 11.20 -24.37
CA TYR A 84 5.43 12.44 -23.96
C TYR A 84 5.87 12.77 -22.54
N LEU A 85 5.81 11.77 -21.68
CA LEU A 85 6.19 11.93 -20.29
C LEU A 85 7.66 12.31 -20.18
N LYS A 86 8.53 11.45 -20.70
CA LYS A 86 9.97 11.69 -20.65
C LYS A 86 10.32 13.13 -20.99
N LYS A 87 9.44 13.79 -21.73
CA LYS A 87 9.66 15.19 -22.10
C LYS A 87 9.36 16.12 -20.92
N HIS A 88 9.11 15.52 -19.75
CA HIS A 88 8.82 16.29 -18.55
C HIS A 88 9.62 15.77 -17.35
N GLY A 89 10.61 14.93 -17.63
CA GLY A 89 11.47 14.40 -16.59
C GLY A 89 10.76 13.64 -15.49
N ILE A 90 9.86 12.76 -15.88
CA ILE A 90 9.11 11.96 -14.91
C ILE A 90 9.48 10.48 -15.00
N ASP A 91 9.52 9.81 -13.85
CA ASP A 91 9.81 8.37 -13.81
C ASP A 91 8.57 7.69 -14.40
N VAL A 92 8.75 6.80 -15.38
CA VAL A 92 7.62 6.12 -16.00
C VAL A 92 7.61 4.63 -15.73
N ARG A 93 6.67 4.18 -14.92
CA ARG A 93 6.55 2.77 -14.60
C ARG A 93 5.38 2.16 -15.36
N VAL A 94 5.68 1.35 -16.38
CA VAL A 94 4.63 0.70 -17.16
C VAL A 94 4.48 -0.70 -16.58
N LEU A 95 3.36 -0.95 -15.91
CA LEU A 95 3.14 -2.24 -15.27
C LEU A 95 1.76 -2.86 -15.42
N GLN A 96 1.72 -4.15 -15.08
CA GLN A 96 0.51 -4.93 -15.07
C GLN A 96 -0.14 -4.37 -13.81
N THR A 97 -1.41 -4.02 -13.88
CA THR A 97 -2.12 -3.41 -12.75
C THR A 97 -1.72 -3.89 -11.35
N GLU A 98 -1.38 -5.16 -11.19
CA GLU A 98 -0.98 -5.66 -9.87
C GLU A 98 0.39 -5.08 -9.48
N GLN A 99 1.31 -5.05 -10.43
CA GLN A 99 2.63 -4.49 -10.19
C GLN A 99 2.49 -2.98 -10.06
N ALA A 100 1.60 -2.40 -10.86
CA ALA A 100 1.35 -0.96 -10.86
C ALA A 100 0.93 -0.49 -9.48
N VAL A 101 -0.22 -0.97 -9.02
CA VAL A 101 -0.72 -0.60 -7.70
C VAL A 101 0.32 -0.94 -6.63
N LYS A 102 1.07 -2.02 -6.88
CA LYS A 102 2.12 -2.46 -5.95
C LYS A 102 3.27 -1.44 -5.89
N GLU A 103 3.76 -1.02 -7.05
CA GLU A 103 4.84 -0.04 -7.09
C GLU A 103 4.29 1.30 -6.64
N TYR A 104 3.08 1.60 -7.10
CA TYR A 104 2.44 2.86 -6.75
C TYR A 104 2.15 2.98 -5.26
N ASN A 105 1.27 2.13 -4.75
CA ASN A 105 0.91 2.18 -3.32
C ASN A 105 2.19 2.36 -2.52
N ALA A 106 3.20 1.56 -2.84
CA ALA A 106 4.48 1.67 -2.15
C ALA A 106 5.00 3.09 -2.37
N LEU A 107 4.96 3.53 -3.62
CA LEU A 107 5.41 4.86 -3.99
C LEU A 107 4.53 5.96 -3.44
N VAL A 108 3.34 5.59 -2.95
CA VAL A 108 2.45 6.56 -2.37
C VAL A 108 2.52 6.30 -0.87
N ALA A 109 3.39 5.34 -0.54
CA ALA A 109 3.64 4.94 0.84
C ALA A 109 5.13 5.08 1.14
N GLN A 110 5.80 5.94 0.38
CA GLN A 110 7.24 6.19 0.56
C GLN A 110 7.57 7.65 0.24
N GLY A 111 6.59 8.53 0.45
CA GLY A 111 6.76 9.95 0.20
C GLY A 111 7.27 10.35 -1.17
N VAL A 112 6.37 10.42 -2.15
CA VAL A 112 6.76 10.79 -3.50
C VAL A 112 5.68 11.55 -4.26
N ARG A 113 6.09 12.61 -4.97
CA ARG A 113 5.16 13.39 -5.79
C ARG A 113 4.83 12.53 -6.99
N VAL A 114 4.58 11.26 -6.72
CA VAL A 114 4.26 10.26 -7.73
C VAL A 114 2.80 10.39 -8.18
N GLY A 115 2.51 9.89 -9.37
CA GLY A 115 1.15 9.93 -9.90
C GLY A 115 0.78 8.64 -10.61
N GLY A 116 -0.50 8.46 -10.93
CA GLY A 116 -0.87 7.23 -11.60
C GLY A 116 -1.98 7.28 -12.63
N VAL A 117 -2.15 6.13 -13.30
CA VAL A 117 -3.17 5.91 -14.32
C VAL A 117 -3.32 4.39 -14.34
N PHE A 118 -4.44 3.89 -13.83
CA PHE A 118 -4.65 2.46 -13.76
C PHE A 118 -5.87 1.92 -14.49
N HIS A 119 -5.66 0.80 -15.15
CA HIS A 119 -6.69 0.09 -15.89
C HIS A 119 -6.97 -1.21 -15.15
N SER A 120 -7.93 -1.16 -14.22
CA SER A 120 -8.28 -2.33 -13.43
C SER A 120 -9.13 -3.33 -14.19
N THR A 121 -9.00 -3.33 -15.51
CA THR A 121 -9.75 -4.27 -16.33
C THR A 121 -8.69 -5.12 -17.02
N CYS A 122 -9.10 -6.24 -17.62
CA CYS A 122 -8.17 -7.15 -18.28
C CYS A 122 -7.05 -6.49 -19.08
N SER B 1 3.21 7.39 24.71
CA SER B 1 2.38 6.39 25.45
C SER B 1 3.12 5.05 25.52
N THR B 2 2.39 3.98 25.79
CA THR B 2 2.98 2.65 25.88
C THR B 2 2.19 1.64 25.04
N SER B 3 2.91 0.65 24.51
CA SER B 3 2.27 -0.38 23.70
C SER B 3 1.32 -1.23 24.53
N PRO B 4 0.16 -1.58 23.96
CA PRO B 4 -0.81 -2.40 24.68
C PRO B 4 -0.56 -3.89 24.49
N GLU B 5 -0.90 -4.66 25.52
CA GLU B 5 -0.72 -6.11 25.48
C GLU B 5 -1.80 -6.73 24.60
N ILE B 6 -1.41 -7.69 23.78
CA ILE B 6 -2.37 -8.37 22.92
C ILE B 6 -3.15 -9.36 23.77
N ALA B 7 -4.22 -8.87 24.39
CA ALA B 7 -5.08 -9.68 25.26
C ALA B 7 -5.12 -11.16 24.91
N SER B 8 -5.30 -11.49 23.63
CA SER B 8 -5.37 -12.88 23.24
C SER B 8 -5.31 -13.15 21.74
N LEU B 9 -4.76 -14.31 21.40
CA LEU B 9 -4.65 -14.74 20.01
C LEU B 9 -5.49 -15.98 19.79
N SER B 10 -6.27 -15.98 18.73
CA SER B 10 -7.12 -17.11 18.39
C SER B 10 -7.32 -17.11 16.88
N TRP B 11 -7.55 -18.30 16.31
CA TRP B 11 -7.74 -18.40 14.87
C TRP B 11 -8.81 -17.43 14.39
N GLY B 12 -8.42 -16.49 13.54
CA GLY B 12 -9.35 -15.51 13.00
C GLY B 12 -9.87 -14.49 14.01
N GLN B 13 -9.57 -14.72 15.28
CA GLN B 13 -10.02 -13.85 16.35
C GLN B 13 -8.84 -13.34 17.16
N LYS B 15 -7.55 -10.37 20.37
CA LYS B 15 -7.84 -9.37 21.40
C LYS B 15 -6.61 -8.65 21.92
N VAL B 16 -6.82 -7.44 22.45
CA VAL B 16 -5.74 -6.61 22.99
C VAL B 16 -6.15 -6.07 24.37
N LYS B 17 -5.30 -5.23 24.96
CA LYS B 17 -5.58 -4.67 26.27
C LYS B 17 -6.10 -3.24 26.10
N GLY B 18 -7.22 -2.95 26.75
CA GLY B 18 -7.80 -1.62 26.67
C GLY B 18 -8.73 -1.44 25.48
N SER B 19 -8.30 -1.94 24.31
CA SER B 19 -9.10 -1.83 23.10
C SER B 19 -10.54 -2.29 23.29
N ASN B 20 -11.45 -1.67 22.54
CA ASN B 20 -12.86 -2.01 22.63
C ASN B 20 -13.41 -2.49 21.30
N THR B 21 -12.66 -3.36 20.63
CA THR B 21 -13.08 -3.90 19.34
C THR B 21 -12.44 -5.26 19.02
N THR B 22 -13.24 -6.13 18.40
CA THR B 22 -12.79 -7.45 18.02
C THR B 22 -12.08 -7.36 16.68
N TYR B 23 -10.82 -7.79 16.63
CA TYR B 23 -10.05 -7.76 15.39
C TYR B 23 -9.90 -9.16 14.84
N LYS B 24 -9.33 -9.25 13.63
CA LYS B 24 -9.05 -10.54 12.99
C LYS B 24 -7.54 -10.47 12.77
N ASP B 25 -7.12 -9.38 12.14
CA ASP B 25 -5.72 -9.08 11.89
C ASP B 25 -5.61 -7.69 12.48
N CYS B 26 -4.56 -7.42 13.25
CA CYS B 26 -4.46 -6.08 13.84
C CYS B 26 -3.09 -5.43 13.78
N LYS B 27 -3.09 -4.16 14.18
CA LYS B 27 -1.90 -3.34 14.22
C LYS B 27 -1.82 -2.79 15.63
N VAL B 28 -0.62 -2.55 16.11
CA VAL B 28 -0.47 -2.03 17.47
C VAL B 28 0.81 -1.19 17.62
N TRP B 29 0.83 -0.33 18.62
CA TRP B 29 1.98 0.54 18.85
C TRP B 29 1.94 1.11 20.28
N PRO B 30 2.96 1.88 20.67
CA PRO B 30 2.95 2.45 22.02
C PRO B 30 1.79 3.41 22.27
N GLY B 31 0.61 2.86 22.54
CA GLY B 31 -0.55 3.71 22.81
C GLY B 31 -1.78 3.45 21.97
N GLY B 32 -1.78 2.43 21.13
CA GLY B 32 -2.95 2.17 20.31
C GLY B 32 -2.98 0.90 19.47
N SER B 33 -4.17 0.57 18.98
CA SER B 33 -4.38 -0.61 18.15
C SER B 33 -5.39 -0.27 17.05
N ARG B 34 -5.49 -1.14 16.05
CA ARG B 34 -6.42 -0.92 14.94
C ARG B 34 -6.66 -2.21 14.18
N THR B 35 -7.76 -2.26 13.43
CA THR B 35 -8.09 -3.43 12.65
C THR B 35 -7.25 -3.45 11.38
N TRP B 36 -6.83 -4.64 10.97
CA TRP B 36 -6.03 -4.78 9.78
C TRP B 36 -6.80 -5.56 8.72
N ASP B 37 -6.82 -5.02 7.51
CA ASP B 37 -7.53 -5.66 6.40
C ASP B 37 -6.62 -5.77 5.19
N GLY B 48 0.52 -9.75 -0.11
CA GLY B 48 1.35 -9.90 1.07
C GLY B 48 1.59 -8.59 1.79
N VAL B 49 1.95 -8.67 3.07
CA VAL B 49 2.22 -7.48 3.89
C VAL B 49 3.17 -6.53 3.18
N GLN B 50 2.68 -5.33 2.88
CA GLN B 50 3.47 -4.34 2.17
C GLN B 50 3.87 -3.18 3.07
N PRO B 51 4.84 -2.36 2.61
CA PRO B 51 5.24 -1.24 3.46
C PRO B 51 4.03 -0.40 3.85
N ALA B 52 3.07 -0.26 2.92
CA ALA B 52 1.87 0.49 3.20
C ALA B 52 1.20 -0.05 4.47
N ASP B 53 1.19 -1.39 4.58
CA ASP B 53 0.58 -2.08 5.72
C ASP B 53 1.24 -1.72 7.05
N VAL B 54 2.55 -1.55 7.04
CA VAL B 54 3.29 -1.23 8.26
C VAL B 54 3.65 0.25 8.39
N LYS B 55 3.45 1.00 7.32
CA LYS B 55 3.80 2.41 7.32
C LYS B 55 3.18 3.21 8.46
N GLU B 56 1.90 2.96 8.75
CA GLU B 56 1.25 3.71 9.82
C GLU B 56 1.97 3.41 11.13
N VAL B 57 2.22 2.14 11.39
CA VAL B 57 2.92 1.73 12.60
C VAL B 57 4.21 2.55 12.72
N VAL B 58 4.98 2.59 11.63
CA VAL B 58 6.23 3.32 11.60
C VAL B 58 6.04 4.80 11.97
N GLU B 59 4.85 5.34 11.68
CA GLU B 59 4.57 6.73 11.99
C GLU B 59 4.56 6.93 13.50
N LYS B 60 3.74 6.14 14.18
CA LYS B 60 3.63 6.24 15.63
C LYS B 60 4.98 6.26 16.34
N GLY B 61 6.00 5.75 15.65
CA GLY B 61 7.34 5.70 16.23
C GLY B 61 7.59 4.47 17.08
N VAL B 62 8.28 3.49 16.50
CA VAL B 62 8.59 2.26 17.21
C VAL B 62 10.05 1.90 17.02
N GLN B 63 10.60 1.16 17.96
CA GLN B 63 11.98 0.74 17.89
C GLN B 63 12.03 -0.65 17.26
N THR B 64 11.03 -1.45 17.59
CA THR B 64 10.91 -2.80 17.07
C THR B 64 9.52 -3.02 16.51
N LEU B 65 9.44 -3.78 15.42
CA LEU B 65 8.16 -4.05 14.81
C LEU B 65 8.08 -5.55 14.53
N VAL B 66 7.05 -6.18 15.10
CA VAL B 66 6.86 -7.61 14.92
C VAL B 66 5.79 -7.90 13.86
N ILE B 67 6.13 -8.76 12.92
CA ILE B 67 5.22 -9.15 11.86
C ILE B 67 4.74 -10.60 12.05
N GLY B 68 3.48 -10.74 12.47
CA GLY B 68 2.91 -12.05 12.66
C GLY B 68 2.26 -12.44 11.35
N ARG B 69 2.95 -13.26 10.57
CA ARG B 69 2.46 -13.67 9.27
C ARG B 69 1.68 -14.99 9.20
N GLY B 70 0.72 -15.17 10.11
CA GLY B 70 -0.09 -16.38 10.10
C GLY B 70 0.27 -17.49 11.07
N SER B 72 0.26 -20.67 10.23
CA SER B 72 1.08 -21.59 9.44
C SER B 72 2.03 -20.78 8.56
N GLU B 73 2.26 -19.52 8.97
CA GLU B 73 3.14 -18.59 8.26
C GLU B 73 2.85 -18.47 6.77
N ALA B 74 1.63 -18.76 6.35
CA ALA B 74 1.27 -18.67 4.93
C ALA B 74 1.40 -17.25 4.36
N LEU B 75 1.24 -16.25 5.22
CA LEU B 75 1.31 -14.86 4.80
C LEU B 75 2.69 -14.49 4.26
N LYS B 76 2.74 -14.07 3.00
CA LYS B 76 4.00 -13.69 2.38
C LYS B 76 4.45 -12.32 2.85
N VAL B 77 5.76 -12.18 3.03
CA VAL B 77 6.35 -10.92 3.48
C VAL B 77 7.45 -10.52 2.49
N PRO B 78 7.13 -9.62 1.56
CA PRO B 78 8.09 -9.15 0.55
C PRO B 78 9.36 -8.56 1.13
N SER B 79 10.50 -9.03 0.62
CA SER B 79 11.80 -8.56 1.06
C SER B 79 11.87 -7.03 1.11
N SER B 80 11.09 -6.37 0.26
CA SER B 80 11.06 -4.91 0.22
C SER B 80 10.56 -4.39 1.55
N THR B 81 9.39 -4.86 1.97
CA THR B 81 8.79 -4.45 3.22
C THR B 81 9.83 -4.33 4.33
N VAL B 82 10.59 -5.39 4.53
CA VAL B 82 11.62 -5.42 5.55
C VAL B 82 12.67 -4.34 5.32
N GLU B 83 13.16 -4.24 4.09
CA GLU B 83 14.19 -3.26 3.75
C GLU B 83 13.66 -1.85 4.01
N TYR B 84 12.34 -1.71 3.91
CA TYR B 84 11.68 -0.43 4.16
C TYR B 84 11.80 -0.11 5.65
N LEU B 85 11.56 -1.10 6.48
CA LEU B 85 11.64 -0.92 7.93
C LEU B 85 13.07 -0.65 8.41
N LYS B 86 14.02 -1.49 7.98
CA LYS B 86 15.41 -1.32 8.37
C LYS B 86 15.88 0.06 7.91
N LYS B 87 15.39 0.46 6.75
CA LYS B 87 15.71 1.77 6.19
C LYS B 87 15.32 2.82 7.22
N HIS B 88 14.21 2.58 7.90
CA HIS B 88 13.74 3.50 8.93
C HIS B 88 14.30 3.12 10.29
N GLY B 89 15.42 2.40 10.25
CA GLY B 89 16.11 1.97 11.45
C GLY B 89 15.27 1.27 12.51
N ILE B 90 14.54 0.25 12.11
CA ILE B 90 13.69 -0.47 13.04
C ILE B 90 14.10 -1.93 13.24
N ASP B 91 13.94 -2.41 14.46
CA ASP B 91 14.26 -3.80 14.78
C ASP B 91 13.07 -4.59 14.25
N VAL B 92 13.31 -5.48 13.29
CA VAL B 92 12.24 -6.26 12.69
C VAL B 92 12.24 -7.74 13.06
N ARG B 93 11.09 -8.21 13.51
CA ARG B 93 10.92 -9.62 13.88
C ARG B 93 9.81 -10.13 12.94
N VAL B 94 10.05 -11.28 12.31
CA VAL B 94 9.09 -11.88 11.39
C VAL B 94 8.97 -13.38 11.70
N LEU B 95 7.85 -13.80 12.27
CA LEU B 95 7.68 -15.20 12.60
C LEU B 95 6.22 -15.61 12.60
N GLN B 96 5.98 -16.87 12.93
CA GLN B 96 4.63 -17.41 13.01
C GLN B 96 3.88 -16.55 14.04
N THR B 97 2.62 -16.26 13.76
CA THR B 97 1.80 -15.40 14.61
C THR B 97 1.87 -15.61 16.12
N GLU B 98 2.06 -16.84 16.58
CA GLU B 98 2.14 -17.08 18.03
C GLU B 98 3.48 -16.63 18.57
N GLN B 99 4.52 -16.83 17.77
CA GLN B 99 5.85 -16.39 18.16
C GLN B 99 5.71 -14.87 18.22
N ALA B 100 5.06 -14.33 17.19
CA ALA B 100 4.81 -12.91 17.05
C ALA B 100 4.16 -12.28 18.28
N VAL B 101 3.04 -12.85 18.71
CA VAL B 101 2.31 -12.33 19.87
C VAL B 101 3.14 -12.39 21.17
N LYS B 102 3.82 -13.51 21.41
CA LYS B 102 4.65 -13.62 22.62
C LYS B 102 5.80 -12.63 22.53
N GLU B 103 6.61 -12.77 21.48
CA GLU B 103 7.76 -11.90 21.26
C GLU B 103 7.34 -10.44 21.48
N TYR B 104 6.20 -10.07 20.89
CA TYR B 104 5.67 -8.72 21.02
C TYR B 104 5.40 -8.40 22.50
N ASN B 105 4.41 -9.08 23.09
CA ASN B 105 4.08 -8.85 24.49
C ASN B 105 5.31 -8.85 25.40
N ALA B 106 6.31 -9.68 25.08
CA ALA B 106 7.52 -9.75 25.89
C ALA B 106 8.24 -8.40 25.86
N LEU B 107 8.47 -7.89 24.66
CA LEU B 107 9.12 -6.60 24.51
C LEU B 107 8.26 -5.55 25.23
N VAL B 108 6.94 -5.74 25.16
CA VAL B 108 6.00 -4.83 25.81
C VAL B 108 6.26 -4.87 27.30
N ALA B 109 6.50 -6.08 27.81
CA ALA B 109 6.77 -6.28 29.23
C ALA B 109 8.10 -5.65 29.66
N GLN B 110 8.96 -5.30 28.71
CA GLN B 110 10.23 -4.69 29.08
C GLN B 110 10.30 -3.21 28.68
N GLY B 111 9.12 -2.61 28.46
CA GLY B 111 9.05 -1.19 28.13
C GLY B 111 9.57 -0.70 26.79
N VAL B 112 9.77 -1.60 25.84
CA VAL B 112 10.24 -1.19 24.51
C VAL B 112 9.08 -0.60 23.74
N ARG B 113 9.36 0.38 22.89
CA ARG B 113 8.32 0.96 22.05
C ARG B 113 8.21 -0.01 20.89
N VAL B 114 7.37 -1.03 21.06
CA VAL B 114 7.20 -2.04 20.04
C VAL B 114 5.85 -1.93 19.33
N GLY B 115 5.85 -2.26 18.04
CA GLY B 115 4.63 -2.21 17.27
C GLY B 115 4.52 -3.49 16.44
N GLY B 116 3.45 -3.61 15.66
CA GLY B 116 3.32 -4.80 14.85
C GLY B 116 1.97 -4.94 14.16
N VAL B 117 1.92 -5.89 13.23
CA VAL B 117 0.72 -6.20 12.46
C VAL B 117 0.59 -7.73 12.50
N PHE B 118 -0.59 -8.22 12.86
CA PHE B 118 -0.80 -9.65 12.97
C PHE B 118 -1.91 -10.22 12.11
N HIS B 119 -1.88 -11.53 11.94
CA HIS B 119 -2.84 -12.28 11.15
C HIS B 119 -3.13 -13.56 11.92
N SER B 120 -4.39 -13.76 12.31
CA SER B 120 -4.78 -14.93 13.08
C SER B 120 -5.22 -16.18 12.33
N THR B 121 -4.93 -16.26 11.04
CA THR B 121 -5.29 -17.45 10.26
C THR B 121 -4.14 -17.83 9.33
N CYS B 122 -4.32 -18.87 8.52
CA CYS B 122 -3.28 -19.32 7.60
C CYS B 122 -2.60 -18.17 6.86
N SER A 1 0.86 18.48 -1.44
CA SER A 1 0.09 17.29 -0.98
C SER A 1 0.86 15.99 -1.23
N THR A 2 0.33 14.90 -0.69
CA THR A 2 0.94 13.59 -0.85
C THR A 2 0.08 12.67 -1.71
N SER A 3 0.73 11.74 -2.39
CA SER A 3 0.01 10.79 -3.24
C SER A 3 -0.76 9.84 -2.31
N PRO A 4 -2.06 9.65 -2.56
CA PRO A 4 -2.89 8.76 -1.76
C PRO A 4 -2.73 7.30 -2.11
N GLU A 5 -2.37 6.48 -1.12
CA GLU A 5 -2.19 5.05 -1.31
C GLU A 5 -3.42 4.48 -1.99
N ILE A 6 -3.23 3.46 -2.82
CA ILE A 6 -4.37 2.81 -3.46
C ILE A 6 -4.96 1.88 -2.42
N ALA A 7 -6.19 2.20 -1.98
CA ALA A 7 -6.88 1.43 -0.95
C ALA A 7 -7.28 0.02 -1.30
N SER A 8 -8.08 -0.16 -2.36
CA SER A 8 -8.50 -1.51 -2.74
C SER A 8 -8.51 -1.75 -4.25
N LEU A 9 -8.08 -2.94 -4.64
CA LEU A 9 -8.02 -3.33 -6.04
C LEU A 9 -8.52 -4.74 -6.30
N SER A 10 -9.59 -4.86 -7.07
CA SER A 10 -10.18 -6.14 -7.44
C SER A 10 -10.74 -5.92 -8.84
N TRP A 11 -11.08 -6.98 -9.55
CA TRP A 11 -11.59 -6.83 -10.90
C TRP A 11 -12.64 -5.76 -11.06
N GLY A 12 -12.37 -4.79 -11.93
CA GLY A 12 -13.30 -3.70 -12.16
C GLY A 12 -13.69 -2.91 -10.92
N GLN A 13 -12.76 -2.76 -9.99
CA GLN A 13 -13.03 -2.03 -8.75
C GLN A 13 -11.74 -1.50 -8.13
N LYS A 15 -10.21 1.70 -5.21
CA LYS A 15 -10.49 2.71 -4.20
C LYS A 15 -9.20 3.37 -3.76
N VAL A 16 -9.27 4.69 -3.59
CA VAL A 16 -8.13 5.48 -3.17
C VAL A 16 -8.39 5.94 -1.73
N LYS A 17 -7.40 5.76 -0.86
CA LYS A 17 -7.54 6.17 0.52
C LYS A 17 -8.02 7.61 0.52
N GLY A 18 -9.01 7.90 1.35
CA GLY A 18 -9.53 9.26 1.42
C GLY A 18 -10.47 9.62 0.28
N SER A 19 -10.72 8.68 -0.63
CA SER A 19 -11.61 8.94 -1.75
C SER A 19 -13.02 8.45 -1.43
N ASN A 20 -14.02 9.18 -1.93
CA ASN A 20 -15.40 8.84 -1.69
C ASN A 20 -15.92 7.78 -2.66
N THR A 21 -15.74 8.04 -3.96
CA THR A 21 -16.21 7.15 -5.01
C THR A 21 -15.37 5.91 -5.29
N THR A 22 -16.07 4.83 -5.63
CA THR A 22 -15.44 3.56 -5.96
C THR A 22 -15.24 3.54 -7.48
N TYR A 23 -13.98 3.45 -7.90
CA TYR A 23 -13.65 3.45 -9.31
C TYR A 23 -13.56 2.06 -9.93
N LYS A 24 -13.34 2.04 -11.24
CA LYS A 24 -13.16 0.83 -12.02
C LYS A 24 -11.78 1.07 -12.63
N ASP A 25 -11.63 2.26 -13.23
CA ASP A 25 -10.39 2.72 -13.85
C ASP A 25 -10.21 4.12 -13.29
N CYS A 26 -9.01 4.44 -12.80
CA CYS A 26 -8.82 5.78 -12.22
C CYS A 26 -7.48 6.47 -12.47
N LYS A 27 -7.46 7.75 -12.11
CA LYS A 27 -6.29 8.60 -12.23
C LYS A 27 -5.97 9.14 -10.83
N VAL A 28 -4.75 8.90 -10.36
CA VAL A 28 -4.36 9.36 -9.03
C VAL A 28 -3.15 10.29 -9.09
N TRP A 29 -3.07 11.22 -8.13
CA TRP A 29 -1.96 12.18 -8.09
C TRP A 29 -1.89 12.86 -6.72
N PRO A 30 -0.77 13.55 -6.43
CA PRO A 30 -0.66 14.21 -5.12
C PRO A 30 -1.86 15.11 -4.87
N GLY A 31 -2.63 14.80 -3.84
CA GLY A 31 -3.80 15.61 -3.52
C GLY A 31 -5.15 15.04 -3.93
N GLY A 32 -5.18 14.16 -4.93
CA GLY A 32 -6.46 13.61 -5.34
C GLY A 32 -6.44 12.44 -6.31
N SER A 33 -7.59 12.21 -6.92
CA SER A 33 -7.77 11.13 -7.87
C SER A 33 -8.90 11.53 -8.81
N ARG A 34 -9.34 10.60 -9.63
CA ARG A 34 -10.43 10.89 -10.56
C ARG A 34 -10.73 9.67 -11.42
N THR A 35 -11.99 9.51 -11.79
CA THR A 35 -12.38 8.39 -12.62
C THR A 35 -11.68 8.52 -13.96
N TRP A 36 -11.27 7.39 -14.51
CA TRP A 36 -10.61 7.37 -15.81
C TRP A 36 -11.55 6.73 -16.83
N ASP A 37 -12.28 7.58 -17.55
CA ASP A 37 -13.22 7.12 -18.57
C ASP A 37 -12.56 7.35 -19.93
N TRP A 38 -12.31 6.26 -20.65
CA TRP A 38 -11.67 6.35 -21.96
C TRP A 38 -12.54 7.11 -22.96
N ARG A 39 -13.82 7.25 -22.65
CA ARG A 39 -14.75 7.96 -23.54
C ARG A 39 -14.49 9.47 -23.60
N GLU A 40 -13.61 9.96 -22.72
CA GLU A 40 -13.27 11.38 -22.69
C GLU A 40 -12.18 11.66 -23.73
N THR A 41 -11.36 10.66 -24.01
CA THR A 41 -10.29 10.82 -25.00
C THR A 41 -10.49 9.89 -26.18
N GLY A 42 -11.37 8.92 -26.02
CA GLY A 42 -11.64 7.97 -27.09
C GLY A 42 -10.64 6.83 -27.12
N THR A 43 -9.81 6.76 -26.09
CA THR A 43 -8.80 5.72 -25.98
C THR A 43 -9.38 4.31 -26.04
N GLU A 44 -8.75 3.45 -26.84
CA GLU A 44 -9.16 2.06 -26.97
C GLU A 44 -8.00 1.18 -26.50
N HIS A 45 -8.19 -0.14 -26.49
CA HIS A 45 -7.13 -1.06 -26.07
C HIS A 45 -5.93 -0.89 -26.99
N SER A 46 -6.22 -0.47 -28.23
CA SER A 46 -5.20 -0.22 -29.24
C SER A 46 -5.64 1.06 -29.95
N PRO A 47 -4.70 1.97 -30.26
CA PRO A 47 -3.25 1.91 -30.04
C PRO A 47 -2.90 1.87 -28.55
N GLY A 48 -3.82 2.35 -27.73
CA GLY A 48 -3.59 2.35 -26.29
C GLY A 48 -3.50 3.70 -25.63
N VAL A 49 -2.97 3.70 -24.41
CA VAL A 49 -2.83 4.91 -23.61
C VAL A 49 -2.20 6.05 -24.42
N GLN A 50 -2.83 7.20 -24.39
CA GLN A 50 -2.34 8.36 -25.13
C GLN A 50 -1.94 9.47 -24.16
N PRO A 51 -1.12 10.41 -24.62
CA PRO A 51 -0.69 11.53 -23.78
C PRO A 51 -1.89 12.23 -23.16
N ALA A 52 -2.97 12.29 -23.91
CA ALA A 52 -4.19 12.95 -23.44
C ALA A 52 -4.78 12.20 -22.25
N ASP A 53 -4.51 10.90 -22.16
CA ASP A 53 -5.01 10.11 -21.04
C ASP A 53 -4.37 10.55 -19.73
N VAL A 54 -3.06 10.77 -19.75
CA VAL A 54 -2.31 11.14 -18.55
C VAL A 54 -1.92 12.61 -18.42
N LYS A 55 -2.44 13.46 -19.29
CA LYS A 55 -2.12 14.89 -19.27
C LYS A 55 -2.33 15.54 -17.88
N GLU A 56 -3.43 15.19 -17.23
CA GLU A 56 -3.75 15.74 -15.91
C GLU A 56 -2.69 15.40 -14.86
N VAL A 57 -2.49 14.11 -14.58
CA VAL A 57 -1.49 13.71 -13.59
C VAL A 57 -0.25 14.56 -13.82
N VAL A 58 0.18 14.64 -15.08
CA VAL A 58 1.35 15.43 -15.43
C VAL A 58 1.13 16.88 -14.97
N GLU A 59 -0.05 17.42 -15.25
CA GLU A 59 -0.36 18.79 -14.87
C GLU A 59 -0.51 19.00 -13.36
N LYS A 60 -0.23 17.97 -12.59
CA LYS A 60 -0.30 18.08 -11.13
C LYS A 60 1.11 18.17 -10.53
N GLY A 61 2.09 17.64 -11.24
CA GLY A 61 3.47 17.66 -10.78
C GLY A 61 3.89 16.40 -10.05
N VAL A 62 4.40 15.43 -10.79
CA VAL A 62 4.86 14.18 -10.19
C VAL A 62 6.27 13.85 -10.63
N GLN A 63 6.96 13.04 -9.84
CA GLN A 63 8.33 12.65 -10.17
C GLN A 63 8.22 11.36 -10.97
N THR A 64 7.28 10.52 -10.55
CA THR A 64 7.03 9.24 -11.20
C THR A 64 5.56 9.08 -11.52
N LEU A 65 5.29 8.43 -12.64
CA LEU A 65 3.93 8.17 -13.06
C LEU A 65 3.80 6.67 -13.32
N VAL A 66 2.86 6.04 -12.64
CA VAL A 66 2.67 4.61 -12.80
C VAL A 66 1.48 4.32 -13.71
N ILE A 67 1.71 3.48 -14.71
CA ILE A 67 0.67 3.12 -15.65
C ILE A 67 0.23 1.66 -15.47
N GLY A 68 -1.03 1.47 -15.06
CA GLY A 68 -1.56 0.13 -14.88
C GLY A 68 -2.47 -0.18 -16.05
N ARG A 69 -2.01 -1.03 -16.95
CA ARG A 69 -2.77 -1.36 -18.15
C ARG A 69 -3.92 -2.34 -17.97
N GLY A 70 -3.84 -3.21 -16.97
CA GLY A 70 -4.92 -4.16 -16.78
C GLY A 70 -4.53 -5.47 -16.11
N SER A 72 -3.66 -8.38 -17.87
CA SER A 72 -3.12 -9.21 -18.94
C SER A 72 -2.32 -8.30 -19.88
N GLU A 73 -2.39 -7.00 -19.62
CA GLU A 73 -1.68 -6.01 -20.43
C GLU A 73 -2.19 -5.97 -21.88
N ALA A 74 -3.47 -6.31 -22.05
CA ALA A 74 -4.09 -6.30 -23.38
C ALA A 74 -4.16 -4.85 -23.86
N LEU A 75 -4.10 -3.92 -22.92
CA LEU A 75 -4.12 -2.50 -23.24
C LEU A 75 -2.70 -2.09 -23.61
N LYS A 76 -2.51 -1.69 -24.86
CA LYS A 76 -1.21 -1.28 -25.33
C LYS A 76 -0.83 0.09 -24.76
N VAL A 77 0.42 0.49 -25.01
CA VAL A 77 0.96 1.75 -24.55
C VAL A 77 2.04 2.16 -25.54
N PRO A 78 1.74 3.13 -26.42
CA PRO A 78 2.70 3.61 -27.43
C PRO A 78 3.95 4.15 -26.75
N SER A 79 5.10 3.92 -27.37
CA SER A 79 6.36 4.41 -26.82
C SER A 79 6.38 5.94 -26.93
N SER A 80 5.51 6.47 -27.78
CA SER A 80 5.45 7.93 -27.97
C SER A 80 4.84 8.57 -26.73
N THR A 81 4.03 7.78 -26.02
CA THR A 81 3.38 8.23 -24.80
C THR A 81 4.36 8.26 -23.64
N VAL A 82 5.25 7.27 -23.60
CA VAL A 82 6.26 7.18 -22.55
C VAL A 82 7.31 8.26 -22.71
N GLU A 83 7.79 8.44 -23.94
CA GLU A 83 8.79 9.45 -24.21
C GLU A 83 8.21 10.83 -23.87
N TYR A 84 6.92 10.98 -24.13
CA TYR A 84 6.20 12.21 -23.85
C TYR A 84 6.37 12.57 -22.36
N LEU A 85 6.20 11.56 -21.52
CA LEU A 85 6.33 11.77 -20.09
C LEU A 85 7.79 12.04 -19.73
N LYS A 86 8.67 11.18 -20.22
CA LYS A 86 10.11 11.32 -19.97
C LYS A 86 10.63 12.66 -20.45
N LYS A 87 9.97 13.22 -21.47
CA LYS A 87 10.36 14.51 -22.01
C LYS A 87 10.02 15.59 -20.99
N HIS A 88 9.28 15.20 -19.96
CA HIS A 88 8.90 16.14 -18.90
C HIS A 88 9.59 15.78 -17.59
N GLY A 89 10.67 15.01 -17.69
CA GLY A 89 11.43 14.64 -16.52
C GLY A 89 10.74 13.70 -15.57
N ILE A 90 9.75 12.97 -16.09
CA ILE A 90 8.98 12.03 -15.28
C ILE A 90 9.44 10.58 -15.43
N ASP A 91 9.54 9.88 -14.30
CA ASP A 91 9.91 8.48 -14.30
C ASP A 91 8.64 7.71 -14.67
N VAL A 92 8.74 6.76 -15.60
CA VAL A 92 7.57 6.01 -16.02
C VAL A 92 7.65 4.53 -15.74
N ARG A 93 6.64 4.03 -15.04
CA ARG A 93 6.55 2.62 -14.70
C ARG A 93 5.35 2.03 -15.44
N VAL A 94 5.60 1.02 -16.27
CA VAL A 94 4.52 0.38 -17.02
C VAL A 94 4.36 -1.05 -16.53
N LEU A 95 3.21 -1.37 -15.95
CA LEU A 95 2.96 -2.71 -15.41
C LEU A 95 1.51 -3.13 -15.55
N GLN A 96 1.27 -4.43 -15.38
CA GLN A 96 -0.09 -4.94 -15.40
C GLN A 96 -0.56 -4.38 -14.06
N THR A 97 -1.71 -3.74 -14.05
CA THR A 97 -2.25 -3.10 -12.85
C THR A 97 -1.83 -3.69 -11.50
N GLU A 98 -1.71 -5.01 -11.40
CA GLU A 98 -1.29 -5.65 -10.15
C GLU A 98 0.04 -5.10 -9.66
N GLN A 99 1.08 -5.27 -10.48
CA GLN A 99 2.40 -4.80 -10.14
C GLN A 99 2.37 -3.28 -10.01
N ALA A 100 1.55 -2.64 -10.83
CA ALA A 100 1.41 -1.18 -10.84
C ALA A 100 1.00 -0.63 -9.48
N VAL A 101 -0.13 -1.11 -8.97
CA VAL A 101 -0.62 -0.66 -7.67
C VAL A 101 0.43 -0.95 -6.57
N LYS A 102 1.12 -2.08 -6.71
CA LYS A 102 2.14 -2.46 -5.74
C LYS A 102 3.36 -1.55 -5.81
N GLU A 103 3.66 -1.00 -6.98
CA GLU A 103 4.80 -0.09 -7.11
C GLU A 103 4.35 1.29 -6.67
N TYR A 104 3.18 1.70 -7.15
CA TYR A 104 2.61 2.99 -6.81
C TYR A 104 2.69 3.26 -5.30
N ASN A 105 2.23 2.28 -4.51
CA ASN A 105 2.25 2.44 -3.07
C ASN A 105 3.66 2.38 -2.49
N ALA A 106 4.56 1.68 -3.19
CA ALA A 106 5.94 1.59 -2.76
C ALA A 106 6.52 3.01 -2.84
N LEU A 107 6.03 3.77 -3.82
CA LEU A 107 6.47 5.13 -4.02
C LEU A 107 5.73 6.03 -3.02
N VAL A 108 4.45 5.75 -2.82
CA VAL A 108 3.64 6.51 -1.88
C VAL A 108 4.16 6.35 -0.45
N ALA A 109 4.65 5.14 -0.13
CA ALA A 109 5.19 4.85 1.19
C ALA A 109 6.51 5.56 1.44
N GLN A 110 7.27 5.79 0.38
CA GLN A 110 8.55 6.48 0.52
C GLN A 110 8.42 7.99 0.32
N GLY A 111 7.19 8.48 0.43
CA GLY A 111 6.93 9.91 0.30
C GLY A 111 7.10 10.58 -1.05
N VAL A 112 7.50 9.83 -2.07
CA VAL A 112 7.69 10.39 -3.41
C VAL A 112 6.37 10.94 -3.95
N ARG A 113 6.46 11.95 -4.83
CA ARG A 113 5.25 12.51 -5.46
C ARG A 113 4.99 11.65 -6.67
N VAL A 114 4.04 10.74 -6.54
CA VAL A 114 3.72 9.83 -7.63
C VAL A 114 2.29 10.01 -8.14
N GLY A 115 2.07 9.66 -9.40
CA GLY A 115 0.76 9.76 -9.99
C GLY A 115 0.53 8.54 -10.87
N GLY A 116 -0.62 8.46 -11.53
CA GLY A 116 -0.85 7.32 -12.39
C GLY A 116 -2.26 7.11 -12.89
N VAL A 117 -2.39 6.15 -13.79
CA VAL A 117 -3.69 5.80 -14.36
C VAL A 117 -3.77 4.28 -14.32
N PHE A 118 -4.92 3.75 -13.96
CA PHE A 118 -5.04 2.31 -13.86
C PHE A 118 -6.29 1.72 -14.50
N HIS A 119 -6.12 0.56 -15.11
CA HIS A 119 -7.18 -0.20 -15.76
C HIS A 119 -7.32 -1.47 -14.94
N SER A 120 -8.51 -1.74 -14.40
CA SER A 120 -8.71 -2.90 -13.53
C SER A 120 -9.32 -4.15 -14.15
N THR A 121 -9.31 -4.26 -15.48
CA THR A 121 -9.86 -5.44 -16.14
C THR A 121 -9.04 -5.73 -17.39
N CYS A 122 -9.70 -5.76 -18.54
CA CYS A 122 -9.03 -5.99 -19.81
C CYS A 122 -9.48 -4.92 -20.81
N SER B 1 3.26 7.37 24.51
CA SER B 1 2.50 6.48 25.43
C SER B 1 3.19 5.12 25.52
N THR B 2 2.42 4.06 25.76
CA THR B 2 2.97 2.72 25.86
C THR B 2 2.18 1.75 25.00
N SER B 3 2.83 0.68 24.55
CA SER B 3 2.18 -0.33 23.73
C SER B 3 1.34 -1.27 24.58
N PRO B 4 0.18 -1.69 24.06
CA PRO B 4 -0.71 -2.60 24.77
C PRO B 4 -0.29 -4.05 24.59
N GLU B 5 -0.38 -4.84 25.65
CA GLU B 5 -0.01 -6.25 25.58
C GLU B 5 -1.16 -7.07 25.01
N ILE B 6 -0.85 -7.92 24.04
CA ILE B 6 -1.89 -8.76 23.44
C ILE B 6 -2.39 -9.75 24.48
N ALA B 7 -3.71 -9.79 24.65
CA ALA B 7 -4.33 -10.67 25.63
C ALA B 7 -4.77 -12.03 25.11
N SER B 8 -5.21 -12.08 23.85
CA SER B 8 -5.67 -13.34 23.30
C SER B 8 -5.34 -13.61 21.84
N LEU B 9 -4.86 -14.81 21.57
CA LEU B 9 -4.54 -15.24 20.22
C LEU B 9 -5.08 -16.63 19.94
N SER B 10 -5.97 -16.71 18.95
CA SER B 10 -6.58 -17.96 18.53
C SER B 10 -7.05 -17.71 17.10
N TRP B 11 -7.73 -18.68 16.51
CA TRP B 11 -8.19 -18.48 15.15
C TRP B 11 -9.26 -17.40 15.13
N GLY B 12 -8.87 -16.20 14.71
CA GLY B 12 -9.81 -15.08 14.64
C GLY B 12 -10.01 -14.32 15.94
N GLN B 13 -10.11 -15.04 17.05
CA GLN B 13 -10.33 -14.42 18.36
C GLN B 13 -9.05 -13.81 18.94
N LYS B 15 -7.29 -10.84 21.28
CA LYS B 15 -7.47 -9.84 22.33
C LYS B 15 -6.15 -9.20 22.72
N VAL B 16 -6.24 -8.01 23.30
CA VAL B 16 -5.09 -7.26 23.75
C VAL B 16 -5.39 -6.82 25.16
N LYS B 17 -4.63 -7.34 26.13
CA LYS B 17 -4.81 -7.01 27.52
C LYS B 17 -4.57 -5.52 27.74
N GLY B 18 -3.93 -4.89 26.77
CA GLY B 18 -3.64 -3.47 26.87
C GLY B 18 -4.77 -2.54 26.48
N SER B 19 -5.90 -3.11 26.04
CA SER B 19 -7.08 -2.32 25.66
C SER B 19 -8.17 -3.16 24.97
N ASN B 20 -9.35 -3.20 25.59
CA ASN B 20 -10.50 -3.95 25.08
C ASN B 20 -10.76 -3.72 23.60
N THR B 21 -10.24 -4.58 22.74
CA THR B 21 -10.44 -4.44 21.30
C THR B 21 -10.13 -5.71 20.51
N THR B 22 -11.13 -6.59 20.40
CA THR B 22 -10.98 -7.83 19.66
C THR B 22 -11.18 -7.58 18.17
N TYR B 23 -10.51 -8.37 17.35
CA TYR B 23 -10.59 -8.24 15.91
C TYR B 23 -10.04 -9.50 15.24
N LYS B 24 -10.13 -9.58 13.91
CA LYS B 24 -9.60 -10.74 13.21
C LYS B 24 -8.08 -10.57 13.23
N ASP B 25 -7.58 -9.63 12.43
CA ASP B 25 -6.16 -9.30 12.42
C ASP B 25 -6.07 -8.03 13.24
N CYS B 26 -4.91 -7.38 13.23
CA CYS B 26 -4.75 -6.14 13.97
C CYS B 26 -3.38 -5.50 13.84
N LYS B 27 -3.36 -4.20 14.09
CA LYS B 27 -2.15 -3.40 14.05
C LYS B 27 -2.02 -2.77 15.42
N VAL B 28 -0.81 -2.76 15.96
CA VAL B 28 -0.61 -2.18 17.28
C VAL B 28 0.65 -1.30 17.33
N TRP B 29 0.65 -0.32 18.22
CA TRP B 29 1.76 0.61 18.37
C TRP B 29 1.62 1.31 19.70
N PRO B 30 2.71 1.93 20.20
CA PRO B 30 2.61 2.63 21.48
C PRO B 30 1.46 3.63 21.47
N GLY B 31 0.62 3.57 22.51
CA GLY B 31 -0.52 4.48 22.57
C GLY B 31 -1.86 3.81 22.36
N GLY B 32 -2.06 3.22 21.17
CA GLY B 32 -3.31 2.56 20.87
C GLY B 32 -3.21 1.29 20.05
N SER B 33 -4.32 0.86 19.47
CA SER B 33 -4.37 -0.35 18.64
C SER B 33 -5.30 -0.15 17.44
N ARG B 34 -5.42 -1.17 16.61
CA ARG B 34 -6.25 -1.11 15.42
C ARG B 34 -6.46 -2.50 14.81
N THR B 35 -7.41 -2.57 13.87
CA THR B 35 -7.72 -3.82 13.17
C THR B 35 -7.08 -3.78 11.80
N TRP B 36 -6.53 -4.90 11.35
CA TRP B 36 -5.90 -4.95 10.05
C TRP B 36 -6.76 -5.68 9.03
N ASP B 37 -6.74 -5.17 7.80
CA ASP B 37 -7.52 -5.75 6.71
C ASP B 37 -6.64 -5.89 5.48
N GLY B 48 2.41 -9.77 -0.80
CA GLY B 48 2.40 -10.09 0.62
C GLY B 48 2.30 -8.84 1.49
N VAL B 49 2.90 -8.88 2.67
CA VAL B 49 2.88 -7.73 3.58
C VAL B 49 3.68 -6.62 2.94
N GLN B 50 3.04 -5.46 2.77
CA GLN B 50 3.68 -4.32 2.12
C GLN B 50 3.96 -3.16 3.07
N PRO B 51 4.83 -2.22 2.65
CA PRO B 51 5.14 -1.08 3.51
C PRO B 51 3.87 -0.32 3.88
N ALA B 52 2.94 -0.21 2.94
CA ALA B 52 1.68 0.48 3.21
C ALA B 52 1.03 -0.11 4.46
N ASP B 53 1.08 -1.45 4.56
CA ASP B 53 0.51 -2.17 5.69
C ASP B 53 1.11 -1.75 7.02
N VAL B 54 2.41 -1.47 7.02
CA VAL B 54 3.11 -1.08 8.23
C VAL B 54 3.34 0.44 8.33
N LYS B 55 2.63 1.21 7.53
CA LYS B 55 2.79 2.66 7.53
C LYS B 55 2.53 3.35 8.87
N GLU B 56 1.33 3.23 9.40
CA GLU B 56 1.02 3.86 10.67
C GLU B 56 2.03 3.52 11.75
N VAL B 57 2.14 2.23 12.07
CA VAL B 57 3.08 1.77 13.10
C VAL B 57 4.39 2.55 13.03
N VAL B 58 4.84 2.87 11.82
CA VAL B 58 6.07 3.62 11.64
C VAL B 58 5.86 5.10 11.94
N GLU B 59 4.71 5.62 11.51
CA GLU B 59 4.36 7.02 11.74
C GLU B 59 4.11 7.26 13.22
N LYS B 60 4.14 6.18 14.00
CA LYS B 60 3.91 6.28 15.43
C LYS B 60 5.18 6.27 16.28
N GLY B 61 6.24 5.67 15.76
CA GLY B 61 7.50 5.63 16.48
C GLY B 61 7.79 4.32 17.20
N VAL B 62 8.57 3.45 16.58
CA VAL B 62 8.94 2.17 17.18
C VAL B 62 10.36 1.76 16.76
N GLN B 63 11.15 1.30 17.71
CA GLN B 63 12.51 0.88 17.41
C GLN B 63 12.47 -0.62 17.19
N THR B 64 11.26 -1.17 17.13
CA THR B 64 11.07 -2.60 16.95
C THR B 64 9.67 -2.89 16.41
N LEU B 65 9.58 -3.72 15.38
CA LEU B 65 8.29 -4.05 14.81
C LEU B 65 8.18 -5.55 14.55
N VAL B 66 7.10 -6.14 15.05
CA VAL B 66 6.88 -7.57 14.89
C VAL B 66 5.78 -7.84 13.86
N ILE B 67 6.05 -8.78 12.96
CA ILE B 67 5.09 -9.17 11.94
C ILE B 67 4.62 -10.62 12.11
N GLY B 68 3.35 -10.79 12.40
CA GLY B 68 2.80 -12.13 12.55
C GLY B 68 2.26 -12.53 11.20
N ARG B 69 2.88 -13.52 10.56
CA ARG B 69 2.47 -13.93 9.23
C ARG B 69 1.32 -14.93 9.08
N GLY B 70 0.56 -15.20 10.13
CA GLY B 70 -0.57 -16.11 10.01
C GLY B 70 -0.69 -17.30 10.94
N SER B 72 -1.10 -20.70 10.15
CA SER B 72 -0.14 -21.68 9.66
C SER B 72 1.00 -20.89 9.03
N GLU B 73 0.92 -19.56 9.18
CA GLU B 73 1.90 -18.62 8.68
C GLU B 73 1.67 -18.18 7.24
N ALA B 74 0.66 -18.75 6.59
CA ALA B 74 0.36 -18.43 5.19
C ALA B 74 0.25 -16.92 4.91
N LEU B 75 1.38 -16.30 4.59
CA LEU B 75 1.43 -14.87 4.30
C LEU B 75 2.80 -14.46 3.75
N LYS B 76 2.80 -13.89 2.55
CA LYS B 76 4.03 -13.45 1.91
C LYS B 76 4.59 -12.21 2.61
N VAL B 77 5.91 -12.13 2.67
CA VAL B 77 6.59 -10.99 3.28
C VAL B 77 7.87 -10.71 2.50
N PRO B 78 7.77 -9.86 1.47
CA PRO B 78 8.96 -9.55 0.68
C PRO B 78 10.00 -8.79 1.48
N SER B 79 11.14 -8.52 0.85
CA SER B 79 12.21 -7.78 1.49
C SER B 79 11.89 -6.29 1.30
N SER B 80 11.22 -5.98 0.21
CA SER B 80 10.84 -4.61 -0.11
C SER B 80 10.20 -3.98 1.12
N THR B 81 9.47 -4.79 1.87
CA THR B 81 8.81 -4.33 3.09
C THR B 81 9.80 -4.24 4.24
N VAL B 82 10.56 -5.30 4.45
CA VAL B 82 11.54 -5.34 5.53
C VAL B 82 12.62 -4.28 5.35
N GLU B 83 13.20 -4.22 4.15
CA GLU B 83 14.24 -3.25 3.87
C GLU B 83 13.73 -1.84 4.15
N TYR B 84 12.44 -1.65 3.94
CA TYR B 84 11.80 -0.37 4.19
C TYR B 84 11.94 -0.07 5.69
N LEU B 85 11.57 -1.05 6.51
CA LEU B 85 11.66 -0.89 7.96
C LEU B 85 13.09 -0.63 8.44
N LYS B 86 14.04 -1.46 8.01
CA LYS B 86 15.44 -1.30 8.40
C LYS B 86 15.92 0.07 7.96
N LYS B 87 15.52 0.45 6.75
CA LYS B 87 15.88 1.74 6.18
C LYS B 87 15.40 2.84 7.13
N HIS B 88 14.37 2.52 7.92
CA HIS B 88 13.83 3.47 8.87
C HIS B 88 14.30 3.15 10.28
N GLY B 89 15.43 2.44 10.35
CA GLY B 89 16.05 2.07 11.61
C GLY B 89 15.21 1.24 12.56
N ILE B 90 14.47 0.28 12.02
CA ILE B 90 13.62 -0.54 12.86
C ILE B 90 14.06 -2.01 12.96
N ASP B 91 14.06 -2.52 14.20
CA ASP B 91 14.41 -3.91 14.42
C ASP B 91 13.16 -4.70 14.06
N VAL B 92 13.26 -5.52 13.02
CA VAL B 92 12.13 -6.31 12.55
C VAL B 92 12.14 -7.75 13.03
N ARG B 93 10.94 -8.25 13.32
CA ARG B 93 10.76 -9.64 13.76
C ARG B 93 9.65 -10.23 12.90
N VAL B 94 10.00 -11.08 11.95
CA VAL B 94 9.02 -11.73 11.09
C VAL B 94 8.78 -13.11 11.74
N LEU B 95 7.55 -13.39 12.14
CA LEU B 95 7.29 -14.65 12.82
C LEU B 95 5.88 -15.19 12.68
N GLN B 96 5.75 -16.49 12.95
CA GLN B 96 4.46 -17.16 12.94
C GLN B 96 3.62 -16.42 13.96
N THR B 97 2.40 -16.05 13.56
CA THR B 97 1.49 -15.29 14.40
C THR B 97 1.54 -15.54 15.91
N GLU B 98 1.74 -16.79 16.33
CA GLU B 98 1.79 -17.10 17.75
C GLU B 98 3.13 -16.75 18.39
N GLN B 99 4.22 -17.11 17.71
CA GLN B 99 5.54 -16.77 18.22
C GLN B 99 5.64 -15.27 18.09
N ALA B 100 4.94 -14.73 17.09
CA ALA B 100 4.90 -13.30 16.83
C ALA B 100 4.34 -12.58 18.04
N VAL B 101 3.29 -13.16 18.63
CA VAL B 101 2.65 -12.58 19.81
C VAL B 101 3.57 -12.66 21.04
N LYS B 102 4.03 -13.87 21.38
CA LYS B 102 4.90 -14.04 22.53
C LYS B 102 6.07 -13.06 22.45
N GLU B 103 6.74 -13.03 21.30
CA GLU B 103 7.87 -12.12 21.11
C GLU B 103 7.43 -10.68 21.42
N TYR B 104 6.31 -10.27 20.84
CA TYR B 104 5.77 -8.93 21.06
C TYR B 104 5.44 -8.74 22.54
N ASN B 105 5.38 -9.84 23.28
CA ASN B 105 5.07 -9.80 24.71
C ASN B 105 6.34 -9.67 25.53
N ALA B 106 7.44 -10.20 25.02
CA ALA B 106 8.72 -10.09 25.72
C ALA B 106 9.08 -8.61 25.61
N LEU B 107 8.75 -8.03 24.47
CA LEU B 107 9.01 -6.61 24.23
C LEU B 107 8.06 -5.74 25.06
N VAL B 108 6.81 -6.20 25.22
CA VAL B 108 5.84 -5.44 26.01
C VAL B 108 6.17 -5.59 27.49
N ALA B 109 6.71 -6.74 27.85
CA ALA B 109 7.07 -7.02 29.23
C ALA B 109 8.46 -6.51 29.59
N GLN B 110 8.83 -5.35 29.03
CA GLN B 110 10.13 -4.76 29.32
C GLN B 110 10.32 -3.33 28.79
N GLY B 111 9.20 -2.61 28.67
CA GLY B 111 9.24 -1.22 28.23
C GLY B 111 9.67 -0.78 26.84
N VAL B 112 9.98 -1.72 25.94
CA VAL B 112 10.39 -1.34 24.60
C VAL B 112 9.21 -0.72 23.86
N ARG B 113 9.48 0.27 23.02
CA ARG B 113 8.44 0.89 22.22
C ARG B 113 8.24 -0.05 21.03
N VAL B 114 7.42 -1.08 21.23
CA VAL B 114 7.19 -2.06 20.18
C VAL B 114 5.81 -1.96 19.54
N GLY B 115 5.78 -2.09 18.22
CA GLY B 115 4.53 -2.02 17.49
C GLY B 115 4.56 -2.96 16.29
N GLY B 116 3.55 -3.79 16.14
CA GLY B 116 3.53 -4.72 15.02
C GLY B 116 2.18 -4.86 14.36
N VAL B 117 2.08 -5.84 13.46
CA VAL B 117 0.86 -6.13 12.73
C VAL B 117 0.69 -7.65 12.71
N PHE B 118 -0.49 -8.13 13.10
CA PHE B 118 -0.72 -9.56 13.16
C PHE B 118 -1.90 -10.06 12.34
N HIS B 119 -1.66 -11.13 11.61
CA HIS B 119 -2.67 -11.76 10.76
C HIS B 119 -2.99 -13.13 11.35
N SER B 120 -4.20 -13.28 11.90
CA SER B 120 -4.60 -14.54 12.51
C SER B 120 -5.67 -15.25 11.68
N THR B 121 -5.23 -15.97 10.65
CA THR B 121 -6.11 -16.73 9.75
C THR B 121 -5.27 -17.34 8.64
N CYS B 122 -5.81 -17.40 7.43
CA CYS B 122 -5.08 -17.96 6.29
C CYS B 122 -4.51 -16.90 5.35
N SER A 1 0.57 18.86 -0.58
CA SER A 1 -0.05 17.51 -0.76
C SER A 1 0.92 16.51 -1.39
N THR A 2 1.09 15.38 -0.71
CA THR A 2 1.98 14.30 -1.16
C THR A 2 1.40 13.45 -2.28
N SER A 3 0.67 12.40 -1.89
CA SER A 3 0.02 11.48 -2.82
C SER A 3 -0.85 10.52 -2.01
N PRO A 4 -2.07 10.22 -2.51
CA PRO A 4 -3.03 9.31 -1.88
C PRO A 4 -2.55 7.87 -1.86
N GLU A 5 -3.43 6.98 -1.41
CA GLU A 5 -3.12 5.56 -1.32
C GLU A 5 -4.20 4.72 -2.00
N ILE A 6 -3.79 3.65 -2.67
CA ILE A 6 -4.74 2.75 -3.32
C ILE A 6 -5.14 1.77 -2.21
N ALA A 7 -6.32 1.99 -1.64
CA ALA A 7 -6.82 1.17 -0.55
C ALA A 7 -7.41 -0.19 -0.94
N SER A 8 -7.66 -0.38 -2.24
CA SER A 8 -8.21 -1.64 -2.75
C SER A 8 -8.51 -1.54 -4.24
N LEU A 9 -8.55 -2.68 -4.92
CA LEU A 9 -8.83 -2.71 -6.35
C LEU A 9 -9.07 -4.14 -6.83
N SER A 10 -10.29 -4.42 -7.27
CA SER A 10 -10.64 -5.74 -7.79
C SER A 10 -10.95 -5.63 -9.28
N TRP A 11 -11.31 -6.74 -9.91
CA TRP A 11 -11.59 -6.72 -11.34
C TRP A 11 -12.63 -5.67 -11.72
N GLY A 12 -12.17 -4.61 -12.38
CA GLY A 12 -13.09 -3.57 -12.80
C GLY A 12 -13.45 -2.56 -11.73
N GLN A 13 -12.78 -2.61 -10.59
CA GLN A 13 -13.05 -1.68 -9.50
C GLN A 13 -11.83 -1.46 -8.60
N LYS A 15 -10.48 1.31 -4.90
CA LYS A 15 -10.78 2.28 -3.84
C LYS A 15 -9.53 3.10 -3.55
N VAL A 16 -9.73 4.41 -3.42
CA VAL A 16 -8.65 5.35 -3.14
C VAL A 16 -8.97 6.06 -1.84
N LYS A 17 -8.12 5.87 -0.82
CA LYS A 17 -8.34 6.54 0.45
C LYS A 17 -8.33 8.03 0.13
N GLY A 18 -9.39 8.73 0.54
CA GLY A 18 -9.48 10.16 0.28
C GLY A 18 -10.74 10.58 -0.45
N SER A 19 -11.33 9.66 -1.22
CA SER A 19 -12.54 9.96 -1.96
C SER A 19 -13.72 9.05 -1.62
N ASN A 20 -14.93 9.52 -1.92
CA ASN A 20 -16.13 8.75 -1.66
C ASN A 20 -16.36 7.61 -2.64
N THR A 21 -16.00 7.84 -3.90
CA THR A 21 -16.21 6.85 -4.96
C THR A 21 -15.19 5.74 -5.18
N THR A 22 -15.71 4.61 -5.65
CA THR A 22 -14.90 3.43 -5.96
C THR A 22 -15.12 3.12 -7.44
N TYR A 23 -14.39 3.84 -8.29
CA TYR A 23 -14.45 3.73 -9.75
C TYR A 23 -14.03 2.37 -10.30
N LYS A 24 -13.90 2.31 -11.62
CA LYS A 24 -13.45 1.09 -12.31
C LYS A 24 -11.97 1.33 -12.64
N ASP A 25 -11.74 2.23 -13.58
CA ASP A 25 -10.39 2.63 -14.01
C ASP A 25 -10.25 4.02 -13.40
N CYS A 26 -9.02 4.50 -13.25
CA CYS A 26 -8.85 5.83 -12.65
C CYS A 26 -7.49 6.49 -12.74
N LYS A 27 -7.49 7.80 -12.55
CA LYS A 27 -6.27 8.61 -12.56
C LYS A 27 -5.98 9.07 -11.14
N VAL A 28 -4.76 8.83 -10.68
CA VAL A 28 -4.36 9.20 -9.32
C VAL A 28 -3.28 10.29 -9.39
N TRP A 29 -3.19 11.12 -8.35
CA TRP A 29 -2.21 12.21 -8.33
C TRP A 29 -2.08 12.84 -6.94
N PRO A 30 -1.00 13.61 -6.70
CA PRO A 30 -0.83 14.25 -5.39
C PRO A 30 -2.05 15.09 -5.07
N GLY A 31 -2.73 14.75 -3.98
CA GLY A 31 -3.92 15.48 -3.60
C GLY A 31 -5.25 14.87 -4.00
N GLY A 32 -5.27 14.11 -5.09
CA GLY A 32 -6.53 13.50 -5.51
C GLY A 32 -6.40 12.32 -6.46
N SER A 33 -7.52 11.99 -7.08
CA SER A 33 -7.57 10.87 -8.01
C SER A 33 -9.00 10.83 -8.55
N ARG A 34 -9.14 10.53 -9.84
CA ARG A 34 -10.46 10.49 -10.46
C ARG A 34 -10.59 9.31 -11.41
N THR A 35 -11.76 8.69 -11.42
CA THR A 35 -12.02 7.56 -12.30
C THR A 35 -11.49 7.90 -13.68
N TRP A 36 -11.16 6.87 -14.45
CA TRP A 36 -10.65 7.04 -15.80
C TRP A 36 -11.63 6.46 -16.81
N ASP A 37 -12.22 7.33 -17.62
CA ASP A 37 -13.16 6.90 -18.65
C ASP A 37 -12.52 7.18 -20.00
N TRP A 38 -12.36 6.15 -20.81
CA TRP A 38 -11.75 6.28 -22.12
C TRP A 38 -12.62 7.04 -23.12
N ARG A 39 -13.92 7.13 -22.84
CA ARG A 39 -14.86 7.86 -23.71
C ARG A 39 -14.74 9.36 -23.46
N GLU A 40 -13.62 9.77 -22.87
CA GLU A 40 -13.35 11.17 -22.56
C GLU A 40 -12.35 11.75 -23.55
N THR A 41 -11.39 10.93 -23.99
CA THR A 41 -10.40 11.39 -24.97
C THR A 41 -10.19 10.34 -26.06
N GLY A 42 -11.04 9.33 -26.07
CA GLY A 42 -10.93 8.26 -27.06
C GLY A 42 -9.87 7.26 -26.65
N THR A 43 -10.30 6.07 -26.22
CA THR A 43 -9.35 5.07 -25.77
C THR A 43 -9.84 3.62 -25.75
N GLU A 44 -9.32 2.82 -26.68
CA GLU A 44 -9.63 1.38 -26.76
C GLU A 44 -8.29 0.74 -26.35
N HIS A 45 -8.17 -0.58 -26.46
CA HIS A 45 -6.90 -1.22 -26.10
C HIS A 45 -5.81 -0.90 -27.13
N SER A 46 -6.23 -0.22 -28.19
CA SER A 46 -5.34 0.22 -29.27
C SER A 46 -6.02 1.47 -29.85
N PRO A 47 -5.29 2.59 -29.97
CA PRO A 47 -3.88 2.82 -29.60
C PRO A 47 -3.61 2.60 -28.12
N GLY A 48 -4.66 2.67 -27.32
CA GLY A 48 -4.50 2.52 -25.90
C GLY A 48 -4.10 3.85 -25.26
N VAL A 49 -3.65 3.78 -24.02
CA VAL A 49 -3.23 4.96 -23.28
C VAL A 49 -2.63 6.03 -24.20
N GLN A 50 -3.01 7.27 -23.99
CA GLN A 50 -2.50 8.37 -24.81
C GLN A 50 -2.03 9.52 -23.91
N PRO A 51 -1.20 10.41 -24.47
CA PRO A 51 -0.71 11.54 -23.69
C PRO A 51 -1.89 12.28 -23.07
N ALA A 52 -3.00 12.31 -23.80
CA ALA A 52 -4.21 12.99 -23.34
C ALA A 52 -4.83 12.21 -22.20
N ASP A 53 -4.65 10.89 -22.20
CA ASP A 53 -5.19 10.06 -21.12
C ASP A 53 -4.59 10.44 -19.78
N VAL A 54 -3.31 10.79 -19.77
CA VAL A 54 -2.59 11.11 -18.54
C VAL A 54 -2.08 12.55 -18.38
N LYS A 55 -2.60 13.49 -19.15
CA LYS A 55 -2.13 14.87 -19.05
C LYS A 55 -2.42 15.58 -17.72
N GLU A 56 -3.61 15.40 -17.18
CA GLU A 56 -3.95 16.05 -15.92
C GLU A 56 -3.01 15.60 -14.81
N VAL A 57 -2.65 14.32 -14.80
CA VAL A 57 -1.73 13.81 -13.79
C VAL A 57 -0.43 14.60 -13.94
N VAL A 58 0.09 14.64 -15.16
CA VAL A 58 1.33 15.36 -15.46
C VAL A 58 1.28 16.79 -14.90
N GLU A 59 0.20 17.51 -15.18
CA GLU A 59 0.10 18.88 -14.72
C GLU A 59 -0.34 19.06 -13.26
N LYS A 60 -0.08 18.05 -12.44
CA LYS A 60 -0.42 18.13 -11.02
C LYS A 60 0.86 18.27 -10.19
N GLY A 61 1.96 17.70 -10.68
CA GLY A 61 3.22 17.78 -9.97
C GLY A 61 3.75 16.45 -9.45
N VAL A 62 4.08 15.53 -10.35
CA VAL A 62 4.59 14.22 -9.93
C VAL A 62 6.01 13.99 -10.42
N GLN A 63 6.68 13.02 -9.81
CA GLN A 63 8.05 12.69 -10.20
C GLN A 63 7.92 11.41 -11.03
N THR A 64 7.18 10.46 -10.48
CA THR A 64 6.95 9.19 -11.15
C THR A 64 5.49 9.05 -11.51
N LEU A 65 5.23 8.41 -12.63
CA LEU A 65 3.88 8.16 -13.07
C LEU A 65 3.75 6.67 -13.33
N VAL A 66 2.80 6.04 -12.67
CA VAL A 66 2.62 4.61 -12.84
C VAL A 66 1.43 4.32 -13.72
N ILE A 67 1.65 3.47 -14.72
CA ILE A 67 0.60 3.10 -15.65
C ILE A 67 0.18 1.64 -15.45
N GLY A 68 -1.08 1.42 -15.10
CA GLY A 68 -1.58 0.07 -14.90
C GLY A 68 -2.28 -0.36 -16.18
N ARG A 69 -1.59 -1.18 -16.97
CA ARG A 69 -2.11 -1.65 -18.26
C ARG A 69 -3.08 -2.82 -18.18
N GLY A 70 -3.79 -2.94 -17.06
CA GLY A 70 -4.73 -4.04 -16.92
C GLY A 70 -4.08 -5.34 -16.51
N SER A 72 -4.33 -8.58 -18.07
CA SER A 72 -3.77 -9.38 -19.15
C SER A 72 -2.77 -8.61 -19.98
N GLU A 73 -2.78 -7.29 -19.87
CA GLU A 73 -1.90 -6.44 -20.65
C GLU A 73 -2.40 -6.37 -22.10
N ALA A 74 -3.72 -6.28 -22.24
CA ALA A 74 -4.36 -6.18 -23.54
C ALA A 74 -4.33 -4.71 -23.96
N LEU A 75 -4.21 -3.83 -22.96
CA LEU A 75 -4.14 -2.40 -23.22
C LEU A 75 -2.70 -2.04 -23.51
N LYS A 76 -2.46 -1.60 -24.75
CA LYS A 76 -1.13 -1.23 -25.17
C LYS A 76 -0.77 0.17 -24.68
N VAL A 77 0.51 0.51 -24.81
CA VAL A 77 1.04 1.80 -24.42
C VAL A 77 2.00 2.22 -25.51
N PRO A 78 1.61 3.22 -26.32
CA PRO A 78 2.42 3.73 -27.42
C PRO A 78 3.74 4.33 -26.92
N SER A 79 4.77 4.25 -27.75
CA SER A 79 6.05 4.81 -27.37
C SER A 79 5.88 6.31 -27.35
N SER A 80 4.92 6.81 -28.12
CA SER A 80 4.68 8.25 -28.19
C SER A 80 4.35 8.73 -26.80
N THR A 81 3.45 8.01 -26.14
CA THR A 81 3.00 8.34 -24.79
C THR A 81 4.14 8.36 -23.76
N VAL A 82 5.01 7.35 -23.82
CA VAL A 82 6.13 7.27 -22.89
C VAL A 82 7.17 8.36 -23.19
N GLU A 83 7.41 8.62 -24.47
CA GLU A 83 8.37 9.64 -24.85
C GLU A 83 7.83 10.99 -24.34
N TYR A 84 6.51 11.14 -24.44
CA TYR A 84 5.83 12.34 -24.00
C TYR A 84 6.16 12.64 -22.54
N LEU A 85 6.09 11.61 -21.71
CA LEU A 85 6.38 11.76 -20.30
C LEU A 85 7.85 12.02 -20.09
N LYS A 86 8.69 11.35 -20.89
CA LYS A 86 10.14 11.51 -20.79
C LYS A 86 10.56 12.97 -20.84
N LYS A 87 10.15 13.69 -21.89
CA LYS A 87 10.49 15.09 -22.05
C LYS A 87 10.05 15.97 -20.88
N HIS A 88 8.91 15.64 -20.28
CA HIS A 88 8.43 16.41 -19.14
C HIS A 88 9.17 15.95 -17.89
N GLY A 89 10.24 15.21 -18.11
CA GLY A 89 11.05 14.72 -17.03
C GLY A 89 10.25 14.00 -15.97
N ILE A 90 9.52 12.97 -16.41
CA ILE A 90 8.69 12.21 -15.51
C ILE A 90 9.06 10.71 -15.45
N ASP A 91 9.55 10.28 -14.30
CA ASP A 91 9.92 8.88 -14.08
C ASP A 91 8.66 8.07 -14.42
N VAL A 92 8.79 7.06 -15.28
CA VAL A 92 7.62 6.26 -15.68
C VAL A 92 7.77 4.76 -15.53
N ARG A 93 6.83 4.15 -14.83
CA ARG A 93 6.84 2.71 -14.62
C ARG A 93 5.63 2.14 -15.38
N VAL A 94 5.89 1.40 -16.46
CA VAL A 94 4.80 0.80 -17.22
C VAL A 94 4.57 -0.57 -16.61
N LEU A 95 3.44 -0.77 -15.95
CA LEU A 95 3.17 -2.03 -15.30
C LEU A 95 1.82 -2.70 -15.50
N GLN A 96 1.81 -3.98 -15.16
CA GLN A 96 0.63 -4.82 -15.19
C GLN A 96 -0.01 -4.34 -13.88
N THR A 97 -1.23 -3.82 -13.98
CA THR A 97 -1.94 -3.25 -12.85
C THR A 97 -1.59 -3.72 -11.43
N GLU A 98 -1.25 -5.00 -11.25
CA GLU A 98 -0.87 -5.47 -9.90
C GLU A 98 0.48 -4.89 -9.52
N GLN A 99 1.46 -5.02 -10.42
CA GLN A 99 2.78 -4.49 -10.17
C GLN A 99 2.67 -2.98 -9.99
N ALA A 100 1.87 -2.37 -10.87
CA ALA A 100 1.64 -0.92 -10.85
C ALA A 100 0.95 -0.46 -9.58
N VAL A 101 -0.19 -1.07 -9.26
CA VAL A 101 -0.94 -0.70 -8.07
C VAL A 101 -0.12 -0.96 -6.79
N LYS A 102 0.75 -1.97 -6.83
CA LYS A 102 1.59 -2.28 -5.68
C LYS A 102 2.82 -1.37 -5.65
N GLU A 103 3.29 -0.96 -6.83
CA GLU A 103 4.44 -0.07 -6.92
C GLU A 103 4.02 1.34 -6.53
N TYR A 104 2.88 1.77 -7.06
CA TYR A 104 2.35 3.09 -6.77
C TYR A 104 2.40 3.41 -5.27
N ASN A 105 1.91 2.48 -4.45
CA ASN A 105 1.89 2.68 -3.01
C ASN A 105 3.28 2.59 -2.39
N ALA A 106 4.13 1.73 -2.94
CA ALA A 106 5.49 1.60 -2.43
C ALA A 106 6.16 2.97 -2.51
N LEU A 107 6.11 3.57 -3.69
CA LEU A 107 6.68 4.88 -3.93
C LEU A 107 6.20 5.83 -2.84
N VAL A 108 4.90 5.78 -2.58
CA VAL A 108 4.31 6.62 -1.54
C VAL A 108 5.10 6.40 -0.24
N ALA A 109 5.30 5.14 0.13
CA ALA A 109 6.04 4.78 1.34
C ALA A 109 7.53 5.10 1.20
N GLN A 110 7.85 5.91 0.20
CA GLN A 110 9.22 6.32 -0.01
C GLN A 110 9.31 7.68 -0.71
N GLY A 111 8.51 8.62 -0.23
CA GLY A 111 8.47 9.97 -0.76
C GLY A 111 8.43 10.18 -2.26
N VAL A 112 8.26 9.10 -3.03
CA VAL A 112 8.22 9.23 -4.48
C VAL A 112 6.92 9.84 -4.97
N ARG A 113 6.91 11.15 -5.21
CA ARG A 113 5.71 11.84 -5.69
C ARG A 113 5.28 11.17 -6.98
N VAL A 114 4.28 10.32 -6.85
CA VAL A 114 3.78 9.56 -7.98
C VAL A 114 2.35 9.95 -8.37
N GLY A 115 1.97 9.59 -9.58
CA GLY A 115 0.63 9.82 -10.08
C GLY A 115 0.39 8.61 -10.96
N GLY A 116 -0.77 8.51 -11.58
CA GLY A 116 -0.97 7.35 -12.44
C GLY A 116 -2.37 7.13 -12.93
N VAL A 117 -2.49 6.19 -13.87
CA VAL A 117 -3.76 5.83 -14.43
C VAL A 117 -3.82 4.31 -14.35
N PHE A 118 -4.96 3.79 -13.90
CA PHE A 118 -5.07 2.36 -13.73
C PHE A 118 -6.26 1.74 -14.43
N HIS A 119 -5.99 0.61 -15.08
CA HIS A 119 -6.98 -0.17 -15.79
C HIS A 119 -7.28 -1.38 -14.89
N SER A 120 -8.44 -1.34 -14.25
CA SER A 120 -8.86 -2.39 -13.32
C SER A 120 -9.11 -3.75 -13.93
N THR A 121 -9.26 -3.80 -15.26
CA THR A 121 -9.47 -5.06 -15.97
C THR A 121 -8.36 -5.25 -16.99
N CYS A 122 -8.39 -6.33 -17.74
CA CYS A 122 -7.35 -6.60 -18.74
C CYS A 122 -7.17 -5.46 -19.75
N SER B 1 2.62 6.33 23.50
CA SER B 1 2.94 6.34 24.95
C SER B 1 3.24 4.93 25.47
N THR B 2 2.32 4.00 25.23
CA THR B 2 2.51 2.64 25.70
C THR B 2 2.11 1.61 24.65
N SER B 3 2.76 0.45 24.70
CA SER B 3 2.43 -0.62 23.76
C SER B 3 1.35 -1.46 24.42
N PRO B 4 0.21 -1.63 23.75
CA PRO B 4 -0.88 -2.42 24.33
C PRO B 4 -0.63 -3.93 24.26
N GLU B 5 -1.00 -4.62 25.34
CA GLU B 5 -0.84 -6.07 25.41
C GLU B 5 -1.83 -6.70 24.43
N ILE B 6 -1.45 -7.83 23.84
CA ILE B 6 -2.34 -8.50 22.90
C ILE B 6 -2.52 -9.97 23.27
N ALA B 7 -2.54 -10.25 24.56
CA ALA B 7 -2.72 -11.61 25.05
C ALA B 7 -4.11 -12.13 24.72
N SER B 8 -4.55 -11.88 23.49
CA SER B 8 -5.86 -12.34 23.03
C SER B 8 -5.75 -12.99 21.66
N LEU B 9 -5.08 -14.14 21.59
CA LEU B 9 -4.94 -14.84 20.31
C LEU B 9 -5.65 -16.17 20.22
N SER B 10 -6.36 -16.35 19.11
CA SER B 10 -7.09 -17.59 18.83
C SER B 10 -7.59 -17.47 17.40
N TRP B 11 -7.87 -18.59 16.75
CA TRP B 11 -8.35 -18.56 15.38
C TRP B 11 -9.61 -17.73 15.28
N GLY B 12 -9.54 -16.63 14.53
CA GLY B 12 -10.70 -15.77 14.38
C GLY B 12 -10.67 -14.61 15.35
N GLN B 13 -10.93 -14.89 16.62
CA GLN B 13 -10.95 -13.86 17.65
C GLN B 13 -9.73 -12.94 17.51
N LYS B 15 -8.22 -9.33 19.98
CA LYS B 15 -8.41 -8.18 20.87
C LYS B 15 -7.09 -7.46 21.22
N VAL B 16 -7.21 -6.29 21.86
CA VAL B 16 -6.05 -5.52 22.27
C VAL B 16 -6.36 -4.65 23.51
N LYS B 17 -5.47 -4.67 24.49
CA LYS B 17 -5.65 -3.89 25.71
C LYS B 17 -6.07 -2.45 25.41
N GLY B 18 -7.35 -2.16 25.62
CA GLY B 18 -7.86 -0.83 25.36
C GLY B 18 -9.19 -0.85 24.62
N SER B 19 -9.12 -1.17 23.32
CA SER B 19 -10.32 -1.25 22.48
C SER B 19 -11.01 -2.60 22.52
N ASN B 20 -12.30 -2.60 22.82
CA ASN B 20 -13.07 -3.84 22.89
C ASN B 20 -13.53 -4.21 21.47
N THR B 21 -12.60 -4.12 20.53
CA THR B 21 -12.89 -4.46 19.14
C THR B 21 -12.25 -5.79 18.75
N THR B 22 -12.97 -6.60 18.01
CA THR B 22 -12.46 -7.90 17.58
C THR B 22 -12.23 -8.01 16.08
N TYR B 23 -11.09 -7.51 15.63
CA TYR B 23 -10.72 -7.54 14.22
C TYR B 23 -10.35 -8.98 13.90
N LYS B 24 -10.01 -9.25 12.65
CA LYS B 24 -9.60 -10.59 12.25
C LYS B 24 -8.07 -10.54 12.36
N ASP B 25 -7.47 -9.64 11.59
CA ASP B 25 -6.04 -9.39 11.61
C ASP B 25 -5.98 -7.90 11.90
N CYS B 26 -4.79 -7.30 12.01
CA CYS B 26 -4.77 -5.86 12.30
C CYS B 26 -3.41 -5.20 12.45
N LYS B 27 -3.45 -3.87 12.42
CA LYS B 27 -2.26 -3.05 12.58
C LYS B 27 -2.30 -2.46 13.98
N VAL B 28 -1.66 -3.13 14.94
CA VAL B 28 -1.64 -2.60 16.29
C VAL B 28 -0.30 -1.90 16.51
N TRP B 29 -0.36 -0.58 16.65
CA TRP B 29 0.82 0.27 16.84
C TRP B 29 0.70 1.07 18.14
N PRO B 30 1.82 1.66 18.59
CA PRO B 30 1.87 2.45 19.83
C PRO B 30 0.91 3.66 19.80
N GLY B 31 -0.37 3.39 20.02
CA GLY B 31 -1.37 4.44 20.03
C GLY B 31 -2.75 3.95 19.61
N GLY B 32 -2.82 2.70 19.16
CA GLY B 32 -4.10 2.15 18.72
C GLY B 32 -3.97 1.12 17.62
N SER B 33 -5.11 0.56 17.20
CA SER B 33 -5.13 -0.45 16.15
C SER B 33 -6.08 -0.13 15.00
N ARG B 34 -6.42 -1.16 14.23
CA ARG B 34 -7.33 -1.03 13.09
C ARG B 34 -7.75 -2.42 12.60
N THR B 35 -9.01 -2.55 12.21
CA THR B 35 -9.54 -3.84 11.74
C THR B 35 -8.74 -4.37 10.56
N TRP B 36 -9.11 -5.56 10.08
CA TRP B 36 -8.42 -6.14 8.94
C TRP B 36 -8.99 -7.44 8.36
N ASP B 37 -9.00 -7.51 7.03
CA ASP B 37 -9.51 -8.66 6.30
C ASP B 37 -8.70 -8.88 5.03
N GLY B 48 2.03 -9.61 -0.73
CA GLY B 48 2.13 -9.85 0.70
C GLY B 48 1.98 -8.59 1.54
N VAL B 49 2.51 -8.62 2.76
CA VAL B 49 2.44 -7.47 3.68
C VAL B 49 3.23 -6.30 3.10
N GLN B 50 2.53 -5.22 2.80
CA GLN B 50 3.15 -4.05 2.20
C GLN B 50 3.54 -2.93 3.16
N PRO B 51 4.43 -2.03 2.71
CA PRO B 51 4.85 -0.92 3.56
C PRO B 51 3.60 -0.15 3.98
N ALA B 52 2.59 -0.16 3.11
CA ALA B 52 1.34 0.51 3.41
C ALA B 52 0.82 -0.01 4.73
N ASP B 53 0.76 -1.34 4.87
CA ASP B 53 0.27 -2.01 6.08
C ASP B 53 1.04 -1.63 7.34
N VAL B 54 2.35 -1.47 7.20
CA VAL B 54 3.19 -1.13 8.35
C VAL B 54 3.51 0.36 8.44
N LYS B 55 3.07 1.13 7.45
CA LYS B 55 3.35 2.56 7.42
C LYS B 55 2.91 3.32 8.65
N GLU B 56 1.73 3.00 9.16
CA GLU B 56 1.23 3.69 10.34
C GLU B 56 2.13 3.44 11.53
N VAL B 57 2.15 2.19 12.01
CA VAL B 57 2.97 1.81 13.15
C VAL B 57 4.32 2.54 13.13
N VAL B 58 4.85 2.77 11.94
CA VAL B 58 6.12 3.45 11.79
C VAL B 58 6.07 4.95 12.07
N GLU B 59 5.07 5.63 11.48
CA GLU B 59 4.91 7.06 11.66
C GLU B 59 4.41 7.37 13.07
N LYS B 60 4.43 6.35 13.91
CA LYS B 60 3.98 6.49 15.29
C LYS B 60 5.14 6.43 16.27
N GLY B 61 6.25 5.85 15.83
CA GLY B 61 7.44 5.73 16.67
C GLY B 61 7.64 4.39 17.33
N VAL B 62 8.32 3.47 16.64
CA VAL B 62 8.60 2.15 17.20
C VAL B 62 10.06 1.78 16.99
N GLN B 63 10.62 1.11 17.98
CA GLN B 63 12.01 0.70 17.89
C GLN B 63 12.03 -0.67 17.22
N THR B 64 11.06 -1.49 17.58
CA THR B 64 10.93 -2.84 17.02
C THR B 64 9.53 -3.03 16.48
N LEU B 65 9.43 -3.75 15.36
CA LEU B 65 8.14 -4.02 14.78
C LEU B 65 8.07 -5.51 14.52
N VAL B 66 7.06 -6.16 15.09
CA VAL B 66 6.89 -7.59 14.92
C VAL B 66 5.87 -7.92 13.85
N ILE B 67 6.29 -8.74 12.89
CA ILE B 67 5.41 -9.18 11.81
C ILE B 67 5.09 -10.66 12.00
N GLY B 68 3.90 -10.94 12.54
CA GLY B 68 3.49 -12.31 12.72
C GLY B 68 2.59 -12.62 11.55
N ARG B 69 3.14 -13.33 10.56
CA ARG B 69 2.39 -13.64 9.36
C ARG B 69 1.75 -15.02 9.22
N GLY B 70 0.69 -15.26 9.98
CA GLY B 70 -0.03 -16.52 9.90
C GLY B 70 0.34 -17.61 10.88
N SER B 72 0.45 -20.60 10.13
CA SER B 72 1.28 -21.49 9.34
C SER B 72 2.23 -20.68 8.45
N GLU B 73 2.57 -19.48 8.90
CA GLU B 73 3.47 -18.58 8.17
C GLU B 73 3.21 -18.55 6.67
N ALA B 74 1.95 -18.56 6.27
CA ALA B 74 1.62 -18.54 4.85
C ALA B 74 1.72 -17.15 4.20
N LEU B 75 1.04 -16.18 4.80
CA LEU B 75 1.02 -14.80 4.30
C LEU B 75 2.41 -14.33 3.85
N LYS B 76 2.54 -13.98 2.57
CA LYS B 76 3.81 -13.52 2.05
C LYS B 76 4.26 -12.24 2.76
N VAL B 77 5.57 -12.02 2.77
CA VAL B 77 6.19 -10.86 3.38
C VAL B 77 7.30 -10.40 2.44
N PRO B 78 6.98 -9.49 1.52
CA PRO B 78 7.93 -8.95 0.54
C PRO B 78 9.23 -8.39 1.10
N SER B 79 10.34 -8.93 0.60
CA SER B 79 11.66 -8.51 1.03
C SER B 79 11.84 -6.98 1.09
N SER B 80 11.20 -6.27 0.16
CA SER B 80 11.32 -4.81 0.13
C SER B 80 10.78 -4.26 1.44
N THR B 81 9.62 -4.79 1.85
CA THR B 81 8.97 -4.36 3.08
C THR B 81 9.96 -4.29 4.24
N VAL B 82 10.75 -5.35 4.39
CA VAL B 82 11.73 -5.38 5.46
C VAL B 82 12.83 -4.36 5.16
N GLU B 83 13.23 -4.29 3.89
CA GLU B 83 14.27 -3.36 3.45
C GLU B 83 13.87 -1.95 3.87
N TYR B 84 12.56 -1.72 3.87
CA TYR B 84 12.02 -0.43 4.25
C TYR B 84 12.15 -0.21 5.76
N LEU B 85 11.64 -1.16 6.53
CA LEU B 85 11.70 -1.08 7.99
C LEU B 85 13.12 -0.81 8.51
N LYS B 86 14.11 -1.46 7.91
CA LYS B 86 15.50 -1.31 8.35
C LYS B 86 15.97 0.13 8.15
N LYS B 87 15.66 0.70 6.99
CA LYS B 87 16.05 2.07 6.70
C LYS B 87 15.56 3.00 7.81
N HIS B 88 14.47 2.63 8.46
CA HIS B 88 13.93 3.45 9.54
C HIS B 88 14.50 3.06 10.89
N GLY B 89 15.61 2.32 10.87
CA GLY B 89 16.26 1.90 12.09
C GLY B 89 15.34 1.12 13.02
N ILE B 90 14.61 0.18 12.44
CA ILE B 90 13.68 -0.62 13.21
C ILE B 90 14.09 -2.08 13.33
N ASP B 91 14.02 -2.62 14.55
CA ASP B 91 14.35 -4.02 14.77
C ASP B 91 13.12 -4.74 14.23
N VAL B 92 13.32 -5.61 13.24
CA VAL B 92 12.21 -6.33 12.64
C VAL B 92 12.19 -7.81 13.03
N ARG B 93 11.04 -8.27 13.47
CA ARG B 93 10.85 -9.66 13.85
C ARG B 93 9.73 -10.20 12.95
N VAL B 94 10.03 -11.24 12.18
CA VAL B 94 9.05 -11.87 11.31
C VAL B 94 8.86 -13.30 11.84
N LEU B 95 7.68 -13.58 12.40
CA LEU B 95 7.44 -14.89 12.98
C LEU B 95 6.03 -15.40 12.77
N GLN B 96 5.85 -16.70 13.06
CA GLN B 96 4.54 -17.32 12.99
C GLN B 96 3.76 -16.55 14.08
N THR B 97 2.44 -16.45 13.94
CA THR B 97 1.67 -15.66 14.90
C THR B 97 1.33 -16.29 16.25
N GLU B 98 2.34 -16.88 16.89
CA GLU B 98 2.21 -17.49 18.22
C GLU B 98 3.48 -17.06 18.91
N GLN B 99 4.57 -17.07 18.15
CA GLN B 99 5.86 -16.63 18.62
C GLN B 99 5.74 -15.10 18.53
N ALA B 100 5.16 -14.67 17.43
CA ALA B 100 4.94 -13.25 17.15
C ALA B 100 4.25 -12.53 18.30
N VAL B 101 3.11 -13.07 18.74
CA VAL B 101 2.37 -12.47 19.84
C VAL B 101 3.13 -12.53 21.17
N LYS B 102 3.74 -13.68 21.48
CA LYS B 102 4.51 -13.76 22.72
C LYS B 102 5.68 -12.78 22.64
N GLU B 103 6.43 -12.84 21.53
CA GLU B 103 7.57 -11.96 21.31
C GLU B 103 7.18 -10.50 21.52
N TYR B 104 6.07 -10.08 20.89
CA TYR B 104 5.57 -8.72 21.01
C TYR B 104 5.25 -8.38 22.46
N ASN B 105 4.35 -9.15 23.07
CA ASN B 105 3.98 -8.91 24.45
C ASN B 105 5.20 -8.87 25.38
N ALA B 106 6.21 -9.69 25.08
CA ALA B 106 7.43 -9.73 25.91
C ALA B 106 8.14 -8.39 25.82
N LEU B 107 8.27 -7.87 24.59
CA LEU B 107 8.90 -6.58 24.40
C LEU B 107 8.06 -5.51 25.11
N VAL B 108 6.75 -5.73 25.12
CA VAL B 108 5.83 -4.79 25.78
C VAL B 108 6.03 -4.96 27.28
N ALA B 109 6.09 -6.23 27.71
CA ALA B 109 6.28 -6.55 29.11
C ALA B 109 7.54 -5.85 29.62
N GLN B 110 8.70 -6.26 29.11
CA GLN B 110 9.94 -5.64 29.55
C GLN B 110 10.00 -4.21 29.01
N GLY B 111 8.81 -3.62 28.87
CA GLY B 111 8.65 -2.25 28.40
C GLY B 111 9.60 -1.68 27.38
N VAL B 112 9.12 -1.56 26.15
CA VAL B 112 9.90 -1.02 25.03
C VAL B 112 8.92 -0.44 24.02
N ARG B 113 9.43 0.27 23.01
CA ARG B 113 8.58 0.81 21.95
C ARG B 113 8.48 -0.27 20.86
N VAL B 114 7.38 -1.02 20.90
CA VAL B 114 7.18 -2.07 19.94
C VAL B 114 5.80 -1.98 19.27
N GLY B 115 5.77 -2.27 17.98
CA GLY B 115 4.52 -2.25 17.24
C GLY B 115 4.43 -3.50 16.40
N GLY B 116 3.39 -3.62 15.60
CA GLY B 116 3.28 -4.80 14.77
C GLY B 116 1.95 -5.00 14.09
N VAL B 117 1.93 -5.94 13.16
CA VAL B 117 0.76 -6.31 12.39
C VAL B 117 0.74 -7.83 12.46
N PHE B 118 -0.40 -8.42 12.79
CA PHE B 118 -0.46 -9.86 12.93
C PHE B 118 -1.46 -10.59 12.06
N HIS B 119 -0.96 -11.59 11.33
CA HIS B 119 -1.80 -12.41 10.46
C HIS B 119 -2.23 -13.66 11.25
N SER B 120 -3.50 -13.71 11.63
CA SER B 120 -4.04 -14.84 12.39
C SER B 120 -4.99 -15.70 11.58
N THR B 121 -6.27 -15.33 11.56
CA THR B 121 -7.31 -16.08 10.82
C THR B 121 -6.73 -16.95 9.71
N CYS B 122 -6.86 -16.49 8.48
CA CYS B 122 -6.34 -17.22 7.32
C CYS B 122 -6.64 -16.47 6.03
N SER A 1 0.51 18.62 -0.98
CA SER A 1 -0.25 17.39 -0.62
C SER A 1 0.55 16.13 -0.98
N THR A 2 0.00 14.97 -0.64
CA THR A 2 0.67 13.71 -0.91
C THR A 2 -0.15 12.72 -1.73
N SER A 3 0.55 11.86 -2.46
CA SER A 3 -0.10 10.85 -3.28
C SER A 3 -0.81 9.88 -2.31
N PRO A 4 -2.11 9.62 -2.55
CA PRO A 4 -2.89 8.72 -1.70
C PRO A 4 -2.69 7.25 -2.04
N GLU A 5 -2.43 6.44 -1.02
CA GLU A 5 -2.23 5.01 -1.21
C GLU A 5 -3.45 4.45 -1.94
N ILE A 6 -3.24 3.48 -2.82
CA ILE A 6 -4.38 2.88 -3.50
C ILE A 6 -5.04 1.92 -2.50
N ALA A 7 -6.30 2.20 -2.19
CA ALA A 7 -7.07 1.42 -1.22
C ALA A 7 -7.37 -0.03 -1.57
N SER A 8 -8.21 -0.25 -2.59
CA SER A 8 -8.56 -1.61 -2.96
C SER A 8 -8.57 -1.85 -4.46
N LEU A 9 -8.26 -3.09 -4.85
CA LEU A 9 -8.23 -3.48 -6.26
C LEU A 9 -8.66 -4.92 -6.51
N SER A 10 -9.46 -5.10 -7.56
CA SER A 10 -9.96 -6.40 -7.99
C SER A 10 -10.61 -6.15 -9.35
N TRP A 11 -10.79 -7.21 -10.13
CA TRP A 11 -11.34 -7.06 -11.47
C TRP A 11 -12.54 -6.13 -11.56
N GLY A 12 -12.26 -4.88 -11.94
CA GLY A 12 -13.32 -3.89 -12.09
C GLY A 12 -13.64 -3.04 -10.87
N GLN A 13 -12.71 -2.93 -9.92
CA GLN A 13 -12.95 -2.14 -8.72
C GLN A 13 -11.66 -1.61 -8.11
N LYS A 15 -10.19 1.57 -5.24
CA LYS A 15 -10.55 2.58 -4.24
C LYS A 15 -9.31 3.36 -3.85
N VAL A 16 -9.51 4.67 -3.70
CA VAL A 16 -8.45 5.58 -3.31
C VAL A 16 -8.83 6.18 -1.97
N LYS A 17 -8.00 5.97 -0.96
CA LYS A 17 -8.29 6.54 0.34
C LYS A 17 -8.40 8.04 0.13
N GLY A 18 -9.53 8.59 0.56
CA GLY A 18 -9.75 10.02 0.40
C GLY A 18 -10.88 10.28 -0.58
N SER A 19 -11.20 9.25 -1.38
CA SER A 19 -12.26 9.35 -2.36
C SER A 19 -13.61 8.87 -1.84
N ASN A 20 -14.66 9.59 -2.20
CA ASN A 20 -16.01 9.22 -1.78
C ASN A 20 -16.63 8.30 -2.83
N THR A 21 -15.82 7.41 -3.40
CA THR A 21 -16.31 6.50 -4.44
C THR A 21 -15.42 5.30 -4.75
N THR A 22 -16.06 4.24 -5.22
CA THR A 22 -15.37 3.03 -5.64
C THR A 22 -15.12 3.27 -7.14
N TYR A 23 -13.89 3.09 -7.58
CA TYR A 23 -13.54 3.31 -8.98
C TYR A 23 -13.51 2.05 -9.82
N LYS A 24 -13.58 2.23 -11.13
CA LYS A 24 -13.48 1.13 -12.08
C LYS A 24 -12.01 1.28 -12.53
N ASP A 25 -11.74 2.33 -13.28
CA ASP A 25 -10.41 2.67 -13.76
C ASP A 25 -10.17 4.06 -13.15
N CYS A 26 -8.93 4.39 -12.79
CA CYS A 26 -8.70 5.70 -12.19
C CYS A 26 -7.35 6.37 -12.40
N LYS A 27 -7.27 7.62 -11.93
CA LYS A 27 -6.07 8.45 -12.00
C LYS A 27 -5.75 8.93 -10.58
N VAL A 28 -4.47 9.05 -10.25
CA VAL A 28 -4.09 9.48 -8.92
C VAL A 28 -2.85 10.40 -8.89
N TRP A 29 -2.96 11.50 -8.17
CA TRP A 29 -1.90 12.51 -8.05
C TRP A 29 -1.83 13.01 -6.60
N PRO A 30 -0.74 13.70 -6.23
CA PRO A 30 -0.61 14.21 -4.85
C PRO A 30 -1.87 14.98 -4.46
N GLY A 31 -2.51 14.55 -3.37
CA GLY A 31 -3.72 15.19 -2.91
C GLY A 31 -4.93 15.06 -3.85
N GLY A 32 -5.08 13.90 -4.48
CA GLY A 32 -6.22 13.73 -5.37
C GLY A 32 -6.21 12.46 -6.21
N SER A 33 -7.38 12.15 -6.76
CA SER A 33 -7.54 10.95 -7.58
C SER A 33 -8.91 11.02 -8.22
N ARG A 34 -9.14 10.18 -9.22
CA ARG A 34 -10.43 10.17 -9.89
C ARG A 34 -10.50 9.07 -10.95
N THR A 35 -11.69 8.53 -11.15
CA THR A 35 -11.91 7.47 -12.11
C THR A 35 -11.40 7.88 -13.49
N TRP A 36 -11.22 6.90 -14.37
CA TRP A 36 -10.73 7.15 -15.72
C TRP A 36 -11.45 6.31 -16.78
N ASP A 37 -11.83 6.97 -17.88
CA ASP A 37 -12.52 6.32 -18.99
C ASP A 37 -11.99 6.89 -20.31
N TRP A 38 -11.76 6.01 -21.28
CA TRP A 38 -11.22 6.39 -22.58
C TRP A 38 -12.20 7.16 -23.48
N ARG A 39 -13.50 7.04 -23.21
CA ARG A 39 -14.52 7.73 -23.99
C ARG A 39 -14.26 9.24 -24.04
N GLU A 40 -13.50 9.74 -23.08
CA GLU A 40 -13.16 11.16 -22.99
C GLU A 40 -11.97 11.54 -23.87
N THR A 41 -11.15 10.57 -24.25
CA THR A 41 -9.99 10.87 -25.09
C THR A 41 -10.01 10.04 -26.37
N GLY A 42 -10.66 8.89 -26.31
CA GLY A 42 -10.75 8.00 -27.46
C GLY A 42 -9.74 6.87 -27.44
N THR A 43 -9.12 6.66 -26.29
CA THR A 43 -8.13 5.60 -26.14
C THR A 43 -8.69 4.19 -26.40
N GLU A 44 -7.83 3.33 -26.93
CA GLU A 44 -8.17 1.94 -27.24
C GLU A 44 -7.02 1.10 -26.67
N HIS A 45 -7.08 -0.22 -26.85
CA HIS A 45 -6.01 -1.09 -26.37
C HIS A 45 -4.82 -1.00 -27.32
N SER A 46 -5.08 -0.47 -28.51
CA SER A 46 -4.05 -0.29 -29.54
C SER A 46 -4.36 1.02 -30.29
N PRO A 47 -3.40 1.95 -30.35
CA PRO A 47 -2.04 1.98 -29.79
C PRO A 47 -2.10 1.89 -28.28
N GLY A 48 -3.20 2.41 -27.72
CA GLY A 48 -3.38 2.39 -26.29
C GLY A 48 -3.31 3.75 -25.62
N VAL A 49 -2.71 3.76 -24.44
CA VAL A 49 -2.58 4.98 -23.66
C VAL A 49 -1.91 6.09 -24.45
N GLN A 50 -2.60 7.22 -24.55
CA GLN A 50 -2.06 8.36 -25.29
C GLN A 50 -1.75 9.49 -24.32
N PRO A 51 -0.93 10.46 -24.75
CA PRO A 51 -0.61 11.57 -23.86
C PRO A 51 -1.88 12.19 -23.33
N ALA A 52 -2.90 12.27 -24.18
CA ALA A 52 -4.18 12.86 -23.81
C ALA A 52 -4.71 12.23 -22.55
N ASP A 53 -4.31 10.99 -22.28
CA ASP A 53 -4.75 10.29 -21.07
C ASP A 53 -3.96 10.77 -19.84
N VAL A 54 -2.67 11.00 -20.04
CA VAL A 54 -1.79 11.40 -18.95
C VAL A 54 -1.57 12.89 -18.67
N LYS A 55 -1.89 13.76 -19.63
CA LYS A 55 -1.68 15.20 -19.45
C LYS A 55 -2.11 15.73 -18.07
N GLU A 56 -3.39 15.58 -17.75
CA GLU A 56 -3.95 16.03 -16.48
C GLU A 56 -3.16 15.55 -15.26
N VAL A 57 -2.48 14.41 -15.38
CA VAL A 57 -1.69 13.89 -14.27
C VAL A 57 -0.37 14.63 -14.26
N VAL A 58 0.21 14.80 -15.44
CA VAL A 58 1.47 15.50 -15.59
C VAL A 58 1.39 16.92 -15.00
N GLU A 59 0.35 17.65 -15.36
CA GLU A 59 0.20 19.02 -14.88
C GLU A 59 -0.24 19.17 -13.42
N LYS A 60 0.01 18.14 -12.62
CA LYS A 60 -0.33 18.20 -11.21
C LYS A 60 0.97 18.24 -10.38
N GLY A 61 2.04 17.66 -10.92
CA GLY A 61 3.31 17.65 -10.23
C GLY A 61 3.80 16.32 -9.69
N VAL A 62 4.31 15.45 -10.55
CA VAL A 62 4.80 14.15 -10.08
C VAL A 62 6.23 13.90 -10.54
N GLN A 63 6.93 13.03 -9.83
CA GLN A 63 8.32 12.71 -10.16
C GLN A 63 8.32 11.52 -11.10
N THR A 64 7.38 10.62 -10.87
CA THR A 64 7.21 9.43 -11.68
C THR A 64 5.73 9.16 -11.84
N LEU A 65 5.38 8.47 -12.91
CA LEU A 65 4.00 8.15 -13.16
C LEU A 65 3.88 6.64 -13.38
N VAL A 66 2.87 6.04 -12.77
CA VAL A 66 2.68 4.61 -12.89
C VAL A 66 1.46 4.31 -13.74
N ILE A 67 1.66 3.45 -14.73
CA ILE A 67 0.57 3.07 -15.63
C ILE A 67 0.16 1.61 -15.43
N GLY A 68 -1.10 1.41 -15.05
CA GLY A 68 -1.63 0.07 -14.86
C GLY A 68 -2.31 -0.32 -16.16
N ARG A 69 -1.64 -1.16 -16.94
CA ARG A 69 -2.14 -1.58 -18.25
C ARG A 69 -3.13 -2.74 -18.26
N GLY A 70 -3.80 -2.98 -17.15
CA GLY A 70 -4.75 -4.07 -17.12
C GLY A 70 -4.20 -5.32 -16.46
N SER A 72 -4.02 -8.31 -17.76
CA SER A 72 -3.44 -9.26 -18.71
C SER A 72 -2.62 -8.51 -19.74
N GLU A 73 -2.68 -7.19 -19.68
CA GLU A 73 -1.92 -6.35 -20.60
C GLU A 73 -2.46 -6.37 -22.04
N ALA A 74 -3.77 -6.27 -22.18
CA ALA A 74 -4.41 -6.25 -23.50
C ALA A 74 -4.30 -4.84 -24.06
N LEU A 75 -4.17 -3.87 -23.17
CA LEU A 75 -4.03 -2.48 -23.55
C LEU A 75 -2.57 -2.14 -23.75
N LYS A 76 -2.21 -1.74 -24.96
CA LYS A 76 -0.84 -1.37 -25.27
C LYS A 76 -0.56 0.04 -24.77
N VAL A 77 0.66 0.50 -25.00
CA VAL A 77 1.11 1.82 -24.59
C VAL A 77 2.19 2.22 -25.58
N PRO A 78 1.91 3.22 -26.44
CA PRO A 78 2.88 3.67 -27.43
C PRO A 78 4.13 4.17 -26.73
N SER A 79 5.29 3.77 -27.22
CA SER A 79 6.54 4.19 -26.62
C SER A 79 6.72 5.70 -26.72
N SER A 80 5.95 6.36 -27.57
CA SER A 80 6.06 7.81 -27.72
C SER A 80 5.23 8.52 -26.66
N THR A 81 4.50 7.72 -25.89
CA THR A 81 3.68 8.25 -24.80
C THR A 81 4.55 8.27 -23.55
N VAL A 82 5.34 7.22 -23.37
CA VAL A 82 6.23 7.10 -22.24
C VAL A 82 7.36 8.12 -22.39
N GLU A 83 8.07 8.02 -23.51
CA GLU A 83 9.16 8.93 -23.81
C GLU A 83 8.69 10.37 -23.57
N TYR A 84 7.42 10.62 -23.92
CA TYR A 84 6.82 11.92 -23.76
C TYR A 84 6.90 12.29 -22.28
N LEU A 85 6.59 11.33 -21.42
CA LEU A 85 6.65 11.56 -19.99
C LEU A 85 8.11 11.76 -19.61
N LYS A 86 9.01 11.31 -20.47
CA LYS A 86 10.44 11.47 -20.23
C LYS A 86 10.85 12.91 -20.47
N LYS A 87 10.32 13.52 -21.54
CA LYS A 87 10.64 14.91 -21.86
C LYS A 87 10.15 15.87 -20.78
N HIS A 88 9.39 15.35 -19.82
CA HIS A 88 8.89 16.17 -18.74
C HIS A 88 9.51 15.81 -17.40
N GLY A 89 10.61 15.08 -17.47
CA GLY A 89 11.33 14.72 -16.26
C GLY A 89 10.78 13.58 -15.43
N ILE A 90 9.84 12.83 -15.98
CA ILE A 90 9.22 11.72 -15.28
C ILE A 90 9.74 10.34 -15.69
N ASP A 91 10.10 9.53 -14.71
CA ASP A 91 10.55 8.16 -14.99
C ASP A 91 9.24 7.35 -15.06
N VAL A 92 9.08 6.53 -16.10
CA VAL A 92 7.83 5.79 -16.24
C VAL A 92 7.95 4.28 -16.14
N ARG A 93 7.08 3.71 -15.31
CA ARG A 93 7.05 2.27 -15.10
C ARG A 93 5.68 1.75 -15.53
N VAL A 94 5.65 0.97 -16.61
CA VAL A 94 4.39 0.40 -17.09
C VAL A 94 4.37 -1.09 -16.75
N LEU A 95 3.24 -1.58 -16.27
CA LEU A 95 3.11 -2.99 -15.90
C LEU A 95 1.64 -3.40 -15.81
N GLN A 96 1.43 -4.68 -15.53
CA GLN A 96 0.10 -5.23 -15.33
C GLN A 96 -0.31 -4.49 -14.07
N THR A 97 -1.56 -4.07 -13.99
CA THR A 97 -2.04 -3.30 -12.86
C THR A 97 -1.69 -3.79 -11.45
N GLU A 98 -1.73 -5.09 -11.22
CA GLU A 98 -1.40 -5.63 -9.89
C GLU A 98 0.00 -5.15 -9.45
N GLN A 99 0.95 -5.21 -10.38
CA GLN A 99 2.30 -4.78 -10.10
C GLN A 99 2.32 -3.25 -9.97
N ALA A 100 1.51 -2.59 -10.80
CA ALA A 100 1.40 -1.14 -10.81
C ALA A 100 0.97 -0.59 -9.46
N VAL A 101 -0.18 -1.05 -8.97
CA VAL A 101 -0.69 -0.60 -7.68
C VAL A 101 0.34 -0.91 -6.57
N LYS A 102 1.01 -2.05 -6.68
CA LYS A 102 2.01 -2.44 -5.70
C LYS A 102 3.32 -1.66 -5.84
N GLU A 103 3.63 -1.19 -7.05
CA GLU A 103 4.86 -0.41 -7.24
C GLU A 103 4.53 1.05 -6.95
N TYR A 104 3.28 1.42 -7.21
CA TYR A 104 2.81 2.77 -6.96
C TYR A 104 2.89 3.08 -5.46
N ASN A 105 2.34 2.18 -4.64
CA ASN A 105 2.36 2.38 -3.19
C ASN A 105 3.75 2.27 -2.61
N ALA A 106 4.67 1.66 -3.36
CA ALA A 106 6.06 1.56 -2.91
C ALA A 106 6.64 2.96 -2.96
N LEU A 107 6.27 3.71 -4.00
CA LEU A 107 6.74 5.08 -4.17
C LEU A 107 6.00 5.94 -3.16
N VAL A 108 4.71 5.66 -2.98
CA VAL A 108 3.90 6.39 -2.03
C VAL A 108 4.41 6.21 -0.59
N ALA A 109 4.69 4.96 -0.21
CA ALA A 109 5.18 4.64 1.14
C ALA A 109 6.42 5.45 1.50
N GLN A 110 7.26 5.74 0.50
CA GLN A 110 8.46 6.52 0.75
C GLN A 110 8.25 8.01 0.47
N GLY A 111 6.99 8.44 0.57
CA GLY A 111 6.65 9.84 0.37
C GLY A 111 6.99 10.52 -0.93
N VAL A 112 7.08 9.78 -2.03
CA VAL A 112 7.39 10.37 -3.33
C VAL A 112 6.12 10.98 -3.93
N ARG A 113 6.28 12.04 -4.74
CA ARG A 113 5.13 12.63 -5.42
C ARG A 113 4.93 11.77 -6.66
N VAL A 114 4.07 10.77 -6.52
CA VAL A 114 3.83 9.85 -7.61
C VAL A 114 2.42 10.04 -8.19
N GLY A 115 2.26 9.69 -9.46
CA GLY A 115 0.96 9.80 -10.10
C GLY A 115 0.68 8.54 -10.91
N GLY A 116 -0.53 8.40 -11.43
CA GLY A 116 -0.81 7.21 -12.21
C GLY A 116 -2.20 7.08 -12.80
N VAL A 117 -2.34 6.12 -13.71
CA VAL A 117 -3.60 5.83 -14.35
C VAL A 117 -3.69 4.31 -14.31
N PHE A 118 -4.85 3.78 -13.96
CA PHE A 118 -4.97 2.34 -13.85
C PHE A 118 -6.18 1.72 -14.52
N HIS A 119 -5.94 0.55 -15.11
CA HIS A 119 -6.94 -0.25 -15.80
C HIS A 119 -7.20 -1.46 -14.89
N SER A 120 -8.37 -1.49 -14.26
CA SER A 120 -8.73 -2.55 -13.33
C SER A 120 -9.18 -3.86 -13.96
N THR A 121 -9.33 -3.87 -15.29
CA THR A 121 -9.73 -5.07 -16.01
C THR A 121 -8.75 -5.27 -17.17
N CYS A 122 -9.23 -5.80 -18.28
CA CYS A 122 -8.36 -6.01 -19.43
C CYS A 122 -9.04 -5.66 -20.76
N SER B 1 3.27 7.82 24.46
CA SER B 1 2.36 6.72 24.89
C SER B 1 3.11 5.39 25.01
N THR B 2 2.43 4.36 25.52
CA THR B 2 3.03 3.05 25.72
C THR B 2 2.34 2.00 24.85
N SER B 3 3.02 0.87 24.62
CA SER B 3 2.46 -0.21 23.81
C SER B 3 1.44 -1.03 24.58
N PRO B 4 0.39 -1.50 23.88
CA PRO B 4 -0.65 -2.29 24.53
C PRO B 4 -0.39 -3.79 24.41
N GLU B 5 -0.77 -4.54 25.44
CA GLU B 5 -0.59 -5.99 25.47
C GLU B 5 -1.63 -6.66 24.56
N ILE B 6 -1.20 -7.68 23.83
CA ILE B 6 -2.12 -8.41 22.98
C ILE B 6 -2.94 -9.32 23.90
N ALA B 7 -4.08 -8.80 24.35
CA ALA B 7 -4.95 -9.53 25.25
C ALA B 7 -5.12 -11.00 24.87
N SER B 8 -5.27 -11.30 23.59
CA SER B 8 -5.47 -12.70 23.20
C SER B 8 -5.36 -13.01 21.71
N LEU B 9 -4.88 -14.22 21.42
CA LEU B 9 -4.74 -14.68 20.03
C LEU B 9 -5.49 -15.98 19.81
N SER B 10 -5.97 -16.14 18.58
CA SER B 10 -6.70 -17.33 18.17
C SER B 10 -7.06 -17.17 16.70
N TRP B 11 -7.37 -18.28 16.04
CA TRP B 11 -7.71 -18.23 14.63
C TRP B 11 -8.85 -17.24 14.41
N GLY B 12 -8.51 -16.07 13.88
CA GLY B 12 -9.50 -15.04 13.63
C GLY B 12 -9.75 -14.13 14.83
N GLN B 13 -9.58 -14.67 16.04
CA GLN B 13 -9.80 -13.93 17.27
C GLN B 13 -8.52 -13.30 17.82
N LYS B 15 -7.37 -9.94 20.58
CA LYS B 15 -7.74 -8.83 21.45
C LYS B 15 -6.53 -8.06 21.99
N VAL B 16 -6.69 -6.74 22.11
CA VAL B 16 -5.63 -5.87 22.60
C VAL B 16 -6.02 -5.15 23.90
N LYS B 17 -5.31 -5.46 24.98
CA LYS B 17 -5.60 -4.83 26.28
C LYS B 17 -5.73 -3.33 26.05
N GLY B 18 -6.85 -2.76 26.49
CA GLY B 18 -7.08 -1.34 26.33
C GLY B 18 -7.89 -1.01 25.10
N SER B 19 -8.29 -2.03 24.34
CA SER B 19 -9.08 -1.82 23.12
C SER B 19 -10.51 -2.34 23.27
N ASN B 20 -11.40 -1.80 22.44
CA ASN B 20 -12.80 -2.20 22.47
C ASN B 20 -13.20 -2.84 21.15
N THR B 21 -12.28 -3.60 20.57
CA THR B 21 -12.54 -4.29 19.30
C THR B 21 -11.79 -5.61 19.14
N THR B 22 -12.53 -6.63 18.72
CA THR B 22 -11.97 -7.96 18.50
C THR B 22 -11.64 -8.08 17.01
N TYR B 23 -10.40 -7.79 16.67
CA TYR B 23 -9.93 -7.84 15.29
C TYR B 23 -9.80 -9.27 14.78
N LYS B 24 -9.01 -9.42 13.73
CA LYS B 24 -8.71 -10.71 13.11
C LYS B 24 -7.25 -10.60 12.71
N ASP B 25 -6.94 -9.46 12.08
CA ASP B 25 -5.60 -9.11 11.63
C ASP B 25 -5.45 -7.66 12.12
N CYS B 26 -4.43 -7.38 12.92
CA CYS B 26 -4.29 -6.01 13.42
C CYS B 26 -2.90 -5.40 13.32
N LYS B 27 -2.88 -4.10 13.58
CA LYS B 27 -1.66 -3.31 13.58
C LYS B 27 -1.63 -2.69 14.95
N VAL B 28 -0.64 -3.04 15.76
CA VAL B 28 -0.53 -2.48 17.10
C VAL B 28 0.66 -1.53 17.19
N TRP B 29 0.61 -0.59 18.13
CA TRP B 29 1.67 0.39 18.28
C TRP B 29 1.58 1.10 19.62
N PRO B 30 2.60 1.91 19.95
CA PRO B 30 2.58 2.62 21.22
C PRO B 30 1.37 3.56 21.27
N GLY B 31 0.56 3.42 22.31
CA GLY B 31 -0.62 4.26 22.45
C GLY B 31 -1.89 3.61 21.94
N GLY B 32 -1.78 2.76 20.92
CA GLY B 32 -2.97 2.10 20.39
C GLY B 32 -2.72 0.96 19.42
N SER B 33 -3.76 0.65 18.63
CA SER B 33 -3.71 -0.42 17.64
C SER B 33 -4.98 -0.30 16.78
N ARG B 34 -4.99 -0.95 15.61
CA ARG B 34 -6.15 -0.87 14.74
C ARG B 34 -6.54 -2.19 14.07
N THR B 35 -7.24 -2.07 12.95
CA THR B 35 -7.70 -3.22 12.16
C THR B 35 -6.61 -3.67 11.20
N TRP B 36 -6.99 -3.75 9.93
CA TRP B 36 -6.10 -4.17 8.85
C TRP B 36 -6.95 -4.73 7.71
N ASP B 37 -6.27 -5.16 6.65
CA ASP B 37 -6.91 -5.74 5.47
C ASP B 37 -5.90 -6.55 4.67
N GLY B 48 2.02 -9.62 -0.75
CA GLY B 48 2.07 -9.87 0.68
C GLY B 48 1.98 -8.61 1.52
N VAL B 49 2.52 -8.66 2.74
CA VAL B 49 2.51 -7.52 3.65
C VAL B 49 3.32 -6.37 3.05
N GLN B 50 2.66 -5.25 2.81
CA GLN B 50 3.31 -4.10 2.19
C GLN B 50 3.67 -2.96 3.15
N PRO B 51 4.58 -2.08 2.72
CA PRO B 51 4.97 -0.97 3.58
C PRO B 51 3.70 -0.19 3.98
N ALA B 52 2.74 -0.14 3.07
CA ALA B 52 1.49 0.54 3.35
C ALA B 52 0.92 -0.01 4.65
N ASP B 53 0.86 -1.34 4.74
CA ASP B 53 0.34 -2.05 5.91
C ASP B 53 1.04 -1.68 7.19
N VAL B 54 2.34 -1.43 7.11
CA VAL B 54 3.12 -1.09 8.29
C VAL B 54 3.36 0.40 8.51
N LYS B 55 2.70 1.25 7.73
CA LYS B 55 2.89 2.68 7.88
C LYS B 55 2.42 3.22 9.22
N GLU B 56 1.19 2.91 9.59
CA GLU B 56 0.64 3.37 10.85
C GLU B 56 1.73 3.24 11.92
N VAL B 57 2.02 2.01 12.30
CA VAL B 57 3.04 1.71 13.29
C VAL B 57 4.29 2.57 13.08
N VAL B 58 4.82 2.54 11.87
CA VAL B 58 6.02 3.31 11.56
C VAL B 58 5.89 4.79 11.92
N GLU B 59 4.72 5.37 11.64
CA GLU B 59 4.50 6.78 11.94
C GLU B 59 4.46 6.96 13.46
N LYS B 60 3.79 6.04 14.14
CA LYS B 60 3.66 6.11 15.59
C LYS B 60 5.01 6.19 16.31
N GLY B 61 6.04 5.63 15.69
CA GLY B 61 7.38 5.64 16.29
C GLY B 61 7.70 4.41 17.11
N VAL B 62 8.49 3.50 16.53
CA VAL B 62 8.89 2.27 17.22
C VAL B 62 10.33 1.94 16.84
N GLN B 63 11.05 1.29 17.76
CA GLN B 63 12.42 0.90 17.48
C GLN B 63 12.41 -0.58 17.21
N THR B 64 11.21 -1.15 17.19
CA THR B 64 11.02 -2.58 16.97
C THR B 64 9.63 -2.86 16.43
N LEU B 65 9.55 -3.71 15.41
CA LEU B 65 8.26 -4.04 14.85
C LEU B 65 8.17 -5.53 14.57
N VAL B 66 7.12 -6.15 15.10
CA VAL B 66 6.91 -7.58 14.91
C VAL B 66 5.84 -7.87 13.86
N ILE B 67 6.18 -8.76 12.93
CA ILE B 67 5.26 -9.16 11.87
C ILE B 67 4.81 -10.60 12.04
N GLY B 68 3.55 -10.80 12.40
CA GLY B 68 3.01 -12.13 12.55
C GLY B 68 2.40 -12.47 11.19
N ARG B 69 3.16 -13.20 10.38
CA ARG B 69 2.70 -13.54 9.05
C ARG B 69 1.85 -14.80 8.93
N GLY B 70 1.19 -15.19 10.02
CA GLY B 70 0.34 -16.36 9.95
C GLY B 70 0.66 -17.51 10.88
N SER B 72 1.18 -20.29 9.90
CA SER B 72 2.02 -21.18 9.09
C SER B 72 2.98 -20.37 8.22
N GLU B 73 3.27 -19.14 8.63
CA GLU B 73 4.16 -18.24 7.90
C GLU B 73 3.87 -18.27 6.40
N ALA B 74 2.60 -18.18 6.05
CA ALA B 74 2.20 -18.22 4.65
C ALA B 74 2.42 -16.90 3.91
N LEU B 75 1.80 -15.83 4.40
CA LEU B 75 1.93 -14.51 3.78
C LEU B 75 3.34 -14.21 3.29
N LYS B 76 3.45 -13.81 2.03
CA LYS B 76 4.74 -13.48 1.46
C LYS B 76 5.19 -12.10 1.89
N VAL B 77 5.95 -12.06 2.97
CA VAL B 77 6.48 -10.81 3.49
C VAL B 77 7.64 -10.43 2.58
N PRO B 78 7.41 -9.50 1.64
CA PRO B 78 8.48 -9.10 0.73
C PRO B 78 9.65 -8.47 1.47
N SER B 79 10.86 -8.88 1.10
CA SER B 79 12.05 -8.32 1.72
C SER B 79 12.02 -6.81 1.55
N SER B 80 11.45 -6.36 0.42
CA SER B 80 11.35 -4.94 0.14
C SER B 80 10.70 -4.25 1.33
N THR B 81 9.66 -4.88 1.86
CA THR B 81 8.94 -4.35 3.02
C THR B 81 9.86 -4.28 4.23
N VAL B 82 10.58 -5.37 4.48
CA VAL B 82 11.49 -5.43 5.61
C VAL B 82 12.59 -4.38 5.48
N GLU B 83 13.12 -4.23 4.28
CA GLU B 83 14.18 -3.27 4.04
C GLU B 83 13.66 -1.86 4.26
N TYR B 84 12.38 -1.65 3.91
CA TYR B 84 11.73 -0.37 4.10
C TYR B 84 11.81 -0.05 5.59
N LEU B 85 11.53 -1.04 6.41
CA LEU B 85 11.59 -0.86 7.85
C LEU B 85 13.03 -0.63 8.33
N LYS B 86 13.95 -1.46 7.86
CA LYS B 86 15.35 -1.34 8.24
C LYS B 86 15.93 0.01 7.85
N LYS B 87 15.70 0.41 6.59
CA LYS B 87 16.20 1.68 6.12
C LYS B 87 15.62 2.79 6.99
N HIS B 88 14.43 2.56 7.55
CA HIS B 88 13.83 3.55 8.42
C HIS B 88 14.24 3.26 9.85
N GLY B 89 15.38 2.56 9.96
CA GLY B 89 15.98 2.20 11.24
C GLY B 89 15.22 1.29 12.18
N ILE B 90 14.28 0.52 11.64
CA ILE B 90 13.49 -0.36 12.47
C ILE B 90 14.02 -1.78 12.67
N ASP B 91 14.07 -2.20 13.93
CA ASP B 91 14.51 -3.55 14.25
C ASP B 91 13.33 -4.44 13.90
N VAL B 92 13.46 -5.18 12.80
CA VAL B 92 12.41 -6.05 12.31
C VAL B 92 12.48 -7.48 12.84
N ARG B 93 11.33 -8.13 12.84
CA ARG B 93 11.18 -9.51 13.28
C ARG B 93 9.94 -10.07 12.57
N VAL B 94 10.14 -11.06 11.72
CA VAL B 94 9.05 -11.71 10.99
C VAL B 94 8.87 -13.08 11.65
N LEU B 95 7.65 -13.60 11.71
CA LEU B 95 7.45 -14.89 12.36
C LEU B 95 6.01 -15.37 12.44
N GLN B 96 5.86 -16.68 12.61
CA GLN B 96 4.54 -17.30 12.77
C GLN B 96 3.82 -16.50 13.87
N THR B 97 2.55 -16.20 13.65
CA THR B 97 1.78 -15.37 14.57
C THR B 97 1.69 -15.75 16.05
N GLU B 98 2.14 -16.95 16.43
CA GLU B 98 2.09 -17.30 17.85
C GLU B 98 3.41 -16.81 18.42
N GLN B 99 4.45 -16.87 17.59
CA GLN B 99 5.77 -16.40 17.94
C GLN B 99 5.57 -14.89 18.04
N ALA B 100 4.81 -14.38 17.08
CA ALA B 100 4.49 -12.97 16.97
C ALA B 100 3.96 -12.38 18.27
N VAL B 101 2.94 -13.00 18.84
CA VAL B 101 2.34 -12.52 20.08
C VAL B 101 3.31 -12.61 21.28
N LYS B 102 4.01 -13.72 21.42
CA LYS B 102 4.96 -13.86 22.51
C LYS B 102 6.04 -12.78 22.43
N GLU B 103 6.76 -12.77 21.32
CA GLU B 103 7.82 -11.79 21.09
C GLU B 103 7.32 -10.37 21.42
N TYR B 104 6.19 -9.99 20.81
CA TYR B 104 5.60 -8.67 21.04
C TYR B 104 5.31 -8.41 22.53
N ASN B 105 4.29 -9.07 23.07
CA ASN B 105 3.94 -8.88 24.47
C ASN B 105 5.18 -8.82 25.38
N ALA B 106 6.13 -9.71 25.15
CA ALA B 106 7.35 -9.74 25.96
C ALA B 106 8.06 -8.39 25.81
N LEU B 107 8.10 -7.90 24.57
CA LEU B 107 8.72 -6.61 24.29
C LEU B 107 7.89 -5.48 24.91
N VAL B 108 6.61 -5.75 25.14
CA VAL B 108 5.73 -4.75 25.74
C VAL B 108 6.20 -4.50 27.15
N ALA B 109 6.04 -5.50 28.01
CA ALA B 109 6.44 -5.43 29.40
C ALA B 109 7.96 -5.35 29.50
N GLN B 110 8.62 -5.03 28.40
CA GLN B 110 10.06 -4.92 28.39
C GLN B 110 10.51 -3.56 27.90
N GLY B 111 9.75 -2.53 28.30
CA GLY B 111 10.06 -1.14 27.97
C GLY B 111 10.08 -0.67 26.52
N VAL B 112 10.45 -1.55 25.60
CA VAL B 112 10.53 -1.18 24.20
C VAL B 112 9.24 -0.57 23.66
N ARG B 113 9.38 0.38 22.74
CA ARG B 113 8.24 0.98 22.09
C ARG B 113 8.05 0.04 20.91
N VAL B 114 7.32 -1.05 21.13
CA VAL B 114 7.12 -2.04 20.09
C VAL B 114 5.80 -1.86 19.33
N GLY B 115 5.78 -2.35 18.10
CA GLY B 115 4.60 -2.28 17.28
C GLY B 115 4.51 -3.56 16.46
N GLY B 116 3.52 -3.67 15.59
CA GLY B 116 3.41 -4.86 14.79
C GLY B 116 2.08 -5.03 14.09
N VAL B 117 2.05 -6.00 13.17
CA VAL B 117 0.87 -6.34 12.40
C VAL B 117 0.78 -7.86 12.45
N PHE B 118 -0.41 -8.39 12.70
CA PHE B 118 -0.56 -9.83 12.82
C PHE B 118 -1.58 -10.49 11.90
N HIS B 119 -1.18 -11.62 11.34
CA HIS B 119 -2.04 -12.39 10.44
C HIS B 119 -2.51 -13.62 11.24
N SER B 120 -3.82 -13.76 11.41
CA SER B 120 -4.36 -14.88 12.20
C SER B 120 -4.93 -16.06 11.41
N THR B 121 -4.18 -16.52 10.42
CA THR B 121 -4.54 -17.68 9.61
C THR B 121 -3.17 -18.23 9.30
N CYS B 122 -3.07 -19.31 8.54
CA CYS B 122 -1.76 -19.88 8.22
C CYS B 122 -0.78 -18.84 7.64
N SER A 1 0.04 18.99 -2.19
CA SER A 1 -0.47 17.95 -1.26
C SER A 1 0.28 16.64 -1.43
N THR A 2 -0.37 15.53 -1.13
CA THR A 2 0.28 14.23 -1.22
C THR A 2 -0.51 13.17 -1.98
N SER A 3 0.22 12.25 -2.61
CA SER A 3 -0.39 11.16 -3.35
C SER A 3 -1.15 10.26 -2.35
N PRO A 4 -2.43 10.00 -2.60
CA PRO A 4 -3.22 9.15 -1.71
C PRO A 4 -2.85 7.68 -1.84
N GLU A 5 -3.33 6.89 -0.89
CA GLU A 5 -3.06 5.46 -0.90
C GLU A 5 -4.11 4.78 -1.76
N ILE A 6 -3.72 3.75 -2.51
CA ILE A 6 -4.70 3.02 -3.30
C ILE A 6 -5.26 1.96 -2.36
N ALA A 7 -6.40 2.29 -1.77
CA ALA A 7 -7.09 1.45 -0.79
C ALA A 7 -7.40 0.00 -1.19
N SER A 8 -8.09 -0.19 -2.30
CA SER A 8 -8.42 -1.56 -2.73
C SER A 8 -8.46 -1.75 -4.23
N LEU A 9 -8.08 -2.96 -4.66
CA LEU A 9 -8.07 -3.30 -6.07
C LEU A 9 -8.57 -4.72 -6.34
N SER A 10 -9.76 -4.81 -6.94
CA SER A 10 -10.35 -6.10 -7.30
C SER A 10 -10.78 -5.92 -8.74
N TRP A 11 -11.16 -7.00 -9.41
CA TRP A 11 -11.54 -6.89 -10.82
C TRP A 11 -12.53 -5.78 -11.15
N GLY A 12 -12.17 -4.97 -12.13
CA GLY A 12 -13.03 -3.88 -12.55
C GLY A 12 -13.37 -2.86 -11.47
N GLN A 13 -12.73 -2.97 -10.31
CA GLN A 13 -13.00 -2.05 -9.21
C GLN A 13 -11.73 -1.61 -8.49
N LYS A 15 -10.20 1.46 -5.29
CA LYS A 15 -10.48 2.44 -4.25
C LYS A 15 -9.20 3.14 -3.83
N VAL A 16 -9.32 4.44 -3.60
CA VAL A 16 -8.21 5.27 -3.19
C VAL A 16 -8.47 5.75 -1.77
N LYS A 17 -7.47 5.64 -0.90
CA LYS A 17 -7.60 6.09 0.47
C LYS A 17 -7.94 7.57 0.38
N GLY A 18 -8.70 8.07 1.35
CA GLY A 18 -9.08 9.46 1.32
C GLY A 18 -10.17 9.69 0.29
N SER A 19 -10.26 8.81 -0.69
CA SER A 19 -11.29 8.92 -1.71
C SER A 19 -12.51 8.14 -1.25
N ASN A 20 -13.67 8.76 -1.38
CA ASN A 20 -14.92 8.15 -0.95
C ASN A 20 -15.64 7.53 -2.14
N THR A 21 -14.91 7.31 -3.24
CA THR A 21 -15.51 6.75 -4.44
C THR A 21 -14.94 5.42 -4.92
N THR A 22 -15.81 4.48 -5.24
CA THR A 22 -15.37 3.19 -5.75
C THR A 22 -15.24 3.33 -7.27
N TYR A 23 -14.01 3.41 -7.75
CA TYR A 23 -13.73 3.56 -9.18
C TYR A 23 -13.72 2.24 -9.92
N LYS A 24 -13.67 2.34 -11.24
CA LYS A 24 -13.58 1.17 -12.11
C LYS A 24 -12.13 1.28 -12.60
N ASP A 25 -11.85 2.40 -13.28
CA ASP A 25 -10.51 2.76 -13.77
C ASP A 25 -10.27 4.14 -13.17
N CYS A 26 -9.04 4.43 -12.75
CA CYS A 26 -8.79 5.74 -12.16
C CYS A 26 -7.44 6.42 -12.41
N LYS A 27 -7.38 7.68 -12.01
CA LYS A 27 -6.19 8.52 -12.13
C LYS A 27 -5.85 8.97 -10.70
N VAL A 28 -4.56 9.02 -10.37
CA VAL A 28 -4.16 9.42 -9.03
C VAL A 28 -2.90 10.28 -9.01
N TRP A 29 -2.96 11.39 -8.25
CA TRP A 29 -1.84 12.33 -8.14
C TRP A 29 -1.79 12.94 -6.74
N PRO A 30 -0.70 13.64 -6.40
CA PRO A 30 -0.60 14.25 -5.07
C PRO A 30 -1.83 15.08 -4.76
N GLY A 31 -2.53 14.72 -3.67
CA GLY A 31 -3.72 15.44 -3.28
C GLY A 31 -5.03 15.04 -3.95
N GLY A 32 -5.00 14.04 -4.83
CA GLY A 32 -6.24 13.66 -5.48
C GLY A 32 -6.23 12.44 -6.39
N SER A 33 -7.40 12.19 -6.96
CA SER A 33 -7.61 11.09 -7.87
C SER A 33 -8.73 11.50 -8.80
N ARG A 34 -9.24 10.57 -9.60
CA ARG A 34 -10.33 10.89 -10.51
C ARG A 34 -10.68 9.69 -11.37
N THR A 35 -11.93 9.66 -11.82
CA THR A 35 -12.40 8.57 -12.66
C THR A 35 -11.69 8.63 -14.00
N TRP A 36 -11.25 7.47 -14.48
CA TRP A 36 -10.60 7.41 -15.78
C TRP A 36 -11.57 6.74 -16.75
N ASP A 37 -12.31 7.56 -17.49
CA ASP A 37 -13.27 7.08 -18.47
C ASP A 37 -12.66 7.28 -19.84
N TRP A 38 -12.43 6.19 -20.57
CA TRP A 38 -11.82 6.27 -21.89
C TRP A 38 -12.73 7.00 -22.88
N ARG A 39 -13.98 7.21 -22.51
CA ARG A 39 -14.93 7.91 -23.37
C ARG A 39 -14.72 9.43 -23.32
N GLU A 40 -13.95 9.90 -22.34
CA GLU A 40 -13.67 11.33 -22.19
C GLU A 40 -12.48 11.66 -23.10
N THR A 41 -11.74 10.64 -23.51
CA THR A 41 -10.59 10.84 -24.38
C THR A 41 -10.75 10.03 -25.66
N GLY A 42 -11.62 9.03 -25.63
CA GLY A 42 -11.82 8.19 -26.79
C GLY A 42 -10.90 6.99 -26.75
N THR A 43 -9.74 7.17 -26.14
CA THR A 43 -8.74 6.10 -26.01
C THR A 43 -9.33 4.69 -25.98
N GLU A 44 -8.64 3.78 -26.67
CA GLU A 44 -9.05 2.38 -26.73
C GLU A 44 -7.83 1.50 -26.50
N HIS A 45 -7.98 0.20 -26.69
CA HIS A 45 -6.89 -0.75 -26.50
C HIS A 45 -5.71 -0.38 -27.40
N SER A 46 -6.04 0.35 -28.47
CA SER A 46 -5.06 0.83 -29.44
C SER A 46 -5.66 2.12 -30.00
N PRO A 47 -4.84 3.16 -30.18
CA PRO A 47 -3.40 3.23 -29.91
C PRO A 47 -3.08 2.92 -28.46
N GLY A 48 -4.10 2.98 -27.62
CA GLY A 48 -3.91 2.73 -26.21
C GLY A 48 -3.74 4.04 -25.45
N VAL A 49 -3.16 3.94 -24.27
CA VAL A 49 -2.94 5.10 -23.42
C VAL A 49 -2.45 6.31 -24.21
N GLN A 50 -3.27 7.35 -24.26
CA GLN A 50 -2.92 8.55 -25.00
C GLN A 50 -2.37 9.63 -24.08
N PRO A 51 -1.48 10.49 -24.60
CA PRO A 51 -0.92 11.57 -23.78
C PRO A 51 -2.06 12.32 -23.11
N ALA A 52 -3.19 12.38 -23.80
CA ALA A 52 -4.36 13.07 -23.28
C ALA A 52 -4.85 12.38 -22.01
N ASP A 53 -4.55 11.08 -21.88
CA ASP A 53 -4.94 10.33 -20.68
C ASP A 53 -4.05 10.74 -19.51
N VAL A 54 -2.77 10.97 -19.80
CA VAL A 54 -1.81 11.33 -18.77
C VAL A 54 -1.64 12.83 -18.51
N LYS A 55 -2.05 13.64 -19.48
CA LYS A 55 -1.95 15.10 -19.37
C LYS A 55 -2.35 15.65 -17.99
N GLU A 56 -3.61 15.44 -17.63
CA GLU A 56 -4.16 15.90 -16.36
C GLU A 56 -3.35 15.44 -15.14
N VAL A 57 -2.56 14.39 -15.31
CA VAL A 57 -1.74 13.89 -14.21
C VAL A 57 -0.42 14.65 -14.20
N VAL A 58 0.18 14.78 -15.37
CA VAL A 58 1.44 15.50 -15.51
C VAL A 58 1.32 16.93 -14.97
N GLU A 59 0.27 17.64 -15.39
CA GLU A 59 0.07 19.01 -14.96
C GLU A 59 -0.13 19.22 -13.46
N LYS A 60 -0.46 18.15 -12.75
CA LYS A 60 -0.65 18.27 -11.30
C LYS A 60 0.68 18.37 -10.55
N GLY A 61 1.74 17.83 -11.13
CA GLY A 61 3.05 17.89 -10.51
C GLY A 61 3.57 16.59 -9.91
N VAL A 62 4.02 15.67 -10.76
CA VAL A 62 4.53 14.39 -10.25
C VAL A 62 5.96 14.12 -10.70
N GLN A 63 6.68 13.36 -9.90
CA GLN A 63 8.06 13.02 -10.23
C GLN A 63 8.07 11.58 -10.75
N THR A 64 6.98 10.88 -10.49
CA THR A 64 6.85 9.50 -10.93
C THR A 64 5.42 9.22 -11.35
N LEU A 65 5.27 8.53 -12.47
CA LEU A 65 3.97 8.18 -12.97
C LEU A 65 3.89 6.69 -13.25
N VAL A 66 2.91 6.03 -12.64
CA VAL A 66 2.76 4.60 -12.81
C VAL A 66 1.55 4.32 -13.69
N ILE A 67 1.76 3.46 -14.67
CA ILE A 67 0.69 3.10 -15.58
C ILE A 67 0.23 1.66 -15.41
N GLY A 68 -1.00 1.50 -14.91
CA GLY A 68 -1.57 0.17 -14.73
C GLY A 68 -2.25 -0.13 -16.04
N ARG A 69 -1.47 -0.67 -16.97
CA ARG A 69 -1.94 -0.95 -18.31
C ARG A 69 -2.82 -2.19 -18.44
N GLY A 70 -3.21 -2.77 -17.31
CA GLY A 70 -4.07 -3.93 -17.35
C GLY A 70 -3.52 -5.21 -16.75
N SER A 72 -3.41 -8.37 -18.80
CA SER A 72 -3.45 -9.33 -19.89
C SER A 72 -2.76 -8.87 -21.17
N GLU A 73 -1.87 -7.91 -21.07
CA GLU A 73 -1.17 -7.37 -22.24
C GLU A 73 -2.14 -6.77 -23.25
N ALA A 74 -3.43 -7.06 -23.09
CA ALA A 74 -4.49 -6.57 -23.97
C ALA A 74 -4.34 -5.07 -24.24
N LEU A 75 -4.50 -4.26 -23.21
CA LEU A 75 -4.35 -2.83 -23.35
C LEU A 75 -2.90 -2.56 -23.71
N LYS A 76 -2.69 -1.59 -24.60
CA LYS A 76 -1.33 -1.25 -25.02
C LYS A 76 -0.92 0.14 -24.52
N VAL A 77 0.36 0.27 -24.21
CA VAL A 77 0.91 1.53 -23.72
C VAL A 77 1.78 2.15 -24.81
N PRO A 78 1.28 3.22 -25.44
CA PRO A 78 2.01 3.90 -26.50
C PRO A 78 3.43 4.30 -26.08
N SER A 79 4.42 3.72 -26.77
CA SER A 79 5.81 4.03 -26.49
C SER A 79 6.04 5.51 -26.78
N SER A 80 5.16 6.10 -27.60
CA SER A 80 5.27 7.52 -27.92
C SER A 80 4.79 8.29 -26.71
N THR A 81 3.88 7.67 -25.96
CA THR A 81 3.31 8.25 -24.76
C THR A 81 4.31 8.28 -23.60
N VAL A 82 5.20 7.28 -23.56
CA VAL A 82 6.21 7.20 -22.51
C VAL A 82 7.27 8.28 -22.68
N GLU A 83 7.82 8.39 -23.88
CA GLU A 83 8.83 9.39 -24.14
C GLU A 83 8.26 10.78 -23.85
N TYR A 84 6.98 10.94 -24.17
CA TYR A 84 6.28 12.19 -23.93
C TYR A 84 6.45 12.54 -22.46
N LEU A 85 6.41 11.52 -21.62
CA LEU A 85 6.57 11.70 -20.19
C LEU A 85 8.03 11.98 -19.86
N LYS A 86 8.93 11.39 -20.63
CA LYS A 86 10.37 11.59 -20.43
C LYS A 86 10.75 13.04 -20.65
N LYS A 87 10.25 13.65 -21.73
CA LYS A 87 10.55 15.04 -22.04
C LYS A 87 10.01 15.97 -20.96
N HIS A 88 8.80 15.70 -20.49
CA HIS A 88 8.21 16.52 -19.45
C HIS A 88 8.85 16.19 -18.11
N GLY A 89 10.09 15.70 -18.20
CA GLY A 89 10.88 15.34 -17.04
C GLY A 89 10.11 14.58 -15.98
N ILE A 90 9.88 13.30 -16.25
CA ILE A 90 9.14 12.45 -15.34
C ILE A 90 9.70 11.01 -15.27
N ASP A 91 9.50 10.37 -14.13
CA ASP A 91 9.94 9.00 -13.90
C ASP A 91 8.70 8.12 -14.21
N VAL A 92 8.82 7.24 -15.21
CA VAL A 92 7.70 6.40 -15.61
C VAL A 92 7.99 4.91 -15.48
N ARG A 93 6.98 4.16 -15.02
CA ARG A 93 7.13 2.72 -14.84
C ARG A 93 5.83 1.97 -15.16
N VAL A 94 5.62 1.64 -16.43
CA VAL A 94 4.42 0.93 -16.86
C VAL A 94 4.37 -0.49 -16.31
N LEU A 95 3.24 -0.87 -15.71
CA LEU A 95 3.10 -2.19 -15.11
C LEU A 95 1.76 -2.88 -15.31
N GLN A 96 1.75 -4.14 -14.93
CA GLN A 96 0.55 -4.97 -14.94
C GLN A 96 -0.13 -4.36 -13.72
N THR A 97 -1.43 -4.14 -13.80
CA THR A 97 -2.16 -3.51 -12.71
C THR A 97 -1.85 -3.94 -11.28
N GLU A 98 -2.03 -5.21 -10.95
CA GLU A 98 -1.73 -5.67 -9.57
C GLU A 98 -0.32 -5.22 -9.18
N GLN A 99 0.63 -5.43 -10.09
CA GLN A 99 2.01 -5.04 -9.86
C GLN A 99 2.12 -3.53 -9.85
N ALA A 100 1.29 -2.87 -10.65
CA ALA A 100 1.29 -1.41 -10.76
C ALA A 100 1.09 -0.76 -9.40
N VAL A 101 0.05 -1.16 -8.69
CA VAL A 101 -0.21 -0.59 -7.37
C VAL A 101 0.94 -0.93 -6.41
N LYS A 102 1.60 -2.06 -6.65
CA LYS A 102 2.73 -2.46 -5.82
C LYS A 102 3.79 -1.37 -5.87
N GLU A 103 4.21 -0.99 -7.08
CA GLU A 103 5.21 0.07 -7.21
C GLU A 103 4.64 1.41 -6.80
N TYR A 104 3.37 1.65 -7.14
CA TYR A 104 2.72 2.89 -6.78
C TYR A 104 2.63 3.05 -5.26
N ASN A 105 1.82 2.20 -4.62
CA ASN A 105 1.64 2.24 -3.19
C ASN A 105 2.97 2.25 -2.45
N ALA A 106 3.93 1.49 -2.95
CA ALA A 106 5.26 1.46 -2.34
C ALA A 106 5.78 2.89 -2.37
N LEU A 107 5.84 3.47 -3.57
CA LEU A 107 6.30 4.84 -3.76
C LEU A 107 5.55 5.79 -2.83
N VAL A 108 4.24 5.56 -2.69
CA VAL A 108 3.42 6.39 -1.81
C VAL A 108 3.89 6.24 -0.36
N ALA A 109 4.38 5.05 -0.01
CA ALA A 109 4.85 4.76 1.35
C ALA A 109 6.08 5.57 1.74
N GLN A 110 7.01 5.75 0.80
CA GLN A 110 8.20 6.53 1.10
C GLN A 110 8.02 7.99 0.68
N GLY A 111 6.77 8.46 0.78
CA GLY A 111 6.43 9.83 0.46
C GLY A 111 7.00 10.41 -0.83
N VAL A 112 6.60 9.86 -1.97
CA VAL A 112 7.06 10.37 -3.25
C VAL A 112 5.88 11.01 -3.98
N ARG A 113 6.14 12.08 -4.73
CA ARG A 113 5.07 12.71 -5.51
C ARG A 113 4.85 11.78 -6.69
N VAL A 114 4.00 10.79 -6.48
CA VAL A 114 3.73 9.83 -7.53
C VAL A 114 2.34 10.01 -8.12
N GLY A 115 2.20 9.70 -9.40
CA GLY A 115 0.90 9.81 -10.06
C GLY A 115 0.65 8.55 -10.87
N GLY A 116 -0.54 8.42 -11.43
CA GLY A 116 -0.81 7.23 -12.22
C GLY A 116 -2.19 7.10 -12.80
N VAL A 117 -2.32 6.15 -13.72
CA VAL A 117 -3.59 5.86 -14.37
C VAL A 117 -3.69 4.34 -14.32
N PHE A 118 -4.85 3.83 -13.95
CA PHE A 118 -5.01 2.40 -13.83
C PHE A 118 -6.24 1.83 -14.53
N HIS A 119 -6.01 0.76 -15.28
CA HIS A 119 -7.04 0.04 -16.00
C HIS A 119 -7.16 -1.31 -15.31
N SER A 120 -8.35 -1.66 -14.84
CA SER A 120 -8.53 -2.93 -14.15
C SER A 120 -9.62 -3.83 -14.71
N THR A 121 -9.41 -4.29 -15.93
CA THR A 121 -10.35 -5.19 -16.60
C THR A 121 -9.65 -5.74 -17.83
N CYS A 122 -9.87 -5.07 -18.96
CA CYS A 122 -9.26 -5.42 -20.24
C CYS A 122 -9.78 -4.46 -21.28
N SER B 1 2.75 7.46 24.95
CA SER B 1 2.14 6.33 25.70
C SER B 1 3.02 5.09 25.61
N THR B 2 2.44 3.93 25.86
CA THR B 2 3.19 2.68 25.79
C THR B 2 2.49 1.69 24.87
N SER B 3 3.00 0.46 24.83
CA SER B 3 2.40 -0.57 24.00
C SER B 3 1.39 -1.34 24.85
N PRO B 4 0.22 -1.63 24.28
CA PRO B 4 -0.80 -2.36 25.02
C PRO B 4 -0.47 -3.85 25.12
N GLU B 5 -0.70 -4.42 26.30
CA GLU B 5 -0.42 -5.82 26.57
C GLU B 5 -1.21 -6.71 25.62
N ILE B 6 -0.61 -7.83 25.23
CA ILE B 6 -1.29 -8.76 24.35
C ILE B 6 -1.07 -10.20 24.79
N ALA B 7 -1.88 -10.64 25.74
CA ALA B 7 -1.81 -11.99 26.26
C ALA B 7 -3.01 -12.79 25.78
N SER B 8 -3.79 -12.14 24.90
CA SER B 8 -4.98 -12.78 24.34
C SER B 8 -4.85 -12.99 22.83
N LEU B 9 -5.12 -14.23 22.41
CA LEU B 9 -5.04 -14.63 21.01
C LEU B 9 -5.60 -16.03 20.75
N SER B 10 -5.95 -16.29 19.49
CA SER B 10 -6.46 -17.59 19.04
C SER B 10 -6.53 -17.58 17.51
N TRP B 11 -7.18 -18.60 16.95
CA TRP B 11 -7.33 -18.66 15.51
C TRP B 11 -8.25 -17.52 15.13
N GLY B 12 -7.65 -16.39 14.77
CA GLY B 12 -8.43 -15.23 14.38
C GLY B 12 -9.00 -14.44 15.55
N GLN B 13 -8.56 -14.75 16.75
CA GLN B 13 -9.08 -14.05 17.92
C GLN B 13 -7.98 -13.40 18.74
N LYS B 15 -6.95 -10.17 21.67
CA LYS B 15 -7.42 -9.23 22.67
C LYS B 15 -6.29 -8.55 23.43
N VAL B 16 -6.04 -7.30 23.08
CA VAL B 16 -5.00 -6.50 23.72
C VAL B 16 -5.57 -6.06 25.06
N LYS B 17 -4.79 -5.31 25.84
CA LYS B 17 -5.26 -4.84 27.13
C LYS B 17 -6.04 -3.56 26.88
N GLY B 18 -6.96 -3.23 27.78
CA GLY B 18 -7.77 -2.04 27.61
C GLY B 18 -8.81 -2.23 26.52
N SER B 19 -8.50 -3.12 25.58
CA SER B 19 -9.40 -3.43 24.47
C SER B 19 -10.82 -3.62 24.94
N ASN B 20 -11.69 -2.66 24.63
CA ASN B 20 -13.09 -2.75 25.00
C ASN B 20 -13.71 -3.72 24.01
N THR B 21 -13.35 -3.53 22.74
CA THR B 21 -13.82 -4.36 21.63
C THR B 21 -12.88 -5.54 21.39
N THR B 22 -13.05 -6.17 20.23
CA THR B 22 -12.23 -7.31 19.84
C THR B 22 -12.00 -7.24 18.34
N TYR B 23 -10.79 -7.59 17.91
CA TYR B 23 -10.45 -7.58 16.49
C TYR B 23 -10.11 -9.00 16.08
N LYS B 24 -10.21 -9.29 14.78
CA LYS B 24 -9.86 -10.61 14.28
C LYS B 24 -8.35 -10.52 14.10
N ASP B 25 -7.93 -9.40 13.51
CA ASP B 25 -6.53 -9.10 13.28
C ASP B 25 -6.23 -8.00 14.29
N CYS B 26 -5.27 -7.14 13.97
CA CYS B 26 -4.91 -6.01 14.82
C CYS B 26 -3.56 -5.41 14.48
N LYS B 27 -3.50 -4.09 14.57
CA LYS B 27 -2.29 -3.33 14.33
C LYS B 27 -2.07 -2.57 15.61
N VAL B 28 -1.00 -2.89 16.33
CA VAL B 28 -0.72 -2.22 17.59
C VAL B 28 0.48 -1.27 17.44
N TRP B 29 0.57 -0.28 18.34
CA TRP B 29 1.65 0.70 18.27
C TRP B 29 1.67 1.58 19.52
N PRO B 30 2.48 2.65 19.49
CA PRO B 30 2.55 3.55 20.64
C PRO B 30 1.26 4.33 20.82
N GLY B 31 0.67 4.25 22.02
CA GLY B 31 -0.57 4.96 22.28
C GLY B 31 -1.80 4.09 22.26
N GLY B 32 -2.10 3.49 21.11
CA GLY B 32 -3.27 2.65 20.99
C GLY B 32 -3.07 1.36 20.19
N SER B 33 -4.11 0.93 19.49
CA SER B 33 -4.07 -0.28 18.67
C SER B 33 -5.04 -0.18 17.49
N ARG B 34 -5.16 -1.25 16.71
CA ARG B 34 -6.02 -1.23 15.54
C ARG B 34 -6.34 -2.65 15.09
N THR B 35 -6.92 -2.75 13.89
CA THR B 35 -7.29 -4.02 13.28
C THR B 35 -6.82 -4.01 11.83
N TRP B 36 -6.51 -5.18 11.29
CA TRP B 36 -6.02 -5.27 9.91
C TRP B 36 -6.81 -6.26 9.05
N ASP B 37 -6.37 -6.40 7.81
CA ASP B 37 -7.00 -7.30 6.84
C ASP B 37 -6.68 -8.75 7.19
N GLY B 48 2.56 -9.79 -0.81
CA GLY B 48 2.62 -10.16 0.60
C GLY B 48 2.36 -8.99 1.54
N VAL B 49 3.20 -8.84 2.57
CA VAL B 49 3.05 -7.74 3.52
C VAL B 49 3.79 -6.56 2.93
N GLN B 50 3.08 -5.46 2.71
CA GLN B 50 3.65 -4.28 2.09
C GLN B 50 3.96 -3.13 3.05
N PRO B 51 4.83 -2.21 2.61
CA PRO B 51 5.17 -1.07 3.47
C PRO B 51 3.91 -0.31 3.89
N ALA B 52 3.00 -0.11 2.94
CA ALA B 52 1.75 0.57 3.24
C ALA B 52 1.12 -0.05 4.48
N ASP B 53 1.13 -1.38 4.53
CA ASP B 53 0.55 -2.14 5.64
C ASP B 53 1.15 -1.76 6.99
N VAL B 54 2.46 -1.53 7.01
CA VAL B 54 3.16 -1.19 8.24
C VAL B 54 3.39 0.32 8.45
N LYS B 55 2.79 1.13 7.60
CA LYS B 55 2.96 2.57 7.69
C LYS B 55 2.47 3.15 9.01
N GLU B 56 1.21 2.90 9.33
CA GLU B 56 0.62 3.40 10.55
C GLU B 56 1.54 3.22 11.74
N VAL B 57 1.81 1.98 12.10
CA VAL B 57 2.69 1.68 13.23
C VAL B 57 3.96 2.51 13.13
N VAL B 58 4.58 2.53 11.95
CA VAL B 58 5.81 3.28 11.75
C VAL B 58 5.64 4.79 11.95
N GLU B 59 4.51 5.33 11.51
CA GLU B 59 4.26 6.75 11.64
C GLU B 59 4.11 7.10 13.12
N LYS B 60 4.15 6.07 13.95
CA LYS B 60 4.03 6.24 15.38
C LYS B 60 5.38 6.17 16.08
N GLY B 61 6.40 5.71 15.35
CA GLY B 61 7.74 5.59 15.91
C GLY B 61 7.92 4.41 16.85
N VAL B 62 8.76 3.45 16.46
CA VAL B 62 9.01 2.27 17.29
C VAL B 62 10.48 1.81 17.26
N GLN B 63 10.84 0.98 18.23
CA GLN B 63 12.18 0.45 18.31
C GLN B 63 12.18 -0.84 17.49
N THR B 64 11.15 -1.65 17.69
CA THR B 64 11.00 -2.91 16.98
C THR B 64 9.58 -3.09 16.49
N LEU B 65 9.45 -3.74 15.33
CA LEU B 65 8.13 -3.99 14.77
C LEU B 65 8.06 -5.49 14.52
N VAL B 66 7.05 -6.13 15.10
CA VAL B 66 6.88 -7.56 14.93
C VAL B 66 5.85 -7.88 13.85
N ILE B 67 6.26 -8.73 12.92
CA ILE B 67 5.38 -9.17 11.84
C ILE B 67 5.04 -10.65 12.02
N GLY B 68 3.85 -10.91 12.56
CA GLY B 68 3.40 -12.27 12.75
C GLY B 68 2.53 -12.58 11.56
N ARG B 69 3.08 -13.30 10.59
CA ARG B 69 2.34 -13.60 9.37
C ARG B 69 1.66 -14.96 9.23
N GLY B 70 0.61 -15.17 10.02
CA GLY B 70 -0.15 -16.41 9.93
C GLY B 70 0.18 -17.54 10.88
N SER B 72 0.01 -20.56 9.99
CA SER B 72 0.77 -21.45 9.14
C SER B 72 1.83 -20.64 8.40
N GLU B 73 1.95 -19.38 8.81
CA GLU B 73 2.92 -18.44 8.23
C GLU B 73 2.70 -18.27 6.73
N ALA B 74 1.44 -18.17 6.32
CA ALA B 74 1.11 -18.03 4.90
C ALA B 74 1.61 -16.76 4.21
N LEU B 75 1.06 -15.61 4.61
CA LEU B 75 1.41 -14.33 4.03
C LEU B 75 2.88 -14.13 3.67
N LYS B 76 3.13 -13.71 2.44
CA LYS B 76 4.48 -13.47 1.97
C LYS B 76 5.00 -12.14 2.51
N VAL B 77 6.29 -12.09 2.80
CA VAL B 77 6.90 -10.87 3.31
C VAL B 77 8.11 -10.57 2.44
N PRO B 78 7.95 -9.68 1.46
CA PRO B 78 9.08 -9.36 0.59
C PRO B 78 10.16 -8.59 1.34
N SER B 79 11.03 -7.94 0.57
CA SER B 79 12.12 -7.17 1.14
C SER B 79 11.78 -5.68 1.13
N SER B 80 11.14 -5.23 0.05
CA SER B 80 10.75 -3.82 -0.08
C SER B 80 10.22 -3.37 1.26
N THR B 81 9.51 -4.28 1.91
CA THR B 81 8.89 -4.06 3.22
C THR B 81 9.92 -4.10 4.35
N VAL B 82 10.53 -5.26 4.56
CA VAL B 82 11.52 -5.40 5.62
C VAL B 82 12.60 -4.34 5.47
N GLU B 83 13.14 -4.20 4.27
CA GLU B 83 14.17 -3.22 4.02
C GLU B 83 13.60 -1.84 4.32
N TYR B 84 12.31 -1.70 4.07
CA TYR B 84 11.60 -0.45 4.33
C TYR B 84 11.69 -0.13 5.82
N LEU B 85 11.61 -1.16 6.64
CA LEU B 85 11.68 -0.99 8.08
C LEU B 85 13.09 -0.73 8.59
N LYS B 86 14.07 -1.48 8.08
CA LYS B 86 15.46 -1.32 8.50
C LYS B 86 15.96 0.10 8.26
N LYS B 87 15.65 0.64 7.09
CA LYS B 87 16.07 2.00 6.76
C LYS B 87 15.54 2.93 7.85
N HIS B 88 14.35 2.63 8.36
CA HIS B 88 13.76 3.46 9.40
C HIS B 88 14.34 3.10 10.75
N GLY B 89 15.47 2.40 10.73
CA GLY B 89 16.14 2.01 11.95
C GLY B 89 15.30 1.17 12.88
N ILE B 90 14.53 0.27 12.30
CA ILE B 90 13.65 -0.57 13.08
C ILE B 90 14.09 -2.04 13.15
N ASP B 91 14.09 -2.59 14.36
CA ASP B 91 14.44 -3.99 14.53
C ASP B 91 13.18 -4.74 14.13
N VAL B 92 13.30 -5.60 13.12
CA VAL B 92 12.17 -6.35 12.62
C VAL B 92 12.17 -7.81 13.06
N ARG B 93 10.99 -8.30 13.44
CA ARG B 93 10.82 -9.69 13.85
C ARG B 93 9.70 -10.25 12.96
N VAL B 94 9.99 -11.31 12.23
CA VAL B 94 9.00 -11.96 11.37
C VAL B 94 8.80 -13.36 11.94
N LEU B 95 7.61 -13.65 12.45
CA LEU B 95 7.35 -14.95 13.06
C LEU B 95 5.94 -15.45 12.82
N GLN B 96 5.73 -16.74 13.07
CA GLN B 96 4.41 -17.35 12.96
C GLN B 96 3.61 -16.57 14.01
N THR B 97 2.33 -16.31 13.73
CA THR B 97 1.52 -15.50 14.62
C THR B 97 1.23 -16.01 16.04
N GLU B 98 0.72 -17.24 16.17
CA GLU B 98 0.43 -17.77 17.50
C GLU B 98 1.75 -18.05 18.24
N GLN B 99 2.81 -17.40 17.77
CA GLN B 99 4.15 -17.53 18.32
C GLN B 99 4.89 -16.23 18.03
N ALA B 100 4.17 -15.29 17.43
CA ALA B 100 4.71 -13.96 17.10
C ALA B 100 4.29 -13.02 18.21
N VAL B 101 3.14 -13.33 18.81
CA VAL B 101 2.57 -12.54 19.89
C VAL B 101 3.45 -12.60 21.15
N LYS B 102 4.02 -13.77 21.44
CA LYS B 102 4.86 -13.88 22.62
C LYS B 102 6.08 -12.97 22.50
N GLU B 103 6.75 -13.02 21.35
CA GLU B 103 7.91 -12.17 21.13
C GLU B 103 7.53 -10.72 21.42
N TYR B 104 6.41 -10.28 20.83
CA TYR B 104 5.91 -8.92 21.02
C TYR B 104 5.56 -8.70 22.50
N ASN B 105 5.46 -9.79 23.26
CA ASN B 105 5.12 -9.72 24.67
C ASN B 105 6.37 -9.63 25.53
N ALA B 106 7.45 -10.22 25.05
CA ALA B 106 8.70 -10.15 25.78
C ALA B 106 9.07 -8.67 25.77
N LEU B 107 8.84 -8.03 24.63
CA LEU B 107 9.12 -6.61 24.50
C LEU B 107 8.06 -5.77 25.25
N VAL B 108 6.81 -6.24 25.25
CA VAL B 108 5.75 -5.50 25.93
C VAL B 108 6.01 -5.39 27.43
N ALA B 109 6.29 -6.52 28.06
CA ALA B 109 6.58 -6.55 29.50
C ALA B 109 7.91 -5.83 29.73
N GLN B 110 8.16 -4.79 28.94
CA GLN B 110 9.39 -4.02 29.06
C GLN B 110 9.21 -2.59 28.58
N GLY B 111 8.00 -2.22 28.23
CA GLY B 111 7.76 -0.86 27.78
C GLY B 111 8.72 -0.40 26.70
N VAL B 112 8.75 -1.14 25.61
CA VAL B 112 9.59 -0.82 24.48
C VAL B 112 8.68 -0.17 23.45
N ARG B 113 9.24 0.69 22.62
CA ARG B 113 8.45 1.29 21.56
C ARG B 113 8.36 0.17 20.54
N VAL B 114 7.45 -0.75 20.79
CA VAL B 114 7.26 -1.89 19.92
C VAL B 114 5.89 -1.83 19.25
N GLY B 115 5.85 -2.21 17.99
CA GLY B 115 4.59 -2.22 17.26
C GLY B 115 4.45 -3.51 16.47
N GLY B 116 3.41 -3.61 15.67
CA GLY B 116 3.25 -4.81 14.88
C GLY B 116 1.91 -4.93 14.19
N VAL B 117 1.84 -5.88 13.26
CA VAL B 117 0.63 -6.17 12.50
C VAL B 117 0.50 -7.70 12.54
N PHE B 118 -0.66 -8.19 12.97
CA PHE B 118 -0.82 -9.63 13.09
C PHE B 118 -1.97 -10.23 12.32
N HIS B 119 -1.69 -11.37 11.69
CA HIS B 119 -2.67 -12.13 10.93
C HIS B 119 -2.99 -13.36 11.76
N SER B 120 -4.18 -13.38 12.35
CA SER B 120 -4.61 -14.47 13.20
C SER B 120 -5.12 -15.76 12.53
N THR B 121 -5.24 -15.78 11.20
CA THR B 121 -5.68 -17.00 10.53
C THR B 121 -4.52 -17.57 9.72
N CYS B 122 -4.82 -18.43 8.75
CA CYS B 122 -3.78 -19.05 7.94
C CYS B 122 -3.00 -18.05 7.10
N SER A 1 -0.48 17.22 1.28
CA SER A 1 -0.41 17.04 -0.20
C SER A 1 0.39 15.79 -0.53
N THR A 2 -0.30 14.65 -0.58
CA THR A 2 0.35 13.38 -0.88
C THR A 2 -0.36 12.57 -1.96
N SER A 3 0.41 11.83 -2.75
CA SER A 3 -0.15 10.99 -3.80
C SER A 3 -0.94 9.87 -3.10
N PRO A 4 -2.26 10.06 -2.93
CA PRO A 4 -3.08 9.05 -2.25
C PRO A 4 -2.91 7.64 -2.75
N GLU A 5 -2.29 6.82 -1.91
CA GLU A 5 -2.04 5.41 -2.21
C GLU A 5 -3.36 4.70 -2.48
N ILE A 6 -3.28 3.58 -3.17
CA ILE A 6 -4.49 2.82 -3.47
C ILE A 6 -4.62 1.66 -2.48
N ALA A 7 -5.75 1.62 -1.78
CA ALA A 7 -6.00 0.58 -0.78
C ALA A 7 -7.27 -0.20 -1.05
N SER A 8 -7.73 -0.18 -2.30
CA SER A 8 -8.92 -0.92 -2.69
C SER A 8 -8.90 -1.21 -4.19
N LEU A 9 -8.86 -2.49 -4.54
CA LEU A 9 -8.80 -2.91 -5.93
C LEU A 9 -9.46 -4.28 -6.14
N SER A 10 -10.03 -4.48 -7.33
CA SER A 10 -10.68 -5.73 -7.71
C SER A 10 -10.96 -5.66 -9.20
N TRP A 11 -11.27 -6.80 -9.82
CA TRP A 11 -11.52 -6.80 -11.26
C TRP A 11 -12.56 -5.77 -11.67
N GLY A 12 -12.09 -4.66 -12.23
CA GLY A 12 -13.00 -3.61 -12.65
C GLY A 12 -13.27 -2.56 -11.60
N GLN A 13 -12.94 -2.85 -10.34
CA GLN A 13 -13.15 -1.90 -9.26
C GLN A 13 -11.88 -1.48 -8.56
N LYS A 15 -10.31 1.79 -5.46
CA LYS A 15 -10.57 2.85 -4.51
C LYS A 15 -9.22 3.31 -3.96
N VAL A 16 -9.16 4.59 -3.63
CA VAL A 16 -7.95 5.19 -3.08
C VAL A 16 -8.28 5.49 -1.63
N LYS A 17 -7.31 5.34 -0.75
CA LYS A 17 -7.54 5.65 0.67
C LYS A 17 -7.71 7.16 0.72
N GLY A 18 -7.32 7.80 -0.39
CA GLY A 18 -7.42 9.25 -0.51
C GLY A 18 -8.82 9.78 -0.72
N SER A 19 -9.61 9.08 -1.53
CA SER A 19 -10.98 9.49 -1.80
C SER A 19 -11.94 8.36 -1.43
N ASN A 20 -13.20 8.72 -1.18
CA ASN A 20 -14.23 7.75 -0.82
C ASN A 20 -15.00 7.30 -2.04
N THR A 21 -14.37 7.35 -3.21
CA THR A 21 -15.06 6.95 -4.43
C THR A 21 -14.57 5.65 -5.06
N THR A 22 -15.42 4.63 -5.01
CA THR A 22 -15.12 3.35 -5.61
C THR A 22 -15.00 3.64 -7.11
N TYR A 23 -13.90 3.21 -7.72
CA TYR A 23 -13.67 3.45 -9.14
C TYR A 23 -13.73 2.21 -10.01
N LYS A 24 -13.74 2.45 -11.32
CA LYS A 24 -13.73 1.38 -12.32
C LYS A 24 -12.24 1.44 -12.68
N ASP A 25 -11.86 2.53 -13.34
CA ASP A 25 -10.48 2.82 -13.72
C ASP A 25 -10.27 4.20 -13.13
N CYS A 26 -9.08 4.48 -12.60
CA CYS A 26 -8.86 5.79 -11.99
C CYS A 26 -7.59 6.56 -12.37
N LYS A 27 -7.64 7.85 -12.07
CA LYS A 27 -6.53 8.76 -12.31
C LYS A 27 -6.25 9.46 -10.98
N VAL A 28 -5.38 8.85 -10.19
CA VAL A 28 -5.02 9.37 -8.87
C VAL A 28 -3.71 10.17 -8.91
N TRP A 29 -3.60 11.19 -8.07
CA TRP A 29 -2.39 12.04 -8.03
C TRP A 29 -2.21 12.73 -6.67
N PRO A 30 -1.04 13.36 -6.44
CA PRO A 30 -0.80 14.04 -5.15
C PRO A 30 -1.99 14.93 -4.79
N GLY A 31 -2.60 14.61 -3.64
CA GLY A 31 -3.75 15.38 -3.19
C GLY A 31 -5.02 15.21 -4.03
N GLY A 32 -5.22 14.01 -4.58
CA GLY A 32 -6.41 13.79 -5.38
C GLY A 32 -6.43 12.55 -6.25
N SER A 33 -7.54 12.40 -6.96
CA SER A 33 -7.74 11.27 -7.85
C SER A 33 -8.90 11.63 -8.76
N ARG A 34 -9.35 10.68 -9.57
CA ARG A 34 -10.47 10.97 -10.47
C ARG A 34 -10.84 9.76 -11.30
N THR A 35 -12.00 9.84 -11.93
CA THR A 35 -12.49 8.76 -12.77
C THR A 35 -11.71 8.76 -14.08
N TRP A 36 -11.49 7.57 -14.62
CA TRP A 36 -10.79 7.42 -15.89
C TRP A 36 -11.54 6.48 -16.83
N ASP A 37 -12.10 7.06 -17.89
CA ASP A 37 -12.84 6.32 -18.92
C ASP A 37 -12.16 6.64 -20.24
N TRP A 38 -12.18 5.70 -21.18
CA TRP A 38 -11.51 5.94 -22.45
C TRP A 38 -12.33 6.76 -23.47
N ARG A 39 -13.65 6.65 -23.42
CA ARG A 39 -14.51 7.41 -24.33
C ARG A 39 -14.21 8.90 -24.20
N GLU A 40 -13.86 9.33 -22.98
CA GLU A 40 -13.52 10.71 -22.67
C GLU A 40 -12.33 11.15 -23.53
N THR A 41 -11.56 10.20 -24.02
CA THR A 41 -10.40 10.52 -24.86
C THR A 41 -10.43 9.80 -26.19
N GLY A 42 -11.21 8.72 -26.25
CA GLY A 42 -11.30 7.94 -27.47
C GLY A 42 -10.25 6.85 -27.50
N THR A 43 -9.83 6.44 -26.31
CA THR A 43 -8.80 5.40 -26.17
C THR A 43 -9.40 4.00 -25.98
N GLU A 44 -8.61 2.99 -26.33
CA GLU A 44 -8.98 1.58 -26.19
C GLU A 44 -7.64 0.86 -26.03
N HIS A 45 -7.59 -0.43 -26.36
CA HIS A 45 -6.32 -1.17 -26.26
C HIS A 45 -5.42 -0.82 -27.44
N SER A 46 -5.99 -0.07 -28.38
CA SER A 46 -5.30 0.39 -29.58
C SER A 46 -6.01 1.67 -30.01
N PRO A 47 -5.27 2.79 -30.13
CA PRO A 47 -3.83 2.94 -29.90
C PRO A 47 -3.43 2.60 -28.47
N GLY A 48 -4.39 2.74 -27.56
CA GLY A 48 -4.10 2.47 -26.17
C GLY A 48 -3.79 3.78 -25.47
N VAL A 49 -3.28 3.67 -24.25
CA VAL A 49 -2.94 4.86 -23.48
C VAL A 49 -2.14 5.82 -24.35
N GLN A 50 -2.31 7.11 -24.12
CA GLN A 50 -1.61 8.14 -24.89
C GLN A 50 -1.45 9.38 -24.04
N PRO A 51 -0.71 10.37 -24.54
CA PRO A 51 -0.52 11.60 -23.76
C PRO A 51 -1.86 12.15 -23.29
N ALA A 52 -2.82 12.22 -24.20
CA ALA A 52 -4.15 12.75 -23.88
C ALA A 52 -4.70 12.10 -22.62
N ASP A 53 -4.31 10.85 -22.38
CA ASP A 53 -4.77 10.14 -21.18
C ASP A 53 -4.07 10.66 -19.92
N VAL A 54 -2.75 10.72 -19.99
CA VAL A 54 -1.92 11.14 -18.86
C VAL A 54 -1.79 12.65 -18.59
N LYS A 55 -2.15 13.47 -19.59
CA LYS A 55 -2.07 14.92 -19.48
C LYS A 55 -2.35 15.52 -18.09
N GLU A 56 -3.54 15.28 -17.55
CA GLU A 56 -3.92 15.83 -16.25
C GLU A 56 -3.01 15.35 -15.12
N VAL A 57 -2.43 14.17 -15.26
CA VAL A 57 -1.53 13.66 -14.23
C VAL A 57 -0.29 14.55 -14.24
N VAL A 58 0.29 14.71 -15.43
CA VAL A 58 1.46 15.55 -15.60
C VAL A 58 1.19 16.97 -15.08
N GLU A 59 0.01 17.50 -15.38
CA GLU A 59 -0.35 18.85 -14.96
C GLU A 59 -0.32 19.10 -13.46
N LYS A 60 -0.48 18.05 -12.67
CA LYS A 60 -0.42 18.21 -11.22
C LYS A 60 1.06 18.23 -10.82
N GLY A 61 1.91 17.84 -11.76
CA GLY A 61 3.34 17.79 -11.51
C GLY A 61 3.68 16.62 -10.62
N VAL A 62 4.35 15.61 -11.18
CA VAL A 62 4.73 14.43 -10.41
C VAL A 62 6.17 14.04 -10.69
N GLN A 63 6.72 13.18 -9.85
CA GLN A 63 8.09 12.72 -10.05
C GLN A 63 8.05 11.38 -10.76
N THR A 64 7.05 10.59 -10.40
CA THR A 64 6.86 9.29 -11.01
C THR A 64 5.41 9.10 -11.43
N LEU A 65 5.23 8.45 -12.56
CA LEU A 65 3.91 8.19 -13.07
C LEU A 65 3.81 6.68 -13.33
N VAL A 66 2.83 6.05 -12.70
CA VAL A 66 2.68 4.62 -12.86
C VAL A 66 1.47 4.33 -13.74
N ILE A 67 1.71 3.53 -14.76
CA ILE A 67 0.65 3.15 -15.69
C ILE A 67 0.24 1.69 -15.45
N GLY A 68 -0.98 1.49 -14.97
CA GLY A 68 -1.48 0.16 -14.71
C GLY A 68 -2.39 -0.24 -15.85
N ARG A 69 -1.94 -1.19 -16.67
CA ARG A 69 -2.72 -1.61 -17.82
C ARG A 69 -3.41 -2.97 -17.71
N GLY A 70 -4.69 -2.94 -17.34
CA GLY A 70 -5.45 -4.18 -17.24
C GLY A 70 -4.76 -5.36 -16.58
N SER A 72 -3.21 -8.15 -17.84
CA SER A 72 -2.49 -8.92 -18.84
C SER A 72 -1.56 -8.01 -19.63
N GLU A 73 -1.25 -6.84 -19.06
CA GLU A 73 -0.37 -5.83 -19.67
C GLU A 73 -0.52 -5.71 -21.19
N ALA A 74 -1.55 -6.39 -21.72
CA ALA A 74 -1.84 -6.38 -23.16
C ALA A 74 -2.06 -4.95 -23.58
N LEU A 75 -3.11 -4.33 -23.04
CA LEU A 75 -3.46 -2.95 -23.31
C LEU A 75 -2.20 -2.22 -23.74
N LYS A 76 -2.11 -1.94 -25.03
CA LYS A 76 -0.94 -1.26 -25.58
C LYS A 76 -0.69 0.13 -25.01
N VAL A 77 0.52 0.61 -25.28
CA VAL A 77 0.99 1.91 -24.83
C VAL A 77 2.13 2.28 -25.77
N PRO A 78 1.93 3.29 -26.63
CA PRO A 78 2.96 3.72 -27.58
C PRO A 78 4.20 4.19 -26.83
N SER A 79 5.37 3.79 -27.32
CA SER A 79 6.62 4.18 -26.68
C SER A 79 6.79 5.69 -26.73
N SER A 80 5.99 6.37 -27.54
CA SER A 80 6.11 7.83 -27.66
C SER A 80 5.21 8.52 -26.64
N THR A 81 4.44 7.71 -25.90
CA THR A 81 3.55 8.24 -24.87
C THR A 81 4.36 8.27 -23.57
N VAL A 82 5.33 7.36 -23.49
CA VAL A 82 6.21 7.27 -22.32
C VAL A 82 7.28 8.34 -22.42
N GLU A 83 8.00 8.35 -23.54
CA GLU A 83 9.04 9.34 -23.76
C GLU A 83 8.46 10.73 -23.57
N TYR A 84 7.18 10.88 -23.93
CA TYR A 84 6.48 12.15 -23.78
C TYR A 84 6.58 12.55 -22.32
N LEU A 85 6.41 11.56 -21.44
CA LEU A 85 6.50 11.80 -20.02
C LEU A 85 7.95 12.03 -19.67
N LYS A 86 8.84 11.38 -20.42
CA LYS A 86 10.28 11.52 -20.21
C LYS A 86 10.75 12.93 -20.50
N LYS A 87 10.22 13.55 -21.54
CA LYS A 87 10.59 14.93 -21.87
C LYS A 87 10.14 15.89 -20.78
N HIS A 88 9.34 15.38 -19.85
CA HIS A 88 8.86 16.20 -18.74
C HIS A 88 9.55 15.81 -17.44
N GLY A 89 10.67 15.11 -17.57
CA GLY A 89 11.46 14.72 -16.41
C GLY A 89 10.80 13.74 -15.47
N ILE A 90 9.79 13.02 -15.98
CA ILE A 90 9.07 12.06 -15.17
C ILE A 90 9.63 10.63 -15.23
N ASP A 91 9.48 9.92 -14.11
CA ASP A 91 9.91 8.53 -13.99
C ASP A 91 8.64 7.73 -14.35
N VAL A 92 8.73 6.85 -15.36
CA VAL A 92 7.56 6.09 -15.80
C VAL A 92 7.66 4.60 -15.60
N ARG A 93 6.71 4.05 -14.86
CA ARG A 93 6.65 2.62 -14.60
C ARG A 93 5.49 2.04 -15.40
N VAL A 94 5.76 1.04 -16.22
CA VAL A 94 4.72 0.41 -17.02
C VAL A 94 4.47 -0.99 -16.50
N LEU A 95 3.30 -1.21 -15.91
CA LEU A 95 2.96 -2.51 -15.34
C LEU A 95 1.51 -2.93 -15.55
N GLN A 96 1.24 -4.19 -15.27
CA GLN A 96 -0.11 -4.71 -15.35
C GLN A 96 -0.59 -4.26 -13.99
N THR A 97 -1.75 -3.60 -13.95
CA THR A 97 -2.32 -3.06 -12.74
C THR A 97 -1.91 -3.72 -11.41
N GLU A 98 -1.64 -5.03 -11.43
CA GLU A 98 -1.22 -5.74 -10.21
C GLU A 98 0.10 -5.17 -9.65
N GLN A 99 1.17 -5.29 -10.42
CA GLN A 99 2.46 -4.77 -10.01
C GLN A 99 2.40 -3.26 -9.87
N ALA A 100 1.59 -2.63 -10.73
CA ALA A 100 1.42 -1.18 -10.75
C ALA A 100 0.99 -0.61 -9.40
N VAL A 101 -0.18 -1.03 -8.93
CA VAL A 101 -0.68 -0.55 -7.64
C VAL A 101 0.35 -0.87 -6.54
N LYS A 102 1.00 -2.02 -6.66
CA LYS A 102 2.01 -2.41 -5.68
C LYS A 102 3.25 -1.52 -5.74
N GLU A 103 3.56 -0.94 -6.90
CA GLU A 103 4.70 -0.05 -7.03
C GLU A 103 4.24 1.33 -6.57
N TYR A 104 3.08 1.74 -7.10
CA TYR A 104 2.49 3.03 -6.76
C TYR A 104 2.54 3.29 -5.25
N ASN A 105 2.10 2.33 -4.47
CA ASN A 105 2.08 2.47 -3.02
C ASN A 105 3.48 2.47 -2.43
N ALA A 106 4.35 1.63 -2.96
CA ALA A 106 5.73 1.56 -2.50
C ALA A 106 6.35 2.96 -2.65
N LEU A 107 6.10 3.57 -3.81
CA LEU A 107 6.60 4.90 -4.10
C LEU A 107 6.10 5.86 -3.03
N VAL A 108 4.80 5.77 -2.74
CA VAL A 108 4.23 6.61 -1.69
C VAL A 108 5.06 6.38 -0.43
N ALA A 109 5.39 5.12 -0.18
CA ALA A 109 6.19 4.73 0.98
C ALA A 109 7.63 5.21 0.86
N GLN A 110 7.95 5.84 -0.27
CA GLN A 110 9.28 6.40 -0.47
C GLN A 110 9.14 7.91 -0.35
N GLY A 111 7.90 8.36 -0.38
CA GLY A 111 7.64 9.78 -0.28
C GLY A 111 7.84 10.49 -1.60
N VAL A 112 7.78 9.75 -2.69
CA VAL A 112 7.95 10.33 -4.00
C VAL A 112 6.66 11.00 -4.44
N ARG A 113 6.78 11.96 -5.35
CA ARG A 113 5.59 12.61 -5.90
C ARG A 113 5.21 11.67 -7.03
N VAL A 114 4.23 10.81 -6.76
CA VAL A 114 3.83 9.85 -7.75
C VAL A 114 2.38 10.06 -8.21
N GLY A 115 2.11 9.66 -9.44
CA GLY A 115 0.77 9.76 -9.99
C GLY A 115 0.52 8.53 -10.84
N GLY A 116 -0.64 8.45 -11.48
CA GLY A 116 -0.88 7.29 -12.31
C GLY A 116 -2.27 7.13 -12.84
N VAL A 117 -2.41 6.19 -13.78
CA VAL A 117 -3.69 5.88 -14.39
C VAL A 117 -3.78 4.36 -14.34
N PHE A 118 -4.94 3.84 -13.99
CA PHE A 118 -5.08 2.41 -13.87
C PHE A 118 -6.32 1.83 -14.52
N HIS A 119 -6.11 0.76 -15.28
CA HIS A 119 -7.16 0.02 -15.96
C HIS A 119 -7.40 -1.19 -15.06
N SER A 120 -8.62 -1.35 -14.55
CA SER A 120 -8.88 -2.44 -13.60
C SER A 120 -9.40 -3.79 -14.11
N THR A 121 -9.49 -3.96 -15.43
CA THR A 121 -9.93 -5.24 -15.98
C THR A 121 -8.82 -5.70 -16.93
N CYS A 122 -9.16 -6.07 -18.15
CA CYS A 122 -8.14 -6.48 -19.12
C CYS A 122 -7.77 -5.31 -20.04
N SER B 1 3.14 7.90 24.13
CA SER B 1 2.20 6.77 24.37
C SER B 1 2.92 5.46 24.66
N THR B 2 2.18 4.50 25.21
CA THR B 2 2.73 3.19 25.56
C THR B 2 2.17 2.06 24.70
N SER B 3 2.93 0.97 24.58
CA SER B 3 2.50 -0.18 23.79
C SER B 3 1.43 -0.99 24.49
N PRO B 4 0.38 -1.38 23.76
CA PRO B 4 -0.70 -2.16 24.36
C PRO B 4 -0.46 -3.66 24.22
N GLU B 5 -0.80 -4.40 25.27
CA GLU B 5 -0.64 -5.84 25.27
C GLU B 5 -1.78 -6.47 24.49
N ILE B 6 -1.45 -7.41 23.60
CA ILE B 6 -2.48 -8.07 22.81
C ILE B 6 -3.20 -9.09 23.68
N ALA B 7 -4.33 -8.66 24.25
CA ALA B 7 -5.11 -9.53 25.11
C ALA B 7 -5.09 -10.98 24.62
N SER B 8 -5.28 -11.17 23.31
CA SER B 8 -5.28 -12.52 22.75
C SER B 8 -5.61 -12.61 21.26
N LEU B 9 -5.26 -13.74 20.67
CA LEU B 9 -5.51 -14.03 19.26
C LEU B 9 -6.42 -15.25 19.15
N SER B 10 -6.14 -16.06 18.13
CA SER B 10 -6.85 -17.30 17.81
C SER B 10 -7.01 -17.28 16.30
N TRP B 11 -7.07 -18.46 15.70
CA TRP B 11 -7.22 -18.55 14.26
C TRP B 11 -8.34 -17.60 13.82
N GLY B 12 -8.05 -16.78 12.81
CA GLY B 12 -9.03 -15.84 12.30
C GLY B 12 -9.56 -14.77 13.25
N GLN B 13 -9.15 -14.83 14.52
CA GLN B 13 -9.62 -13.83 15.48
C GLN B 13 -8.51 -13.16 16.28
N LYS B 15 -8.13 -10.12 19.38
CA LYS B 15 -8.82 -9.27 20.36
C LYS B 15 -7.78 -8.62 21.26
N VAL B 16 -7.63 -7.30 21.17
CA VAL B 16 -6.65 -6.57 21.96
C VAL B 16 -7.18 -6.03 23.29
N LYS B 17 -6.24 -5.65 24.16
CA LYS B 17 -6.52 -5.08 25.47
C LYS B 17 -6.64 -3.56 25.38
N GLY B 18 -7.76 -3.02 25.86
CA GLY B 18 -7.96 -1.58 25.83
C GLY B 18 -9.06 -1.13 24.87
N SER B 19 -8.79 -1.27 23.58
CA SER B 19 -9.75 -0.86 22.55
C SER B 19 -11.09 -1.56 22.71
N ASN B 20 -12.16 -0.90 22.26
CA ASN B 20 -13.50 -1.44 22.38
C ASN B 20 -13.99 -2.05 21.07
N THR B 21 -13.07 -2.52 20.24
CA THR B 21 -13.43 -3.14 18.96
C THR B 21 -12.58 -4.35 18.60
N THR B 22 -13.22 -5.34 17.99
CA THR B 22 -12.57 -6.59 17.58
C THR B 22 -11.95 -6.49 16.18
N TYR B 23 -10.88 -7.27 15.96
CA TYR B 23 -10.17 -7.29 14.68
C TYR B 23 -10.04 -8.71 14.16
N LYS B 24 -9.67 -8.85 12.89
CA LYS B 24 -9.44 -10.17 12.28
C LYS B 24 -7.92 -10.29 12.26
N ASP B 25 -7.30 -9.32 11.62
CA ASP B 25 -5.85 -9.19 11.52
C ASP B 25 -5.67 -7.70 11.75
N CYS B 26 -4.49 -7.27 12.21
CA CYS B 26 -4.32 -5.84 12.44
C CYS B 26 -2.93 -5.34 12.79
N LYS B 27 -2.87 -4.03 13.07
CA LYS B 27 -1.65 -3.36 13.43
C LYS B 27 -1.80 -2.89 14.87
N VAL B 28 -0.68 -2.57 15.52
CA VAL B 28 -0.69 -2.09 16.89
C VAL B 28 0.61 -1.33 17.16
N TRP B 29 0.53 -0.25 17.93
CA TRP B 29 1.69 0.57 18.22
C TRP B 29 1.48 1.35 19.51
N PRO B 30 2.54 2.02 20.00
CA PRO B 30 2.44 2.81 21.23
C PRO B 30 1.19 3.69 21.23
N GLY B 31 0.30 3.44 22.17
CA GLY B 31 -0.94 4.20 22.28
C GLY B 31 -1.81 4.09 21.02
N GLY B 32 -1.87 2.91 20.42
CA GLY B 32 -2.68 2.74 19.22
C GLY B 32 -2.71 1.38 18.55
N SER B 33 -3.74 1.19 17.73
CA SER B 33 -3.97 -0.04 16.95
C SER B 33 -5.33 0.11 16.27
N ARG B 34 -5.54 -0.61 15.18
CA ARG B 34 -6.78 -0.54 14.44
C ARG B 34 -7.00 -1.80 13.60
N THR B 35 -8.19 -1.95 13.03
CA THR B 35 -8.50 -3.11 12.20
C THR B 35 -7.50 -3.25 11.06
N TRP B 36 -7.67 -4.27 10.23
CA TRP B 36 -6.77 -4.50 9.12
C TRP B 36 -7.26 -5.69 8.29
N ASP B 37 -7.19 -5.54 6.97
CA ASP B 37 -7.63 -6.59 6.06
C ASP B 37 -6.41 -7.27 5.47
N GLY B 48 2.59 -9.26 -1.51
CA GLY B 48 2.65 -9.80 -0.17
C GLY B 48 2.85 -8.74 0.90
N VAL B 49 3.64 -9.08 1.92
CA VAL B 49 3.94 -8.16 3.02
C VAL B 49 4.66 -6.94 2.46
N GLN B 50 3.88 -5.90 2.19
CA GLN B 50 4.37 -4.65 1.60
C GLN B 50 4.69 -3.57 2.61
N PRO B 51 5.47 -2.57 2.18
CA PRO B 51 5.85 -1.46 3.07
C PRO B 51 4.58 -0.61 3.31
N ALA B 52 3.75 -0.50 2.28
CA ALA B 52 2.51 0.25 2.40
C ALA B 52 1.60 -0.44 3.41
N ASP B 53 2.06 -1.55 3.96
CA ASP B 53 1.29 -2.33 4.94
C ASP B 53 1.58 -1.93 6.37
N VAL B 54 2.85 -1.68 6.67
CA VAL B 54 3.26 -1.33 8.02
C VAL B 54 3.60 0.15 8.24
N LYS B 55 3.35 0.99 7.24
CA LYS B 55 3.68 2.40 7.36
C LYS B 55 3.01 3.15 8.50
N GLU B 56 1.74 2.87 8.76
CA GLU B 56 1.06 3.58 9.84
C GLU B 56 1.68 3.21 11.17
N VAL B 57 2.59 2.24 11.14
CA VAL B 57 3.28 1.80 12.34
C VAL B 57 4.54 2.65 12.49
N VAL B 58 5.34 2.66 11.43
CA VAL B 58 6.58 3.43 11.42
C VAL B 58 6.40 4.87 11.87
N GLU B 59 5.46 5.58 11.26
CA GLU B 59 5.21 6.97 11.62
C GLU B 59 5.03 7.09 13.13
N LYS B 60 4.10 6.33 13.69
CA LYS B 60 3.84 6.36 15.11
C LYS B 60 5.11 6.31 15.94
N GLY B 61 6.19 5.83 15.31
CA GLY B 61 7.47 5.73 15.99
C GLY B 61 7.63 4.52 16.91
N VAL B 62 8.32 3.51 16.40
CA VAL B 62 8.57 2.29 17.17
C VAL B 62 10.03 1.92 17.04
N GLN B 63 10.51 1.09 17.96
CA GLN B 63 11.89 0.67 17.93
C GLN B 63 11.94 -0.67 17.22
N THR B 64 11.02 -1.55 17.62
CA THR B 64 10.92 -2.88 17.04
C THR B 64 9.53 -3.09 16.48
N LEU B 65 9.45 -3.78 15.36
CA LEU B 65 8.17 -4.05 14.75
C LEU B 65 8.07 -5.54 14.50
N VAL B 66 7.05 -6.16 15.08
CA VAL B 66 6.84 -7.59 14.92
C VAL B 66 5.79 -7.89 13.86
N ILE B 67 6.15 -8.75 12.92
CA ILE B 67 5.24 -9.16 11.85
C ILE B 67 4.81 -10.61 12.01
N GLY B 68 3.56 -10.81 12.40
CA GLY B 68 3.03 -12.16 12.53
C GLY B 68 2.46 -12.49 11.18
N ARG B 69 3.19 -13.26 10.40
CA ARG B 69 2.75 -13.60 9.06
C ARG B 69 1.92 -14.89 8.95
N GLY B 70 1.21 -15.24 10.01
CA GLY B 70 0.39 -16.44 9.97
C GLY B 70 0.82 -17.58 10.87
N SER B 72 1.52 -20.49 9.62
CA SER B 72 2.20 -21.38 8.69
C SER B 72 3.24 -20.57 7.93
N GLU B 73 3.54 -19.37 8.44
CA GLU B 73 4.50 -18.48 7.80
C GLU B 73 4.26 -18.43 6.30
N ALA B 74 2.99 -18.53 5.90
CA ALA B 74 2.62 -18.50 4.49
C ALA B 74 2.73 -17.11 3.89
N LEU B 75 2.22 -16.11 4.61
CA LEU B 75 2.26 -14.73 4.14
C LEU B 75 3.62 -14.39 3.53
N LYS B 76 3.58 -13.85 2.32
CA LYS B 76 4.78 -13.49 1.59
C LYS B 76 5.40 -12.18 2.07
N VAL B 77 6.51 -12.27 2.78
CA VAL B 77 7.19 -11.07 3.27
C VAL B 77 8.41 -10.71 2.42
N PRO B 78 8.21 -9.84 1.40
CA PRO B 78 9.32 -9.44 0.55
C PRO B 78 10.32 -8.58 1.30
N SER B 79 11.14 -7.84 0.56
CA SER B 79 12.17 -6.99 1.17
C SER B 79 11.85 -5.50 1.06
N SER B 80 11.11 -5.11 0.03
CA SER B 80 10.74 -3.70 -0.16
C SER B 80 10.28 -3.20 1.19
N THR B 81 9.59 -4.10 1.90
CA THR B 81 9.04 -3.85 3.22
C THR B 81 10.12 -3.87 4.29
N VAL B 82 10.60 -5.07 4.60
CA VAL B 82 11.62 -5.26 5.60
C VAL B 82 12.73 -4.19 5.53
N GLU B 83 13.30 -3.99 4.34
CA GLU B 83 14.34 -3.00 4.20
C GLU B 83 13.79 -1.60 4.47
N TYR B 84 12.61 -1.33 3.95
CA TYR B 84 11.95 -0.05 4.17
C TYR B 84 12.06 0.19 5.68
N LEU B 85 11.62 -0.81 6.45
CA LEU B 85 11.69 -0.71 7.90
C LEU B 85 13.14 -0.59 8.39
N LYS B 86 14.06 -1.23 7.66
CA LYS B 86 15.48 -1.20 8.03
C LYS B 86 15.98 0.24 8.01
N LYS B 87 15.77 0.92 6.90
CA LYS B 87 16.17 2.32 6.77
C LYS B 87 15.60 3.15 7.91
N HIS B 88 14.32 2.96 8.19
CA HIS B 88 13.67 3.72 9.25
C HIS B 88 14.17 3.23 10.60
N GLY B 89 15.31 2.54 10.57
CA GLY B 89 15.95 2.05 11.78
C GLY B 89 15.10 1.22 12.71
N ILE B 90 14.42 0.23 12.15
CA ILE B 90 13.55 -0.62 12.96
C ILE B 90 14.03 -2.07 13.09
N ASP B 91 14.01 -2.58 14.31
CA ASP B 91 14.38 -3.97 14.54
C ASP B 91 13.13 -4.73 14.12
N VAL B 92 13.26 -5.56 13.08
CA VAL B 92 12.13 -6.32 12.58
C VAL B 92 12.12 -7.78 13.04
N ARG B 93 10.94 -8.27 13.33
CA ARG B 93 10.77 -9.65 13.76
C ARG B 93 9.64 -10.25 12.90
N VAL B 94 10.01 -11.06 11.91
CA VAL B 94 9.03 -11.72 11.05
C VAL B 94 8.87 -13.11 11.65
N LEU B 95 7.64 -13.60 11.78
CA LEU B 95 7.46 -14.90 12.40
C LEU B 95 6.02 -15.38 12.48
N GLN B 96 5.87 -16.69 12.68
CA GLN B 96 4.55 -17.31 12.83
C GLN B 96 3.82 -16.48 13.92
N THR B 97 2.61 -16.04 13.58
CA THR B 97 1.82 -15.19 14.46
C THR B 97 1.63 -15.58 15.92
N GLU B 98 1.70 -16.87 16.24
CA GLU B 98 1.53 -17.28 17.63
C GLU B 98 2.76 -16.87 18.43
N GLN B 99 3.93 -17.22 17.90
CA GLN B 99 5.19 -16.86 18.52
C GLN B 99 5.31 -15.35 18.39
N ALA B 100 4.68 -14.82 17.35
CA ALA B 100 4.68 -13.39 17.07
C ALA B 100 4.15 -12.63 18.28
N VAL B 101 3.13 -13.21 18.92
CA VAL B 101 2.51 -12.59 20.09
C VAL B 101 3.45 -12.64 21.31
N LYS B 102 4.20 -13.72 21.45
CA LYS B 102 5.13 -13.83 22.56
C LYS B 102 6.15 -12.69 22.45
N GLU B 103 6.91 -12.68 21.37
CA GLU B 103 7.91 -11.65 21.12
C GLU B 103 7.37 -10.26 21.42
N TYR B 104 6.24 -9.92 20.80
CA TYR B 104 5.59 -8.62 21.00
C TYR B 104 5.27 -8.33 22.46
N ASN B 105 4.17 -8.88 22.96
CA ASN B 105 3.78 -8.66 24.35
C ASN B 105 4.99 -8.58 25.27
N ALA B 106 5.87 -9.56 25.18
CA ALA B 106 7.07 -9.61 26.01
C ALA B 106 7.88 -8.33 25.83
N LEU B 107 7.92 -7.84 24.59
CA LEU B 107 8.62 -6.60 24.27
C LEU B 107 7.88 -5.39 24.82
N VAL B 108 6.56 -5.48 24.91
CA VAL B 108 5.75 -4.38 25.43
C VAL B 108 6.16 -4.22 26.89
N ALA B 109 5.72 -5.18 27.70
CA ALA B 109 6.03 -5.21 29.12
C ALA B 109 7.51 -4.92 29.30
N GLN B 110 8.33 -5.62 28.52
CA GLN B 110 9.77 -5.45 28.57
C GLN B 110 10.12 -3.99 28.77
N GLY B 111 9.42 -3.11 28.05
CA GLY B 111 9.66 -1.68 28.18
C GLY B 111 9.86 -0.99 26.83
N VAL B 112 10.24 -1.77 25.82
CA VAL B 112 10.48 -1.25 24.48
C VAL B 112 9.23 -0.64 23.88
N ARG B 113 9.42 0.34 22.99
CA ARG B 113 8.31 0.96 22.28
C ARG B 113 8.09 0.02 21.10
N VAL B 114 7.38 -1.07 21.32
CA VAL B 114 7.14 -2.05 20.27
C VAL B 114 5.79 -1.91 19.58
N GLY B 115 5.80 -2.08 18.26
CA GLY B 115 4.57 -1.98 17.49
C GLY B 115 4.63 -2.92 16.30
N GLY B 116 3.68 -3.84 16.21
CA GLY B 116 3.70 -4.78 15.11
C GLY B 116 2.38 -4.93 14.37
N VAL B 117 2.34 -5.93 13.50
CA VAL B 117 1.15 -6.26 12.70
C VAL B 117 1.11 -7.79 12.63
N PHE B 118 -0.07 -8.37 12.72
CA PHE B 118 -0.16 -9.82 12.72
C PHE B 118 -1.23 -10.43 11.82
N HIS B 119 -0.91 -11.59 11.26
CA HIS B 119 -1.80 -12.33 10.39
C HIS B 119 -2.27 -13.59 11.15
N SER B 120 -3.54 -13.63 11.52
CA SER B 120 -4.08 -14.75 12.29
C SER B 120 -4.75 -15.86 11.49
N THR B 121 -3.99 -16.48 10.60
CA THR B 121 -4.43 -17.61 9.77
C THR B 121 -3.09 -18.25 9.47
N CYS B 122 -3.01 -19.12 8.48
CA CYS B 122 -1.72 -19.73 8.16
C CYS B 122 -0.73 -18.68 7.64
#